data_4KSS
#
_entry.id   4KSS
#
_cell.length_a   205.064
_cell.length_b   205.064
_cell.length_c   234.983
_cell.angle_alpha   90.000
_cell.angle_beta   90.000
_cell.angle_gamma   90.000
#
_symmetry.space_group_name_H-M   'P 42 21 2'
#
_entity_poly.entity_id   1
_entity_poly.type   'polypeptide(L)'
_entity_poly.pdbx_seq_one_letter_code
;MDFFSLAEELPQNEDLLESEDDAPIIKLINAMLGEAIKEGASDIHIETFEKTLSIRFRVDGVLREVLAPSRKLSSLLVSR
VKVMAKLDIAEKRVPQDGRISLRIGGRAVDVRVSTMPSSHGERVVMRLLDKNATRLDLHSLGMTAHNHDNFRRLIKRPHG
IILVTGPTGSGKSTTLYAGLQELNSSERNILTVEDPIEFDIDGIGQTQVNPRVDMTFARGLRAILRQDPDVVMVGEIRDL
ETAQIAVQASLTGHLVMSTLHTNTAVGAVTRLRDMGIEPFLISSSLLGVLAQRLVRTLCPDCKEPYEADKEQRKLFDSKK
KEPLILYRATGCPKCNHKGYRGRTGIHELLLVDDALQELIHSEAGEQAMEKHIRATTPSIRDDGLDKVRQGITSLEEVMR
VTKESGSGSGSGAVDMFIKIGDVKGESKDKTHAEEIDVLAWSWGMSQSGSMHMGGGGGAGKVNVQDLSFTKYIDKSTPNL
MMACSSGKHYPQAKLTIRKAGGENQVEYLIITLKEVLVSSVSTGGSGGEDRLTENVTLNFAQVQVDYQPQKADGAKDGGP
VKYGWNIRQNVQALEHHHHHH
;
_entity_poly.pdbx_strand_id   A,B,C,D,E,F
#
# COMPACT_ATOMS: atom_id res chain seq x y z
N ALA A 23 43.35 50.04 -28.73
CA ALA A 23 42.46 51.10 -28.16
C ALA A 23 42.63 51.18 -26.64
N PRO A 24 42.19 52.30 -26.03
CA PRO A 24 42.23 52.45 -24.57
C PRO A 24 41.39 51.40 -23.81
N ILE A 25 40.29 50.96 -24.42
CA ILE A 25 39.39 49.98 -23.80
C ILE A 25 40.02 48.58 -23.78
N ILE A 26 40.88 48.30 -24.77
CA ILE A 26 41.55 46.99 -24.85
C ILE A 26 42.52 46.80 -23.68
N LYS A 27 43.27 47.85 -23.35
CA LYS A 27 44.20 47.81 -22.22
C LYS A 27 43.50 47.74 -20.87
N LEU A 28 42.32 48.36 -20.76
CA LEU A 28 41.57 48.42 -19.51
C LEU A 28 41.08 47.05 -19.08
N ILE A 29 40.59 46.26 -20.03
CA ILE A 29 40.11 44.90 -19.76
C ILE A 29 41.27 43.97 -19.44
N ASN A 30 42.38 44.12 -20.16
CA ASN A 30 43.58 43.33 -19.92
C ASN A 30 44.21 43.62 -18.56
N ALA A 31 44.21 44.89 -18.17
CA ALA A 31 44.72 45.31 -16.87
C ALA A 31 43.79 44.87 -15.73
N MET A 32 42.48 44.85 -16.01
CA MET A 32 41.48 44.40 -15.04
C MET A 32 41.62 42.90 -14.78
N LEU A 33 41.88 42.13 -15.84
CA LEU A 33 42.13 40.69 -15.71
C LEU A 33 43.43 40.41 -14.94
N GLY A 34 44.43 41.26 -15.14
CA GLY A 34 45.68 41.17 -14.38
C GLY A 34 45.47 41.53 -12.92
N GLU A 35 44.60 42.50 -12.66
CA GLU A 35 44.24 42.90 -11.30
C GLU A 35 43.37 41.84 -10.61
N ALA A 36 42.59 41.09 -11.41
CA ALA A 36 41.79 39.99 -10.88
C ALA A 36 42.66 38.82 -10.43
N ILE A 37 43.72 38.54 -11.20
CA ILE A 37 44.68 37.48 -10.88
C ILE A 37 45.59 37.92 -9.71
N LYS A 38 45.88 39.22 -9.65
CA LYS A 38 46.65 39.80 -8.54
C LYS A 38 45.97 39.55 -7.20
N GLU A 39 44.71 39.99 -7.09
CA GLU A 39 43.95 39.87 -5.84
C GLU A 39 43.50 38.43 -5.55
N GLY A 40 43.52 37.58 -6.57
CA GLY A 40 43.10 36.18 -6.42
C GLY A 40 41.60 36.03 -6.57
N ALA A 41 41.04 36.70 -7.57
CA ALA A 41 39.60 36.68 -7.82
C ALA A 41 39.20 35.44 -8.61
N SER A 42 38.01 34.92 -8.33
CA SER A 42 37.46 33.79 -9.06
C SER A 42 36.58 34.30 -10.20
N ASP A 43 35.64 35.19 -9.86
CA ASP A 43 34.72 35.78 -10.83
C ASP A 43 34.95 37.28 -10.97
N ILE A 44 34.62 37.82 -12.14
CA ILE A 44 34.62 39.27 -12.38
C ILE A 44 33.22 39.67 -12.83
N HIS A 45 32.60 40.60 -12.11
CA HIS A 45 31.22 41.01 -12.36
C HIS A 45 31.13 42.42 -12.91
N ILE A 46 30.83 42.53 -14.22
CA ILE A 46 30.57 43.82 -14.85
C ILE A 46 29.06 43.99 -14.94
N GLU A 47 28.52 44.97 -14.21
CA GLU A 47 27.07 45.18 -14.14
C GLU A 47 26.71 46.64 -14.41
N THR A 48 25.75 46.85 -15.29
CA THR A 48 25.33 48.19 -15.71
C THR A 48 23.97 48.54 -15.12
N PHE A 49 23.90 49.64 -14.38
CA PHE A 49 22.65 50.16 -13.83
C PHE A 49 22.24 51.41 -14.62
N GLU A 50 21.17 52.07 -14.18
CA GLU A 50 20.66 53.27 -14.86
C GLU A 50 21.65 54.42 -14.79
N LYS A 51 22.14 54.72 -13.58
CA LYS A 51 23.05 55.85 -13.37
C LYS A 51 24.52 55.45 -13.36
N THR A 52 24.83 54.32 -12.71
CA THR A 52 26.22 53.92 -12.48
C THR A 52 26.61 52.60 -13.16
N LEU A 53 27.89 52.48 -13.47
CA LEU A 53 28.49 51.24 -13.97
C LEU A 53 29.42 50.71 -12.88
N SER A 54 29.26 49.44 -12.51
CA SER A 54 30.00 48.87 -11.38
C SER A 54 30.80 47.62 -11.77
N ILE A 55 32.03 47.55 -11.28
CA ILE A 55 32.88 46.37 -11.42
C ILE A 55 33.06 45.73 -10.05
N ARG A 56 32.97 44.41 -9.98
CA ARG A 56 33.12 43.68 -8.72
C ARG A 56 33.80 42.33 -8.90
N PHE A 57 34.77 42.03 -8.05
CA PHE A 57 35.41 40.70 -8.00
C PHE A 57 34.89 39.91 -6.80
N ARG A 58 34.72 38.61 -6.98
CA ARG A 58 34.37 37.71 -5.88
C ARG A 58 35.64 37.00 -5.40
N VAL A 59 36.41 37.68 -4.58
CA VAL A 59 37.67 37.15 -4.06
C VAL A 59 37.40 36.27 -2.83
N ASP A 60 37.70 34.98 -2.95
CA ASP A 60 37.49 34.01 -1.88
C ASP A 60 36.03 33.94 -1.40
N GLY A 61 35.11 33.91 -2.36
CA GLY A 61 33.67 33.81 -2.07
C GLY A 61 33.08 35.03 -1.39
N VAL A 62 33.70 36.20 -1.63
CA VAL A 62 33.23 37.46 -1.06
C VAL A 62 33.30 38.55 -2.12
N LEU A 63 32.15 39.10 -2.50
CA LEU A 63 32.08 40.17 -3.50
C LEU A 63 32.71 41.45 -2.97
N ARG A 64 33.30 42.24 -3.87
CA ARG A 64 34.13 43.38 -3.49
C ARG A 64 34.04 44.51 -4.52
N GLU A 65 33.80 45.73 -4.05
CA GLU A 65 33.76 46.90 -4.92
C GLU A 65 35.19 47.33 -5.28
N VAL A 66 35.51 47.33 -6.56
CA VAL A 66 36.86 47.63 -7.04
C VAL A 66 36.95 48.96 -7.79
N LEU A 67 35.93 49.26 -8.60
CA LEU A 67 35.93 50.47 -9.43
C LEU A 67 34.52 50.76 -9.93
N ALA A 68 34.20 52.06 -10.03
CA ALA A 68 32.94 52.51 -10.60
C ALA A 68 33.22 53.51 -11.73
N PRO A 69 33.50 53.02 -12.95
CA PRO A 69 33.82 53.92 -14.06
C PRO A 69 32.60 54.68 -14.59
N SER A 70 32.80 55.43 -15.67
CA SER A 70 31.71 56.18 -16.29
C SER A 70 30.66 55.21 -16.87
N ARG A 71 29.39 55.61 -16.81
CA ARG A 71 28.29 54.79 -17.30
C ARG A 71 28.35 54.64 -18.83
N LYS A 72 28.89 55.65 -19.51
CA LYS A 72 29.02 55.65 -20.97
C LYS A 72 29.84 54.46 -21.50
N LEU A 73 30.80 54.00 -20.70
CA LEU A 73 31.69 52.90 -21.10
C LEU A 73 31.02 51.53 -21.13
N SER A 74 29.84 51.41 -20.51
CA SER A 74 29.11 50.14 -20.39
C SER A 74 29.09 49.32 -21.69
N SER A 75 28.73 49.97 -22.79
CA SER A 75 28.62 49.29 -24.09
C SER A 75 29.98 48.85 -24.63
N LEU A 76 31.02 49.64 -24.37
CA LEU A 76 32.36 49.33 -24.86
C LEU A 76 33.02 48.18 -24.10
N LEU A 77 32.78 48.10 -22.79
CA LEU A 77 33.31 47.01 -21.97
C LEU A 77 32.64 45.68 -22.32
N VAL A 78 31.34 45.73 -22.61
CA VAL A 78 30.59 44.55 -23.05
C VAL A 78 31.07 44.10 -24.43
N SER A 79 31.33 45.07 -25.30
CA SER A 79 31.77 44.78 -26.67
C SER A 79 33.17 44.16 -26.71
N ARG A 80 34.07 44.65 -25.87
CA ARG A 80 35.45 44.17 -25.82
C ARG A 80 35.55 42.74 -25.31
N VAL A 81 34.80 42.44 -24.25
CA VAL A 81 34.83 41.10 -23.64
C VAL A 81 34.15 40.06 -24.54
N LYS A 82 33.20 40.52 -25.38
CA LYS A 82 32.54 39.66 -26.36
C LYS A 82 33.50 39.19 -27.45
N VAL A 83 34.20 40.14 -28.08
CA VAL A 83 35.11 39.84 -29.18
C VAL A 83 36.32 38.99 -28.76
N MET A 84 36.72 39.12 -27.49
CA MET A 84 37.78 38.26 -26.94
C MET A 84 37.29 36.82 -26.80
N ALA A 85 36.01 36.65 -26.44
CA ALA A 85 35.40 35.33 -26.29
C ALA A 85 34.70 34.85 -27.59
N LYS A 86 34.86 35.61 -28.67
CA LYS A 86 34.35 35.23 -29.99
C LYS A 86 32.82 35.11 -30.00
N LEU A 87 32.15 36.11 -29.42
CA LEU A 87 30.69 36.14 -29.34
C LEU A 87 30.12 37.22 -30.26
N ASP A 88 28.80 37.24 -30.39
CA ASP A 88 28.11 38.20 -31.25
C ASP A 88 28.11 39.59 -30.59
N ILE A 89 28.49 40.60 -31.36
CA ILE A 89 28.59 41.98 -30.86
C ILE A 89 27.22 42.66 -30.88
N ALA A 90 26.56 42.59 -32.02
CA ALA A 90 25.29 43.31 -32.24
C ALA A 90 24.10 42.68 -31.49
N GLU A 91 24.16 41.38 -31.23
CA GLU A 91 23.09 40.69 -30.53
C GLU A 91 23.14 40.98 -29.04
N LYS A 92 22.20 41.82 -28.58
CA LYS A 92 22.10 42.22 -27.17
C LYS A 92 20.78 41.76 -26.53
N ARG A 93 20.14 40.77 -27.15
CA ARG A 93 18.80 40.33 -26.71
C ARG A 93 18.77 38.91 -26.15
N VAL A 94 19.86 38.16 -26.31
CA VAL A 94 19.94 36.77 -25.82
C VAL A 94 21.22 36.54 -25.01
N PRO A 95 21.23 35.50 -24.16
CA PRO A 95 22.46 35.17 -23.42
C PRO A 95 23.49 34.48 -24.31
N GLN A 96 24.77 34.82 -24.13
CA GLN A 96 25.85 34.25 -24.92
C GLN A 96 27.01 33.82 -24.02
N ASP A 97 27.44 32.56 -24.15
CA ASP A 97 28.56 32.03 -23.38
C ASP A 97 29.73 31.68 -24.30
N GLY A 98 30.94 32.06 -23.88
CA GLY A 98 32.15 31.82 -24.68
C GLY A 98 33.35 31.45 -23.84
N ARG A 99 34.52 31.36 -24.48
CA ARG A 99 35.76 31.00 -23.80
C ARG A 99 36.95 31.83 -24.28
N ILE A 100 37.93 32.02 -23.40
CA ILE A 100 39.19 32.69 -23.73
C ILE A 100 40.35 31.99 -23.03
N SER A 101 41.51 31.94 -23.69
CA SER A 101 42.71 31.33 -23.13
C SER A 101 43.83 32.36 -23.06
N LEU A 102 44.17 32.76 -21.83
CA LEU A 102 45.20 33.78 -21.59
C LEU A 102 46.37 33.16 -20.82
N ALA A 108 48.57 30.77 -17.63
CA ALA A 108 47.58 29.84 -18.14
C ALA A 108 46.24 30.01 -17.42
N VAL A 109 45.48 31.04 -17.82
CA VAL A 109 44.19 31.35 -17.21
C VAL A 109 43.06 31.14 -18.23
N ASP A 110 42.21 30.15 -17.96
CA ASP A 110 41.05 29.86 -18.80
C ASP A 110 39.81 30.51 -18.21
N VAL A 111 39.20 31.43 -18.96
CA VAL A 111 38.01 32.15 -18.50
C VAL A 111 36.76 31.70 -19.26
N ARG A 112 35.61 31.77 -18.59
CA ARG A 112 34.32 31.46 -19.22
C ARG A 112 33.36 32.64 -19.04
N VAL A 113 33.27 33.48 -20.07
CA VAL A 113 32.37 34.63 -20.05
C VAL A 113 30.91 34.18 -20.15
N SER A 114 30.01 34.95 -19.53
CA SER A 114 28.58 34.70 -19.62
C SER A 114 27.81 36.02 -19.63
N THR A 115 27.37 36.43 -20.81
CA THR A 115 26.57 37.64 -20.98
C THR A 115 25.08 37.30 -20.87
N MET A 116 24.27 38.29 -20.50
CA MET A 116 22.83 38.11 -20.35
C MET A 116 22.12 39.46 -20.50
N PRO A 117 20.93 39.46 -21.14
CA PRO A 117 20.18 40.72 -21.27
C PRO A 117 19.58 41.21 -19.95
N SER A 118 19.39 42.52 -19.84
CA SER A 118 18.79 43.14 -18.66
C SER A 118 18.13 44.46 -19.02
N SER A 119 17.65 45.19 -18.01
CA SER A 119 16.94 46.46 -18.22
C SER A 119 17.86 47.55 -18.78
N HIS A 120 19.08 47.64 -18.23
CA HIS A 120 20.03 48.68 -18.62
C HIS A 120 21.22 48.09 -19.36
N GLY A 121 20.94 47.38 -20.44
CA GLY A 121 21.98 46.73 -21.25
C GLY A 121 22.26 45.32 -20.79
N GLU A 122 23.46 44.83 -21.10
CA GLU A 122 23.87 43.46 -20.74
C GLU A 122 24.73 43.42 -19.48
N ARG A 123 24.72 42.27 -18.82
CA ARG A 123 25.49 42.05 -17.59
C ARG A 123 26.50 40.93 -17.84
N VAL A 124 27.79 41.24 -17.69
CA VAL A 124 28.86 40.29 -18.03
C VAL A 124 29.49 39.69 -16.77
N VAL A 125 29.72 38.38 -16.81
CA VAL A 125 30.42 37.67 -15.74
C VAL A 125 31.39 36.65 -16.36
N MET A 126 32.65 36.70 -15.95
CA MET A 126 33.68 35.79 -16.49
C MET A 126 34.42 35.06 -15.36
N ARG A 127 34.25 33.74 -15.33
CA ARG A 127 34.82 32.90 -14.27
C ARG A 127 36.27 32.52 -14.58
N LEU A 128 37.19 32.94 -13.72
CA LEU A 128 38.62 32.66 -13.91
C LEU A 128 38.97 31.29 -13.35
N LEU A 129 39.50 30.41 -14.20
CA LEU A 129 39.93 29.07 -13.80
C LEU A 129 41.35 28.79 -14.31
N ASP A 130 42.18 28.22 -13.44
CA ASP A 130 43.58 27.93 -13.77
C ASP A 130 43.74 26.57 -14.43
N LYS A 131 44.40 26.54 -15.58
CA LYS A 131 44.70 25.29 -16.28
C LYS A 131 45.96 24.65 -15.70
N ASP A 137 48.13 17.63 0.44
CA ASP A 137 47.72 16.85 1.61
C ASP A 137 46.27 17.17 1.98
N LEU A 138 45.50 16.14 2.29
CA LEU A 138 44.08 16.28 2.59
C LEU A 138 43.85 16.85 3.98
N HIS A 139 44.73 16.52 4.92
CA HIS A 139 44.68 17.06 6.29
C HIS A 139 45.03 18.55 6.31
N SER A 140 45.99 18.95 5.48
CA SER A 140 46.40 20.35 5.38
C SER A 140 45.29 21.24 4.79
N LEU A 141 44.49 20.66 3.89
CA LEU A 141 43.37 21.39 3.28
C LEU A 141 42.25 21.69 4.28
N GLY A 142 42.00 20.77 5.20
CA GLY A 142 40.96 20.97 6.21
C GLY A 142 40.46 19.75 6.97
N MET A 143 40.44 18.59 6.30
CA MET A 143 39.91 17.37 6.89
C MET A 143 40.57 17.02 8.23
N THR A 144 39.76 16.56 9.17
CA THR A 144 40.25 16.09 10.46
C THR A 144 40.87 14.71 10.32
N ALA A 145 41.52 14.24 11.38
CA ALA A 145 42.18 12.92 11.37
C ALA A 145 41.18 11.79 11.15
N HIS A 146 39.99 11.91 11.73
CA HIS A 146 38.94 10.90 11.60
C HIS A 146 38.30 10.95 10.21
N ASN A 147 38.10 12.16 9.68
CA ASN A 147 37.53 12.34 8.34
C ASN A 147 38.45 11.82 7.23
N HIS A 148 39.75 11.99 7.40
CA HIS A 148 40.73 11.52 6.42
C HIS A 148 40.77 9.98 6.40
N ASP A 149 40.88 9.38 7.59
CA ASP A 149 40.92 7.92 7.72
C ASP A 149 39.65 7.26 7.16
N ASN A 150 38.50 7.89 7.39
CA ASN A 150 37.23 7.40 6.84
C ASN A 150 37.17 7.56 5.33
N PHE A 151 37.70 8.66 4.81
CA PHE A 151 37.76 8.90 3.37
C PHE A 151 38.81 7.99 2.72
N ARG A 152 39.94 7.81 3.38
CA ARG A 152 40.99 6.88 2.93
C ARG A 152 40.42 5.50 2.65
N ARG A 153 39.77 4.92 3.66
CA ARG A 153 39.20 3.58 3.56
C ARG A 153 38.14 3.47 2.46
N LEU A 154 37.40 4.56 2.25
CA LEU A 154 36.31 4.58 1.27
C LEU A 154 36.86 4.59 -0.16
N ILE A 155 37.82 5.49 -0.43
CA ILE A 155 38.45 5.58 -1.76
C ILE A 155 39.41 4.42 -2.05
N LYS A 156 39.71 3.61 -1.03
CA LYS A 156 40.56 2.43 -1.22
C LYS A 156 39.73 1.13 -1.30
N ARG A 157 38.42 1.25 -1.42
CA ARG A 157 37.55 0.08 -1.66
C ARG A 157 37.73 -0.39 -3.10
N PRO A 158 37.47 -1.69 -3.36
CA PRO A 158 37.64 -2.21 -4.73
C PRO A 158 36.62 -1.66 -5.74
N HIS A 159 35.46 -1.21 -5.26
CA HIS A 159 34.40 -0.74 -6.14
C HIS A 159 33.37 0.10 -5.40
N GLY A 160 32.59 0.89 -6.16
CA GLY A 160 31.54 1.74 -5.61
C GLY A 160 31.70 3.19 -6.00
N ILE A 161 30.63 3.97 -5.83
CA ILE A 161 30.65 5.40 -6.15
C ILE A 161 30.88 6.23 -4.89
N ILE A 162 31.77 7.23 -4.99
CA ILE A 162 32.01 8.18 -3.93
C ILE A 162 31.86 9.59 -4.50
N LEU A 163 30.88 10.33 -3.99
CA LEU A 163 30.56 11.66 -4.50
C LEU A 163 30.99 12.77 -3.54
N VAL A 164 31.39 13.90 -4.11
CA VAL A 164 31.74 15.09 -3.33
C VAL A 164 30.82 16.21 -3.75
N THR A 165 30.01 16.71 -2.81
CA THR A 165 28.95 17.68 -3.13
C THR A 165 29.10 19.02 -2.40
N GLY A 166 28.29 19.98 -2.82
CA GLY A 166 28.39 21.38 -2.35
C GLY A 166 28.13 22.35 -3.49
N PRO A 167 28.23 23.66 -3.21
CA PRO A 167 28.02 24.69 -4.23
C PRO A 167 29.29 24.98 -5.04
N THR A 168 29.21 25.95 -5.95
CA THR A 168 30.35 26.33 -6.78
C THR A 168 31.42 27.03 -5.94
N GLY A 169 32.68 26.67 -6.17
CA GLY A 169 33.81 27.23 -5.43
C GLY A 169 33.91 26.68 -4.02
N SER A 170 33.62 25.39 -3.87
CA SER A 170 33.69 24.72 -2.57
C SER A 170 34.90 23.77 -2.46
N GLY A 171 35.75 23.77 -3.48
CA GLY A 171 36.98 22.99 -3.47
C GLY A 171 36.75 21.49 -3.58
N LYS A 172 35.88 21.08 -4.50
CA LYS A 172 35.58 19.67 -4.73
C LYS A 172 36.72 19.00 -5.49
N SER A 173 37.12 19.62 -6.60
CA SER A 173 38.20 19.12 -7.43
C SER A 173 39.46 18.91 -6.62
N THR A 174 39.85 19.93 -5.85
CA THR A 174 41.01 19.86 -4.97
C THR A 174 40.97 18.64 -4.05
N THR A 175 39.78 18.30 -3.57
CA THR A 175 39.57 17.14 -2.70
C THR A 175 39.68 15.83 -3.49
N LEU A 176 39.10 15.81 -4.70
CA LEU A 176 39.21 14.65 -5.59
C LEU A 176 40.65 14.42 -6.03
N TYR A 177 41.30 15.50 -6.47
CA TYR A 177 42.71 15.45 -6.88
C TYR A 177 43.62 14.91 -5.76
N ALA A 178 43.32 15.31 -4.52
CA ALA A 178 44.06 14.83 -3.36
C ALA A 178 43.79 13.34 -3.11
N GLY A 179 42.56 12.91 -3.38
CA GLY A 179 42.18 11.49 -3.26
C GLY A 179 42.85 10.61 -4.30
N LEU A 180 42.93 11.10 -5.53
CA LEU A 180 43.59 10.38 -6.62
C LEU A 180 45.10 10.29 -6.40
N GLN A 181 45.70 11.39 -5.93
CA GLN A 181 47.13 11.42 -5.61
C GLN A 181 47.49 10.44 -4.49
N GLU A 182 46.58 10.26 -3.54
CA GLU A 182 46.77 9.30 -2.46
C GLU A 182 46.71 7.86 -2.99
N LEU A 183 45.80 7.61 -3.91
CA LEU A 183 45.68 6.30 -4.56
C LEU A 183 46.76 6.08 -5.63
N ASN A 184 47.35 7.16 -6.13
CA ASN A 184 48.32 7.09 -7.22
C ASN A 184 49.48 6.15 -6.88
N SER A 185 49.29 4.87 -7.20
CA SER A 185 50.30 3.84 -6.95
C SER A 185 50.57 3.07 -8.25
N SER A 186 51.62 2.28 -8.23
CA SER A 186 51.98 1.45 -9.38
C SER A 186 51.09 0.21 -9.49
N GLU A 187 50.32 -0.09 -8.45
CA GLU A 187 49.45 -1.28 -8.41
C GLU A 187 48.02 -1.02 -8.91
N ARG A 188 47.72 0.20 -9.34
CA ARG A 188 46.39 0.55 -9.83
C ARG A 188 46.43 1.36 -11.13
N ASN A 189 45.39 1.18 -11.95
CA ASN A 189 45.22 1.95 -13.20
C ASN A 189 44.12 2.99 -13.01
N ILE A 190 44.52 4.25 -12.87
CA ILE A 190 43.59 5.35 -12.62
C ILE A 190 43.47 6.22 -13.87
N LEU A 191 42.23 6.45 -14.30
CA LEU A 191 41.93 7.30 -15.46
C LEU A 191 40.81 8.27 -15.14
N THR A 192 40.79 9.43 -15.79
CA THR A 192 39.80 10.47 -15.49
C THR A 192 39.23 11.15 -16.75
N VAL A 193 37.96 11.54 -16.68
CA VAL A 193 37.34 12.41 -17.68
C VAL A 193 37.00 13.72 -17.00
N GLU A 194 37.49 14.84 -17.55
CA GLU A 194 37.34 16.15 -16.92
C GLU A 194 36.95 17.22 -17.94
N ASP A 195 36.31 18.29 -17.45
CA ASP A 195 35.83 19.38 -18.30
C ASP A 195 35.95 20.73 -17.58
N PRO A 196 37.14 21.35 -17.60
CA PRO A 196 38.40 20.88 -18.18
C PRO A 196 39.28 20.20 -17.14
N ILE A 197 40.49 19.80 -17.54
CA ILE A 197 41.46 19.23 -16.61
C ILE A 197 42.06 20.37 -15.80
N GLU A 198 41.91 20.29 -14.47
CA GLU A 198 42.34 21.38 -13.58
C GLU A 198 43.86 21.49 -13.57
N PHE A 199 44.54 20.39 -13.32
CA PHE A 199 45.99 20.29 -13.52
C PHE A 199 46.40 18.85 -13.75
N ASP A 200 47.68 18.64 -14.08
CA ASP A 200 48.18 17.32 -14.45
C ASP A 200 48.76 16.55 -13.26
N ILE A 201 48.17 15.38 -12.97
CA ILE A 201 48.75 14.43 -12.02
C ILE A 201 49.65 13.48 -12.81
N ASP A 202 50.94 13.49 -12.52
CA ASP A 202 51.89 12.60 -13.18
C ASP A 202 51.74 11.19 -12.63
N GLY A 203 51.47 10.23 -13.53
CA GLY A 203 51.20 8.84 -13.13
C GLY A 203 49.75 8.44 -13.30
N ILE A 204 48.89 9.40 -13.64
CA ILE A 204 47.46 9.16 -13.82
C ILE A 204 47.02 9.70 -15.19
N GLY A 205 46.26 8.89 -15.93
CA GLY A 205 45.72 9.28 -17.22
C GLY A 205 44.57 10.26 -17.04
N GLN A 206 44.52 11.29 -17.90
CA GLN A 206 43.51 12.34 -17.79
C GLN A 206 43.02 12.81 -19.16
N THR A 207 41.84 12.34 -19.55
CA THR A 207 41.22 12.74 -20.82
C THR A 207 40.35 13.99 -20.60
N GLN A 208 40.27 14.83 -21.61
CA GLN A 208 39.49 16.08 -21.54
C GLN A 208 38.26 16.00 -22.43
N VAL A 209 37.15 16.59 -21.95
CA VAL A 209 35.90 16.62 -22.70
C VAL A 209 36.04 17.59 -23.89
N ASN A 210 36.10 17.01 -25.10
CA ASN A 210 36.30 17.78 -26.33
C ASN A 210 35.01 17.86 -27.14
N PRO A 211 34.43 19.08 -27.28
CA PRO A 211 33.20 19.23 -28.06
C PRO A 211 33.41 19.27 -29.57
N ARG A 212 34.66 19.43 -30.03
CA ARG A 212 34.97 19.50 -31.46
C ARG A 212 34.83 18.13 -32.14
N VAL A 213 35.05 17.05 -31.39
CA VAL A 213 34.89 15.69 -31.90
C VAL A 213 33.71 14.96 -31.24
N ASP A 214 32.85 15.73 -30.55
CA ASP A 214 31.69 15.19 -29.84
C ASP A 214 32.09 14.20 -28.72
N MET A 215 33.24 14.47 -28.10
CA MET A 215 33.71 13.65 -26.97
C MET A 215 33.13 14.21 -25.67
N THR A 216 32.05 13.60 -25.21
CA THR A 216 31.33 14.05 -24.01
C THR A 216 31.77 13.28 -22.77
N PHE A 217 31.19 13.63 -21.62
CA PHE A 217 31.41 12.89 -20.37
C PHE A 217 30.97 11.43 -20.50
N ALA A 218 29.79 11.22 -21.09
CA ALA A 218 29.23 9.88 -21.28
C ALA A 218 30.09 9.04 -22.22
N ARG A 219 30.42 9.60 -23.38
CA ARG A 219 31.27 8.92 -24.37
C ARG A 219 32.69 8.74 -23.85
N GLY A 220 33.20 9.72 -23.12
CA GLY A 220 34.52 9.65 -22.51
C GLY A 220 34.60 8.60 -21.41
N LEU A 221 33.57 8.55 -20.57
CA LEU A 221 33.48 7.54 -19.51
C LEU A 221 33.27 6.15 -20.09
N ARG A 222 32.49 6.07 -21.17
CA ARG A 222 32.25 4.79 -21.86
C ARG A 222 33.53 4.27 -22.54
N ALA A 223 34.42 5.19 -22.93
CA ALA A 223 35.70 4.83 -23.53
C ALA A 223 36.73 4.40 -22.48
N ILE A 224 36.76 5.10 -21.34
CA ILE A 224 37.68 4.78 -20.25
C ILE A 224 37.46 3.36 -19.71
N LEU A 225 36.21 2.91 -19.67
CA LEU A 225 35.88 1.57 -19.16
C LEU A 225 36.44 0.43 -20.01
N ARG A 226 36.80 0.73 -21.26
CA ARG A 226 37.45 -0.25 -22.15
C ARG A 226 38.98 -0.23 -22.06
N GLN A 227 39.53 0.54 -21.12
CA GLN A 227 40.98 0.59 -20.89
C GLN A 227 41.42 -0.30 -19.72
N ASP A 228 40.49 -1.10 -19.19
CA ASP A 228 40.73 -1.93 -18.01
C ASP A 228 41.19 -1.09 -16.80
N PRO A 229 40.32 -0.18 -16.32
CA PRO A 229 40.67 0.64 -15.17
C PRO A 229 40.33 -0.02 -13.85
N ASP A 230 41.02 0.39 -12.79
CA ASP A 230 40.70 -0.04 -11.42
C ASP A 230 39.87 1.04 -10.73
N VAL A 231 40.27 2.29 -10.92
CA VAL A 231 39.53 3.44 -10.38
C VAL A 231 39.26 4.43 -11.51
N VAL A 232 38.11 5.09 -11.46
CA VAL A 232 37.72 6.09 -12.47
C VAL A 232 37.22 7.36 -11.77
N MET A 233 37.60 8.52 -12.31
CA MET A 233 37.15 9.81 -11.78
C MET A 233 36.47 10.61 -12.88
N VAL A 234 35.15 10.78 -12.76
CA VAL A 234 34.38 11.57 -13.70
C VAL A 234 34.27 13.00 -13.16
N GLY A 235 34.50 13.99 -14.01
CA GLY A 235 34.41 15.40 -13.62
C GLY A 235 33.15 15.68 -12.81
N GLU A 236 32.01 15.41 -13.43
CA GLU A 236 30.72 15.46 -12.74
C GLU A 236 29.64 14.75 -13.55
N ILE A 237 28.66 14.17 -12.85
CA ILE A 237 27.56 13.45 -13.50
C ILE A 237 26.34 14.36 -13.62
N ARG A 238 26.30 15.13 -14.71
CA ARG A 238 25.28 16.16 -14.91
C ARG A 238 23.94 15.59 -15.35
N ASP A 239 23.96 14.53 -16.17
CA ASP A 239 22.75 13.95 -16.76
C ASP A 239 22.58 12.48 -16.39
N LEU A 240 21.46 11.90 -16.83
CA LEU A 240 21.13 10.50 -16.53
C LEU A 240 22.07 9.52 -17.23
N GLU A 241 22.34 9.77 -18.51
CA GLU A 241 23.18 8.88 -19.33
C GLU A 241 24.57 8.65 -18.71
N THR A 242 25.18 9.72 -18.22
CA THR A 242 26.49 9.65 -17.58
C THR A 242 26.42 8.91 -16.24
N ALA A 243 25.33 9.12 -15.51
CA ALA A 243 25.11 8.44 -14.22
C ALA A 243 24.84 6.95 -14.40
N GLN A 244 24.07 6.60 -15.43
CA GLN A 244 23.79 5.21 -15.76
C GLN A 244 25.07 4.39 -16.00
N ILE A 245 26.03 5.00 -16.69
CA ILE A 245 27.31 4.36 -16.98
C ILE A 245 28.16 4.25 -15.71
N ALA A 246 28.11 5.30 -14.88
CA ALA A 246 28.84 5.33 -13.62
C ALA A 246 28.31 4.30 -12.62
N VAL A 247 26.99 4.10 -12.62
CA VAL A 247 26.35 3.09 -11.77
C VAL A 247 26.71 1.69 -12.25
N GLN A 248 26.69 1.48 -13.56
CA GLN A 248 27.12 0.20 -14.15
C GLN A 248 28.61 -0.03 -13.88
N ALA A 249 29.40 1.03 -13.99
CA ALA A 249 30.85 0.94 -13.72
C ALA A 249 31.12 0.50 -12.29
N SER A 250 30.38 1.07 -11.34
CA SER A 250 30.55 0.74 -9.92
C SER A 250 30.16 -0.71 -9.61
N LEU A 251 29.09 -1.19 -10.22
CA LEU A 251 28.65 -2.57 -10.05
C LEU A 251 29.60 -3.57 -10.72
N THR A 252 30.26 -3.15 -11.80
CA THR A 252 31.14 -4.03 -12.58
C THR A 252 32.62 -3.92 -12.17
N GLY A 253 32.87 -3.89 -10.87
CA GLY A 253 34.22 -4.01 -10.33
C GLY A 253 35.12 -2.79 -10.38
N HIS A 254 34.56 -1.62 -10.70
CA HIS A 254 35.33 -0.37 -10.74
C HIS A 254 34.94 0.55 -9.58
N LEU A 255 35.92 1.25 -9.02
CA LEU A 255 35.65 2.31 -8.06
C LEU A 255 35.46 3.61 -8.83
N VAL A 256 34.28 4.22 -8.68
CA VAL A 256 33.96 5.44 -9.41
C VAL A 256 34.00 6.64 -8.47
N MET A 257 34.42 7.79 -9.00
CA MET A 257 34.48 9.04 -8.25
C MET A 257 33.91 10.17 -9.10
N SER A 258 33.09 11.03 -8.49
CA SER A 258 32.44 12.13 -9.21
C SER A 258 31.95 13.22 -8.26
N THR A 259 31.26 14.21 -8.81
CA THR A 259 30.69 15.30 -8.01
C THR A 259 29.28 15.65 -8.45
N LEU A 260 28.53 16.30 -7.56
CA LEU A 260 27.19 16.79 -7.85
C LEU A 260 26.95 18.10 -7.11
N HIS A 261 26.36 19.07 -7.80
CA HIS A 261 26.07 20.37 -7.19
C HIS A 261 24.81 20.29 -6.34
N THR A 262 24.95 19.74 -5.13
CA THR A 262 23.85 19.65 -4.17
C THR A 262 24.29 20.23 -2.83
N ASN A 263 23.34 20.83 -2.13
CA ASN A 263 23.65 21.60 -0.92
C ASN A 263 23.92 20.75 0.32
N THR A 264 23.48 19.49 0.30
CA THR A 264 23.66 18.58 1.43
C THR A 264 24.20 17.22 0.97
N ALA A 265 24.65 16.42 1.93
CA ALA A 265 25.11 15.05 1.65
C ALA A 265 23.95 14.16 1.24
N VAL A 266 22.76 14.44 1.78
CA VAL A 266 21.54 13.73 1.38
C VAL A 266 21.09 14.23 0.01
N GLY A 267 21.43 15.48 -0.30
CA GLY A 267 21.18 16.07 -1.62
C GLY A 267 21.79 15.33 -2.79
N ALA A 268 22.89 14.63 -2.55
CA ALA A 268 23.55 13.82 -3.58
C ALA A 268 22.74 12.56 -3.88
N VAL A 269 22.34 11.84 -2.83
CA VAL A 269 21.49 10.66 -2.97
C VAL A 269 20.16 11.08 -3.60
N THR A 270 19.61 12.18 -3.08
CA THR A 270 18.49 12.88 -3.68
C THR A 270 18.67 13.04 -5.19
N ARG A 271 19.75 13.70 -5.58
CA ARG A 271 19.98 14.08 -6.98
C ARG A 271 20.03 12.89 -7.94
N LEU A 272 20.57 11.77 -7.49
CA LEU A 272 20.60 10.55 -8.29
C LEU A 272 19.20 9.97 -8.50
N ARG A 273 18.35 10.12 -7.49
CA ARG A 273 16.95 9.67 -7.57
C ARG A 273 16.15 10.57 -8.52
N ASP A 274 16.56 11.83 -8.64
CA ASP A 274 15.87 12.81 -9.48
C ASP A 274 16.11 12.57 -10.97
N MET A 275 17.38 12.36 -11.34
CA MET A 275 17.76 12.14 -12.74
C MET A 275 17.06 10.93 -13.35
N GLY A 276 16.85 9.90 -12.53
CA GLY A 276 16.16 8.68 -12.97
C GLY A 276 16.91 7.39 -12.73
N ILE A 277 17.78 7.37 -11.72
CA ILE A 277 18.46 6.15 -11.29
C ILE A 277 17.51 5.42 -10.35
N GLU A 278 17.21 4.16 -10.67
CA GLU A 278 16.31 3.36 -9.84
C GLU A 278 16.75 3.39 -8.38
N PRO A 279 15.82 3.69 -7.45
CA PRO A 279 16.15 3.85 -6.03
C PRO A 279 17.08 2.78 -5.49
N PHE A 280 16.90 1.53 -5.94
CA PHE A 280 17.78 0.45 -5.54
C PHE A 280 19.24 0.72 -5.91
N LEU A 281 19.48 0.99 -7.19
CA LEU A 281 20.84 1.06 -7.75
C LEU A 281 21.78 1.97 -6.95
N ILE A 282 21.21 2.96 -6.28
CA ILE A 282 21.96 3.88 -5.43
C ILE A 282 22.44 3.17 -4.17
N SER A 283 21.57 2.35 -3.56
CA SER A 283 21.91 1.64 -2.33
C SER A 283 23.04 0.62 -2.52
N SER A 284 23.02 -0.09 -3.65
CA SER A 284 24.02 -1.11 -3.94
C SER A 284 25.41 -0.52 -4.25
N SER A 285 25.42 0.55 -5.04
CA SER A 285 26.67 1.12 -5.56
C SER A 285 27.30 2.16 -4.63
N LEU A 286 26.48 3.06 -4.09
CA LEU A 286 26.97 4.21 -3.32
C LEU A 286 27.70 3.80 -2.04
N LEU A 287 28.95 4.23 -1.91
CA LEU A 287 29.74 4.02 -0.70
C LEU A 287 29.55 5.17 0.29
N GLY A 288 29.56 6.39 -0.22
CA GLY A 288 29.37 7.57 0.62
C GLY A 288 29.36 8.89 -0.11
N VAL A 289 28.98 9.95 0.60
CA VAL A 289 28.93 11.30 0.06
C VAL A 289 29.73 12.25 0.96
N LEU A 290 30.40 13.22 0.35
CA LEU A 290 31.21 14.20 1.08
C LEU A 290 30.73 15.62 0.79
N ALA A 291 29.83 16.12 1.65
CA ALA A 291 29.37 17.51 1.56
C ALA A 291 30.46 18.43 2.07
N GLN A 292 30.97 19.31 1.20
CA GLN A 292 32.14 20.14 1.52
C GLN A 292 31.90 21.62 1.28
N ARG A 293 32.40 22.43 2.21
CA ARG A 293 32.42 23.89 2.09
C ARG A 293 33.81 24.42 2.44
N LEU A 294 34.17 25.58 1.90
CA LEU A 294 35.40 26.27 2.28
C LEU A 294 35.08 27.45 3.19
N VAL A 295 35.94 27.68 4.18
CA VAL A 295 35.79 28.81 5.10
C VAL A 295 37.11 29.57 5.21
N ARG A 296 37.03 30.90 5.14
CA ARG A 296 38.21 31.76 5.25
C ARG A 296 38.86 31.65 6.63
N THR A 297 40.18 31.56 6.65
CA THR A 297 40.93 31.39 7.89
C THR A 297 41.29 32.74 8.50
N LEU A 298 40.92 32.95 9.76
CA LEU A 298 41.30 34.14 10.51
C LEU A 298 42.81 34.27 10.56
N CYS A 299 43.33 35.45 10.22
CA CYS A 299 44.76 35.70 10.27
C CYS A 299 45.24 35.65 11.72
N PRO A 300 46.29 34.86 12.01
CA PRO A 300 46.69 34.66 13.40
C PRO A 300 47.35 35.89 14.03
N ASP A 301 47.87 36.79 13.21
CA ASP A 301 48.50 38.01 13.68
C ASP A 301 47.48 39.01 14.21
N CYS A 302 46.31 39.11 13.57
CA CYS A 302 45.29 40.03 14.04
C CYS A 302 43.84 39.49 14.00
N LYS A 303 43.50 38.79 15.08
CA LYS A 303 42.15 38.32 15.38
C LYS A 303 41.80 38.71 16.81
N GLU A 304 40.54 39.06 17.05
CA GLU A 304 40.12 39.59 18.36
C GLU A 304 39.40 38.52 19.20
N PRO A 305 39.92 38.22 20.41
CA PRO A 305 39.22 37.29 21.30
C PRO A 305 37.96 37.92 21.91
N TYR A 306 36.87 37.15 21.97
CA TYR A 306 35.63 37.61 22.61
C TYR A 306 34.82 36.44 23.17
N GLU A 307 34.20 36.65 24.33
CA GLU A 307 33.31 35.65 24.93
C GLU A 307 31.97 35.66 24.20
N ALA A 308 31.48 34.47 23.87
CA ALA A 308 30.23 34.32 23.10
C ALA A 308 29.01 34.64 23.96
N ASP A 309 27.96 35.13 23.32
CA ASP A 309 26.68 35.43 24.00
C ASP A 309 25.81 34.17 24.09
N LYS A 310 24.63 34.29 24.68
CA LYS A 310 23.74 33.15 24.90
C LYS A 310 23.29 32.48 23.59
N GLU A 311 22.88 33.28 22.61
CA GLU A 311 22.43 32.73 21.32
C GLU A 311 23.60 32.07 20.57
N GLN A 312 24.81 32.60 20.76
CA GLN A 312 26.01 32.02 20.19
C GLN A 312 26.44 30.75 20.94
N ARG A 313 26.36 30.78 22.27
CA ARG A 313 26.68 29.61 23.10
C ARG A 313 25.71 28.44 22.87
N LYS A 314 24.48 28.76 22.48
CA LYS A 314 23.46 27.75 22.18
C LYS A 314 23.77 26.95 20.91
N LEU A 315 24.55 27.54 19.99
CA LEU A 315 24.97 26.84 18.77
C LEU A 315 25.92 25.69 19.08
N PHE A 316 26.86 25.92 20.00
CA PHE A 316 27.86 24.92 20.35
C PHE A 316 27.27 23.88 21.30
N GLU A 322 33.72 28.53 33.10
CA GLU A 322 33.60 28.08 31.71
C GLU A 322 33.60 29.27 30.74
N PRO A 323 34.77 29.88 30.52
CA PRO A 323 34.89 31.01 29.61
C PRO A 323 35.14 30.56 28.16
N LEU A 324 34.08 30.52 27.37
CA LEU A 324 34.18 30.09 25.97
C LEU A 324 34.49 31.29 25.06
N ILE A 325 35.76 31.42 24.69
CA ILE A 325 36.22 32.53 23.85
C ILE A 325 36.27 32.12 22.38
N LEU A 326 35.58 32.89 21.55
CA LEU A 326 35.67 32.76 20.09
C LEU A 326 36.54 33.89 19.56
N TYR A 327 36.69 33.97 18.23
CA TYR A 327 37.55 35.00 17.61
C TYR A 327 36.84 35.75 16.49
N ARG A 328 37.16 37.04 16.37
CA ARG A 328 36.50 37.95 15.42
C ARG A 328 37.43 38.36 14.27
N ALA A 329 36.85 38.90 13.21
CA ALA A 329 37.57 39.26 11.98
C ALA A 329 38.65 40.34 12.15
N THR A 330 38.22 41.57 12.43
CA THR A 330 39.11 42.75 12.49
C THR A 330 39.70 43.08 11.11
N GLY A 331 40.89 43.70 11.07
CA GLY A 331 41.51 44.12 9.81
C GLY A 331 42.80 44.89 10.04
N CYS A 332 43.81 44.68 9.19
CA CYS A 332 45.19 45.11 9.48
C CYS A 332 46.19 44.92 8.32
N PRO A 333 47.50 45.24 8.49
CA PRO A 333 48.34 45.36 7.28
C PRO A 333 48.71 44.04 6.59
N LYS A 334 48.86 42.96 7.35
CA LYS A 334 48.98 41.61 6.78
C LYS A 334 47.56 41.12 6.52
N CYS A 335 46.71 41.37 7.51
CA CYS A 335 45.27 41.21 7.42
C CYS A 335 44.71 41.90 6.14
N ASN A 336 45.38 42.97 5.71
CA ASN A 336 45.23 43.66 4.41
C ASN A 336 43.91 43.56 3.61
N HIS A 337 42.88 44.28 4.04
CA HIS A 337 42.74 44.82 5.38
C HIS A 337 41.47 44.17 5.95
N LYS A 338 41.23 42.94 5.50
CA LYS A 338 40.07 42.15 5.89
C LYS A 338 40.49 41.31 7.10
N GLY A 339 39.56 40.53 7.64
CA GLY A 339 39.84 39.70 8.81
C GLY A 339 40.46 38.35 8.52
N TYR A 340 40.75 38.05 7.25
CA TYR A 340 41.20 36.71 6.86
C TYR A 340 42.33 36.73 5.81
N ARG A 341 43.12 35.67 5.80
CA ARG A 341 44.05 35.38 4.71
C ARG A 341 44.17 33.86 4.56
N GLY A 342 43.81 33.35 3.37
CA GLY A 342 43.82 31.92 3.11
C GLY A 342 42.48 31.27 3.39
N ARG A 343 42.46 29.94 3.33
CA ARG A 343 41.22 29.17 3.46
C ARG A 343 41.45 27.78 4.06
N THR A 344 40.35 27.14 4.43
CA THR A 344 40.37 25.74 4.88
C THR A 344 39.00 25.10 4.64
N GLY A 345 38.99 23.78 4.47
CA GLY A 345 37.76 23.04 4.15
C GLY A 345 37.05 22.50 5.39
N ILE A 346 35.73 22.56 5.37
CA ILE A 346 34.88 21.93 6.39
C ILE A 346 34.02 20.86 5.72
N HIS A 347 33.83 19.73 6.40
CA HIS A 347 33.30 18.53 5.75
C HIS A 347 32.17 17.85 6.53
N GLU A 348 31.48 16.95 5.82
CA GLU A 348 30.43 16.10 6.38
C GLU A 348 30.37 14.82 5.57
N LEU A 349 31.05 13.78 6.06
CA LEU A 349 31.21 12.54 5.32
C LEU A 349 30.09 11.55 5.63
N LEU A 350 29.11 11.48 4.72
CA LEU A 350 28.03 10.48 4.80
C LEU A 350 28.61 9.14 4.35
N LEU A 351 28.51 8.13 5.21
CA LEU A 351 29.05 6.80 4.94
C LEU A 351 27.92 5.77 4.88
N VAL A 352 27.68 5.24 3.68
CA VAL A 352 26.56 4.32 3.46
C VAL A 352 26.83 2.97 4.11
N ASP A 353 26.11 2.68 5.19
CA ASP A 353 26.20 1.41 5.91
C ASP A 353 24.92 0.59 5.69
N ASP A 354 24.78 -0.49 6.44
CA ASP A 354 23.63 -1.41 6.28
C ASP A 354 22.28 -0.71 6.52
N ALA A 355 22.23 0.18 7.49
CA ALA A 355 21.00 0.93 7.80
C ALA A 355 20.62 1.89 6.68
N LEU A 356 21.62 2.59 6.13
CA LEU A 356 21.39 3.55 5.04
C LEU A 356 21.07 2.86 3.71
N GLN A 357 21.53 1.62 3.54
CA GLN A 357 21.20 0.83 2.35
C GLN A 357 19.71 0.49 2.27
N GLU A 358 19.05 0.39 3.42
CA GLU A 358 17.61 0.12 3.48
C GLU A 358 16.83 1.38 3.15
N LEU A 359 17.22 2.49 3.79
CA LEU A 359 16.52 3.77 3.66
C LEU A 359 16.52 4.29 2.21
N ILE A 360 17.58 3.98 1.47
CA ILE A 360 17.66 4.30 0.05
C ILE A 360 16.76 3.38 -0.77
N HIS A 361 16.72 2.10 -0.40
CA HIS A 361 15.95 1.08 -1.13
C HIS A 361 14.45 1.33 -0.99
N SER A 362 13.98 1.40 0.25
CA SER A 362 12.54 1.52 0.55
C SER A 362 12.00 2.94 0.41
N GLU A 363 12.88 3.90 0.11
CA GLU A 363 12.51 5.32 -0.02
C GLU A 363 11.85 5.85 1.26
N ALA A 364 12.65 5.97 2.31
CA ALA A 364 12.21 6.55 3.58
C ALA A 364 11.99 8.06 3.40
N GLY A 365 13.00 8.72 2.84
CA GLY A 365 12.91 10.14 2.48
C GLY A 365 14.00 10.99 3.11
N GLU A 366 14.18 12.20 2.58
CA GLU A 366 15.21 13.11 3.08
C GLU A 366 15.15 13.25 4.60
N GLN A 367 13.97 13.54 5.13
CA GLN A 367 13.80 13.78 6.57
C GLN A 367 14.14 12.56 7.40
N ALA A 368 13.49 11.44 7.11
CA ALA A 368 13.76 10.18 7.81
C ALA A 368 15.23 9.81 7.69
N MET A 369 15.78 9.97 6.49
CA MET A 369 17.19 9.70 6.22
C MET A 369 18.11 10.70 6.92
N GLU A 370 17.68 11.96 7.00
CA GLU A 370 18.44 12.99 7.74
C GLU A 370 18.48 12.71 9.25
N LYS A 371 17.42 12.09 9.77
CA LYS A 371 17.33 11.75 11.19
C LYS A 371 18.32 10.65 11.58
N HIS A 372 18.43 9.63 10.72
CA HIS A 372 19.40 8.55 10.95
C HIS A 372 20.83 9.00 10.71
N ILE A 373 21.01 9.96 9.79
CA ILE A 373 22.33 10.50 9.46
C ILE A 373 22.92 11.31 10.63
N ARG A 374 22.07 12.08 11.32
CA ARG A 374 22.51 12.87 12.47
C ARG A 374 22.86 12.02 13.68
N ALA A 375 22.33 10.80 13.75
CA ALA A 375 22.64 9.87 14.82
C ALA A 375 24.09 9.37 14.73
N THR A 376 24.58 9.17 13.51
CA THR A 376 25.93 8.64 13.28
C THR A 376 26.93 9.72 12.91
N THR A 377 26.77 10.33 11.74
CA THR A 377 27.74 11.28 11.20
C THR A 377 27.53 12.69 11.74
N PRO A 378 28.63 13.37 12.13
CA PRO A 378 28.56 14.80 12.45
C PRO A 378 28.18 15.66 11.25
N SER A 379 27.55 16.81 11.50
CA SER A 379 27.04 17.68 10.44
C SER A 379 28.16 18.51 9.78
N ILE A 380 27.78 19.35 8.81
CA ILE A 380 28.72 20.27 8.17
C ILE A 380 29.03 21.40 9.16
N ARG A 381 28.00 21.85 9.87
CA ARG A 381 28.12 22.95 10.82
C ARG A 381 28.97 22.58 12.03
N ASP A 382 28.77 21.36 12.55
CA ASP A 382 29.54 20.87 13.71
C ASP A 382 31.04 20.81 13.43
N ASP A 383 31.41 20.41 12.22
CA ASP A 383 32.81 20.38 11.80
C ASP A 383 33.38 21.80 11.71
N GLY A 384 32.55 22.74 11.30
CA GLY A 384 32.92 24.15 11.25
C GLY A 384 33.06 24.76 12.65
N LEU A 385 32.12 24.44 13.53
CA LEU A 385 32.13 24.95 14.91
C LEU A 385 33.34 24.46 15.71
N ASP A 386 33.84 23.27 15.38
CA ASP A 386 35.06 22.75 16.00
C ASP A 386 36.27 23.60 15.64
N LYS A 387 36.32 24.08 14.39
CA LYS A 387 37.38 24.96 13.94
C LYS A 387 37.27 26.37 14.53
N VAL A 388 36.06 26.78 14.89
CA VAL A 388 35.84 28.05 15.57
C VAL A 388 36.37 27.97 17.02
N ARG A 389 36.16 26.82 17.66
CA ARG A 389 36.72 26.56 18.99
C ARG A 389 38.25 26.54 18.95
N GLN A 390 38.81 25.90 17.93
CA GLN A 390 40.26 25.82 17.73
C GLN A 390 40.87 27.19 17.42
N GLY A 391 40.10 28.07 16.80
CA GLY A 391 40.55 29.42 16.47
C GLY A 391 41.14 29.52 15.07
N ILE A 392 40.47 28.88 14.11
CA ILE A 392 40.88 28.91 12.71
C ILE A 392 40.02 29.90 11.93
N THR A 393 38.70 29.71 12.02
CA THR A 393 37.73 30.57 11.32
C THR A 393 36.74 31.18 12.30
N SER A 394 36.04 32.22 11.85
CA SER A 394 35.04 32.91 12.67
C SER A 394 33.69 32.21 12.62
N LEU A 395 32.82 32.58 13.55
CA LEU A 395 31.44 32.06 13.56
C LEU A 395 30.61 32.68 12.44
N GLU A 396 31.00 33.87 11.99
CA GLU A 396 30.35 34.54 10.86
C GLU A 396 30.58 33.78 9.56
N GLU A 397 31.75 33.15 9.45
CA GLU A 397 32.14 32.46 8.22
C GLU A 397 31.49 31.08 8.10
N VAL A 398 31.33 30.40 9.22
CA VAL A 398 30.70 29.07 9.25
C VAL A 398 29.22 29.18 8.91
N MET A 399 28.56 30.23 9.42
CA MET A 399 27.12 30.41 9.25
C MET A 399 26.72 30.81 7.82
N ARG A 400 27.56 31.58 7.14
CA ARG A 400 27.23 32.07 5.79
C ARG A 400 27.26 30.94 4.75
N VAL A 401 28.25 30.06 4.85
CA VAL A 401 28.37 28.92 3.94
C VAL A 401 27.43 27.78 4.33
N THR A 402 27.00 27.77 5.59
CA THR A 402 25.99 26.82 6.07
C THR A 402 24.63 27.16 5.48
N ALA A 413 6.46 18.91 24.77
CA ALA A 413 6.70 18.03 25.90
C ALA A 413 7.59 18.72 26.94
N VAL A 414 7.23 18.59 28.21
CA VAL A 414 7.97 19.23 29.30
C VAL A 414 9.32 18.55 29.57
N ASP A 415 10.37 19.36 29.74
CA ASP A 415 11.69 18.84 30.08
C ASP A 415 11.78 18.65 31.58
N MET A 416 12.33 17.51 32.01
CA MET A 416 12.37 17.15 33.43
C MET A 416 13.77 16.68 33.84
N PHE A 417 14.29 17.27 34.92
CA PHE A 417 15.62 16.93 35.43
C PHE A 417 15.57 16.76 36.95
N ILE A 418 16.55 16.04 37.50
CA ILE A 418 16.68 15.87 38.95
C ILE A 418 18.15 15.80 39.36
N LYS A 419 18.48 16.50 40.46
CA LYS A 419 19.85 16.57 40.97
C LYS A 419 19.90 16.04 42.40
N ILE A 420 20.39 14.81 42.56
CA ILE A 420 20.45 14.15 43.87
C ILE A 420 21.82 14.38 44.52
N GLY A 421 21.88 15.34 45.44
CA GLY A 421 23.11 15.66 46.16
C GLY A 421 24.18 16.23 45.24
N ASP A 422 25.32 15.54 45.16
CA ASP A 422 26.39 15.90 44.24
C ASP A 422 26.68 14.76 43.26
N VAL A 423 25.67 13.93 43.01
CA VAL A 423 25.80 12.80 42.08
C VAL A 423 25.56 13.31 40.67
N LYS A 424 26.52 13.07 39.78
CA LYS A 424 26.46 13.56 38.41
C LYS A 424 25.81 12.52 37.49
N GLY A 425 24.91 12.99 36.61
CA GLY A 425 24.26 12.14 35.62
C GLY A 425 24.88 12.33 34.24
N GLU A 426 24.04 12.29 33.21
CA GLU A 426 24.49 12.50 31.83
C GLU A 426 23.50 13.34 31.03
N SER A 427 23.09 14.48 31.60
CA SER A 427 22.20 15.41 30.91
C SER A 427 22.98 16.32 29.99
N LYS A 428 22.50 16.44 28.74
CA LYS A 428 23.10 17.33 27.75
C LYS A 428 22.52 18.74 27.82
N ASP A 429 21.63 19.00 28.79
CA ASP A 429 21.01 20.30 28.94
C ASP A 429 22.04 21.37 29.32
N LYS A 430 21.82 22.58 28.85
CA LYS A 430 22.79 23.67 29.01
C LYS A 430 22.78 24.24 30.43
N THR A 431 21.58 24.43 30.98
CA THR A 431 21.44 24.90 32.37
C THR A 431 21.60 23.74 33.36
N HIS A 432 20.86 22.66 33.12
CA HIS A 432 20.91 21.47 33.98
C HIS A 432 21.93 20.46 33.44
N ALA A 433 23.20 20.87 33.42
CA ALA A 433 24.27 20.01 32.90
C ALA A 433 24.73 19.02 33.96
N GLU A 434 25.07 17.81 33.51
CA GLU A 434 25.52 16.73 34.38
C GLU A 434 24.53 16.40 35.52
N GLU A 435 23.24 16.42 35.19
CA GLU A 435 22.20 15.98 36.10
C GLU A 435 21.51 14.74 35.51
N ILE A 436 20.55 14.18 36.24
CA ILE A 436 19.83 12.99 35.79
C ILE A 436 18.59 13.40 34.98
N ASP A 437 18.51 12.92 33.74
CA ASP A 437 17.34 13.17 32.88
C ASP A 437 16.16 12.32 33.33
N VAL A 438 15.07 12.99 33.71
CA VAL A 438 13.87 12.31 34.17
C VAL A 438 12.91 12.07 32.99
N LEU A 439 12.50 10.82 32.81
CA LEU A 439 11.56 10.46 31.76
C LEU A 439 10.12 10.51 32.25
N ALA A 440 9.91 10.15 33.52
CA ALA A 440 8.59 10.22 34.14
C ALA A 440 8.74 10.25 35.66
N TRP A 441 7.64 10.59 36.35
CA TRP A 441 7.63 10.62 37.81
C TRP A 441 6.22 10.52 38.38
N SER A 442 6.14 10.13 39.65
CA SER A 442 4.88 10.01 40.36
C SER A 442 5.07 10.18 41.87
N TRP A 443 4.20 10.95 42.49
CA TRP A 443 4.28 11.23 43.93
C TRP A 443 2.91 11.61 44.47
N GLY A 444 2.63 11.24 45.72
CA GLY A 444 1.33 11.53 46.32
C GLY A 444 1.32 11.59 47.84
N MET A 445 0.15 11.89 48.38
CA MET A 445 -0.06 11.97 49.83
C MET A 445 -1.52 11.69 50.17
N SER A 446 -1.78 11.27 51.40
CA SER A 446 -3.13 10.92 51.83
C SER A 446 -3.40 11.32 53.29
N GLN A 447 -4.57 11.92 53.52
CA GLN A 447 -4.99 12.37 54.84
C GLN A 447 -6.01 11.39 55.42
N SER A 448 -5.72 10.88 56.62
CA SER A 448 -6.58 9.88 57.27
C SER A 448 -7.78 10.51 57.99
N GLY A 449 -7.73 11.81 58.23
CA GLY A 449 -8.81 12.52 58.91
C GLY A 449 -10.12 12.52 58.13
N SER A 450 -11.23 12.57 58.85
CA SER A 450 -12.56 12.51 58.26
C SER A 450 -13.47 13.61 58.83
N MET A 451 -14.41 14.07 57.99
CA MET A 451 -15.38 15.09 58.39
C MET A 451 -16.72 14.48 58.83
N HIS A 452 -16.83 13.15 58.76
CA HIS A 452 -18.05 12.45 59.15
C HIS A 452 -18.19 12.30 60.66
N MET A 453 -17.09 12.49 61.39
CA MET A 453 -17.09 12.47 62.85
C MET A 453 -17.46 13.85 63.40
N ALA A 459 -8.81 13.90 65.00
CA ALA A 459 -8.17 14.25 63.73
C ALA A 459 -7.24 13.13 63.26
N GLY A 460 -6.84 13.20 61.98
CA GLY A 460 -5.99 12.19 61.37
C GLY A 460 -4.54 12.64 61.21
N LYS A 461 -3.87 12.07 60.22
CA LYS A 461 -2.46 12.39 59.95
C LYS A 461 -2.13 12.17 58.47
N VAL A 462 -1.22 12.99 57.94
CA VAL A 462 -0.80 12.87 56.55
C VAL A 462 0.19 11.72 56.36
N ASN A 463 0.13 11.08 55.20
CA ASN A 463 1.04 9.99 54.85
C ASN A 463 1.70 10.27 53.50
N VAL A 464 2.86 10.93 53.54
CA VAL A 464 3.57 11.32 52.32
C VAL A 464 4.29 10.13 51.71
N GLN A 465 4.02 9.87 50.43
CA GLN A 465 4.62 8.74 49.71
C GLN A 465 6.04 9.08 49.25
N ASP A 466 6.77 8.05 48.84
CA ASP A 466 8.11 8.22 48.29
C ASP A 466 8.01 8.66 46.82
N LEU A 467 8.84 9.63 46.43
CA LEU A 467 8.81 10.18 45.09
C LEU A 467 9.51 9.25 44.10
N SER A 468 8.72 8.60 43.24
CA SER A 468 9.26 7.71 42.20
C SER A 468 9.58 8.51 40.95
N PHE A 469 10.62 8.10 40.22
CA PHE A 469 10.95 8.71 38.94
C PHE A 469 11.74 7.76 38.03
N THR A 470 11.48 7.84 36.73
CA THR A 470 12.15 7.01 35.73
C THR A 470 13.39 7.73 35.19
N LYS A 471 14.40 6.96 34.80
CA LYS A 471 15.65 7.51 34.27
C LYS A 471 16.38 6.50 33.40
N TYR A 472 17.24 6.99 32.52
CA TYR A 472 18.13 6.12 31.74
C TYR A 472 19.23 5.56 32.63
N ILE A 473 19.79 4.42 32.24
CA ILE A 473 20.93 3.83 32.95
C ILE A 473 22.17 4.64 32.58
N ASP A 474 22.57 5.53 33.50
CA ASP A 474 23.69 6.45 33.26
C ASP A 474 24.78 6.27 34.32
N LYS A 475 25.73 7.21 34.39
CA LYS A 475 26.86 7.11 35.32
C LYS A 475 26.47 7.25 36.80
N SER A 476 25.25 7.73 37.07
CA SER A 476 24.75 7.84 38.44
C SER A 476 24.15 6.53 38.98
N THR A 477 23.91 5.57 38.08
CA THR A 477 23.25 4.30 38.44
C THR A 477 23.97 3.54 39.57
N PRO A 478 25.31 3.41 39.50
CA PRO A 478 26.02 2.73 40.59
C PRO A 478 26.01 3.50 41.91
N ASN A 479 26.09 4.83 41.83
CA ASN A 479 26.06 5.68 43.02
C ASN A 479 24.73 5.61 43.76
N LEU A 480 23.63 5.52 43.02
CA LEU A 480 22.29 5.38 43.61
C LEU A 480 22.10 4.00 44.23
N MET A 481 22.68 2.98 43.60
CA MET A 481 22.67 1.62 44.14
C MET A 481 23.48 1.54 45.44
N MET A 482 24.60 2.27 45.49
CA MET A 482 25.43 2.32 46.69
C MET A 482 24.72 3.03 47.84
N ALA A 483 24.04 4.13 47.53
CA ALA A 483 23.28 4.89 48.52
C ALA A 483 22.10 4.08 49.06
N CYS A 484 21.47 3.30 48.18
CA CYS A 484 20.36 2.42 48.58
C CYS A 484 20.85 1.26 49.45
N SER A 485 22.03 0.73 49.12
CA SER A 485 22.59 -0.41 49.84
C SER A 485 23.15 0.01 51.20
N SER A 486 23.98 1.05 51.22
CA SER A 486 24.59 1.55 52.45
C SER A 486 23.57 2.23 53.36
N GLY A 487 22.54 2.82 52.77
CA GLY A 487 21.50 3.53 53.52
C GLY A 487 21.96 4.92 53.95
N LYS A 488 22.87 5.51 53.19
CA LYS A 488 23.36 6.87 53.47
C LYS A 488 22.53 7.88 52.69
N HIS A 489 22.10 8.94 53.39
CA HIS A 489 21.19 9.94 52.81
C HIS A 489 21.94 11.15 52.27
N TYR A 490 21.38 11.77 51.23
CA TYR A 490 21.92 13.00 50.65
C TYR A 490 21.34 14.21 51.37
N PRO A 491 22.09 15.34 51.42
CA PRO A 491 21.56 16.55 52.04
C PRO A 491 20.34 17.14 51.33
N GLN A 492 20.32 17.08 50.00
CA GLN A 492 19.24 17.68 49.21
C GLN A 492 19.06 17.01 47.85
N ALA A 493 17.81 16.96 47.39
CA ALA A 493 17.48 16.47 46.04
C ALA A 493 16.40 17.36 45.43
N LYS A 494 16.63 17.86 44.22
CA LYS A 494 15.74 18.83 43.59
C LYS A 494 15.25 18.36 42.22
N LEU A 495 13.98 17.96 42.16
CA LEU A 495 13.32 17.65 40.89
C LEU A 495 12.88 18.96 40.23
N THR A 496 13.19 19.12 38.96
CA THR A 496 12.87 20.34 38.22
C THR A 496 12.10 20.04 36.94
N ILE A 497 10.87 20.57 36.86
CA ILE A 497 10.03 20.45 35.66
C ILE A 497 10.08 21.78 34.92
N ARG A 498 10.06 21.72 33.59
CA ARG A 498 10.20 22.92 32.75
C ARG A 498 9.37 22.80 31.48
N LYS A 499 8.79 23.91 31.02
CA LYS A 499 7.95 23.92 29.82
C LYS A 499 8.76 23.64 28.55
N ALA A 500 8.04 23.27 27.49
CA ALA A 500 8.67 22.92 26.22
C ALA A 500 9.20 24.17 25.51
N GLY A 501 10.42 24.08 25.00
CA GLY A 501 11.05 25.19 24.28
C GLY A 501 12.57 25.16 24.39
N GLY A 502 13.07 25.15 25.62
CA GLY A 502 14.51 25.16 25.88
C GLY A 502 14.86 25.53 27.30
N GLU A 503 16.08 26.02 27.49
CA GLU A 503 16.58 26.39 28.82
C GLU A 503 15.98 27.69 29.35
N ASN A 504 15.65 28.61 28.44
CA ASN A 504 15.10 29.92 28.82
C ASN A 504 13.61 29.88 29.20
N GLN A 505 12.96 28.74 29.01
CA GLN A 505 11.56 28.58 29.40
C GLN A 505 11.41 28.53 30.91
N VAL A 506 10.19 28.74 31.38
CA VAL A 506 9.92 28.84 32.82
C VAL A 506 9.91 27.46 33.48
N GLU A 507 10.72 27.31 34.53
CA GLU A 507 10.71 26.12 35.36
C GLU A 507 9.49 26.19 36.27
N TYR A 508 8.35 25.72 35.75
CA TYR A 508 7.04 25.95 36.38
C TYR A 508 6.77 25.10 37.62
N LEU A 509 7.54 24.03 37.83
CA LEU A 509 7.36 23.18 39.00
C LEU A 509 8.71 22.63 39.50
N ILE A 510 9.09 23.02 40.71
CA ILE A 510 10.35 22.59 41.31
C ILE A 510 10.08 21.96 42.68
N ILE A 511 10.27 20.64 42.77
CA ILE A 511 10.09 19.90 44.02
C ILE A 511 11.44 19.66 44.69
N THR A 512 11.69 20.37 45.79
CA THR A 512 12.94 20.24 46.53
C THR A 512 12.75 19.30 47.73
N LEU A 513 13.67 18.35 47.87
CA LEU A 513 13.64 17.37 48.96
C LEU A 513 14.90 17.54 49.82
N LYS A 514 14.76 17.35 51.12
CA LYS A 514 15.89 17.45 52.05
C LYS A 514 16.03 16.17 52.87
N GLU A 515 17.27 15.79 53.15
CA GLU A 515 17.59 14.52 53.84
C GLU A 515 16.98 13.35 53.08
N VAL A 516 17.60 13.02 51.95
CA VAL A 516 17.00 12.09 50.98
C VAL A 516 17.71 10.74 50.92
N LEU A 517 16.97 9.67 51.19
CA LEU A 517 17.44 8.30 51.00
C LEU A 517 17.01 7.79 49.63
N VAL A 518 17.71 6.79 49.12
CA VAL A 518 17.31 6.07 47.91
C VAL A 518 16.57 4.81 48.36
N SER A 519 15.24 4.88 48.44
CA SER A 519 14.44 3.80 49.01
C SER A 519 14.45 2.52 48.17
N SER A 520 14.50 2.65 46.84
CA SER A 520 14.61 1.49 45.97
C SER A 520 15.12 1.84 44.57
N VAL A 521 15.72 0.85 43.92
CA VAL A 521 16.18 0.99 42.53
C VAL A 521 15.71 -0.24 41.74
N SER A 522 14.99 -0.01 40.65
CA SER A 522 14.49 -1.09 39.79
C SER A 522 14.98 -0.89 38.36
N THR A 523 15.92 -1.74 37.94
CA THR A 523 16.54 -1.63 36.61
C THR A 523 16.32 -2.90 35.78
N GLY A 524 16.71 -2.82 34.51
CA GLY A 524 16.55 -3.95 33.58
C GLY A 524 16.70 -3.52 32.14
N GLY A 525 16.10 -4.30 31.23
CA GLY A 525 16.16 -3.98 29.80
C GLY A 525 15.66 -5.12 28.92
N SER A 526 15.37 -4.78 27.66
CA SER A 526 14.92 -5.75 26.67
C SER A 526 15.88 -5.78 25.48
N GLY A 527 15.66 -6.72 24.58
CA GLY A 527 16.50 -6.88 23.39
C GLY A 527 16.22 -5.90 22.27
N GLY A 528 15.10 -5.18 22.38
CA GLY A 528 14.71 -4.20 21.36
C GLY A 528 15.05 -2.76 21.71
N GLU A 529 15.26 -2.48 22.99
CA GLU A 529 15.53 -1.11 23.46
C GLU A 529 16.94 -0.66 23.12
N ASP A 530 17.07 0.57 22.64
CA ASP A 530 18.38 1.17 22.34
C ASP A 530 18.99 1.82 23.59
N ARG A 531 18.14 2.44 24.42
CA ARG A 531 18.56 3.01 25.70
C ARG A 531 17.73 2.39 26.82
N LEU A 532 18.40 1.70 27.74
CA LEU A 532 17.72 1.01 28.84
C LEU A 532 17.35 2.01 29.94
N THR A 533 16.21 1.77 30.59
CA THR A 533 15.69 2.66 31.62
C THR A 533 15.56 1.96 32.97
N GLU A 534 15.35 2.73 34.03
CA GLU A 534 15.21 2.19 35.38
C GLU A 534 14.42 3.15 36.28
N ASN A 535 13.68 2.58 37.23
CA ASN A 535 12.87 3.35 38.16
C ASN A 535 13.56 3.49 39.51
N VAL A 536 13.57 4.71 40.05
CA VAL A 536 14.20 5.00 41.35
C VAL A 536 13.23 5.75 42.25
N THR A 537 13.08 5.29 43.48
CA THR A 537 12.22 5.93 44.47
C THR A 537 13.07 6.65 45.52
N LEU A 538 12.52 7.73 46.08
CA LEU A 538 13.24 8.56 47.05
C LEU A 538 12.42 8.85 48.30
N ASN A 539 12.92 8.39 49.45
CA ASN A 539 12.35 8.73 50.74
C ASN A 539 13.05 9.96 51.30
N PHE A 540 12.30 10.83 51.98
CA PHE A 540 12.84 12.11 52.46
C PHE A 540 12.16 12.61 53.73
N ALA A 541 12.88 13.44 54.49
CA ALA A 541 12.39 14.00 55.75
C ALA A 541 11.50 15.22 55.52
N GLN A 542 11.93 16.11 54.63
CA GLN A 542 11.15 17.31 54.30
C GLN A 542 10.90 17.39 52.79
N VAL A 543 9.96 18.27 52.42
CA VAL A 543 9.61 18.47 51.01
C VAL A 543 9.14 19.91 50.78
N GLN A 544 9.50 20.47 49.62
CA GLN A 544 9.09 21.82 49.25
C GLN A 544 8.72 21.89 47.76
N VAL A 545 7.46 22.17 47.48
CA VAL A 545 6.95 22.26 46.11
C VAL A 545 6.72 23.73 45.74
N ASP A 546 7.40 24.20 44.71
CA ASP A 546 7.28 25.58 44.23
C ASP A 546 6.71 25.63 42.82
N TYR A 547 5.44 25.97 42.71
CA TYR A 547 4.79 26.14 41.40
C TYR A 547 4.84 27.61 40.99
N GLN A 548 5.23 27.86 39.75
CA GLN A 548 5.28 29.21 39.18
C GLN A 548 4.17 29.38 38.14
N PRO A 549 3.14 30.19 38.46
CA PRO A 549 2.08 30.45 37.48
C PRO A 549 2.56 31.34 36.33
N GLN A 550 1.89 31.23 35.18
CA GLN A 550 2.26 31.99 33.98
C GLN A 550 1.04 32.67 33.36
N LYS A 551 1.29 33.76 32.64
CA LYS A 551 0.26 34.49 31.92
C LYS A 551 0.01 33.83 30.56
N ALA A 552 -0.92 34.39 29.79
CA ALA A 552 -1.26 33.86 28.47
C ALA A 552 -0.10 33.92 27.47
N ASP A 553 0.66 35.03 27.52
CA ASP A 553 1.80 35.21 26.62
C ASP A 553 3.00 34.32 26.97
N GLY A 554 3.09 33.88 28.22
CA GLY A 554 4.17 33.01 28.69
C GLY A 554 5.01 33.60 29.81
N ALA A 555 4.80 34.87 30.13
CA ALA A 555 5.53 35.55 31.21
C ALA A 555 5.06 35.06 32.57
N LYS A 556 5.92 35.23 33.58
CA LYS A 556 5.63 34.78 34.95
C LYS A 556 4.55 35.64 35.59
N ASP A 557 3.47 35.01 36.05
CA ASP A 557 2.36 35.70 36.71
C ASP A 557 2.61 35.74 38.22
N GLY A 558 3.28 36.80 38.67
CA GLY A 558 3.60 36.97 40.09
C GLY A 558 4.72 36.03 40.54
N GLY A 559 4.79 35.81 41.85
CA GLY A 559 5.79 34.91 42.43
C GLY A 559 5.32 33.47 42.44
N PRO A 560 6.20 32.54 42.86
CA PRO A 560 5.85 31.12 42.90
C PRO A 560 5.05 30.75 44.15
N VAL A 561 4.03 29.92 43.98
CA VAL A 561 3.19 29.47 45.09
C VAL A 561 3.88 28.32 45.80
N LYS A 562 4.06 28.45 47.11
CA LYS A 562 4.88 27.52 47.90
C LYS A 562 4.03 26.51 48.69
N TYR A 563 4.52 25.29 48.75
CA TYR A 563 4.03 24.28 49.71
C TYR A 563 5.23 23.64 50.39
N GLY A 564 5.31 23.78 51.71
CA GLY A 564 6.40 23.21 52.50
C GLY A 564 5.86 22.37 53.64
N TRP A 565 6.53 21.25 53.93
CA TRP A 565 6.10 20.36 55.00
C TRP A 565 7.26 19.50 55.53
N ASN A 566 7.40 19.48 56.85
CA ASN A 566 8.36 18.61 57.54
C ASN A 566 7.65 17.32 57.92
N ILE A 567 8.02 16.22 57.25
CA ILE A 567 7.35 14.93 57.44
C ILE A 567 7.86 14.26 58.72
N ARG A 568 9.14 14.46 59.03
CA ARG A 568 9.75 13.90 60.23
C ARG A 568 9.11 14.44 61.51
N GLN A 569 8.88 15.75 61.54
CA GLN A 569 8.29 16.41 62.71
C GLN A 569 6.78 16.63 62.57
N ASN A 570 6.24 16.40 61.36
CA ASN A 570 4.81 16.54 61.09
C ASN A 570 4.32 17.98 61.31
N VAL A 571 5.00 18.93 60.69
CA VAL A 571 4.67 20.36 60.80
C VAL A 571 4.92 21.09 59.48
N GLN A 572 4.48 22.34 59.41
CA GLN A 572 4.67 23.17 58.22
C GLN A 572 6.14 23.61 58.11
N ALA A 573 6.58 23.82 56.88
CA ALA A 573 7.96 24.23 56.59
C ALA A 573 8.03 25.07 55.33
N ALA B 23 -12.32 62.88 -32.20
CA ALA B 23 -13.77 62.68 -31.93
C ALA B 23 -14.08 62.83 -30.43
N PRO B 24 -15.37 63.03 -30.08
CA PRO B 24 -15.77 63.07 -28.66
C PRO B 24 -15.48 61.79 -27.89
N ILE B 25 -15.54 60.64 -28.57
CA ILE B 25 -15.33 59.34 -27.94
C ILE B 25 -13.85 59.12 -27.60
N ILE B 26 -12.96 59.71 -28.39
CA ILE B 26 -11.51 59.59 -28.16
C ILE B 26 -11.11 60.24 -26.84
N LYS B 27 -11.67 61.43 -26.57
CA LYS B 27 -11.40 62.15 -25.33
C LYS B 27 -12.00 61.46 -24.09
N LEU B 28 -13.13 60.79 -24.28
CA LEU B 28 -13.84 60.13 -23.19
C LEU B 28 -13.04 58.94 -22.63
N ILE B 29 -12.45 58.15 -23.51
CA ILE B 29 -11.63 57.01 -23.12
C ILE B 29 -10.32 57.46 -22.48
N ASN B 30 -9.73 58.52 -23.03
CA ASN B 30 -8.49 59.09 -22.49
C ASN B 30 -8.71 59.71 -21.11
N ALA B 31 -9.84 60.40 -20.93
CA ALA B 31 -10.20 60.98 -19.64
C ALA B 31 -10.56 59.91 -18.61
N MET B 32 -11.16 58.81 -19.08
CA MET B 32 -11.50 57.68 -18.23
C MET B 32 -10.24 57.00 -17.70
N LEU B 33 -9.24 56.85 -18.57
CA LEU B 33 -7.95 56.28 -18.19
C LEU B 33 -7.21 57.19 -17.20
N GLY B 34 -7.35 58.51 -17.38
CA GLY B 34 -6.80 59.48 -16.43
C GLY B 34 -7.52 59.42 -15.09
N GLU B 35 -8.83 59.20 -15.13
CA GLU B 35 -9.63 59.05 -13.92
C GLU B 35 -9.36 57.72 -13.22
N ALA B 36 -8.97 56.71 -14.00
CA ALA B 36 -8.59 55.40 -13.45
C ALA B 36 -7.28 55.48 -12.68
N ILE B 37 -6.32 56.25 -13.22
CA ILE B 37 -5.03 56.47 -12.57
C ILE B 37 -5.18 57.41 -11.37
N LYS B 38 -6.11 58.36 -11.46
CA LYS B 38 -6.43 59.27 -10.36
C LYS B 38 -6.87 58.49 -9.11
N GLU B 39 -7.90 57.66 -9.29
CA GLU B 39 -8.47 56.89 -8.18
C GLU B 39 -7.60 55.72 -7.75
N GLY B 40 -6.63 55.35 -8.58
CA GLY B 40 -5.73 54.23 -8.29
C GLY B 40 -6.35 52.90 -8.65
N ALA B 41 -6.96 52.85 -9.84
CA ALA B 41 -7.64 51.66 -10.32
C ALA B 41 -6.65 50.69 -10.96
N SER B 42 -6.89 49.40 -10.75
CA SER B 42 -6.08 48.35 -11.39
C SER B 42 -6.73 47.93 -12.70
N ASP B 43 -8.02 47.57 -12.64
CA ASP B 43 -8.77 47.14 -13.81
C ASP B 43 -9.88 48.14 -14.13
N ILE B 44 -10.23 48.24 -15.42
CA ILE B 44 -11.37 49.03 -15.87
C ILE B 44 -12.34 48.09 -16.59
N HIS B 45 -13.58 48.02 -16.09
CA HIS B 45 -14.57 47.08 -16.61
C HIS B 45 -15.67 47.79 -17.40
N ILE B 46 -15.62 47.69 -18.73
CA ILE B 46 -16.68 48.19 -19.60
C ILE B 46 -17.57 47.00 -19.95
N GLU B 47 -18.83 47.06 -19.53
CA GLU B 47 -19.76 45.94 -19.72
C GLU B 47 -21.11 46.42 -20.25
N THR B 48 -21.56 45.79 -21.34
CA THR B 48 -22.81 46.17 -22.01
C THR B 48 -23.89 45.15 -21.69
N PHE B 49 -25.02 45.64 -21.17
CA PHE B 49 -26.19 44.81 -20.91
C PHE B 49 -27.29 45.16 -21.92
N GLU B 50 -28.48 44.58 -21.74
CA GLU B 50 -29.61 44.83 -22.65
C GLU B 50 -30.03 46.29 -22.62
N LYS B 51 -30.23 46.82 -21.41
CA LYS B 51 -30.73 48.18 -21.22
C LYS B 51 -29.64 49.18 -20.84
N THR B 52 -28.71 48.76 -19.97
CA THR B 52 -27.73 49.67 -19.39
C THR B 52 -26.30 49.37 -19.82
N LEU B 53 -25.51 50.43 -20.04
CA LEU B 53 -24.08 50.33 -20.26
C LEU B 53 -23.39 50.80 -18.97
N SER B 54 -22.50 49.97 -18.43
CA SER B 54 -21.89 50.24 -17.13
C SER B 54 -20.37 50.27 -17.19
N ILE B 55 -19.78 51.27 -16.53
CA ILE B 55 -18.33 51.36 -16.35
C ILE B 55 -18.02 51.12 -14.87
N ARG B 56 -17.02 50.29 -14.60
CA ARG B 56 -16.62 49.98 -13.22
C ARG B 56 -15.11 49.83 -13.09
N PHE B 57 -14.53 50.47 -12.08
CA PHE B 57 -13.12 50.30 -11.75
C PHE B 57 -12.96 49.38 -10.55
N ARG B 58 -12.05 48.40 -10.66
CA ARG B 58 -11.68 47.56 -9.53
C ARG B 58 -10.52 48.23 -8.80
N VAL B 59 -10.85 49.19 -7.94
CA VAL B 59 -9.83 49.96 -7.23
C VAL B 59 -9.20 49.13 -6.11
N ASP B 60 -8.02 48.59 -6.39
CA ASP B 60 -7.26 47.76 -5.44
C ASP B 60 -7.97 46.46 -5.05
N GLY B 61 -8.87 45.98 -5.91
CA GLY B 61 -9.61 44.74 -5.64
C GLY B 61 -11.11 44.95 -5.48
N VAL B 62 -11.50 46.07 -4.87
CA VAL B 62 -12.91 46.38 -4.64
C VAL B 62 -13.53 47.01 -5.88
N LEU B 63 -14.59 46.39 -6.40
CA LEU B 63 -15.32 46.94 -7.55
C LEU B 63 -16.12 48.17 -7.15
N ARG B 64 -16.38 49.05 -8.11
CA ARG B 64 -16.96 50.37 -7.84
C ARG B 64 -17.72 50.91 -9.04
N GLU B 65 -18.95 51.38 -8.82
CA GLU B 65 -19.74 52.03 -9.86
C GLU B 65 -19.24 53.46 -10.06
N VAL B 66 -18.76 53.76 -11.26
CA VAL B 66 -18.18 55.08 -11.56
C VAL B 66 -18.99 55.87 -12.59
N LEU B 67 -19.56 55.17 -13.58
CA LEU B 67 -20.26 55.83 -14.68
C LEU B 67 -21.14 54.82 -15.44
N ALA B 68 -22.37 55.22 -15.75
CA ALA B 68 -23.28 54.42 -16.56
C ALA B 68 -23.84 55.28 -17.69
N PRO B 69 -23.09 55.38 -18.82
CA PRO B 69 -23.53 56.24 -19.92
C PRO B 69 -24.67 55.63 -20.74
N SER B 70 -25.02 56.28 -21.85
CA SER B 70 -26.07 55.78 -22.75
C SER B 70 -25.67 54.43 -23.34
N ARG B 71 -26.68 53.58 -23.55
CA ARG B 71 -26.45 52.22 -24.08
C ARG B 71 -25.97 52.28 -25.53
N LYS B 72 -26.39 53.31 -26.26
CA LYS B 72 -26.02 53.50 -27.67
C LYS B 72 -24.50 53.56 -27.90
N LEU B 73 -23.77 54.09 -26.91
CA LEU B 73 -22.32 54.26 -27.00
C LEU B 73 -21.53 52.96 -26.89
N SER B 74 -22.18 51.89 -26.44
CA SER B 74 -21.53 50.59 -26.24
C SER B 74 -20.58 50.17 -27.37
N SER B 75 -21.06 50.26 -28.61
CA SER B 75 -20.27 49.86 -29.78
C SER B 75 -19.09 50.80 -30.03
N LEU B 76 -19.27 52.08 -29.74
CA LEU B 76 -18.24 53.09 -29.97
C LEU B 76 -17.09 52.99 -28.96
N LEU B 77 -17.43 52.71 -27.70
CA LEU B 77 -16.42 52.54 -26.65
C LEU B 77 -15.59 51.28 -26.87
N VAL B 78 -16.25 50.22 -27.35
CA VAL B 78 -15.56 48.97 -27.70
C VAL B 78 -14.65 49.19 -28.92
N SER B 79 -15.13 49.98 -29.88
CA SER B 79 -14.37 50.25 -31.11
C SER B 79 -13.12 51.09 -30.84
N ARG B 80 -13.24 52.09 -29.96
CA ARG B 80 -12.12 52.99 -29.64
C ARG B 80 -11.00 52.26 -28.89
N VAL B 81 -11.36 51.44 -27.92
CA VAL B 81 -10.38 50.70 -27.12
C VAL B 81 -9.69 49.61 -27.94
N LYS B 82 -10.37 49.10 -28.96
CA LYS B 82 -9.79 48.12 -29.89
C LYS B 82 -8.67 48.72 -30.73
N VAL B 83 -8.96 49.84 -31.39
CA VAL B 83 -7.99 50.49 -32.29
C VAL B 83 -6.77 51.04 -31.56
N MET B 84 -6.92 51.39 -30.28
CA MET B 84 -5.79 51.80 -29.45
C MET B 84 -4.86 50.61 -29.17
N ALA B 85 -5.43 49.42 -29.04
CA ALA B 85 -4.66 48.20 -28.79
C ALA B 85 -4.39 47.38 -30.06
N LYS B 86 -4.68 47.97 -31.23
CA LYS B 86 -4.38 47.35 -32.52
C LYS B 86 -5.12 46.03 -32.73
N LEU B 87 -6.40 46.00 -32.35
CA LEU B 87 -7.24 44.80 -32.49
C LEU B 87 -8.23 44.96 -33.63
N ASP B 88 -8.89 43.86 -33.98
CA ASP B 88 -9.85 43.83 -35.09
C ASP B 88 -11.15 44.53 -34.68
N ILE B 89 -11.62 45.44 -35.52
CA ILE B 89 -12.81 46.25 -35.23
C ILE B 89 -14.09 45.47 -35.57
N ALA B 90 -14.12 44.91 -36.78
CA ALA B 90 -15.31 44.23 -37.30
C ALA B 90 -15.58 42.88 -36.64
N GLU B 91 -14.53 42.23 -36.15
CA GLU B 91 -14.66 40.93 -35.49
C GLU B 91 -15.25 41.10 -34.09
N LYS B 92 -16.48 40.59 -33.89
CA LYS B 92 -17.17 40.66 -32.61
C LYS B 92 -17.65 39.27 -32.16
N ARG B 93 -16.96 38.22 -32.62
CA ARG B 93 -17.34 36.84 -32.33
C ARG B 93 -16.31 36.05 -31.51
N VAL B 94 -15.08 36.56 -31.44
CA VAL B 94 -14.00 35.87 -30.72
C VAL B 94 -13.30 36.81 -29.72
N PRO B 95 -12.65 36.25 -28.69
CA PRO B 95 -11.88 37.08 -27.75
C PRO B 95 -10.59 37.62 -28.38
N GLN B 96 -10.27 38.88 -28.10
CA GLN B 96 -9.07 39.52 -28.63
C GLN B 96 -8.30 40.22 -27.51
N ASP B 97 -7.01 39.89 -27.38
CA ASP B 97 -6.14 40.50 -26.37
C ASP B 97 -5.07 41.36 -27.04
N GLY B 98 -4.86 42.57 -26.50
CA GLY B 98 -3.89 43.51 -27.06
C GLY B 98 -3.13 44.29 -25.99
N ARG B 99 -2.33 45.25 -26.43
CA ARG B 99 -1.51 46.07 -25.53
C ARG B 99 -1.46 47.54 -25.96
N ILE B 100 -1.32 48.43 -24.98
CA ILE B 100 -1.16 49.86 -25.23
C ILE B 100 -0.10 50.43 -24.27
N SER B 101 0.66 51.42 -24.74
CA SER B 101 1.67 52.08 -23.91
C SER B 101 1.37 53.58 -23.81
N LEU B 102 0.95 54.01 -22.62
CA LEU B 102 0.61 55.41 -22.37
C LEU B 102 1.56 56.03 -21.35
N ALA B 108 4.01 56.45 -17.46
CA ALA B 108 4.37 55.15 -18.01
C ALA B 108 3.40 54.07 -17.55
N VAL B 109 2.25 54.01 -18.21
CA VAL B 109 1.19 53.06 -17.86
C VAL B 109 1.00 52.04 -18.98
N ASP B 110 1.31 50.78 -18.69
CA ASP B 110 1.15 49.68 -19.65
C ASP B 110 -0.16 48.94 -19.38
N VAL B 111 -1.07 48.98 -20.34
CA VAL B 111 -2.38 48.34 -20.18
C VAL B 111 -2.49 47.08 -21.06
N ARG B 112 -3.28 46.11 -20.59
CA ARG B 112 -3.55 44.90 -21.34
C ARG B 112 -5.07 44.71 -21.51
N VAL B 113 -5.59 45.14 -22.64
CA VAL B 113 -7.02 45.00 -22.94
C VAL B 113 -7.37 43.54 -23.24
N SER B 114 -8.58 43.15 -22.88
CA SER B 114 -9.08 41.80 -23.17
C SER B 114 -10.58 41.86 -23.47
N THR B 115 -10.93 41.85 -24.77
CA THR B 115 -12.32 41.81 -25.19
C THR B 115 -12.83 40.37 -25.23
N MET B 116 -14.15 40.21 -25.15
CA MET B 116 -14.78 38.89 -25.15
C MET B 116 -16.24 39.00 -25.60
N PRO B 117 -16.72 38.01 -26.38
CA PRO B 117 -18.11 38.05 -26.84
C PRO B 117 -19.12 37.78 -25.72
N SER B 118 -20.33 38.33 -25.88
CA SER B 118 -21.41 38.11 -24.92
C SER B 118 -22.77 38.27 -25.61
N SER B 119 -23.84 38.27 -24.82
CA SER B 119 -25.20 38.37 -25.35
C SER B 119 -25.49 39.74 -25.98
N HIS B 120 -25.06 40.80 -25.29
CA HIS B 120 -25.32 42.17 -25.75
C HIS B 120 -24.03 42.85 -26.22
N GLY B 121 -23.36 42.22 -27.18
CA GLY B 121 -22.09 42.74 -27.71
C GLY B 121 -20.90 42.25 -26.91
N GLU B 122 -19.78 42.96 -27.03
CA GLU B 122 -18.54 42.57 -26.37
C GLU B 122 -18.37 43.21 -25.00
N ARG B 123 -17.56 42.58 -24.15
CA ARG B 123 -17.27 43.08 -22.80
C ARG B 123 -15.76 43.33 -22.69
N VAL B 124 -15.39 44.58 -22.41
CA VAL B 124 -13.99 45.00 -22.42
C VAL B 124 -13.43 45.14 -21.00
N VAL B 125 -12.21 44.63 -20.80
CA VAL B 125 -11.48 44.79 -19.54
C VAL B 125 -10.01 45.07 -19.83
N MET B 126 -9.47 46.14 -19.26
CA MET B 126 -8.07 46.54 -19.48
C MET B 126 -7.33 46.72 -18.15
N ARG B 127 -6.32 45.89 -17.93
CA ARG B 127 -5.56 45.86 -16.68
C ARG B 127 -4.43 46.90 -16.70
N LEU B 128 -4.51 47.88 -15.81
CA LEU B 128 -3.51 48.94 -15.73
C LEU B 128 -2.32 48.49 -14.89
N LEU B 129 -1.13 48.47 -15.51
CA LEU B 129 0.10 48.09 -14.83
C LEU B 129 1.19 49.14 -15.05
N ASP B 130 1.88 49.52 -13.99
CA ASP B 130 2.94 50.53 -14.06
C ASP B 130 4.26 49.88 -14.42
N LYS B 131 4.94 50.42 -15.43
CA LYS B 131 6.26 49.92 -15.85
C LYS B 131 7.34 50.40 -14.90
N ASP B 137 9.62 49.53 3.65
CA ASP B 137 9.75 48.79 4.88
C ASP B 137 8.65 47.72 4.97
N LEU B 138 9.03 46.51 5.39
CA LEU B 138 8.10 45.38 5.44
C LEU B 138 7.14 45.48 6.63
N HIS B 139 7.62 46.06 7.74
CA HIS B 139 6.79 46.30 8.92
C HIS B 139 5.74 47.38 8.66
N SER B 140 6.12 48.40 7.89
CA SER B 140 5.20 49.48 7.53
C SER B 140 4.08 49.00 6.62
N LEU B 141 4.37 48.02 5.76
CA LEU B 141 3.38 47.46 4.85
C LEU B 141 2.31 46.66 5.59
N GLY B 142 2.69 45.96 6.65
CA GLY B 142 1.72 45.19 7.44
C GLY B 142 2.28 44.12 8.37
N MET B 143 3.39 43.50 7.98
CA MET B 143 3.97 42.39 8.77
C MET B 143 4.23 42.78 10.22
N THR B 144 3.95 41.84 11.13
CA THR B 144 4.23 42.02 12.55
C THR B 144 5.72 41.82 12.81
N ALA B 145 6.16 42.13 14.03
CA ALA B 145 7.56 42.00 14.41
C ALA B 145 8.05 40.55 14.31
N HIS B 146 7.19 39.61 14.69
CA HIS B 146 7.53 38.18 14.64
C HIS B 146 7.53 37.66 13.20
N ASN B 147 6.58 38.13 12.37
CA ASN B 147 6.52 37.73 10.96
C ASN B 147 7.69 38.24 10.14
N HIS B 148 8.17 39.45 10.45
CA HIS B 148 9.32 40.03 9.76
C HIS B 148 10.59 39.27 10.09
N ASP B 149 10.83 39.04 11.38
CA ASP B 149 12.01 38.30 11.85
C ASP B 149 12.06 36.87 11.28
N ASN B 150 10.90 36.23 11.20
CA ASN B 150 10.81 34.89 10.60
C ASN B 150 11.05 34.92 9.09
N PHE B 151 10.55 35.96 8.43
CA PHE B 151 10.77 36.12 6.99
C PHE B 151 12.22 36.54 6.70
N ARG B 152 12.77 37.42 7.55
CA ARG B 152 14.17 37.81 7.48
C ARG B 152 15.11 36.60 7.44
N ARG B 153 14.98 35.76 8.46
CA ARG B 153 15.82 34.56 8.58
C ARG B 153 15.65 33.60 7.40
N LEU B 154 14.45 33.55 6.84
CA LEU B 154 14.15 32.64 5.74
C LEU B 154 14.79 33.11 4.44
N ILE B 155 14.61 34.39 4.11
CA ILE B 155 15.20 34.98 2.90
C ILE B 155 16.72 35.18 3.02
N LYS B 156 17.27 35.02 4.22
CA LYS B 156 18.71 35.12 4.43
C LYS B 156 19.39 33.74 4.52
N ARG B 157 18.65 32.68 4.21
CA ARG B 157 19.25 31.34 4.12
C ARG B 157 20.11 31.23 2.86
N PRO B 158 21.11 30.34 2.86
CA PRO B 158 21.98 30.20 1.70
C PRO B 158 21.29 29.63 0.45
N HIS B 159 20.21 28.88 0.64
CA HIS B 159 19.52 28.22 -0.47
C HIS B 159 18.11 27.77 -0.08
N GLY B 160 17.28 27.53 -1.10
CA GLY B 160 15.89 27.08 -0.90
C GLY B 160 14.89 27.97 -1.59
N ILE B 161 13.67 27.48 -1.75
CA ILE B 161 12.59 28.24 -2.39
C ILE B 161 11.68 28.87 -1.32
N ILE B 162 11.35 30.15 -1.53
CA ILE B 162 10.39 30.86 -0.68
C ILE B 162 9.31 31.47 -1.58
N LEU B 163 8.08 31.01 -1.40
CA LEU B 163 6.96 31.44 -2.24
C LEU B 163 6.03 32.39 -1.50
N VAL B 164 5.44 33.33 -2.24
CA VAL B 164 4.43 34.26 -1.71
C VAL B 164 3.15 34.06 -2.51
N THR B 165 2.09 33.62 -1.83
CA THR B 165 0.85 33.24 -2.50
C THR B 165 -0.37 34.06 -2.08
N GLY B 166 -1.47 33.88 -2.82
CA GLY B 166 -2.67 34.69 -2.66
C GLY B 166 -3.30 34.98 -4.02
N PRO B 167 -4.41 35.75 -4.03
CA PRO B 167 -5.08 36.12 -5.28
C PRO B 167 -4.46 37.35 -5.95
N THR B 168 -5.06 37.79 -7.05
CA THR B 168 -4.58 38.96 -7.79
C THR B 168 -4.83 40.24 -6.99
N GLY B 169 -3.83 41.12 -6.96
CA GLY B 169 -3.93 42.38 -6.21
C GLY B 169 -3.79 42.17 -4.70
N SER B 170 -2.92 41.25 -4.31
CA SER B 170 -2.68 40.96 -2.89
C SER B 170 -1.33 41.49 -2.40
N GLY B 171 -0.62 42.21 -3.27
CA GLY B 171 0.64 42.85 -2.90
C GLY B 171 1.79 41.87 -2.70
N LYS B 172 1.92 40.92 -3.62
CA LYS B 172 2.99 39.92 -3.55
C LYS B 172 4.31 40.53 -3.99
N SER B 173 4.31 41.20 -5.14
CA SER B 173 5.48 41.86 -5.68
C SER B 173 6.08 42.83 -4.67
N THR B 174 5.23 43.69 -4.11
CA THR B 174 5.63 44.65 -3.08
C THR B 174 6.37 43.97 -1.92
N THR B 175 5.92 42.77 -1.54
CA THR B 175 6.54 42.00 -0.48
C THR B 175 7.88 41.40 -0.93
N LEU B 176 7.93 40.90 -2.16
CA LEU B 176 9.16 40.38 -2.74
C LEU B 176 10.20 41.49 -2.92
N TYR B 177 9.76 42.60 -3.50
CA TYR B 177 10.63 43.78 -3.68
C TYR B 177 11.23 44.27 -2.35
N ALA B 178 10.42 44.23 -1.30
CA ALA B 178 10.88 44.60 0.04
C ALA B 178 11.90 43.59 0.58
N GLY B 179 11.71 42.31 0.25
CA GLY B 179 12.64 41.26 0.63
C GLY B 179 13.98 41.36 -0.08
N LEU B 180 13.95 41.69 -1.37
CA LEU B 180 15.17 41.87 -2.16
C LEU B 180 15.94 43.11 -1.73
N GLN B 181 15.22 44.19 -1.42
CA GLN B 181 15.83 45.43 -0.93
C GLN B 181 16.52 45.23 0.42
N GLU B 182 15.95 44.35 1.25
CA GLU B 182 16.54 44.02 2.55
C GLU B 182 17.83 43.21 2.36
N LEU B 183 17.83 42.29 1.39
CA LEU B 183 19.01 41.52 1.04
C LEU B 183 20.03 42.32 0.22
N ASN B 184 19.57 43.38 -0.43
CA ASN B 184 20.42 44.18 -1.33
C ASN B 184 21.68 44.68 -0.62
N SER B 185 22.72 43.84 -0.67
CA SER B 185 24.01 44.15 -0.06
C SER B 185 25.11 43.99 -1.09
N SER B 186 26.31 44.47 -0.75
CA SER B 186 27.48 44.33 -1.62
C SER B 186 28.07 42.93 -1.57
N GLU B 187 27.64 42.11 -0.60
CA GLU B 187 28.17 40.75 -0.42
C GLU B 187 27.37 39.66 -1.15
N ARG B 188 26.32 40.05 -1.89
CA ARG B 188 25.50 39.09 -2.64
C ARG B 188 25.21 39.56 -4.06
N ASN B 189 25.04 38.58 -4.96
CA ASN B 189 24.67 38.84 -6.35
C ASN B 189 23.21 38.44 -6.57
N ILE B 190 22.33 39.44 -6.66
CA ILE B 190 20.89 39.23 -6.80
C ILE B 190 20.45 39.58 -8.22
N LEU B 191 19.74 38.65 -8.86
CA LEU B 191 19.22 38.85 -10.22
C LEU B 191 17.76 38.40 -10.27
N THR B 192 16.97 38.99 -11.17
CA THR B 192 15.54 38.69 -11.26
C THR B 192 15.04 38.56 -12.71
N VAL B 193 14.05 37.69 -12.91
CA VAL B 193 13.29 37.61 -14.15
C VAL B 193 11.85 38.02 -13.84
N GLU B 194 11.34 39.03 -14.56
CA GLU B 194 10.02 39.58 -14.27
C GLU B 194 9.21 39.80 -15.55
N ASP B 195 7.88 39.81 -15.41
CA ASP B 195 6.97 39.98 -16.54
C ASP B 195 5.73 40.79 -16.14
N PRO B 196 5.82 42.14 -16.14
CA PRO B 196 7.00 42.96 -16.41
C PRO B 196 7.74 43.34 -15.13
N ILE B 197 8.77 44.17 -15.25
CA ILE B 197 9.49 44.70 -14.09
C ILE B 197 8.64 45.81 -13.48
N GLU B 198 8.27 45.64 -12.22
CA GLU B 198 7.36 46.57 -11.53
C GLU B 198 8.03 47.93 -11.34
N PHE B 199 9.22 47.93 -10.76
CA PHE B 199 10.08 49.11 -10.72
C PHE B 199 11.54 48.71 -10.56
N ASP B 200 12.44 49.68 -10.64
CA ASP B 200 13.88 49.41 -10.63
C ASP B 200 14.48 49.50 -9.23
N ILE B 201 15.07 48.40 -8.78
CA ILE B 201 15.89 48.39 -7.56
C ILE B 201 17.33 48.65 -7.98
N ASP B 202 17.90 49.77 -7.52
CA ASP B 202 19.29 50.11 -7.82
C ASP B 202 20.23 49.23 -6.99
N GLY B 203 21.11 48.50 -7.67
CA GLY B 203 22.01 47.55 -7.03
C GLY B 203 21.65 46.10 -7.30
N ILE B 204 20.52 45.88 -7.96
CA ILE B 204 20.04 44.53 -8.28
C ILE B 204 19.74 44.44 -9.79
N GLY B 205 20.22 43.36 -10.41
CA GLY B 205 19.96 43.11 -11.82
C GLY B 205 18.53 42.65 -12.04
N GLN B 206 17.89 43.14 -13.10
CA GLN B 206 16.49 42.82 -13.37
C GLN B 206 16.22 42.66 -14.87
N THR B 207 16.12 41.42 -15.31
CA THR B 207 15.81 41.09 -16.70
C THR B 207 14.29 41.01 -16.90
N GLN B 208 13.83 41.38 -18.09
CA GLN B 208 12.40 41.38 -18.40
C GLN B 208 12.07 40.28 -19.42
N VAL B 209 10.91 39.65 -19.24
CA VAL B 209 10.44 38.60 -20.16
C VAL B 209 10.04 39.22 -21.49
N ASN B 210 10.86 38.98 -22.52
CA ASN B 210 10.66 39.55 -23.85
C ASN B 210 10.15 38.48 -24.83
N PRO B 211 8.91 38.64 -25.33
CA PRO B 211 8.37 37.67 -26.28
C PRO B 211 8.84 37.87 -27.73
N ARG B 212 9.46 39.02 -28.02
CA ARG B 212 9.95 39.31 -29.37
C ARG B 212 11.18 38.48 -29.74
N VAL B 213 11.98 38.11 -28.74
CA VAL B 213 13.15 37.25 -28.95
C VAL B 213 12.97 35.86 -28.30
N ASP B 214 11.73 35.53 -27.94
CA ASP B 214 11.39 34.26 -27.29
C ASP B 214 12.11 34.09 -25.95
N MET B 215 12.30 35.20 -25.23
CA MET B 215 12.91 35.19 -23.89
C MET B 215 11.81 34.97 -22.86
N THR B 216 11.64 33.73 -22.42
CA THR B 216 10.58 33.36 -21.47
C THR B 216 11.11 33.33 -20.03
N PHE B 217 10.23 33.01 -19.09
CA PHE B 217 10.62 32.82 -17.69
C PHE B 217 11.62 31.67 -17.54
N ALA B 218 11.35 30.57 -18.24
CA ALA B 218 12.22 29.39 -18.19
C ALA B 218 13.60 29.68 -18.78
N ARG B 219 13.62 30.26 -19.98
CA ARG B 219 14.86 30.62 -20.66
C ARG B 219 15.60 31.74 -19.91
N GLY B 220 14.84 32.68 -19.36
CA GLY B 220 15.42 33.77 -18.57
C GLY B 220 16.03 33.29 -17.27
N LEU B 221 15.32 32.38 -16.59
CA LEU B 221 15.81 31.78 -15.36
C LEU B 221 17.01 30.86 -15.63
N ARG B 222 16.98 30.17 -16.76
CA ARG B 222 18.09 29.30 -17.17
C ARG B 222 19.34 30.10 -17.53
N ALA B 223 19.14 31.34 -17.98
CA ALA B 223 20.24 32.24 -18.30
C ALA B 223 20.84 32.90 -17.05
N ILE B 224 19.97 33.29 -16.11
CA ILE B 224 20.41 33.89 -14.85
C ILE B 224 21.32 32.98 -14.04
N LEU B 225 21.05 31.67 -14.07
CA LEU B 225 21.83 30.69 -13.33
C LEU B 225 23.29 30.58 -13.82
N ARG B 226 23.56 31.04 -15.04
CA ARG B 226 24.92 31.07 -15.58
C ARG B 226 25.67 32.38 -15.28
N GLN B 227 25.06 33.26 -14.47
CA GLN B 227 25.69 34.52 -14.06
C GLN B 227 26.32 34.43 -12.66
N ASP B 228 26.37 33.23 -12.10
CA ASP B 228 26.86 32.99 -10.74
C ASP B 228 26.08 33.82 -9.71
N PRO B 229 24.77 33.55 -9.57
CA PRO B 229 23.96 34.29 -8.61
C PRO B 229 23.98 33.64 -7.22
N ASP B 230 23.71 34.44 -6.19
CA ASP B 230 23.54 33.94 -4.83
C ASP B 230 22.05 33.81 -4.52
N VAL B 231 21.27 34.81 -4.93
CA VAL B 231 19.81 34.78 -4.78
C VAL B 231 19.16 35.07 -6.14
N VAL B 232 18.02 34.43 -6.39
CA VAL B 232 17.28 34.62 -7.64
C VAL B 232 15.80 34.87 -7.32
N MET B 233 15.18 35.80 -8.05
CA MET B 233 13.75 36.08 -7.90
C MET B 233 13.04 35.93 -9.24
N VAL B 234 12.21 34.90 -9.35
CA VAL B 234 11.42 34.65 -10.55
C VAL B 234 10.05 35.30 -10.35
N GLY B 235 9.58 36.02 -11.37
CA GLY B 235 8.28 36.69 -11.32
C GLY B 235 7.20 35.76 -10.79
N GLU B 236 6.99 34.64 -11.49
CA GLU B 236 6.12 33.58 -11.01
C GLU B 236 6.38 32.28 -11.79
N ILE B 237 6.17 31.15 -11.12
CA ILE B 237 6.38 29.83 -11.73
C ILE B 237 5.05 29.26 -12.23
N ARG B 238 4.69 29.64 -13.45
CA ARG B 238 3.38 29.31 -14.02
C ARG B 238 3.28 27.87 -14.50
N ASP B 239 4.39 27.34 -15.04
CA ASP B 239 4.41 26.00 -15.66
C ASP B 239 5.44 25.08 -14.99
N LEU B 240 5.45 23.83 -15.43
CA LEU B 240 6.35 22.81 -14.88
C LEU B 240 7.83 23.09 -15.20
N GLU B 241 8.10 23.46 -16.45
CA GLU B 241 9.47 23.71 -16.92
C GLU B 241 10.19 24.77 -16.08
N THR B 242 9.48 25.85 -15.76
CA THR B 242 10.04 26.93 -14.95
C THR B 242 10.26 26.48 -13.50
N ALA B 243 9.34 25.66 -12.99
CA ALA B 243 9.44 25.13 -11.63
C ALA B 243 10.59 24.11 -11.51
N GLN B 244 10.74 23.27 -12.52
CA GLN B 244 11.84 22.29 -12.56
C GLN B 244 13.21 22.96 -12.43
N ILE B 245 13.38 24.10 -13.11
CA ILE B 245 14.65 24.85 -13.06
C ILE B 245 14.81 25.52 -11.69
N ALA B 246 13.72 26.03 -11.13
CA ALA B 246 13.73 26.66 -9.82
C ALA B 246 14.04 25.67 -8.70
N VAL B 247 13.53 24.45 -8.85
CA VAL B 247 13.81 23.37 -7.88
C VAL B 247 15.27 22.93 -7.98
N GLN B 248 15.79 22.81 -9.20
CA GLN B 248 17.20 22.51 -9.40
C GLN B 248 18.08 23.66 -8.89
N ALA B 249 17.63 24.89 -9.12
CA ALA B 249 18.36 26.07 -8.65
C ALA B 249 18.48 26.07 -7.12
N SER B 250 17.39 25.75 -6.43
CA SER B 250 17.37 25.72 -4.97
C SER B 250 18.28 24.63 -4.40
N LEU B 251 18.29 23.46 -5.04
CA LEU B 251 19.16 22.36 -4.62
C LEU B 251 20.64 22.65 -4.91
N THR B 252 20.91 23.43 -5.95
CA THR B 252 22.28 23.72 -6.38
C THR B 252 22.83 25.03 -5.79
N GLY B 253 22.59 25.26 -4.51
CA GLY B 253 23.23 26.35 -3.78
C GLY B 253 22.69 27.76 -3.97
N HIS B 254 21.54 27.90 -4.63
CA HIS B 254 20.92 29.20 -4.84
C HIS B 254 19.66 29.36 -4.00
N LEU B 255 19.42 30.56 -3.48
CA LEU B 255 18.16 30.88 -2.82
C LEU B 255 17.20 31.40 -3.88
N VAL B 256 16.07 30.72 -4.05
CA VAL B 256 15.09 31.08 -5.08
C VAL B 256 13.87 31.74 -4.43
N MET B 257 13.30 32.71 -5.15
CA MET B 257 12.09 33.41 -4.70
C MET B 257 11.11 33.52 -5.86
N SER B 258 9.82 33.27 -5.58
CA SER B 258 8.79 33.30 -6.62
C SER B 258 7.40 33.45 -6.01
N THR B 259 6.37 33.37 -6.86
CA THR B 259 4.98 33.47 -6.42
C THR B 259 4.10 32.44 -7.12
N LEU B 260 2.95 32.15 -6.51
CA LEU B 260 1.94 31.26 -7.09
C LEU B 260 0.55 31.75 -6.71
N HIS B 261 -0.36 31.75 -7.67
CA HIS B 261 -1.73 32.19 -7.43
C HIS B 261 -2.55 31.07 -6.76
N THR B 262 -2.33 30.90 -5.46
CA THR B 262 -3.06 29.91 -4.67
C THR B 262 -3.68 30.60 -3.44
N ASN B 263 -4.85 30.10 -3.03
CA ASN B 263 -5.65 30.77 -2.00
C ASN B 263 -5.14 30.55 -0.57
N THR B 264 -4.32 29.52 -0.37
CA THR B 264 -3.78 29.20 0.95
C THR B 264 -2.28 28.93 0.89
N ALA B 265 -1.64 28.90 2.05
CA ALA B 265 -0.22 28.58 2.16
C ALA B 265 0.05 27.12 1.80
N VAL B 266 -0.93 26.25 2.10
CA VAL B 266 -0.87 24.84 1.71
C VAL B 266 -1.13 24.72 0.20
N GLY B 267 -1.90 25.67 -0.33
CA GLY B 267 -2.17 25.77 -1.76
C GLY B 267 -0.93 25.90 -2.64
N ALA B 268 0.14 26.47 -2.10
CA ALA B 268 1.41 26.60 -2.82
C ALA B 268 2.12 25.25 -2.93
N VAL B 269 2.23 24.54 -1.82
CA VAL B 269 2.80 23.18 -1.80
C VAL B 269 1.95 22.28 -2.69
N THR B 270 0.63 22.40 -2.51
CA THR B 270 -0.36 21.81 -3.40
C THR B 270 0.00 22.04 -4.87
N ARG B 271 0.12 23.31 -5.25
CA ARG B 271 0.29 23.70 -6.65
C ARG B 271 1.55 23.13 -7.30
N LEU B 272 2.63 22.99 -6.53
CA LEU B 272 3.86 22.38 -7.02
C LEU B 272 3.67 20.89 -7.29
N ARG B 273 2.86 20.23 -6.47
CA ARG B 273 2.54 18.81 -6.63
C ARG B 273 1.66 18.60 -7.87
N ASP B 274 0.86 19.62 -8.22
CA ASP B 274 -0.07 19.55 -9.35
C ASP B 274 0.65 19.62 -10.69
N MET B 275 1.55 20.59 -10.83
CA MET B 275 2.30 20.80 -12.07
C MET B 275 3.12 19.57 -12.48
N GLY B 276 3.62 18.84 -11.49
CA GLY B 276 4.39 17.62 -11.74
C GLY B 276 5.77 17.59 -11.10
N ILE B 277 5.95 18.32 -10.00
CA ILE B 277 7.19 18.26 -9.22
C ILE B 277 7.05 17.07 -8.29
N GLU B 278 8.02 16.15 -8.34
CA GLU B 278 8.01 14.96 -7.49
C GLU B 278 7.81 15.36 -6.03
N PRO B 279 6.85 14.72 -5.33
CA PRO B 279 6.50 15.08 -3.95
C PRO B 279 7.72 15.32 -3.06
N PHE B 280 8.76 14.51 -3.23
CA PHE B 280 9.99 14.69 -2.48
C PHE B 280 10.59 16.08 -2.69
N LEU B 281 10.85 16.42 -3.95
CA LEU B 281 11.62 17.61 -4.31
C LEU B 281 11.14 18.88 -3.62
N ILE B 282 9.85 18.92 -3.29
CA ILE B 282 9.26 20.04 -2.56
C ILE B 282 9.74 20.08 -1.12
N SER B 283 9.81 18.91 -0.47
CA SER B 283 10.24 18.82 0.93
C SER B 283 11.70 19.26 1.13
N SER B 284 12.57 18.87 0.20
CA SER B 284 14.00 19.18 0.29
C SER B 284 14.30 20.67 0.05
N SER B 285 13.64 21.25 -0.95
CA SER B 285 13.93 22.61 -1.40
C SER B 285 13.15 23.68 -0.65
N LEU B 286 11.86 23.46 -0.45
CA LEU B 286 10.96 24.48 0.10
C LEU B 286 11.32 24.89 1.53
N LEU B 287 11.56 26.19 1.72
CA LEU B 287 11.82 26.75 3.04
C LEU B 287 10.50 27.18 3.72
N GLY B 288 9.64 27.84 2.95
CA GLY B 288 8.36 28.29 3.47
C GLY B 288 7.46 28.96 2.46
N VAL B 289 6.21 29.21 2.86
CA VAL B 289 5.22 29.87 2.02
C VAL B 289 4.61 31.05 2.79
N LEU B 290 4.32 32.13 2.07
CA LEU B 290 3.72 33.33 2.67
C LEU B 290 2.38 33.66 1.99
N ALA B 291 1.30 33.17 2.58
CA ALA B 291 -0.05 33.50 2.11
C ALA B 291 -0.40 34.91 2.56
N GLN B 292 -0.63 35.80 1.59
CA GLN B 292 -0.79 37.23 1.87
C GLN B 292 -2.07 37.81 1.27
N ARG B 293 -2.74 38.66 2.05
CA ARG B 293 -3.90 39.45 1.60
C ARG B 293 -3.71 40.90 2.02
N LEU B 294 -4.34 41.81 1.29
CA LEU B 294 -4.40 43.22 1.67
C LEU B 294 -5.77 43.56 2.24
N VAL B 295 -5.78 44.43 3.25
CA VAL B 295 -7.04 44.89 3.87
C VAL B 295 -7.02 46.41 3.98
N ARG B 296 -8.13 47.04 3.60
CA ARG B 296 -8.27 48.49 3.68
C ARG B 296 -8.23 48.98 5.13
N THR B 297 -7.48 50.06 5.35
CA THR B 297 -7.29 50.62 6.69
C THR B 297 -8.38 51.64 7.02
N LEU B 298 -9.07 51.42 8.14
CA LEU B 298 -10.06 52.38 8.64
C LEU B 298 -9.41 53.73 8.88
N CYS B 299 -10.03 54.79 8.35
CA CYS B 299 -9.53 56.15 8.54
C CYS B 299 -9.64 56.52 10.01
N PRO B 300 -8.53 56.99 10.62
CA PRO B 300 -8.54 57.24 12.06
C PRO B 300 -9.38 58.44 12.48
N ASP B 301 -9.64 59.35 11.55
CA ASP B 301 -10.45 60.53 11.82
C ASP B 301 -11.93 60.19 11.97
N CYS B 302 -12.42 59.24 11.16
CA CYS B 302 -13.83 58.85 11.26
C CYS B 302 -14.10 57.35 11.14
N LYS B 303 -13.99 56.68 12.30
CA LYS B 303 -14.35 55.28 12.50
C LYS B 303 -15.24 55.19 13.74
N GLU B 304 -16.23 54.30 13.73
CA GLU B 304 -17.23 54.22 14.81
C GLU B 304 -16.93 53.05 15.76
N PRO B 305 -16.74 53.34 17.06
CA PRO B 305 -16.58 52.24 18.03
C PRO B 305 -17.89 51.50 18.31
N TYR B 306 -17.82 50.18 18.38
CA TYR B 306 -18.99 49.36 18.72
C TYR B 306 -18.60 48.05 19.42
N GLU B 307 -19.40 47.64 20.40
CA GLU B 307 -19.20 46.35 21.08
C GLU B 307 -19.68 45.22 20.19
N ALA B 308 -18.85 44.17 20.06
CA ALA B 308 -19.16 43.04 19.19
C ALA B 308 -20.27 42.17 19.78
N ASP B 309 -21.03 41.52 18.89
CA ASP B 309 -22.09 40.60 19.30
C ASP B 309 -21.53 39.20 19.56
N LYS B 310 -22.39 38.26 19.93
CA LYS B 310 -21.96 36.90 20.27
C LYS B 310 -21.28 36.17 19.11
N GLU B 311 -21.88 36.23 17.92
CA GLU B 311 -21.32 35.57 16.74
C GLU B 311 -19.99 36.21 16.33
N GLN B 312 -19.87 37.51 16.56
CA GLN B 312 -18.63 38.24 16.31
C GLN B 312 -17.57 37.93 17.38
N ARG B 313 -17.99 37.89 18.64
CA ARG B 313 -17.09 37.55 19.76
C ARG B 313 -16.57 36.11 19.67
N LYS B 314 -17.34 35.22 19.04
CA LYS B 314 -16.94 33.82 18.84
C LYS B 314 -15.79 33.67 17.84
N LEU B 315 -15.63 34.65 16.94
CA LEU B 315 -14.53 34.64 15.97
C LEU B 315 -13.18 34.84 16.66
N PHE B 316 -13.14 35.76 17.62
CA PHE B 316 -11.90 36.09 18.34
C PHE B 316 -11.61 35.04 19.40
N GLU B 322 -15.31 42.98 30.63
CA GLU B 322 -14.64 42.64 29.37
C GLU B 322 -15.35 43.25 28.17
N PRO B 323 -15.21 44.58 27.98
CA PRO B 323 -15.83 45.27 26.86
C PRO B 323 -14.95 45.26 25.61
N LEU B 324 -15.23 44.32 24.70
CA LEU B 324 -14.46 44.18 23.46
C LEU B 324 -15.04 45.08 22.36
N ILE B 325 -14.41 46.22 22.15
CA ILE B 325 -14.86 47.20 21.16
C ILE B 325 -14.11 47.03 19.84
N LEU B 326 -14.87 46.84 18.76
CA LEU B 326 -14.33 46.85 17.40
C LEU B 326 -14.68 48.18 16.75
N TYR B 327 -14.31 48.36 15.47
CA TYR B 327 -14.56 49.62 14.77
C TYR B 327 -15.23 49.42 13.41
N ARG B 328 -16.10 50.37 13.04
CA ARG B 328 -16.93 50.28 11.84
C ARG B 328 -16.48 51.29 10.77
N ALA B 329 -16.94 51.07 9.54
CA ALA B 329 -16.54 51.88 8.37
C ALA B 329 -16.93 53.36 8.44
N THR B 330 -18.23 53.65 8.37
CA THR B 330 -18.77 55.01 8.29
C THR B 330 -18.37 55.70 6.97
N GLY B 331 -18.27 57.03 6.96
CA GLY B 331 -17.95 57.78 5.75
C GLY B 331 -18.01 59.29 5.96
N CYS B 332 -17.09 60.03 5.33
CA CYS B 332 -16.83 61.44 5.70
C CYS B 332 -15.86 62.19 4.76
N PRO B 333 -15.52 63.47 5.04
CA PRO B 333 -14.86 64.25 3.97
C PRO B 333 -13.40 63.87 3.65
N LYS B 334 -12.64 63.43 4.65
CA LYS B 334 -11.32 62.83 4.42
C LYS B 334 -11.57 61.37 4.09
N CYS B 335 -12.47 60.77 4.86
CA CYS B 335 -13.04 59.45 4.60
C CYS B 335 -13.54 59.34 3.14
N ASN B 336 -13.97 60.48 2.58
CA ASN B 336 -14.26 60.71 1.15
C ASN B 336 -14.63 59.54 0.22
N HIS B 337 -15.86 59.03 0.33
CA HIS B 337 -16.74 59.20 1.48
C HIS B 337 -16.99 57.78 2.00
N LYS B 338 -15.99 56.92 1.79
CA LYS B 338 -16.02 55.52 2.20
C LYS B 338 -15.45 55.43 3.61
N GLY B 339 -15.42 54.24 4.18
CA GLY B 339 -14.91 54.04 5.53
C GLY B 339 -13.40 53.86 5.65
N TYR B 340 -12.68 53.96 4.54
CA TYR B 340 -11.25 53.64 4.52
C TYR B 340 -10.43 54.61 3.67
N ARG B 341 -9.15 54.73 4.01
CA ARG B 341 -8.15 55.36 3.16
C ARG B 341 -6.80 54.67 3.37
N GLY B 342 -6.25 54.10 2.30
CA GLY B 342 -4.99 53.37 2.36
C GLY B 342 -5.21 51.88 2.59
N ARG B 343 -4.11 51.15 2.83
CA ARG B 343 -4.15 49.70 2.96
C ARG B 343 -3.05 49.17 3.88
N THR B 344 -3.18 47.89 4.25
CA THR B 344 -2.14 47.17 4.98
C THR B 344 -2.24 45.67 4.72
N GLY B 345 -1.11 44.98 4.84
CA GLY B 345 -1.04 43.55 4.54
C GLY B 345 -1.29 42.66 5.75
N ILE B 346 -2.01 41.56 5.52
CA ILE B 346 -2.19 40.51 6.54
C ILE B 346 -1.57 39.21 6.01
N HIS B 347 -0.92 38.46 6.90
CA HIS B 347 -0.03 37.37 6.47
C HIS B 347 -0.24 36.06 7.21
N GLU B 348 0.34 35.00 6.64
CA GLU B 348 0.35 33.66 7.23
C GLU B 348 1.59 32.94 6.73
N LEU B 349 2.66 32.98 7.54
CA LEU B 349 3.95 32.45 7.12
C LEU B 349 4.12 30.98 7.49
N LEU B 350 3.92 30.11 6.50
CA LEU B 350 4.17 28.68 6.64
C LEU B 350 5.68 28.46 6.60
N LEU B 351 6.23 27.85 7.65
CA LEU B 351 7.67 27.62 7.75
C LEU B 351 7.97 26.12 7.77
N VAL B 352 8.60 25.62 6.71
CA VAL B 352 8.84 24.19 6.55
C VAL B 352 9.92 23.70 7.52
N ASP B 353 9.49 22.94 8.52
CA ASP B 353 10.39 22.36 9.52
C ASP B 353 10.49 20.84 9.32
N ASP B 354 11.11 20.14 10.26
CA ASP B 354 11.31 18.70 10.16
C ASP B 354 10.01 17.91 10.04
N ALA B 355 8.98 18.34 10.76
CA ALA B 355 7.67 17.68 10.72
C ALA B 355 6.98 17.86 9.37
N LEU B 356 7.05 19.07 8.83
CA LEU B 356 6.44 19.38 7.52
C LEU B 356 7.21 18.74 6.35
N GLN B 357 8.50 18.49 6.54
CA GLN B 357 9.30 17.79 5.52
C GLN B 357 8.85 16.35 5.31
N GLU B 358 8.29 15.73 6.35
CA GLU B 358 7.77 14.36 6.28
C GLU B 358 6.42 14.36 5.56
N LEU B 359 5.54 15.27 5.98
CA LEU B 359 4.17 15.35 5.46
C LEU B 359 4.13 15.62 3.95
N ILE B 360 5.12 16.36 3.45
CA ILE B 360 5.27 16.61 2.02
C ILE B 360 5.81 15.35 1.31
N HIS B 361 6.74 14.65 1.96
CA HIS B 361 7.37 13.46 1.38
C HIS B 361 6.37 12.30 1.24
N SER B 362 5.74 11.94 2.36
CA SER B 362 4.84 10.78 2.42
C SER B 362 3.43 11.07 1.89
N GLU B 363 3.17 12.32 1.50
CA GLU B 363 1.85 12.74 1.00
C GLU B 363 0.75 12.46 2.03
N ALA B 364 0.77 13.22 3.12
CA ALA B 364 -0.27 13.14 4.15
C ALA B 364 -1.56 13.74 3.60
N GLY B 365 -1.46 14.95 3.06
CA GLY B 365 -2.57 15.61 2.38
C GLY B 365 -2.88 16.98 2.94
N GLU B 366 -3.64 17.77 2.18
CA GLU B 366 -4.01 19.13 2.59
C GLU B 366 -4.56 19.16 4.02
N GLN B 367 -5.52 18.30 4.30
CA GLN B 367 -6.20 18.28 5.60
C GLN B 367 -5.24 17.94 6.75
N ALA B 368 -4.57 16.78 6.62
CA ALA B 368 -3.59 16.36 7.62
C ALA B 368 -2.51 17.42 7.79
N MET B 369 -2.04 17.97 6.68
CA MET B 369 -1.04 19.02 6.68
C MET B 369 -1.58 20.34 7.26
N GLU B 370 -2.86 20.64 6.99
CA GLU B 370 -3.51 21.82 7.57
C GLU B 370 -3.66 21.70 9.10
N LYS B 371 -3.83 20.48 9.58
CA LYS B 371 -3.98 20.23 11.02
C LYS B 371 -2.68 20.49 11.78
N HIS B 372 -1.55 20.06 11.21
CA HIS B 372 -0.24 20.30 11.80
C HIS B 372 0.18 21.77 11.66
N ILE B 373 -0.27 22.41 10.60
CA ILE B 373 0.04 23.83 10.34
C ILE B 373 -0.64 24.75 11.36
N ARG B 374 -1.88 24.43 11.72
CA ARG B 374 -2.63 25.22 12.72
C ARG B 374 -2.07 25.08 14.14
N ALA B 375 -1.35 23.99 14.39
CA ALA B 375 -0.71 23.76 15.69
C ALA B 375 0.45 24.73 15.92
N THR B 376 1.19 25.05 14.85
CA THR B 376 2.36 25.90 14.94
C THR B 376 2.08 27.34 14.48
N THR B 377 1.82 27.51 13.19
CA THR B 377 1.68 28.84 12.60
C THR B 377 0.26 29.40 12.77
N PRO B 378 0.15 30.70 13.14
CA PRO B 378 -1.15 31.39 13.12
C PRO B 378 -1.72 31.51 11.70
N SER B 379 -3.04 31.58 11.61
CA SER B 379 -3.73 31.61 10.31
C SER B 379 -3.68 32.99 9.64
N ILE B 380 -4.30 33.10 8.47
CA ILE B 380 -4.41 34.39 7.77
C ILE B 380 -5.45 35.25 8.50
N ARG B 381 -6.52 34.59 8.96
CA ARG B 381 -7.63 35.28 9.63
C ARG B 381 -7.20 35.81 11.00
N ASP B 382 -6.45 35.01 11.76
CA ASP B 382 -5.97 35.40 13.08
C ASP B 382 -5.08 36.65 13.04
N ASP B 383 -4.24 36.75 12.01
CA ASP B 383 -3.40 37.93 11.82
C ASP B 383 -4.26 39.16 11.50
N GLY B 384 -5.34 38.94 10.76
CA GLY B 384 -6.31 40.00 10.46
C GLY B 384 -7.10 40.43 11.67
N LEU B 385 -7.54 39.46 12.48
CA LEU B 385 -8.32 39.75 13.68
C LEU B 385 -7.52 40.52 14.73
N ASP B 386 -6.21 40.32 14.76
CA ASP B 386 -5.34 41.09 15.65
C ASP B 386 -5.31 42.57 15.27
N LYS B 387 -5.36 42.85 13.97
CA LYS B 387 -5.42 44.23 13.48
C LYS B 387 -6.79 44.87 13.72
N VAL B 388 -7.84 44.05 13.80
CA VAL B 388 -9.17 44.53 14.14
C VAL B 388 -9.22 44.94 15.62
N ARG B 389 -8.56 44.16 16.47
CA ARG B 389 -8.42 44.50 17.89
C ARG B 389 -7.61 45.79 18.08
N GLN B 390 -6.54 45.92 17.31
CA GLN B 390 -5.69 47.12 17.34
C GLN B 390 -6.42 48.36 16.82
N GLY B 391 -7.36 48.17 15.91
CA GLY B 391 -8.15 49.26 15.35
C GLY B 391 -7.57 49.81 14.06
N ILE B 392 -7.13 48.91 13.18
CA ILE B 392 -6.57 49.28 11.88
C ILE B 392 -7.61 49.05 10.79
N THR B 393 -8.14 47.83 10.74
CA THR B 393 -9.15 47.46 9.73
C THR B 393 -10.42 46.93 10.39
N SER B 394 -11.50 46.88 9.62
CA SER B 394 -12.79 46.41 10.13
C SER B 394 -12.89 44.89 10.05
N LEU B 395 -13.87 44.32 10.73
CA LEU B 395 -14.15 42.89 10.68
C LEU B 395 -14.78 42.50 9.34
N GLU B 396 -15.45 43.46 8.68
CA GLU B 396 -16.02 43.26 7.37
C GLU B 396 -14.93 43.05 6.30
N GLU B 397 -13.79 43.72 6.49
CA GLU B 397 -12.69 43.70 5.53
C GLU B 397 -11.86 42.41 5.64
N VAL B 398 -11.68 41.93 6.86
CA VAL B 398 -10.92 40.69 7.09
C VAL B 398 -11.67 39.48 6.53
N MET B 399 -13.00 39.47 6.70
CA MET B 399 -13.83 38.34 6.28
C MET B 399 -13.98 38.21 4.76
N ARG B 400 -14.01 39.33 4.04
CA ARG B 400 -14.21 39.31 2.59
C ARG B 400 -12.99 38.74 1.85
N VAL B 401 -11.80 39.12 2.28
CA VAL B 401 -10.56 38.63 1.68
C VAL B 401 -10.20 37.23 2.18
N THR B 402 -10.76 36.86 3.34
CA THR B 402 -10.61 35.50 3.88
C THR B 402 -11.42 34.52 3.04
N ALA B 413 -18.64 18.14 24.14
CA ALA B 413 -18.07 17.71 25.40
C ALA B 413 -18.44 18.68 26.52
N VAL B 414 -18.86 18.15 27.66
CA VAL B 414 -19.29 18.98 28.80
C VAL B 414 -18.12 19.69 29.47
N ASP B 415 -18.31 20.96 29.79
CA ASP B 415 -17.30 21.75 30.51
C ASP B 415 -17.49 21.54 32.00
N MET B 416 -16.39 21.31 32.72
CA MET B 416 -16.43 20.96 34.14
C MET B 416 -15.44 21.81 34.95
N PHE B 417 -15.95 22.46 35.99
CA PHE B 417 -15.14 23.31 36.86
C PHE B 417 -15.41 22.98 38.33
N ILE B 418 -14.46 23.33 39.19
CA ILE B 418 -14.62 23.15 40.64
C ILE B 418 -13.95 24.29 41.41
N LYS B 419 -14.65 24.81 42.42
CA LYS B 419 -14.15 25.92 43.25
C LYS B 419 -14.07 25.46 44.70
N ILE B 420 -12.85 25.24 45.19
CA ILE B 420 -12.62 24.76 46.55
C ILE B 420 -12.26 25.92 47.48
N GLY B 421 -13.25 26.40 48.23
CA GLY B 421 -13.06 27.50 49.17
C GLY B 421 -12.76 28.81 48.45
N ASP B 422 -11.60 29.40 48.76
CA ASP B 422 -11.13 30.60 48.08
C ASP B 422 -9.78 30.35 47.40
N VAL B 423 -9.53 29.09 47.04
CA VAL B 423 -8.30 28.71 46.35
C VAL B 423 -8.49 28.93 44.85
N LYS B 424 -7.61 29.74 44.26
CA LYS B 424 -7.71 30.11 42.85
C LYS B 424 -6.94 29.13 41.97
N GLY B 425 -7.54 28.74 40.85
CA GLY B 425 -6.91 27.87 39.86
C GLY B 425 -6.42 28.65 38.66
N GLU B 426 -6.53 28.05 37.47
CA GLU B 426 -6.13 28.70 36.22
C GLU B 426 -7.12 28.41 35.10
N SER B 427 -8.40 28.70 35.36
CA SER B 427 -9.44 28.53 34.35
C SER B 427 -9.56 29.79 33.50
N LYS B 428 -9.61 29.62 32.18
CA LYS B 428 -9.78 30.73 31.25
C LYS B 428 -11.25 31.00 30.93
N ASP B 429 -12.16 30.30 31.61
CA ASP B 429 -13.59 30.46 31.38
C ASP B 429 -14.06 31.84 31.81
N LYS B 430 -15.05 32.37 31.09
CA LYS B 430 -15.56 33.72 31.33
C LYS B 430 -16.34 33.83 32.64
N THR B 431 -17.23 32.87 32.88
CA THR B 431 -18.02 32.84 34.11
C THR B 431 -17.22 32.24 35.26
N HIS B 432 -16.66 31.04 35.04
CA HIS B 432 -15.87 30.35 36.05
C HIS B 432 -14.39 30.71 35.92
N ALA B 433 -14.08 31.99 36.17
CA ALA B 433 -12.72 32.49 36.07
C ALA B 433 -11.93 32.21 37.34
N GLU B 434 -10.65 31.87 37.17
CA GLU B 434 -9.74 31.54 38.29
C GLU B 434 -10.27 30.42 39.20
N GLU B 435 -10.85 29.39 38.57
CA GLU B 435 -11.23 28.17 39.26
C GLU B 435 -10.41 27.00 38.70
N ILE B 436 -10.60 25.82 39.26
CA ILE B 436 -9.86 24.63 38.83
C ILE B 436 -10.61 23.92 37.70
N ASP B 437 -9.93 23.73 36.57
CA ASP B 437 -10.50 23.01 35.43
C ASP B 437 -10.50 21.51 35.70
N VAL B 438 -11.70 20.91 35.69
CA VAL B 438 -11.86 19.49 35.93
C VAL B 438 -11.85 18.71 34.61
N LEU B 439 -10.97 17.72 34.52
CA LEU B 439 -10.87 16.87 33.34
C LEU B 439 -11.78 15.64 33.45
N ALA B 440 -11.91 15.12 34.66
CA ALA B 440 -12.79 13.98 34.93
C ALA B 440 -13.12 13.91 36.42
N TRP B 441 -14.12 13.11 36.77
CA TRP B 441 -14.51 12.92 38.17
C TRP B 441 -15.27 11.62 38.40
N SER B 442 -15.31 11.18 39.65
CA SER B 442 -16.03 9.97 40.04
C SER B 442 -16.44 10.04 41.51
N TRP B 443 -17.69 9.68 41.77
CA TRP B 443 -18.25 9.73 43.12
C TRP B 443 -19.41 8.73 43.24
N GLY B 444 -19.55 8.12 44.41
CA GLY B 444 -20.59 7.11 44.63
C GLY B 444 -21.04 6.96 46.07
N MET B 445 -21.99 6.06 46.27
CA MET B 445 -22.53 5.75 47.59
C MET B 445 -23.15 4.36 47.61
N SER B 446 -23.23 3.75 48.80
CA SER B 446 -23.75 2.39 48.94
C SER B 446 -24.60 2.24 50.20
N GLN B 447 -25.69 1.48 50.08
CA GLN B 447 -26.62 1.25 51.18
C GLN B 447 -26.53 -0.21 51.64
N SER B 448 -26.23 -0.40 52.92
CA SER B 448 -26.04 -1.73 53.49
C SER B 448 -27.35 -2.46 53.79
N GLY B 449 -28.46 -1.73 53.84
CA GLY B 449 -29.77 -2.30 54.12
C GLY B 449 -30.22 -3.29 53.05
N SER B 450 -30.98 -4.30 53.48
CA SER B 450 -31.45 -5.37 52.59
C SER B 450 -32.94 -5.61 52.74
N MET B 451 -33.58 -6.06 51.66
CA MET B 451 -35.00 -6.37 51.65
C MET B 451 -35.28 -7.87 51.83
N HIS B 452 -34.21 -8.66 51.95
CA HIS B 452 -34.34 -10.11 52.11
C HIS B 452 -34.68 -10.51 53.55
N MET B 453 -34.49 -9.58 54.50
CA MET B 453 -34.84 -9.81 55.89
C MET B 453 -36.33 -9.57 56.10
N ALA B 459 -32.52 -2.52 59.50
CA ALA B 459 -32.12 -1.55 58.50
C ALA B 459 -30.60 -1.38 58.46
N GLY B 460 -30.12 -0.69 57.43
CA GLY B 460 -28.68 -0.47 57.24
C GLY B 460 -28.30 0.99 57.36
N LYS B 461 -27.22 1.37 56.67
CA LYS B 461 -26.71 2.74 56.69
C LYS B 461 -25.99 3.08 55.39
N VAL B 462 -26.08 4.34 54.97
CA VAL B 462 -25.42 4.81 53.75
C VAL B 462 -23.93 5.03 53.99
N ASN B 463 -23.13 4.76 52.97
CA ASN B 463 -21.68 4.98 53.00
C ASN B 463 -21.25 5.85 51.82
N VAL B 464 -21.21 7.16 52.04
CA VAL B 464 -20.87 8.11 50.97
C VAL B 464 -19.37 8.14 50.74
N GLN B 465 -18.96 7.94 49.49
CA GLN B 465 -17.54 7.91 49.12
C GLN B 465 -16.99 9.32 48.96
N ASP B 466 -15.66 9.43 48.89
CA ASP B 466 -14.99 10.71 48.65
C ASP B 466 -15.04 11.06 47.17
N LEU B 467 -15.30 12.33 46.87
CA LEU B 467 -15.43 12.79 45.49
C LEU B 467 -14.05 13.00 44.86
N SER B 468 -13.69 12.10 43.95
CA SER B 468 -12.42 12.19 43.23
C SER B 468 -12.60 13.03 41.96
N PHE B 469 -11.55 13.75 41.57
CA PHE B 469 -11.56 14.51 40.32
C PHE B 469 -10.15 14.77 39.79
N THR B 470 -10.02 14.76 38.46
CA THR B 470 -8.74 14.99 37.80
C THR B 470 -8.58 16.47 37.47
N LYS B 471 -7.33 16.95 37.47
CA LYS B 471 -7.04 18.35 37.18
C LYS B 471 -5.60 18.52 36.70
N TYR B 472 -5.35 19.63 35.99
CA TYR B 472 -3.99 19.99 35.58
C TYR B 472 -3.20 20.49 36.79
N ILE B 473 -1.87 20.38 36.72
CA ILE B 473 -1.00 20.92 37.75
C ILE B 473 -0.96 22.44 37.59
N ASP B 474 -1.73 23.15 38.42
CA ASP B 474 -1.88 24.60 38.34
C ASP B 474 -1.45 25.27 39.64
N LYS B 475 -1.77 26.56 39.79
CA LYS B 475 -1.36 27.33 40.97
C LYS B 475 -2.04 26.90 42.28
N SER B 476 -3.12 26.12 42.18
CA SER B 476 -3.81 25.59 43.36
C SER B 476 -3.16 24.33 43.92
N THR B 477 -2.27 23.71 43.14
CA THR B 477 -1.64 22.43 43.52
C THR B 477 -0.94 22.46 44.89
N PRO B 478 -0.14 23.51 45.15
CA PRO B 478 0.51 23.59 46.47
C PRO B 478 -0.47 23.84 47.62
N ASN B 479 -1.51 24.63 47.36
CA ASN B 479 -2.53 24.94 48.37
C ASN B 479 -3.35 23.71 48.78
N LEU B 480 -3.64 22.84 47.80
CA LEU B 480 -4.34 21.57 48.07
C LEU B 480 -3.45 20.59 48.83
N MET B 481 -2.15 20.60 48.53
CA MET B 481 -1.18 19.77 49.25
C MET B 481 -1.02 20.25 50.70
N MET B 482 -1.08 21.55 50.92
CA MET B 482 -1.01 22.13 52.25
C MET B 482 -2.26 21.78 53.07
N ALA B 483 -3.43 21.85 52.43
CA ALA B 483 -4.69 21.50 53.08
C ALA B 483 -4.76 20.01 53.43
N CYS B 484 -4.18 19.18 52.57
CA CYS B 484 -4.12 17.74 52.83
C CYS B 484 -3.14 17.41 53.96
N SER B 485 -2.02 18.12 53.99
CA SER B 485 -0.98 17.89 55.00
C SER B 485 -1.40 18.42 56.37
N SER B 486 -1.86 19.67 56.41
CA SER B 486 -2.28 20.30 57.67
C SER B 486 -3.60 19.70 58.19
N GLY B 487 -4.45 19.24 57.28
CA GLY B 487 -5.74 18.68 57.63
C GLY B 487 -6.78 19.73 57.95
N LYS B 488 -6.62 20.92 57.35
CA LYS B 488 -7.56 22.02 57.53
C LYS B 488 -8.63 21.98 56.44
N HIS B 489 -9.89 22.10 56.85
CA HIS B 489 -11.02 21.96 55.93
C HIS B 489 -11.51 23.32 55.40
N TYR B 490 -12.05 23.31 54.18
CA TYR B 490 -12.63 24.51 53.59
C TYR B 490 -14.12 24.60 53.94
N PRO B 491 -14.68 25.82 54.00
CA PRO B 491 -16.12 25.96 54.27
C PRO B 491 -17.03 25.35 53.20
N GLN B 492 -16.65 25.49 51.94
CA GLN B 492 -17.48 25.00 50.83
C GLN B 492 -16.65 24.65 49.58
N ALA B 493 -17.12 23.65 48.84
CA ALA B 493 -16.53 23.27 47.56
C ALA B 493 -17.63 22.89 46.57
N LYS B 494 -17.66 23.55 45.41
CA LYS B 494 -18.73 23.39 44.43
C LYS B 494 -18.23 22.89 43.09
N LEU B 495 -18.58 21.64 42.75
CA LEU B 495 -18.29 21.07 41.43
C LEU B 495 -19.43 21.45 40.49
N THR B 496 -19.08 22.06 39.35
CA THR B 496 -20.06 22.53 38.37
C THR B 496 -19.87 21.87 37.02
N ILE B 497 -20.89 21.16 36.55
CA ILE B 497 -20.90 20.55 35.23
C ILE B 497 -21.81 21.38 34.31
N ARG B 498 -21.41 21.51 33.05
CA ARG B 498 -22.12 22.37 32.09
C ARG B 498 -22.09 21.77 30.69
N LYS B 499 -23.18 21.96 29.95
CA LYS B 499 -23.30 21.41 28.59
C LYS B 499 -22.34 22.09 27.62
N ALA B 500 -22.11 21.42 26.48
CA ALA B 500 -21.18 21.91 25.46
C ALA B 500 -21.78 23.10 24.71
N GLY B 501 -20.99 24.15 24.53
CA GLY B 501 -21.42 25.35 23.83
C GLY B 501 -20.67 26.59 24.28
N GLY B 502 -20.70 26.85 25.59
CA GLY B 502 -20.02 28.02 26.16
C GLY B 502 -20.51 28.38 27.55
N GLU B 503 -20.31 29.64 27.92
CA GLU B 503 -20.70 30.14 29.25
C GLU B 503 -22.21 30.30 29.42
N ASN B 504 -22.92 30.56 28.32
CA ASN B 504 -24.36 30.78 28.35
C ASN B 504 -25.20 29.50 28.39
N GLN B 505 -24.53 28.34 28.29
CA GLN B 505 -25.23 27.05 28.36
C GLN B 505 -25.67 26.72 29.78
N VAL B 506 -26.54 25.74 29.91
CA VAL B 506 -27.14 25.38 31.19
C VAL B 506 -26.19 24.54 32.04
N GLU B 507 -25.95 24.99 33.27
CA GLU B 507 -25.18 24.22 34.25
C GLU B 507 -26.08 23.12 34.79
N TYR B 508 -26.11 21.98 34.10
CA TYR B 508 -27.12 20.94 34.33
C TYR B 508 -26.85 20.04 35.55
N LEU B 509 -25.67 20.17 36.17
CA LEU B 509 -25.36 19.38 37.37
C LEU B 509 -24.35 20.12 38.25
N ILE B 510 -24.80 20.54 39.43
CA ILE B 510 -23.96 21.26 40.39
C ILE B 510 -23.93 20.51 41.72
N ILE B 511 -22.76 19.99 42.08
CA ILE B 511 -22.58 19.25 43.34
C ILE B 511 -21.85 20.13 44.36
N THR B 512 -22.60 20.64 45.33
CA THR B 512 -22.04 21.50 46.38
C THR B 512 -21.65 20.65 47.59
N LEU B 513 -20.45 20.91 48.12
CA LEU B 513 -19.93 20.19 49.29
C LEU B 513 -19.60 21.20 50.39
N LYS B 514 -19.87 20.83 51.65
CA LYS B 514 -19.62 21.70 52.80
C LYS B 514 -18.69 21.02 53.80
N GLU B 515 -17.86 21.82 54.46
CA GLU B 515 -16.85 21.33 55.41
C GLU B 515 -15.96 20.28 54.72
N VAL B 516 -15.17 20.75 53.76
CA VAL B 516 -14.45 19.85 52.84
C VAL B 516 -12.96 19.74 53.16
N LEU B 517 -12.50 18.52 53.39
CA LEU B 517 -11.07 18.22 53.51
C LEU B 517 -10.52 17.78 52.16
N VAL B 518 -9.20 17.82 52.03
CA VAL B 518 -8.50 17.25 50.88
C VAL B 518 -7.93 15.90 51.32
N SER B 519 -8.67 14.83 51.05
CA SER B 519 -8.33 13.50 51.57
C SER B 519 -7.07 12.90 50.94
N SER B 520 -6.81 13.22 49.68
CA SER B 520 -5.56 12.77 49.02
C SER B 520 -5.24 13.60 47.77
N VAL B 521 -3.96 13.62 47.43
CA VAL B 521 -3.47 14.28 46.22
C VAL B 521 -2.47 13.37 45.52
N SER B 522 -2.77 12.96 44.29
CA SER B 522 -1.91 12.08 43.51
C SER B 522 -1.46 12.77 42.23
N THR B 523 -0.19 13.15 42.17
CA THR B 523 0.36 13.88 41.03
C THR B 523 1.50 13.10 40.36
N GLY B 524 1.97 13.62 39.22
CA GLY B 524 3.05 12.98 38.47
C GLY B 524 3.17 13.53 37.07
N GLY B 525 3.70 12.72 36.16
CA GLY B 525 3.86 13.13 34.76
C GLY B 525 4.78 12.22 33.97
N SER B 526 4.70 12.33 32.64
CA SER B 526 5.54 11.55 31.74
C SER B 526 6.34 12.49 30.82
N GLY B 527 7.25 11.90 30.04
CA GLY B 527 8.11 12.66 29.13
C GLY B 527 7.43 13.07 27.83
N GLY B 528 6.24 12.53 27.57
CA GLY B 528 5.49 12.86 26.35
C GLY B 528 4.37 13.88 26.55
N GLU B 529 3.94 14.05 27.80
CA GLU B 529 2.81 14.94 28.11
C GLU B 529 3.23 16.41 28.05
N ASP B 530 2.38 17.24 27.42
CA ASP B 530 2.61 18.69 27.35
C ASP B 530 2.06 19.39 28.60
N ARG B 531 0.93 18.91 29.11
CA ARG B 531 0.35 19.41 30.35
C ARG B 531 0.14 18.24 31.32
N LEU B 532 0.81 18.31 32.46
CA LEU B 532 0.75 17.25 33.46
C LEU B 532 -0.54 17.34 34.27
N THR B 533 -1.07 16.18 34.65
CA THR B 533 -2.34 16.10 35.38
C THR B 533 -2.15 15.45 36.76
N GLU B 534 -3.18 15.56 37.59
CA GLU B 534 -3.15 14.99 38.94
C GLU B 534 -4.56 14.74 39.46
N ASN B 535 -4.70 13.71 40.29
CA ASN B 535 -5.99 13.34 40.90
C ASN B 535 -6.09 13.84 42.34
N VAL B 536 -7.25 14.41 42.68
CA VAL B 536 -7.50 14.93 44.02
C VAL B 536 -8.84 14.42 44.53
N THR B 537 -8.85 13.87 45.75
CA THR B 537 -10.07 13.38 46.38
C THR B 537 -10.50 14.34 47.50
N LEU B 538 -11.81 14.42 47.74
CA LEU B 538 -12.37 15.35 48.71
C LEU B 538 -13.34 14.66 49.67
N ASN B 539 -13.00 14.68 50.96
CA ASN B 539 -13.90 14.21 52.01
C ASN B 539 -14.70 15.40 52.54
N PHE B 540 -15.97 15.17 52.86
CA PHE B 540 -16.88 16.27 53.25
C PHE B 540 -17.96 15.80 54.23
N ALA B 541 -18.49 16.76 55.00
CA ALA B 541 -19.52 16.49 56.01
C ALA B 541 -20.91 16.44 55.38
N GLN B 542 -21.21 17.39 54.50
CA GLN B 542 -22.50 17.45 53.81
C GLN B 542 -22.32 17.47 52.30
N VAL B 543 -23.41 17.23 51.57
CA VAL B 543 -23.40 17.22 50.11
C VAL B 543 -24.77 17.63 49.56
N GLN B 544 -24.76 18.38 48.45
CA GLN B 544 -25.99 18.84 47.81
C GLN B 544 -25.85 18.77 46.28
N VAL B 545 -26.61 17.86 45.66
CA VAL B 545 -26.58 17.68 44.21
C VAL B 545 -27.83 18.30 43.59
N ASP B 546 -27.63 19.24 42.67
CA ASP B 546 -28.72 19.94 41.99
C ASP B 546 -28.68 19.70 40.49
N TYR B 547 -29.56 18.82 40.01
CA TYR B 547 -29.67 18.55 38.57
C TYR B 547 -30.77 19.42 37.96
N GLN B 548 -30.46 20.04 36.83
CA GLN B 548 -31.42 20.88 36.10
C GLN B 548 -31.85 20.18 34.81
N PRO B 549 -33.12 19.72 34.74
CA PRO B 549 -33.60 19.11 33.50
C PRO B 549 -33.81 20.12 32.38
N GLN B 550 -33.77 19.66 31.14
CA GLN B 550 -33.91 20.52 29.97
C GLN B 550 -34.92 19.95 28.97
N LYS B 551 -35.50 20.85 28.17
CA LYS B 551 -36.43 20.45 27.11
C LYS B 551 -35.65 20.07 25.86
N ALA B 552 -36.38 19.69 24.80
CA ALA B 552 -35.75 19.28 23.54
C ALA B 552 -34.99 20.43 22.87
N ASP B 553 -35.54 21.63 22.94
CA ASP B 553 -34.90 22.82 22.34
C ASP B 553 -33.66 23.29 23.10
N GLY B 554 -33.58 22.95 24.39
CA GLY B 554 -32.43 23.33 25.23
C GLY B 554 -32.79 24.19 26.42
N ALA B 555 -34.03 24.68 26.47
CA ALA B 555 -34.49 25.51 27.58
C ALA B 555 -34.70 24.69 28.85
N LYS B 556 -34.66 25.36 30.00
CA LYS B 556 -34.79 24.70 31.29
C LYS B 556 -36.21 24.19 31.52
N ASP B 557 -36.33 22.89 31.79
CA ASP B 557 -37.62 22.26 32.05
C ASP B 557 -37.92 22.30 33.55
N GLY B 558 -38.57 23.38 33.99
CA GLY B 558 -38.91 23.59 35.39
C GLY B 558 -37.70 23.94 36.23
N GLY B 559 -37.81 23.73 37.55
CA GLY B 559 -36.71 23.99 38.48
C GLY B 559 -35.76 22.81 38.57
N PRO B 560 -34.65 22.98 39.32
CA PRO B 560 -33.67 21.90 39.49
C PRO B 560 -34.08 20.90 40.56
N VAL B 561 -33.88 19.61 40.27
CA VAL B 561 -34.20 18.54 41.22
C VAL B 561 -33.08 18.42 42.25
N LYS B 562 -33.45 18.47 43.52
CA LYS B 562 -32.47 18.55 44.62
C LYS B 562 -32.27 17.20 45.32
N TYR B 563 -31.02 16.94 45.70
CA TYR B 563 -30.67 15.88 46.64
C TYR B 563 -29.71 16.45 47.68
N GLY B 564 -30.13 16.45 48.94
CA GLY B 564 -29.32 16.94 50.05
C GLY B 564 -29.18 15.90 51.15
N TRP B 565 -27.99 15.79 51.74
CA TRP B 565 -27.75 14.82 52.79
C TRP B 565 -26.61 15.23 53.71
N ASN B 566 -26.87 15.21 55.02
CA ASN B 566 -25.84 15.42 56.03
C ASN B 566 -25.22 14.07 56.41
N ILE B 567 -23.97 13.87 56.03
CA ILE B 567 -23.29 12.58 56.25
C ILE B 567 -22.80 12.48 57.70
N ARG B 568 -22.41 13.62 58.27
CA ARG B 568 -21.93 13.66 59.66
C ARG B 568 -23.04 13.25 60.65
N GLN B 569 -24.24 13.79 60.45
CA GLN B 569 -25.38 13.51 61.32
C GLN B 569 -26.27 12.38 60.78
N ASN B 570 -26.04 11.96 59.54
CA ASN B 570 -26.80 10.88 58.90
C ASN B 570 -28.29 11.21 58.77
N VAL B 571 -28.58 12.38 58.20
CA VAL B 571 -29.95 12.86 58.01
C VAL B 571 -30.10 13.64 56.71
N GLN B 572 -31.33 13.96 56.33
CA GLN B 572 -31.62 14.74 55.14
C GLN B 572 -31.19 16.20 55.32
N ALA B 573 -30.82 16.84 54.21
CA ALA B 573 -30.38 18.24 54.22
C ALA B 573 -30.82 18.96 52.95
N ALA C 23 -48.76 23.67 -47.36
CA ALA C 23 -49.35 22.30 -47.37
C ALA C 23 -50.06 22.01 -46.03
N PRO C 24 -50.93 20.98 -46.01
CA PRO C 24 -51.59 20.57 -44.76
C PRO C 24 -50.62 20.08 -43.68
N ILE C 25 -49.51 19.48 -44.09
CA ILE C 25 -48.52 18.94 -43.16
C ILE C 25 -47.73 20.07 -42.47
N ILE C 26 -47.58 21.19 -43.16
CA ILE C 26 -46.86 22.35 -42.60
C ILE C 26 -47.62 22.94 -41.41
N LYS C 27 -48.93 23.06 -41.55
CA LYS C 27 -49.79 23.58 -40.48
C LYS C 27 -49.87 22.64 -39.28
N LEU C 28 -49.81 21.33 -39.54
CA LEU C 28 -49.94 20.31 -38.50
C LEU C 28 -48.76 20.35 -37.52
N ILE C 29 -47.55 20.51 -38.06
CA ILE C 29 -46.34 20.59 -37.24
C ILE C 29 -46.30 21.91 -36.46
N ASN C 30 -46.72 23.00 -37.09
CA ASN C 30 -46.78 24.31 -36.44
C ASN C 30 -47.83 24.35 -35.33
N ALA C 31 -48.97 23.72 -35.56
CA ALA C 31 -50.04 23.62 -34.55
C ALA C 31 -49.65 22.68 -33.41
N MET C 32 -48.87 21.65 -33.73
CA MET C 32 -48.36 20.71 -32.73
C MET C 32 -47.36 21.41 -31.79
N LEU C 33 -46.49 22.24 -32.37
CA LEU C 33 -45.53 23.04 -31.60
C LEU C 33 -46.24 24.06 -30.72
N GLY C 34 -47.34 24.63 -31.22
CA GLY C 34 -48.18 25.53 -30.43
C GLY C 34 -48.89 24.80 -29.30
N GLU C 35 -49.29 23.55 -29.56
CA GLU C 35 -49.92 22.70 -28.55
C GLU C 35 -48.89 22.23 -27.51
N ALA C 36 -47.64 22.09 -27.92
CA ALA C 36 -46.55 21.72 -27.02
C ALA C 36 -46.24 22.84 -26.04
N ILE C 37 -46.26 24.08 -26.52
CA ILE C 37 -46.03 25.26 -25.68
C ILE C 37 -47.25 25.53 -24.79
N LYS C 38 -48.43 25.23 -25.31
CA LYS C 38 -49.68 25.35 -24.55
C LYS C 38 -49.65 24.50 -23.29
N GLU C 39 -49.41 23.21 -23.47
CA GLU C 39 -49.39 22.25 -22.35
C GLU C 39 -48.13 22.36 -21.48
N GLY C 40 -47.10 23.03 -21.99
CA GLY C 40 -45.85 23.21 -21.25
C GLY C 40 -44.94 22.00 -21.42
N ALA C 41 -44.79 21.55 -22.66
CA ALA C 41 -43.98 20.38 -22.98
C ALA C 41 -42.51 20.77 -23.15
N SER C 42 -41.62 19.90 -22.68
CA SER C 42 -40.19 20.08 -22.85
C SER C 42 -39.74 19.42 -24.15
N ASP C 43 -40.08 18.13 -24.30
CA ASP C 43 -39.72 17.35 -25.48
C ASP C 43 -40.98 16.95 -26.27
N ILE C 44 -40.80 16.76 -27.58
CA ILE C 44 -41.85 16.22 -28.44
C ILE C 44 -41.31 14.96 -29.11
N HIS C 45 -42.00 13.84 -28.90
CA HIS C 45 -41.53 12.54 -29.39
C HIS C 45 -42.39 12.01 -30.53
N ILE C 46 -41.87 12.12 -31.75
CA ILE C 46 -42.51 11.52 -32.93
C ILE C 46 -41.83 10.17 -33.17
N GLU C 47 -42.61 9.09 -33.05
CA GLU C 47 -42.08 7.73 -33.19
C GLU C 47 -42.95 6.88 -34.09
N THR C 48 -42.31 6.18 -35.03
CA THR C 48 -43.01 5.36 -36.01
C THR C 48 -42.78 3.87 -35.72
N PHE C 49 -43.88 3.13 -35.57
CA PHE C 49 -43.85 1.68 -35.39
C PHE C 49 -44.32 1.00 -36.67
N GLU C 50 -44.48 -0.33 -36.63
CA GLU C 50 -44.93 -1.08 -37.79
C GLU C 50 -46.36 -0.72 -38.19
N LYS C 51 -47.26 -0.65 -37.21
CA LYS C 51 -48.67 -0.38 -37.46
C LYS C 51 -49.10 1.05 -37.14
N THR C 52 -48.66 1.56 -35.99
CA THR C 52 -49.12 2.86 -35.48
C THR C 52 -48.03 3.93 -35.47
N LEU C 53 -48.44 5.16 -35.78
CA LEU C 53 -47.59 6.34 -35.65
C LEU C 53 -48.03 7.09 -34.40
N SER C 54 -47.10 7.33 -33.48
CA SER C 54 -47.43 7.91 -32.17
C SER C 54 -46.71 9.24 -31.94
N ILE C 55 -47.46 10.20 -31.38
CA ILE C 55 -46.91 11.48 -30.94
C ILE C 55 -47.02 11.56 -29.43
N ARG C 56 -45.94 11.96 -28.76
CA ARG C 56 -45.91 12.06 -27.31
C ARG C 56 -45.13 13.28 -26.83
N PHE C 57 -45.70 14.02 -25.86
CA PHE C 57 -44.99 15.11 -25.19
C PHE C 57 -44.55 14.65 -23.81
N ARG C 58 -43.34 15.04 -23.42
CA ARG C 58 -42.86 14.83 -22.05
C ARG C 58 -43.14 16.09 -21.24
N VAL C 59 -44.40 16.27 -20.86
CA VAL C 59 -44.83 17.45 -20.12
C VAL C 59 -44.44 17.30 -18.65
N ASP C 60 -43.43 18.08 -18.24
CA ASP C 60 -42.90 18.05 -16.88
C ASP C 60 -42.36 16.67 -16.48
N GLY C 61 -41.57 16.08 -17.37
CA GLY C 61 -40.90 14.80 -17.09
C GLY C 61 -41.76 13.55 -17.22
N VAL C 62 -43.05 13.73 -17.53
CA VAL C 62 -43.99 12.62 -17.66
C VAL C 62 -44.46 12.52 -19.11
N LEU C 63 -44.19 11.38 -19.74
CA LEU C 63 -44.62 11.14 -21.12
C LEU C 63 -46.13 11.02 -21.20
N ARG C 64 -46.69 11.46 -22.34
CA ARG C 64 -48.14 11.60 -22.49
C ARG C 64 -48.56 11.43 -23.95
N GLU C 65 -49.53 10.54 -24.18
CA GLU C 65 -50.06 10.31 -25.53
C GLU C 65 -50.99 11.46 -25.93
N VAL C 66 -50.65 12.12 -27.04
CA VAL C 66 -51.40 13.31 -27.48
C VAL C 66 -52.08 13.12 -28.85
N LEU C 67 -51.41 12.42 -29.76
CA LEU C 67 -51.95 12.18 -31.10
C LEU C 67 -51.39 10.89 -31.69
N ALA C 68 -52.22 10.18 -32.44
CA ALA C 68 -51.83 8.95 -33.11
C ALA C 68 -52.40 8.96 -34.53
N PRO C 69 -51.76 9.72 -35.43
CA PRO C 69 -52.27 9.86 -36.80
C PRO C 69 -52.08 8.60 -37.65
N SER C 70 -52.44 8.70 -38.92
CA SER C 70 -52.24 7.58 -39.86
C SER C 70 -50.76 7.27 -40.00
N ARG C 71 -50.44 5.99 -40.15
CA ARG C 71 -49.05 5.52 -40.28
C ARG C 71 -48.42 6.06 -41.57
N LYS C 72 -49.24 6.27 -42.59
CA LYS C 72 -48.79 6.79 -43.88
C LYS C 72 -48.09 8.15 -43.76
N LEU C 73 -48.50 8.95 -42.79
CA LEU C 73 -47.94 10.30 -42.60
C LEU C 73 -46.52 10.31 -42.00
N SER C 74 -46.07 9.17 -41.49
CA SER C 74 -44.77 9.04 -40.83
C SER C 74 -43.62 9.72 -41.59
N SER C 75 -43.53 9.44 -42.89
CA SER C 75 -42.47 9.99 -43.73
C SER C 75 -42.59 11.51 -43.94
N LEU C 76 -43.84 12.00 -44.00
CA LEU C 76 -44.10 13.42 -44.23
C LEU C 76 -43.79 14.28 -42.99
N LEU C 77 -44.10 13.74 -41.81
CA LEU C 77 -43.81 14.44 -40.55
C LEU C 77 -42.30 14.53 -40.30
N VAL C 78 -41.57 13.47 -40.66
CA VAL C 78 -40.12 13.45 -40.56
C VAL C 78 -39.50 14.42 -41.57
N SER C 79 -40.07 14.47 -42.77
CA SER C 79 -39.57 15.34 -43.84
C SER C 79 -39.76 16.82 -43.51
N ARG C 80 -40.91 17.17 -42.92
CA ARG C 80 -41.22 18.57 -42.59
C ARG C 80 -40.32 19.10 -41.47
N VAL C 81 -40.11 18.30 -40.44
CA VAL C 81 -39.29 18.71 -39.29
C VAL C 81 -37.81 18.80 -39.68
N LYS C 82 -37.39 18.01 -40.67
CA LYS C 82 -36.03 18.06 -41.19
C LYS C 82 -35.72 19.39 -41.90
N VAL C 83 -36.59 19.76 -42.84
CA VAL C 83 -36.39 20.98 -43.64
C VAL C 83 -36.49 22.28 -42.81
N MET C 84 -37.26 22.22 -41.71
CA MET C 84 -37.33 23.34 -40.76
C MET C 84 -36.01 23.50 -40.02
N ALA C 85 -35.34 22.38 -39.73
CA ALA C 85 -34.06 22.38 -39.02
C ALA C 85 -32.85 22.29 -39.95
N LYS C 86 -33.07 22.47 -41.25
CA LYS C 86 -31.99 22.53 -42.24
C LYS C 86 -31.19 21.22 -42.31
N LEU C 87 -31.90 20.09 -42.29
CA LEU C 87 -31.28 18.77 -42.33
C LEU C 87 -31.52 18.08 -43.67
N ASP C 88 -30.82 16.97 -43.88
CA ASP C 88 -30.91 16.21 -45.14
C ASP C 88 -32.23 15.43 -45.18
N ILE C 89 -32.94 15.54 -46.30
CA ILE C 89 -34.25 14.90 -46.47
C ILE C 89 -34.09 13.44 -46.87
N ALA C 90 -33.28 13.20 -47.89
CA ALA C 90 -33.13 11.86 -48.48
C ALA C 90 -32.31 10.89 -47.61
N GLU C 91 -31.42 11.43 -46.79
CA GLU C 91 -30.57 10.61 -45.92
C GLU C 91 -31.38 10.10 -44.72
N LYS C 92 -31.68 8.80 -44.73
CA LYS C 92 -32.46 8.16 -43.66
C LYS C 92 -31.68 7.03 -42.99
N ARG C 93 -30.35 7.08 -43.09
CA ARG C 93 -29.48 6.01 -42.59
C ARG C 93 -28.58 6.43 -41.42
N VAL C 94 -28.50 7.73 -41.14
CA VAL C 94 -27.65 8.25 -40.06
C VAL C 94 -28.39 9.25 -39.18
N PRO C 95 -27.93 9.45 -37.93
CA PRO C 95 -28.54 10.47 -37.06
C PRO C 95 -28.20 11.89 -37.50
N GLN C 96 -29.19 12.79 -37.45
CA GLN C 96 -29.00 14.19 -37.83
C GLN C 96 -29.54 15.12 -36.75
N ASP C 97 -28.72 16.08 -36.32
CA ASP C 97 -29.10 17.06 -35.31
C ASP C 97 -29.07 18.47 -35.91
N GLY C 98 -30.13 19.24 -35.65
CA GLY C 98 -30.25 20.61 -36.17
C GLY C 98 -30.88 21.58 -35.18
N ARG C 99 -31.17 22.79 -35.65
CA ARG C 99 -31.77 23.83 -34.81
C ARG C 99 -32.83 24.64 -35.56
N ILE C 100 -33.80 25.16 -34.79
CA ILE C 100 -34.83 26.06 -35.32
C ILE C 100 -35.10 27.18 -34.31
N SER C 101 -35.41 28.37 -34.82
CA SER C 101 -35.73 29.52 -33.97
C SER C 101 -37.13 30.03 -34.28
N LEU C 102 -38.07 29.79 -33.36
CA LEU C 102 -39.47 30.19 -33.53
C LEU C 102 -39.85 31.25 -32.50
N ALA C 108 -40.23 33.35 -28.44
CA ALA C 108 -38.82 33.00 -28.54
C ALA C 108 -38.58 31.57 -28.04
N VAL C 109 -38.82 30.59 -28.91
CA VAL C 109 -38.67 29.19 -28.57
C VAL C 109 -37.58 28.55 -29.45
N ASP C 110 -36.47 28.18 -28.82
CA ASP C 110 -35.36 27.49 -29.50
C ASP C 110 -35.54 25.99 -29.36
N VAL C 111 -35.54 25.28 -30.48
CA VAL C 111 -35.71 23.81 -30.47
C VAL C 111 -34.47 23.13 -31.04
N ARG C 112 -34.17 21.93 -30.52
CA ARG C 112 -33.07 21.11 -31.01
C ARG C 112 -33.59 19.73 -31.45
N VAL C 113 -33.86 19.58 -32.74
CA VAL C 113 -34.32 18.31 -33.29
C VAL C 113 -33.17 17.29 -33.30
N SER C 114 -33.52 16.01 -33.11
CA SER C 114 -32.56 14.92 -33.16
C SER C 114 -33.20 13.67 -33.76
N THR C 115 -32.91 13.42 -35.04
CA THR C 115 -33.42 12.23 -35.73
C THR C 115 -32.46 11.07 -35.56
N MET C 116 -32.97 9.85 -35.73
CA MET C 116 -32.16 8.64 -35.65
C MET C 116 -32.82 7.50 -36.43
N PRO C 117 -32.01 6.66 -37.11
CA PRO C 117 -32.57 5.52 -37.84
C PRO C 117 -33.14 4.45 -36.92
N SER C 118 -34.13 3.71 -37.43
CA SER C 118 -34.73 2.59 -36.69
C SER C 118 -35.31 1.56 -37.66
N SER C 119 -36.01 0.56 -37.13
CA SER C 119 -36.58 -0.51 -37.95
C SER C 119 -37.70 -0.04 -38.86
N HIS C 120 -38.57 0.83 -38.35
CA HIS C 120 -39.74 1.31 -39.09
C HIS C 120 -39.60 2.80 -39.41
N GLY C 121 -38.50 3.17 -40.07
CA GLY C 121 -38.23 4.56 -40.42
C GLY C 121 -37.57 5.32 -39.27
N GLU C 122 -37.39 6.62 -39.46
CA GLU C 122 -36.69 7.45 -38.48
C GLU C 122 -37.57 7.83 -37.28
N ARG C 123 -36.92 8.16 -36.17
CA ARG C 123 -37.59 8.56 -34.93
C ARG C 123 -37.12 9.96 -34.55
N VAL C 124 -38.05 10.91 -34.49
CA VAL C 124 -37.71 12.33 -34.29
C VAL C 124 -38.01 12.77 -32.85
N VAL C 125 -37.09 13.56 -32.29
CA VAL C 125 -37.28 14.17 -30.97
C VAL C 125 -36.72 15.59 -30.99
N MET C 126 -37.54 16.57 -30.60
CA MET C 126 -37.14 17.98 -30.59
C MET C 126 -37.36 18.61 -29.22
N ARG C 127 -36.26 19.05 -28.60
CA ARG C 127 -36.28 19.60 -27.25
C ARG C 127 -36.58 21.09 -27.26
N LEU C 128 -37.71 21.47 -26.66
CA LEU C 128 -38.13 22.87 -26.61
C LEU C 128 -37.44 23.61 -25.46
N LEU C 129 -36.68 24.65 -25.80
CA LEU C 129 -35.98 25.47 -24.81
C LEU C 129 -36.25 26.95 -25.06
N ASP C 130 -36.67 27.66 -24.02
CA ASP C 130 -36.97 29.09 -24.14
C ASP C 130 -35.68 29.91 -24.15
N LYS C 131 -35.69 31.01 -24.90
CA LYS C 131 -34.55 31.94 -24.95
C LYS C 131 -34.81 33.15 -24.07
N ASP C 137 -36.93 33.26 -6.80
CA ASP C 137 -36.60 32.93 -5.41
C ASP C 137 -36.31 31.44 -5.28
N LEU C 138 -35.25 31.11 -4.54
CA LEU C 138 -34.80 29.72 -4.39
C LEU C 138 -35.69 28.95 -3.42
N HIS C 139 -36.22 29.63 -2.42
CA HIS C 139 -37.17 29.04 -1.47
C HIS C 139 -38.52 28.72 -2.13
N SER C 140 -38.95 29.60 -3.03
CA SER C 140 -40.21 29.41 -3.76
C SER C 140 -40.13 28.22 -4.72
N LEU C 141 -38.94 27.97 -5.28
CA LEU C 141 -38.73 26.84 -6.18
C LEU C 141 -38.83 25.49 -5.48
N GLY C 142 -38.36 25.42 -4.23
CA GLY C 142 -38.43 24.18 -3.47
C GLY C 142 -37.52 24.06 -2.24
N MET C 143 -36.35 24.68 -2.29
CA MET C 143 -35.37 24.57 -1.20
C MET C 143 -35.95 24.97 0.15
N THR C 144 -35.58 24.21 1.19
CA THR C 144 -35.97 24.52 2.56
C THR C 144 -35.12 25.67 3.10
N ALA C 145 -35.49 26.18 4.27
CA ALA C 145 -34.78 27.28 4.90
C ALA C 145 -33.32 26.94 5.21
N HIS C 146 -33.09 25.69 5.63
CA HIS C 146 -31.75 25.23 5.95
C HIS C 146 -30.91 24.97 4.69
N ASN C 147 -31.55 24.44 3.65
CA ASN C 147 -30.88 24.21 2.37
C ASN C 147 -30.47 25.49 1.66
N HIS C 148 -31.31 26.52 1.76
CA HIS C 148 -31.00 27.82 1.15
C HIS C 148 -29.82 28.48 1.84
N ASP C 149 -29.87 28.54 3.18
CA ASP C 149 -28.79 29.14 3.98
C ASP C 149 -27.46 28.43 3.77
N ASN C 150 -27.49 27.11 3.64
CA ASN C 150 -26.29 26.33 3.34
C ASN C 150 -25.77 26.58 1.93
N PHE C 151 -26.68 26.73 0.98
CA PHE C 151 -26.32 27.03 -0.41
C PHE C 151 -25.84 28.48 -0.54
N ARG C 152 -26.51 29.39 0.18
CA ARG C 152 -26.11 30.80 0.24
C ARG C 152 -24.64 30.94 0.63
N ARG C 153 -24.28 30.36 1.77
CA ARG C 153 -22.92 30.44 2.29
C ARG C 153 -21.90 29.81 1.35
N LEU C 154 -22.30 28.78 0.62
CA LEU C 154 -21.41 28.06 -0.27
C LEU C 154 -21.11 28.88 -1.53
N ILE C 155 -22.16 29.41 -2.16
CA ILE C 155 -22.00 30.26 -3.36
C ILE C 155 -21.43 31.64 -3.05
N LYS C 156 -21.36 32.00 -1.77
CA LYS C 156 -20.75 33.28 -1.35
C LYS C 156 -19.32 33.11 -0.84
N ARG C 157 -18.74 31.93 -1.03
CA ARG C 157 -17.32 31.71 -0.72
C ARG C 157 -16.45 32.41 -1.76
N PRO C 158 -15.21 32.78 -1.40
CA PRO C 158 -14.33 33.48 -2.35
C PRO C 158 -13.87 32.62 -3.53
N HIS C 159 -13.86 31.30 -3.35
CA HIS C 159 -13.36 30.38 -4.38
C HIS C 159 -13.83 28.94 -4.15
N GLY C 160 -13.76 28.13 -5.20
CA GLY C 160 -14.15 26.72 -5.14
C GLY C 160 -15.21 26.36 -6.17
N ILE C 161 -15.38 25.06 -6.41
CA ILE C 161 -16.37 24.57 -7.36
C ILE C 161 -17.64 24.10 -6.64
N ILE C 162 -18.80 24.51 -7.17
CA ILE C 162 -20.10 24.07 -6.66
C ILE C 162 -20.89 23.49 -7.83
N LEU C 163 -21.19 22.20 -7.76
CA LEU C 163 -21.88 21.50 -8.85
C LEU C 163 -23.34 21.19 -8.51
N VAL C 164 -24.19 21.21 -9.53
CA VAL C 164 -25.60 20.85 -9.38
C VAL C 164 -25.87 19.67 -10.31
N THR C 165 -26.25 18.53 -9.74
CA THR C 165 -26.37 17.28 -10.50
C THR C 165 -27.78 16.68 -10.48
N GLY C 166 -27.98 15.68 -11.33
CA GLY C 166 -29.29 15.08 -11.56
C GLY C 166 -29.49 14.73 -13.02
N PRO C 167 -30.66 14.21 -13.39
CA PRO C 167 -30.96 13.85 -14.78
C PRO C 167 -31.47 15.05 -15.59
N THR C 168 -31.84 14.80 -16.85
CA THR C 168 -32.35 15.84 -17.73
C THR C 168 -33.74 16.29 -17.29
N GLY C 169 -33.96 17.61 -17.30
CA GLY C 169 -35.24 18.18 -16.87
C GLY C 169 -35.42 18.15 -15.36
N SER C 170 -34.34 18.39 -14.62
CA SER C 170 -34.36 18.41 -13.17
C SER C 170 -34.25 19.83 -12.60
N GLY C 171 -34.24 20.83 -13.48
CA GLY C 171 -34.22 22.23 -13.06
C GLY C 171 -32.90 22.67 -12.47
N LYS C 172 -31.80 22.30 -13.11
CA LYS C 172 -30.45 22.68 -12.66
C LYS C 172 -30.17 24.13 -12.98
N SER C 173 -30.40 24.49 -14.24
CA SER C 173 -30.19 25.86 -14.73
C SER C 173 -30.96 26.86 -13.87
N THR C 174 -32.25 26.58 -13.66
CA THR C 174 -33.11 27.41 -12.82
C THR C 174 -32.50 27.66 -11.43
N THR C 175 -31.86 26.63 -10.88
CA THR C 175 -31.20 26.73 -9.58
C THR C 175 -29.91 27.55 -9.66
N LEU C 176 -29.14 27.35 -10.73
CA LEU C 176 -27.92 28.13 -10.97
C LEU C 176 -28.26 29.60 -11.22
N TYR C 177 -29.23 29.84 -12.09
CA TYR C 177 -29.71 31.19 -12.39
C TYR C 177 -30.17 31.93 -11.13
N ALA C 178 -30.84 31.21 -10.23
CA ALA C 178 -31.27 31.77 -8.95
C ALA C 178 -30.08 32.08 -8.04
N GLY C 179 -29.04 31.26 -8.11
CA GLY C 179 -27.81 31.47 -7.36
C GLY C 179 -27.02 32.68 -7.84
N LEU C 180 -26.95 32.85 -9.16
CA LEU C 180 -26.26 33.99 -9.76
C LEU C 180 -27.01 35.30 -9.49
N GLN C 181 -28.34 35.25 -9.56
CA GLN C 181 -29.18 36.42 -9.27
C GLN C 181 -29.04 36.87 -7.81
N GLU C 182 -28.83 35.91 -6.90
CA GLU C 182 -28.61 36.20 -5.50
C GLU C 182 -27.24 36.87 -5.29
N LEU C 183 -26.23 36.40 -6.01
CA LEU C 183 -24.90 37.00 -5.97
C LEU C 183 -24.82 38.30 -6.78
N ASN C 184 -25.74 38.49 -7.73
CA ASN C 184 -25.72 39.65 -8.62
C ASN C 184 -25.68 40.97 -7.86
N SER C 185 -24.46 41.41 -7.54
CA SER C 185 -24.22 42.65 -6.81
C SER C 185 -23.25 43.52 -7.59
N SER C 186 -23.12 44.77 -7.17
CA SER C 186 -22.19 45.71 -7.79
C SER C 186 -20.75 45.46 -7.33
N GLU C 187 -20.57 44.65 -6.29
CA GLU C 187 -19.24 44.37 -5.73
C GLU C 187 -18.56 43.13 -6.32
N ARG C 188 -19.20 42.46 -7.29
CA ARG C 188 -18.62 41.28 -7.93
C ARG C 188 -18.76 41.30 -9.45
N ASN C 189 -17.80 40.67 -10.12
CA ASN C 189 -17.82 40.50 -11.56
C ASN C 189 -18.18 39.07 -11.93
N ILE C 190 -19.41 38.86 -12.39
CA ILE C 190 -19.93 37.54 -12.70
C ILE C 190 -20.05 37.37 -14.22
N LEU C 191 -19.47 36.29 -14.75
CA LEU C 191 -19.52 35.97 -16.17
C LEU C 191 -19.88 34.50 -16.37
N THR C 192 -20.52 34.17 -17.49
CA THR C 192 -20.97 32.80 -17.75
C THR C 192 -20.73 32.33 -19.19
N VAL C 193 -20.46 31.04 -19.34
CA VAL C 193 -20.44 30.38 -20.65
C VAL C 193 -21.59 29.37 -20.67
N GLU C 194 -22.46 29.49 -21.66
CA GLU C 194 -23.67 28.66 -21.73
C GLU C 194 -23.91 28.11 -23.15
N ASP C 195 -24.63 27.00 -23.22
CA ASP C 195 -24.92 26.34 -24.50
C ASP C 195 -26.32 25.71 -24.49
N PRO C 196 -27.37 26.51 -24.78
CA PRO C 196 -27.37 27.95 -25.03
C PRO C 196 -27.67 28.75 -23.77
N ILE C 197 -27.78 30.07 -23.91
CA ILE C 197 -28.17 30.93 -22.80
C ILE C 197 -29.68 30.78 -22.58
N GLU C 198 -30.07 30.36 -21.39
CA GLU C 198 -31.48 30.08 -21.09
C GLU C 198 -32.30 31.36 -21.11
N PHE C 199 -31.86 32.35 -20.34
CA PHE C 199 -32.41 33.71 -20.43
C PHE C 199 -31.38 34.73 -19.94
N ASP C 200 -31.70 36.02 -20.10
CA ASP C 200 -30.75 37.08 -19.80
C ASP C 200 -30.90 37.61 -18.38
N ILE C 201 -29.82 37.51 -17.59
CA ILE C 201 -29.75 38.18 -16.29
C ILE C 201 -29.10 39.55 -16.52
N ASP C 202 -29.86 40.61 -16.23
CA ASP C 202 -29.35 41.98 -16.37
C ASP C 202 -28.39 42.29 -15.23
N GLY C 203 -27.16 42.66 -15.57
CA GLY C 203 -26.10 42.90 -14.59
C GLY C 203 -25.02 41.84 -14.59
N ILE C 204 -25.23 40.77 -15.36
CA ILE C 204 -24.29 39.66 -15.45
C ILE C 204 -23.94 39.38 -16.92
N GLY C 205 -22.65 39.23 -17.21
CA GLY C 205 -22.19 38.90 -18.55
C GLY C 205 -22.47 37.45 -18.89
N GLN C 206 -22.92 37.20 -20.13
CA GLN C 206 -23.30 35.84 -20.54
C GLN C 206 -22.88 35.56 -21.99
N THR C 207 -21.80 34.82 -22.15
CA THR C 207 -21.30 34.42 -23.47
C THR C 207 -21.95 33.09 -23.88
N GLN C 208 -22.16 32.92 -25.18
CA GLN C 208 -22.79 31.71 -25.72
C GLN C 208 -21.78 30.88 -26.51
N VAL C 209 -21.90 29.55 -26.39
CA VAL C 209 -21.04 28.61 -27.10
C VAL C 209 -21.38 28.63 -28.60
N ASN C 210 -20.48 29.22 -29.38
CA ASN C 210 -20.69 29.38 -30.82
C ASN C 210 -19.81 28.40 -31.62
N PRO C 211 -20.42 27.44 -32.33
CA PRO C 211 -19.64 26.48 -33.12
C PRO C 211 -19.17 27.02 -34.49
N ARG C 212 -19.72 28.16 -34.91
CA ARG C 212 -19.33 28.77 -36.20
C ARG C 212 -17.92 29.37 -36.16
N VAL C 213 -17.49 29.82 -34.99
CA VAL C 213 -16.14 30.36 -34.81
C VAL C 213 -15.28 29.46 -33.92
N ASP C 214 -15.74 28.23 -33.69
CA ASP C 214 -15.05 27.25 -32.84
C ASP C 214 -14.91 27.74 -31.39
N MET C 215 -15.92 28.48 -30.92
CA MET C 215 -15.96 28.96 -29.53
C MET C 215 -16.64 27.90 -28.67
N THR C 216 -15.83 27.09 -27.99
CA THR C 216 -16.31 25.98 -27.18
C THR C 216 -16.42 26.37 -25.70
N PHE C 217 -16.87 25.44 -24.86
CA PHE C 217 -16.89 25.64 -23.41
C PHE C 217 -15.50 25.88 -22.86
N ALA C 218 -14.54 25.08 -23.31
CA ALA C 218 -13.14 25.18 -22.87
C ALA C 218 -12.53 26.52 -23.27
N ARG C 219 -12.66 26.86 -24.56
CA ARG C 219 -12.13 28.12 -25.09
C ARG C 219 -12.88 29.33 -24.51
N GLY C 220 -14.19 29.18 -24.31
CA GLY C 220 -15.00 30.23 -23.70
C GLY C 220 -14.66 30.46 -22.23
N LEU C 221 -14.47 29.37 -21.50
CA LEU C 221 -14.06 29.44 -20.10
C LEU C 221 -12.63 29.97 -19.96
N ARG C 222 -11.77 29.60 -20.90
CA ARG C 222 -10.39 30.07 -20.92
C ARG C 222 -10.32 31.57 -21.23
N ALA C 223 -11.30 32.07 -21.99
CA ALA C 223 -11.39 33.50 -22.31
C ALA C 223 -11.96 34.32 -21.15
N ILE C 224 -12.98 33.77 -20.49
CA ILE C 224 -13.61 34.45 -19.33
C ILE C 224 -12.61 34.72 -18.20
N LEU C 225 -11.68 33.78 -17.99
CA LEU C 225 -10.68 33.92 -16.93
C LEU C 225 -9.72 35.09 -17.13
N ARG C 226 -9.62 35.60 -18.36
CA ARG C 226 -8.81 36.77 -18.66
C ARG C 226 -9.59 38.10 -18.56
N GLN C 227 -10.83 38.04 -18.07
CA GLN C 227 -11.65 39.23 -17.86
C GLN C 227 -11.64 39.69 -16.39
N ASP C 228 -10.79 39.07 -15.57
CA ASP C 228 -10.72 39.34 -14.13
C ASP C 228 -12.08 39.10 -13.45
N PRO C 229 -12.57 37.84 -13.47
CA PRO C 229 -13.84 37.53 -12.84
C PRO C 229 -13.68 37.18 -11.36
N ASP C 230 -14.75 37.36 -10.60
CA ASP C 230 -14.81 36.92 -9.20
C ASP C 230 -15.54 35.58 -9.12
N VAL C 231 -16.64 35.46 -9.86
CA VAL C 231 -17.40 34.21 -9.95
C VAL C 231 -17.59 33.84 -11.42
N VAL C 232 -17.57 32.54 -11.71
CA VAL C 232 -17.76 32.03 -13.07
C VAL C 232 -18.80 30.90 -13.07
N MET C 233 -19.68 30.90 -14.07
CA MET C 233 -20.68 29.83 -14.22
C MET C 233 -20.54 29.18 -15.60
N VAL C 234 -20.09 27.93 -15.60
CA VAL C 234 -19.96 27.15 -16.82
C VAL C 234 -21.24 26.33 -17.02
N GLY C 235 -21.78 26.34 -18.22
CA GLY C 235 -23.00 25.58 -18.54
C GLY C 235 -22.94 24.17 -17.99
N GLU C 236 -21.94 23.42 -18.45
CA GLU C 236 -21.64 22.09 -17.89
C GLU C 236 -20.24 21.64 -18.31
N ILE C 237 -19.59 20.85 -17.45
CA ILE C 237 -18.25 20.35 -17.71
C ILE C 237 -18.32 18.92 -18.28
N ARG C 238 -18.47 18.85 -19.60
CA ARG C 238 -18.72 17.58 -20.29
C ARG C 238 -17.44 16.73 -20.44
N ASP C 239 -16.31 17.40 -20.66
CA ASP C 239 -15.04 16.72 -20.95
C ASP C 239 -13.95 17.09 -19.95
N LEU C 240 -12.79 16.44 -20.08
CA LEU C 240 -11.65 16.66 -19.17
C LEU C 240 -11.06 18.05 -19.32
N GLU C 241 -10.87 18.51 -20.56
CA GLU C 241 -10.25 19.81 -20.84
C GLU C 241 -10.98 20.96 -20.15
N THR C 242 -12.32 20.93 -20.19
CA THR C 242 -13.14 21.96 -19.56
C THR C 242 -13.06 21.88 -18.04
N ALA C 243 -13.00 20.65 -17.51
CA ALA C 243 -12.88 20.42 -16.07
C ALA C 243 -11.51 20.85 -15.54
N GLN C 244 -10.45 20.57 -16.30
CA GLN C 244 -9.09 20.97 -15.94
C GLN C 244 -8.98 22.49 -15.74
N ILE C 245 -9.63 23.25 -16.62
CA ILE C 245 -9.63 24.71 -16.54
C ILE C 245 -10.46 25.19 -15.34
N ALA C 246 -11.59 24.52 -15.10
CA ALA C 246 -12.47 24.85 -13.98
C ALA C 246 -11.80 24.55 -12.62
N VAL C 247 -11.02 23.48 -12.57
CA VAL C 247 -10.26 23.12 -11.37
C VAL C 247 -9.13 24.12 -11.11
N GLN C 248 -8.44 24.52 -12.18
CA GLN C 248 -7.42 25.57 -12.09
C GLN C 248 -8.06 26.90 -11.70
N ALA C 249 -9.22 27.19 -12.27
CA ALA C 249 -9.95 28.42 -11.96
C ALA C 249 -10.31 28.50 -10.47
N SER C 250 -10.79 27.38 -9.92
CA SER C 250 -11.17 27.32 -8.51
C SER C 250 -9.98 27.50 -7.57
N LEU C 251 -8.84 26.91 -7.92
CA LEU C 251 -7.62 27.05 -7.13
C LEU C 251 -7.02 28.45 -7.23
N THR C 252 -7.25 29.12 -8.37
CA THR C 252 -6.67 30.45 -8.62
C THR C 252 -7.62 31.60 -8.26
N GLY C 253 -8.29 31.49 -7.12
CA GLY C 253 -9.05 32.60 -6.55
C GLY C 253 -10.43 32.90 -7.13
N HIS C 254 -10.94 32.00 -7.99
CA HIS C 254 -12.26 32.18 -8.59
C HIS C 254 -13.26 31.18 -8.01
N LEU C 255 -14.51 31.61 -7.82
CA LEU C 255 -15.58 30.70 -7.46
C LEU C 255 -16.21 30.18 -8.75
N VAL C 256 -16.17 28.86 -8.96
CA VAL C 256 -16.68 28.25 -10.18
C VAL C 256 -18.02 27.56 -9.90
N MET C 257 -18.91 27.60 -10.90
CA MET C 257 -20.20 26.94 -10.82
C MET C 257 -20.48 26.18 -12.12
N SER C 258 -20.99 24.96 -12.00
CA SER C 258 -21.26 24.13 -13.18
C SER C 258 -22.26 23.01 -12.86
N THR C 259 -22.49 22.12 -13.82
CA THR C 259 -23.39 20.98 -13.64
C THR C 259 -22.81 19.70 -14.24
N LEU C 260 -23.31 18.56 -13.77
CA LEU C 260 -22.93 17.25 -14.29
C LEU C 260 -24.15 16.32 -14.26
N HIS C 261 -24.35 15.57 -15.34
CA HIS C 261 -25.47 14.64 -15.42
C HIS C 261 -25.15 13.35 -14.66
N THR C 262 -25.26 13.41 -13.34
CA THR C 262 -25.05 12.25 -12.47
C THR C 262 -26.25 12.07 -11.55
N ASN C 263 -26.56 10.81 -11.23
CA ASN C 263 -27.78 10.47 -10.51
C ASN C 263 -27.74 10.76 -9.01
N THR C 264 -26.54 10.89 -8.46
CA THR C 264 -26.37 11.15 -7.04
C THR C 264 -25.38 12.28 -6.79
N ALA C 265 -25.34 12.78 -5.56
CA ALA C 265 -24.39 13.81 -5.15
C ALA C 265 -22.96 13.27 -5.12
N VAL C 266 -22.84 11.98 -4.81
CA VAL C 266 -21.55 11.29 -4.86
C VAL C 266 -21.17 11.03 -6.32
N GLY C 267 -22.19 10.88 -7.18
CA GLY C 267 -22.00 10.74 -8.62
C GLY C 267 -21.24 11.87 -9.29
N ALA C 268 -21.32 13.07 -8.72
CA ALA C 268 -20.58 14.23 -9.24
C ALA C 268 -19.09 14.13 -8.93
N VAL C 269 -18.76 13.80 -7.68
CA VAL C 269 -17.37 13.58 -7.27
C VAL C 269 -16.81 12.40 -8.06
N THR C 270 -17.62 11.34 -8.12
CA THR C 270 -17.39 10.20 -9.02
C THR C 270 -16.99 10.66 -10.42
N ARG C 271 -17.87 11.44 -11.05
CA ARG C 271 -17.72 11.83 -12.46
C ARG C 271 -16.43 12.60 -12.75
N LEU C 272 -15.99 13.43 -11.80
CA LEU C 272 -14.73 14.16 -11.94
C LEU C 272 -13.53 13.21 -11.89
N ARG C 273 -13.63 12.15 -11.08
CA ARG C 273 -12.59 11.13 -10.99
C ARG C 273 -12.53 10.29 -12.28
N ASP C 274 -13.66 10.16 -12.96
CA ASP C 274 -13.77 9.37 -14.18
C ASP C 274 -13.10 10.03 -15.37
N MET C 275 -13.40 11.32 -15.56
CA MET C 275 -12.84 12.09 -16.69
C MET C 275 -11.32 12.13 -16.68
N GLY C 276 -10.74 12.16 -15.49
CA GLY C 276 -9.28 12.16 -15.32
C GLY C 276 -8.73 13.30 -14.47
N ILE C 277 -9.54 13.82 -13.56
CA ILE C 277 -9.07 14.82 -12.59
C ILE C 277 -8.42 14.06 -11.44
N GLU C 278 -7.17 14.38 -11.14
CA GLU C 278 -6.44 13.72 -10.06
C GLU C 278 -7.27 13.74 -8.77
N PRO C 279 -7.42 12.57 -8.12
CA PRO C 279 -8.27 12.44 -6.93
C PRO C 279 -8.10 13.58 -5.92
N PHE C 280 -6.87 14.03 -5.74
CA PHE C 280 -6.59 15.16 -4.86
C PHE C 280 -7.36 16.41 -5.27
N LEU C 281 -7.15 16.83 -6.52
CA LEU C 281 -7.64 18.13 -7.01
C LEU C 281 -9.12 18.39 -6.71
N ILE C 282 -9.89 17.31 -6.60
CA ILE C 282 -11.31 17.38 -6.26
C ILE C 282 -11.49 17.78 -4.79
N SER C 283 -10.67 17.22 -3.90
CA SER C 283 -10.77 17.50 -2.46
C SER C 283 -10.45 18.96 -2.13
N SER C 284 -9.43 19.51 -2.79
CA SER C 284 -8.99 20.89 -2.54
C SER C 284 -9.99 21.93 -3.06
N SER C 285 -10.52 21.70 -4.25
CA SER C 285 -11.36 22.69 -4.94
C SER C 285 -12.85 22.59 -4.59
N LEU C 286 -13.37 21.36 -4.55
CA LEU C 286 -14.82 21.14 -4.41
C LEU C 286 -15.35 21.63 -3.07
N LEU C 287 -16.34 22.52 -3.13
CA LEU C 287 -17.04 23.01 -1.94
C LEU C 287 -18.24 22.11 -1.61
N GLY C 288 -19.00 21.74 -2.62
CA GLY C 288 -20.17 20.90 -2.43
C GLY C 288 -20.89 20.51 -3.71
N VAL C 289 -21.83 19.57 -3.57
CA VAL C 289 -22.65 19.10 -4.69
C VAL C 289 -24.13 19.20 -4.33
N LEU C 290 -24.97 19.54 -5.29
CA LEU C 290 -26.41 19.66 -5.08
C LEU C 290 -27.18 18.72 -6.02
N ALA C 291 -27.49 17.52 -5.52
CA ALA C 291 -28.31 16.56 -6.26
C ALA C 291 -29.77 17.02 -6.22
N GLN C 292 -30.34 17.32 -7.38
CA GLN C 292 -31.67 17.93 -7.45
C GLN C 292 -32.63 17.17 -8.38
N ARG C 293 -33.87 17.04 -7.92
CA ARG C 293 -34.98 16.49 -8.71
C ARG C 293 -36.19 17.41 -8.61
N LEU C 294 -37.05 17.37 -9.62
CA LEU C 294 -38.34 18.08 -9.57
C LEU C 294 -39.46 17.08 -9.32
N VAL C 295 -40.46 17.51 -8.54
CA VAL C 295 -41.64 16.68 -8.26
C VAL C 295 -42.91 17.49 -8.48
N ARG C 296 -43.88 16.90 -9.17
CA ARG C 296 -45.16 17.56 -9.44
C ARG C 296 -45.93 17.83 -8.15
N THR C 297 -46.50 19.03 -8.05
CA THR C 297 -47.23 19.46 -6.86
C THR C 297 -48.71 19.07 -6.95
N LEU C 298 -49.18 18.35 -5.93
CA LEU C 298 -50.60 18.00 -5.83
C LEU C 298 -51.45 19.27 -5.80
N CYS C 299 -52.48 19.31 -6.64
CA CYS C 299 -53.38 20.46 -6.68
C CYS C 299 -54.15 20.53 -5.36
N PRO C 300 -54.15 21.71 -4.71
CA PRO C 300 -54.74 21.81 -3.37
C PRO C 300 -56.27 21.72 -3.37
N ASP C 301 -56.89 22.01 -4.51
CA ASP C 301 -58.34 21.94 -4.65
C ASP C 301 -58.85 20.51 -4.68
N CYS C 302 -58.11 19.61 -5.31
CA CYS C 302 -58.53 18.21 -5.36
C CYS C 302 -57.39 17.18 -5.18
N LYS C 303 -57.11 16.90 -3.90
CA LYS C 303 -56.21 15.84 -3.46
C LYS C 303 -56.94 15.02 -2.39
N GLU C 304 -56.71 13.71 -2.37
CA GLU C 304 -57.43 12.80 -1.48
C GLU C 304 -56.59 12.40 -0.26
N PRO C 305 -57.09 12.69 0.97
CA PRO C 305 -56.38 12.23 2.17
C PRO C 305 -56.51 10.72 2.39
N TYR C 306 -55.42 10.06 2.76
CA TYR C 306 -55.44 8.64 3.09
C TYR C 306 -54.36 8.26 4.10
N GLU C 307 -54.70 7.35 5.01
CA GLU C 307 -53.73 6.82 5.98
C GLU C 307 -52.79 5.83 5.30
N ALA C 308 -51.50 5.97 5.54
CA ALA C 308 -50.49 5.13 4.92
C ALA C 308 -50.50 3.71 5.49
N ASP C 309 -50.11 2.74 4.65
CA ASP C 309 -50.01 1.33 5.08
C ASP C 309 -48.65 1.07 5.74
N LYS C 310 -48.42 -0.17 6.17
CA LYS C 310 -47.19 -0.54 6.86
C LYS C 310 -45.92 -0.33 6.02
N GLU C 311 -45.95 -0.78 4.77
CA GLU C 311 -44.81 -0.62 3.86
C GLU C 311 -44.54 0.85 3.54
N GLN C 312 -45.61 1.64 3.50
CA GLN C 312 -45.50 3.08 3.30
C GLN C 312 -45.01 3.79 4.56
N ARG C 313 -45.53 3.39 5.72
CA ARG C 313 -45.10 3.95 7.01
C ARG C 313 -43.64 3.63 7.33
N LYS C 314 -43.14 2.51 6.80
CA LYS C 314 -41.74 2.11 6.99
C LYS C 314 -40.75 3.03 6.25
N LEU C 315 -41.22 3.68 5.19
CA LEU C 315 -40.40 4.64 4.44
C LEU C 315 -40.06 5.87 5.27
N PHE C 316 -41.06 6.38 6.00
CA PHE C 316 -40.89 7.58 6.82
C PHE C 316 -40.18 7.25 8.12
N GLU C 322 -51.62 8.11 16.54
CA GLU C 322 -50.66 8.54 15.52
C GLU C 322 -51.20 8.28 14.12
N PRO C 323 -52.16 9.12 13.66
CA PRO C 323 -52.73 8.98 12.33
C PRO C 323 -51.92 9.74 11.28
N LEU C 324 -51.06 9.02 10.56
CA LEU C 324 -50.21 9.62 9.53
C LEU C 324 -50.93 9.63 8.18
N ILE C 325 -51.49 10.78 7.82
CA ILE C 325 -52.25 10.93 6.58
C ILE C 325 -51.36 11.50 5.47
N LEU C 326 -51.30 10.79 4.35
CA LEU C 326 -50.65 11.28 3.13
C LEU C 326 -51.75 11.71 2.14
N TYR C 327 -51.35 12.13 0.95
CA TYR C 327 -52.31 12.61 -0.05
C TYR C 327 -52.12 11.95 -1.43
N ARG C 328 -53.23 11.74 -2.13
CA ARG C 328 -53.25 11.01 -3.40
C ARG C 328 -53.55 11.95 -4.58
N ALA C 329 -53.28 11.47 -5.79
CA ALA C 329 -53.40 12.26 -7.03
C ALA C 329 -54.83 12.72 -7.35
N THR C 330 -55.70 11.76 -7.69
CA THR C 330 -57.07 12.05 -8.17
C THR C 330 -57.06 12.77 -9.53
N GLY C 331 -58.10 13.57 -9.82
CA GLY C 331 -58.22 14.26 -11.10
C GLY C 331 -59.54 15.01 -11.23
N CYS C 332 -59.51 16.18 -11.85
CA CYS C 332 -60.63 17.15 -11.77
C CYS C 332 -60.49 18.39 -12.69
N PRO C 333 -61.44 19.36 -12.64
CA PRO C 333 -61.45 20.35 -13.74
C PRO C 333 -60.31 21.40 -13.73
N LYS C 334 -59.85 21.79 -12.54
CA LYS C 334 -58.62 22.58 -12.41
C LYS C 334 -57.46 21.60 -12.45
N CYS C 335 -57.64 20.51 -11.72
CA CYS C 335 -56.78 19.33 -11.76
C CYS C 335 -56.54 18.87 -13.23
N ASN C 336 -57.53 19.13 -14.09
CA ASN C 336 -57.48 19.04 -15.57
C ASN C 336 -56.46 18.11 -16.25
N HIS C 337 -56.69 16.80 -16.25
CA HIS C 337 -57.59 16.13 -15.31
C HIS C 337 -56.70 15.15 -14.55
N LYS C 338 -55.44 15.54 -14.38
CA LYS C 338 -54.43 14.76 -13.68
C LYS C 338 -54.45 15.18 -12.22
N GLY C 339 -53.61 14.54 -11.40
CA GLY C 339 -53.57 14.85 -9.98
C GLY C 339 -52.70 16.03 -9.57
N TYR C 340 -52.10 16.71 -10.55
CA TYR C 340 -51.11 17.76 -10.26
C TYR C 340 -51.24 18.98 -11.17
N ARG C 341 -50.79 20.13 -10.65
CA ARG C 341 -50.56 21.33 -11.45
C ARG C 341 -49.37 22.09 -10.88
N GLY C 342 -48.34 22.27 -11.69
CA GLY C 342 -47.11 22.95 -11.25
C GLY C 342 -46.08 21.97 -10.73
N ARG C 343 -44.99 22.51 -10.17
CA ARG C 343 -43.86 21.70 -9.72
C ARG C 343 -43.12 22.33 -8.54
N THR C 344 -42.24 21.54 -7.93
CA THR C 344 -41.33 22.02 -6.89
C THR C 344 -40.08 21.14 -6.83
N GLY C 345 -38.98 21.72 -6.38
CA GLY C 345 -37.69 21.02 -6.33
C GLY C 345 -37.43 20.31 -5.01
N ILE C 346 -36.82 19.14 -5.09
CA ILE C 346 -36.34 18.40 -3.93
C ILE C 346 -34.82 18.25 -4.03
N HIS C 347 -34.12 18.38 -2.91
CA HIS C 347 -32.66 18.56 -2.94
C HIS C 347 -31.90 17.67 -1.97
N GLU C 348 -30.58 17.60 -2.18
CA GLU C 348 -29.65 16.88 -1.32
C GLU C 348 -28.29 17.57 -1.43
N LEU C 349 -28.00 18.47 -0.49
CA LEU C 349 -26.81 19.31 -0.56
C LEU C 349 -25.61 18.65 0.14
N LEU C 350 -24.73 18.03 -0.65
CA LEU C 350 -23.48 17.49 -0.15
C LEU C 350 -22.52 18.66 0.10
N LEU C 351 -22.03 18.77 1.34
CA LEU C 351 -21.14 19.87 1.72
C LEU C 351 -19.77 19.31 2.12
N VAL C 352 -18.76 19.60 1.32
CA VAL C 352 -17.42 19.06 1.51
C VAL C 352 -16.74 19.69 2.74
N ASP C 353 -16.61 18.90 3.81
CA ASP C 353 -15.95 19.34 5.03
C ASP C 353 -14.61 18.61 5.19
N ASP C 354 -13.99 18.75 6.36
CA ASP C 354 -12.67 18.15 6.62
C ASP C 354 -12.66 16.63 6.46
N ALA C 355 -13.72 15.97 6.90
CA ALA C 355 -13.84 14.52 6.79
C ALA C 355 -13.97 14.05 5.33
N LEU C 356 -14.77 14.77 4.55
CA LEU C 356 -14.97 14.45 3.13
C LEU C 356 -13.75 14.78 2.27
N GLN C 357 -12.93 15.73 2.72
CA GLN C 357 -11.68 16.07 2.02
C GLN C 357 -10.67 14.92 2.07
N GLU C 358 -10.73 14.10 3.12
CA GLU C 358 -9.86 12.93 3.27
C GLU C 358 -10.35 11.80 2.36
N LEU C 359 -11.65 11.53 2.41
CA LEU C 359 -12.26 10.42 1.68
C LEU C 359 -12.08 10.56 0.16
N ILE C 360 -12.06 11.80 -0.32
CA ILE C 360 -11.79 12.09 -1.72
C ILE C 360 -10.30 11.88 -2.05
N HIS C 361 -9.43 12.30 -1.11
CA HIS C 361 -7.98 12.22 -1.31
C HIS C 361 -7.51 10.76 -1.34
N SER C 362 -7.83 10.00 -0.28
CA SER C 362 -7.35 8.62 -0.13
C SER C 362 -8.16 7.60 -0.93
N GLU C 363 -9.21 8.04 -1.62
CA GLU C 363 -10.08 7.17 -2.41
C GLU C 363 -10.69 6.07 -1.54
N ALA C 364 -11.61 6.46 -0.65
CA ALA C 364 -12.35 5.52 0.18
C ALA C 364 -13.34 4.75 -0.68
N GLY C 365 -14.13 5.50 -1.45
CA GLY C 365 -15.04 4.92 -2.43
C GLY C 365 -16.48 5.37 -2.25
N GLU C 366 -17.30 5.18 -3.28
CA GLU C 366 -18.70 5.57 -3.25
C GLU C 366 -19.41 5.09 -1.98
N GLN C 367 -19.27 3.81 -1.67
CA GLN C 367 -19.95 3.20 -0.52
C GLN C 367 -19.49 3.80 0.81
N ALA C 368 -18.19 3.76 1.05
CA ALA C 368 -17.62 4.34 2.26
C ALA C 368 -17.98 5.82 2.37
N MET C 369 -17.89 6.53 1.25
CA MET C 369 -18.24 7.95 1.19
C MET C 369 -19.75 8.18 1.36
N GLU C 370 -20.57 7.26 0.83
CA GLU C 370 -22.03 7.31 1.02
C GLU C 370 -22.43 7.09 2.48
N LYS C 371 -21.65 6.29 3.20
CA LYS C 371 -21.91 6.01 4.60
C LYS C 371 -21.67 7.23 5.49
N HIS C 372 -20.59 7.96 5.23
CA HIS C 372 -20.29 9.19 5.95
C HIS C 372 -21.24 10.33 5.56
N ILE C 373 -21.70 10.32 4.32
CA ILE C 373 -22.62 11.33 3.80
C ILE C 373 -24.00 11.24 4.47
N ARG C 374 -24.47 10.00 4.70
CA ARG C 374 -25.76 9.77 5.35
C ARG C 374 -25.75 10.13 6.84
N ALA C 375 -24.57 10.16 7.44
CA ALA C 375 -24.43 10.55 8.84
C ALA C 375 -24.69 12.05 9.04
N THR C 376 -24.29 12.86 8.06
CA THR C 376 -24.41 14.32 8.14
C THR C 376 -25.60 14.85 7.34
N THR C 377 -25.51 14.74 6.01
CA THR C 377 -26.51 15.34 5.12
C THR C 377 -27.74 14.44 4.94
N PRO C 378 -28.95 15.03 4.99
CA PRO C 378 -30.17 14.30 4.60
C PRO C 378 -30.17 13.91 3.12
N SER C 379 -30.87 12.82 2.79
CA SER C 379 -30.88 12.28 1.43
C SER C 379 -31.80 13.07 0.49
N ILE C 380 -31.89 12.63 -0.76
CA ILE C 380 -32.81 13.24 -1.73
C ILE C 380 -34.23 12.80 -1.39
N ARG C 381 -34.37 11.53 -0.99
CA ARG C 381 -35.67 10.95 -0.67
C ARG C 381 -36.27 11.57 0.60
N ASP C 382 -35.44 11.76 1.62
CA ASP C 382 -35.88 12.35 2.89
C ASP C 382 -36.44 13.77 2.72
N ASP C 383 -35.81 14.56 1.85
CA ASP C 383 -36.30 15.90 1.53
C ASP C 383 -37.65 15.84 0.80
N GLY C 384 -37.82 14.81 -0.03
CA GLY C 384 -39.09 14.56 -0.72
C GLY C 384 -40.18 14.10 0.23
N LEU C 385 -39.83 13.19 1.14
CA LEU C 385 -40.80 12.66 2.11
C LEU C 385 -41.30 13.72 3.08
N ASP C 386 -40.48 14.73 3.37
CA ASP C 386 -40.91 15.87 4.20
C ASP C 386 -42.01 16.67 3.50
N LYS C 387 -41.90 16.81 2.18
CA LYS C 387 -42.93 17.50 1.39
C LYS C 387 -44.20 16.68 1.25
N VAL C 388 -44.08 15.36 1.35
CA VAL C 388 -45.26 14.48 1.35
C VAL C 388 -46.02 14.61 2.67
N ARG C 389 -45.28 14.74 3.77
CA ARG C 389 -45.88 15.01 5.09
C ARG C 389 -46.57 16.38 5.11
N GLN C 390 -45.92 17.38 4.52
CA GLN C 390 -46.48 18.73 4.42
C GLN C 390 -47.73 18.80 3.53
N GLY C 391 -47.79 17.90 2.54
CA GLY C 391 -48.94 17.82 1.63
C GLY C 391 -48.74 18.64 0.36
N ILE C 392 -47.53 18.56 -0.21
CA ILE C 392 -47.19 19.25 -1.44
C ILE C 392 -47.23 18.27 -2.62
N THR C 393 -46.49 17.16 -2.49
CA THR C 393 -46.43 16.14 -3.54
C THR C 393 -46.82 14.77 -2.99
N SER C 394 -47.12 13.84 -3.89
CA SER C 394 -47.52 12.49 -3.51
C SER C 394 -46.30 11.60 -3.27
N LEU C 395 -46.53 10.45 -2.64
CA LEU C 395 -45.48 9.45 -2.43
C LEU C 395 -45.12 8.75 -3.73
N GLU C 396 -46.06 8.71 -4.67
CA GLU C 396 -45.82 8.13 -5.99
C GLU C 396 -44.82 8.97 -6.79
N GLU C 397 -44.84 10.28 -6.57
CA GLU C 397 -44.00 11.22 -7.31
C GLU C 397 -42.55 11.24 -6.80
N VAL C 398 -42.40 11.11 -5.47
CA VAL C 398 -41.07 11.09 -4.85
C VAL C 398 -40.31 9.82 -5.25
N MET C 399 -41.01 8.69 -5.29
CA MET C 399 -40.39 7.39 -5.58
C MET C 399 -39.95 7.23 -7.04
N ARG C 400 -40.68 7.81 -7.98
CA ARG C 400 -40.36 7.66 -9.41
C ARG C 400 -39.08 8.40 -9.80
N VAL C 401 -38.91 9.61 -9.27
CA VAL C 401 -37.71 10.41 -9.53
C VAL C 401 -36.52 9.96 -8.68
N THR C 402 -36.82 9.27 -7.58
CA THR C 402 -35.78 8.66 -6.73
C THR C 402 -35.16 7.47 -7.45
N ALA C 413 -30.35 -3.18 17.57
CA ALA C 413 -30.04 -3.02 18.98
C ALA C 413 -31.33 -2.93 19.80
N VAL C 414 -31.39 -3.72 20.87
CA VAL C 414 -32.59 -3.77 21.73
C VAL C 414 -32.74 -2.50 22.56
N ASP C 415 -33.97 -1.99 22.63
CA ASP C 415 -34.30 -0.83 23.45
C ASP C 415 -34.63 -1.28 24.87
N MET C 416 -34.06 -0.60 25.86
CA MET C 416 -34.17 -1.00 27.26
C MET C 416 -34.58 0.17 28.15
N PHE C 417 -35.63 -0.03 28.94
CA PHE C 417 -36.16 1.00 29.84
C PHE C 417 -36.43 0.41 31.22
N ILE C 418 -36.43 1.27 32.24
CA ILE C 418 -36.75 0.86 33.61
C ILE C 418 -37.55 1.95 34.33
N LYS C 419 -38.57 1.52 35.08
CA LYS C 419 -39.46 2.43 35.81
C LYS C 419 -39.44 2.08 37.30
N ILE C 420 -38.75 2.88 38.08
CA ILE C 420 -38.58 2.64 39.52
C ILE C 420 -39.60 3.45 40.32
N GLY C 421 -40.69 2.80 40.71
CA GLY C 421 -41.76 3.44 41.49
C GLY C 421 -42.50 4.49 40.67
N ASP C 422 -42.50 5.73 41.17
CA ASP C 422 -43.08 6.86 40.44
C ASP C 422 -42.01 7.92 40.16
N VAL C 423 -40.76 7.49 40.06
CA VAL C 423 -39.64 8.39 39.75
C VAL C 423 -39.57 8.55 38.23
N LYS C 424 -39.61 9.81 37.78
CA LYS C 424 -39.60 10.12 36.35
C LYS C 424 -38.18 10.34 35.85
N GLY C 425 -37.87 9.75 34.69
CA GLY C 425 -36.57 9.94 34.03
C GLY C 425 -36.68 10.93 32.88
N GLU C 426 -35.95 10.65 31.80
CA GLU C 426 -35.97 11.51 30.60
C GLU C 426 -35.97 10.67 29.32
N SER C 427 -36.88 9.71 29.23
CA SER C 427 -37.01 8.88 28.04
C SER C 427 -37.89 9.57 27.00
N LYS C 428 -37.41 9.60 25.75
CA LYS C 428 -38.17 10.19 24.64
C LYS C 428 -39.05 9.14 23.93
N ASP C 429 -39.10 7.92 24.47
CA ASP C 429 -39.89 6.84 23.88
C ASP C 429 -41.38 7.15 23.96
N LYS C 430 -42.12 6.70 22.95
CA LYS C 430 -43.55 6.99 22.84
C LYS C 430 -44.38 6.24 23.88
N THR C 431 -44.10 4.94 24.04
CA THR C 431 -44.79 4.12 25.03
C THR C 431 -44.19 4.33 26.43
N HIS C 432 -42.88 4.14 26.53
CA HIS C 432 -42.17 4.29 27.82
C HIS C 432 -41.70 5.73 28.00
N ALA C 433 -42.64 6.65 28.12
CA ALA C 433 -42.33 8.07 28.27
C ALA C 433 -42.01 8.43 29.72
N GLU C 434 -41.04 9.32 29.89
CA GLU C 434 -40.60 9.79 31.21
C GLU C 434 -40.11 8.66 32.13
N GLU C 435 -39.51 7.63 31.55
CA GLU C 435 -38.85 6.56 32.31
C GLU C 435 -37.34 6.72 32.16
N ILE C 436 -36.59 5.83 32.81
CA ILE C 436 -35.12 5.87 32.76
C ILE C 436 -34.62 5.00 31.61
N ASP C 437 -33.84 5.60 30.71
CA ASP C 437 -33.24 4.88 29.59
C ASP C 437 -32.06 4.03 30.07
N VAL C 438 -32.18 2.72 29.89
CA VAL C 438 -31.14 1.78 30.32
C VAL C 438 -30.16 1.54 29.17
N LEU C 439 -28.87 1.75 29.45
CA LEU C 439 -27.81 1.52 28.46
C LEU C 439 -27.29 0.09 28.54
N ALA C 440 -27.22 -0.46 29.75
CA ALA C 440 -26.80 -1.83 29.96
C ALA C 440 -27.29 -2.34 31.31
N TRP C 441 -27.21 -3.66 31.53
CA TRP C 441 -27.61 -4.26 32.79
C TRP C 441 -26.97 -5.63 33.02
N SER C 442 -26.96 -6.06 34.27
CA SER C 442 -26.42 -7.36 34.65
C SER C 442 -27.05 -7.86 35.94
N TRP C 443 -27.43 -9.14 35.96
CA TRP C 443 -28.09 -9.75 37.11
C TRP C 443 -27.91 -11.26 37.09
N GLY C 444 -27.77 -11.87 38.27
CA GLY C 444 -27.53 -13.31 38.37
C GLY C 444 -27.97 -13.93 39.68
N MET C 445 -27.75 -15.24 39.78
CA MET C 445 -28.10 -16.01 40.97
C MET C 445 -27.26 -17.29 41.04
N SER C 446 -27.08 -17.81 42.25
CA SER C 446 -26.25 -19.00 42.46
C SER C 446 -26.86 -19.96 43.49
N GLN C 447 -26.79 -21.25 43.21
CA GLN C 447 -27.33 -22.29 44.06
C GLN C 447 -26.19 -23.02 44.78
N SER C 448 -26.24 -23.07 46.10
CA SER C 448 -25.19 -23.68 46.91
C SER C 448 -25.29 -25.20 46.99
N GLY C 449 -26.46 -25.74 46.66
CA GLY C 449 -26.70 -27.18 46.70
C GLY C 449 -25.83 -27.96 45.73
N SER C 450 -25.50 -29.20 46.09
CA SER C 450 -24.63 -30.06 45.29
C SER C 450 -25.23 -31.45 45.10
N MET C 451 -24.89 -32.09 43.98
CA MET C 451 -25.35 -33.44 43.67
C MET C 451 -24.30 -34.50 44.02
N HIS C 452 -23.14 -34.07 44.49
CA HIS C 452 -22.05 -34.98 44.84
C HIS C 452 -22.27 -35.65 46.20
N MET C 453 -23.16 -35.11 47.01
CA MET C 453 -23.52 -35.72 48.29
C MET C 453 -24.54 -36.84 48.08
N ALA C 459 -29.27 -30.33 51.18
CA ALA C 459 -29.64 -29.32 50.19
C ALA C 459 -28.98 -27.97 50.49
N GLY C 460 -29.10 -27.04 49.54
CA GLY C 460 -28.51 -25.71 49.66
C GLY C 460 -29.55 -24.60 49.65
N LYS C 461 -29.14 -23.42 49.17
CA LYS C 461 -30.03 -22.26 49.11
C LYS C 461 -29.60 -21.31 47.98
N VAL C 462 -30.57 -20.64 47.38
CA VAL C 462 -30.31 -19.70 46.29
C VAL C 462 -29.81 -18.35 46.84
N ASN C 463 -28.92 -17.71 46.09
CA ASN C 463 -28.40 -16.39 46.46
C ASN C 463 -28.59 -15.42 45.30
N VAL C 464 -29.72 -14.70 45.32
CA VAL C 464 -30.07 -13.77 44.25
C VAL C 464 -29.27 -12.47 44.39
N GLN C 465 -28.58 -12.09 43.32
CA GLN C 465 -27.76 -10.87 43.32
C GLN C 465 -28.62 -9.64 43.08
N ASP C 466 -28.04 -8.47 43.32
CA ASP C 466 -28.72 -7.19 43.06
C ASP C 466 -28.63 -6.84 41.58
N LEU C 467 -29.73 -6.34 41.02
CA LEU C 467 -29.80 -6.02 39.60
C LEU C 467 -29.12 -4.69 39.30
N SER C 468 -27.95 -4.76 38.66
CA SER C 468 -27.21 -3.57 38.25
C SER C 468 -27.69 -3.10 36.88
N PHE C 469 -27.66 -1.79 36.67
CA PHE C 469 -27.99 -1.23 35.36
C PHE C 469 -27.37 0.16 35.15
N THR C 470 -26.95 0.43 33.91
CA THR C 470 -26.33 1.70 33.55
C THR C 470 -27.40 2.67 33.04
N LYS C 471 -27.18 3.97 33.27
CA LYS C 471 -28.10 5.01 32.85
C LYS C 471 -27.41 6.36 32.70
N TYR C 472 -28.02 7.25 31.92
CA TYR C 472 -27.53 8.62 31.79
C TYR C 472 -27.85 9.41 33.07
N ILE C 473 -27.07 10.45 33.33
CA ILE C 473 -27.35 11.35 34.45
C ILE C 473 -28.54 12.23 34.07
N ASP C 474 -29.72 11.88 34.59
CA ASP C 474 -30.97 12.55 34.24
C ASP C 474 -31.65 13.12 35.49
N LYS C 475 -32.91 13.53 35.37
CA LYS C 475 -33.66 14.14 36.49
C LYS C 475 -33.95 13.17 37.65
N SER C 476 -33.82 11.87 37.41
CA SER C 476 -34.03 10.86 38.45
C SER C 476 -32.80 10.62 39.33
N THR C 477 -31.65 11.14 38.92
CA THR C 477 -30.38 10.91 39.62
C THR C 477 -30.42 11.34 41.10
N PRO C 478 -30.95 12.54 41.40
CA PRO C 478 -31.04 12.96 42.80
C PRO C 478 -32.03 12.13 43.62
N ASN C 479 -33.12 11.72 43.00
CA ASN C 479 -34.15 10.92 43.66
C ASN C 479 -33.65 9.52 44.04
N LEU C 480 -32.83 8.93 43.18
CA LEU C 480 -32.21 7.63 43.46
C LEU C 480 -31.14 7.74 44.53
N MET C 481 -30.41 8.86 44.56
CA MET C 481 -29.44 9.15 45.61
C MET C 481 -30.11 9.34 46.97
N MET C 482 -31.28 9.98 46.97
CA MET C 482 -32.07 10.18 48.19
C MET C 482 -32.63 8.85 48.70
N ALA C 483 -33.08 8.00 47.79
CA ALA C 483 -33.60 6.67 48.14
C ALA C 483 -32.50 5.77 48.71
N CYS C 484 -31.30 5.89 48.16
CA CYS C 484 -30.14 5.14 48.64
C CYS C 484 -29.68 5.64 50.01
N SER C 485 -29.71 6.96 50.20
CA SER C 485 -29.27 7.57 51.45
C SER C 485 -30.25 7.34 52.59
N SER C 486 -31.53 7.63 52.33
CA SER C 486 -32.58 7.45 53.34
C SER C 486 -32.88 5.97 53.61
N GLY C 487 -32.69 5.13 52.60
CA GLY C 487 -32.97 3.70 52.71
C GLY C 487 -34.44 3.38 52.62
N LYS C 488 -35.18 4.21 51.88
CA LYS C 488 -36.61 4.02 51.67
C LYS C 488 -36.85 3.26 50.37
N HIS C 489 -37.64 2.19 50.44
CA HIS C 489 -37.85 1.29 49.30
C HIS C 489 -39.09 1.68 48.50
N TYR C 490 -39.05 1.40 47.19
CA TYR C 490 -40.18 1.64 46.31
C TYR C 490 -41.09 0.41 46.28
N PRO C 491 -42.39 0.60 46.00
CA PRO C 491 -43.32 -0.54 45.91
C PRO C 491 -42.98 -1.51 44.77
N GLN C 492 -42.59 -0.97 43.61
CA GLN C 492 -42.33 -1.81 42.43
C GLN C 492 -41.34 -1.14 41.46
N ALA C 493 -40.50 -1.98 40.84
CA ALA C 493 -39.64 -1.57 39.73
C ALA C 493 -39.82 -2.55 38.57
N LYS C 494 -39.73 -2.05 37.35
CA LYS C 494 -39.95 -2.89 36.16
C LYS C 494 -38.96 -2.59 35.04
N LEU C 495 -37.96 -3.45 34.88
CA LEU C 495 -37.04 -3.39 33.74
C LEU C 495 -37.75 -3.98 32.52
N THR C 496 -37.70 -3.27 31.40
CA THR C 496 -38.37 -3.70 30.17
C THR C 496 -37.38 -3.73 29.00
N ILE C 497 -37.16 -4.92 28.44
CA ILE C 497 -36.32 -5.10 27.26
C ILE C 497 -37.24 -5.28 26.05
N ARG C 498 -36.84 -4.72 24.91
CA ARG C 498 -37.66 -4.71 23.71
C ARG C 498 -36.79 -4.84 22.45
N LYS C 499 -37.30 -5.55 21.44
CA LYS C 499 -36.55 -5.78 20.20
C LYS C 499 -36.38 -4.49 19.40
N ALA C 500 -35.42 -4.53 18.47
CA ALA C 500 -35.09 -3.36 17.64
C ALA C 500 -36.18 -3.12 16.59
N GLY C 501 -36.62 -1.86 16.48
CA GLY C 501 -37.65 -1.49 15.51
C GLY C 501 -38.41 -0.24 15.94
N GLY C 502 -38.98 -0.29 17.14
CA GLY C 502 -39.76 0.83 17.68
C GLY C 502 -40.65 0.45 18.83
N GLU C 503 -41.70 1.25 19.05
CA GLU C 503 -42.64 1.04 20.15
C GLU C 503 -43.57 -0.16 19.93
N ASN C 504 -43.86 -0.48 18.67
CA ASN C 504 -44.77 -1.57 18.33
C ASN C 504 -44.14 -2.96 18.36
N GLN C 505 -42.82 -3.02 18.59
CA GLN C 505 -42.12 -4.31 18.66
C GLN C 505 -42.43 -5.03 19.97
N VAL C 506 -42.07 -6.31 20.03
CA VAL C 506 -42.41 -7.17 21.17
C VAL C 506 -41.46 -6.91 22.34
N GLU C 507 -42.03 -6.61 23.51
CA GLU C 507 -41.26 -6.53 24.75
C GLU C 507 -40.95 -7.94 25.22
N TYR C 508 -39.84 -8.49 24.72
CA TYR C 508 -39.54 -9.92 24.85
C TYR C 508 -38.99 -10.35 26.21
N LEU C 509 -38.64 -9.38 27.07
CA LEU C 509 -38.14 -9.69 28.42
C LEU C 509 -38.48 -8.57 29.40
N ILE C 510 -39.33 -8.87 30.38
CA ILE C 510 -39.75 -7.90 31.39
C ILE C 510 -39.46 -8.45 32.78
N ILE C 511 -38.55 -7.80 33.51
CA ILE C 511 -38.18 -8.20 34.86
C ILE C 511 -38.81 -7.25 35.88
N THR C 512 -39.86 -7.73 36.56
CA THR C 512 -40.58 -6.93 37.55
C THR C 512 -40.04 -7.23 38.96
N LEU C 513 -39.69 -6.17 39.67
CA LEU C 513 -39.17 -6.26 41.03
C LEU C 513 -40.14 -5.60 42.00
N LYS C 514 -40.24 -6.15 43.21
CA LYS C 514 -41.14 -5.60 44.24
C LYS C 514 -40.37 -5.32 45.53
N GLU C 515 -40.81 -4.28 46.25
CA GLU C 515 -40.14 -3.83 47.47
C GLU C 515 -38.66 -3.55 47.20
N VAL C 516 -38.40 -2.53 46.38
CA VAL C 516 -37.07 -2.30 45.81
C VAL C 516 -36.31 -1.17 46.49
N LEU C 517 -35.13 -1.49 47.02
CA LEU C 517 -34.19 -0.49 47.53
C LEU C 517 -33.20 -0.10 46.44
N VAL C 518 -32.56 1.05 46.62
CA VAL C 518 -31.44 1.47 45.77
C VAL C 518 -30.15 1.18 46.53
N SER C 519 -29.56 0.01 46.27
CA SER C 519 -28.41 -0.47 47.05
C SER C 519 -27.13 0.34 46.84
N SER C 520 -26.93 0.87 45.64
CA SER C 520 -25.78 1.74 45.35
C SER C 520 -25.98 2.61 44.11
N VAL C 521 -25.28 3.74 44.08
CA VAL C 521 -25.29 4.65 42.93
C VAL C 521 -23.87 5.14 42.66
N SER C 522 -23.29 4.68 41.55
CA SER C 522 -21.93 5.08 41.16
C SER C 522 -21.98 5.97 39.92
N THR C 523 -21.60 7.24 40.08
CA THR C 523 -21.65 8.22 39.00
C THR C 523 -20.27 8.85 38.75
N GLY C 524 -20.19 9.66 37.70
CA GLY C 524 -18.94 10.33 37.33
C GLY C 524 -18.97 10.90 35.92
N GLY C 525 -17.79 11.05 35.32
CA GLY C 525 -17.70 11.57 33.96
C GLY C 525 -16.28 11.92 33.56
N SER C 526 -16.08 12.13 32.26
CA SER C 526 -14.79 12.51 31.71
C SER C 526 -14.92 13.77 30.84
N GLY C 527 -13.78 14.31 30.41
CA GLY C 527 -13.74 15.53 29.60
C GLY C 527 -14.10 15.33 28.14
N GLY C 528 -14.15 14.07 27.69
CA GLY C 528 -14.49 13.75 26.30
C GLY C 528 -15.94 13.37 26.08
N GLU C 529 -16.62 12.94 27.14
CA GLU C 529 -18.01 12.48 27.03
C GLU C 529 -18.99 13.63 26.85
N ASP C 530 -19.95 13.45 25.94
CA ASP C 530 -21.01 14.44 25.72
C ASP C 530 -22.19 14.22 26.67
N ARG C 531 -22.51 12.95 26.95
CA ARG C 531 -23.53 12.57 27.92
C ARG C 531 -22.93 11.66 28.98
N LEU C 532 -22.94 12.12 30.22
CA LEU C 532 -22.35 11.37 31.33
C LEU C 532 -23.27 10.23 31.77
N THR C 533 -22.67 9.11 32.20
CA THR C 533 -23.42 7.93 32.60
C THR C 533 -23.15 7.57 34.06
N GLU C 534 -23.95 6.65 34.59
CA GLU C 534 -23.82 6.19 35.98
C GLU C 534 -24.44 4.82 36.18
N ASN C 535 -23.86 4.03 37.08
CA ASN C 535 -24.36 2.69 37.39
C ASN C 535 -25.19 2.70 38.67
N VAL C 536 -26.32 1.98 38.65
CA VAL C 536 -27.22 1.89 39.80
C VAL C 536 -27.62 0.44 40.04
N THR C 537 -27.49 -0.01 41.28
CA THR C 537 -27.85 -1.36 41.68
C THR C 537 -29.14 -1.35 42.50
N LEU C 538 -29.93 -2.41 42.38
CA LEU C 538 -31.24 -2.49 43.04
C LEU C 538 -31.41 -3.79 43.82
N ASN C 539 -31.59 -3.66 45.15
CA ASN C 539 -31.94 -4.78 46.01
C ASN C 539 -33.45 -4.89 46.11
N PHE C 540 -33.97 -6.11 46.17
CA PHE C 540 -35.42 -6.34 46.16
C PHE C 540 -35.84 -7.61 46.89
N ALA C 541 -37.08 -7.64 47.36
CA ALA C 541 -37.63 -8.76 48.12
C ALA C 541 -38.14 -9.87 47.20
N GLN C 542 -38.83 -9.48 46.14
CA GLN C 542 -39.36 -10.43 45.16
C GLN C 542 -38.89 -10.08 43.74
N VAL C 543 -39.06 -11.03 42.82
CA VAL C 543 -38.67 -10.85 41.43
C VAL C 543 -39.56 -11.69 40.50
N GLN C 544 -39.88 -11.13 39.34
CA GLN C 544 -40.70 -11.83 38.34
C GLN C 544 -40.17 -11.57 36.92
N VAL C 545 -39.64 -12.62 36.30
CA VAL C 545 -39.10 -12.53 34.94
C VAL C 545 -40.11 -13.14 33.95
N ASP C 546 -40.54 -12.33 32.98
CA ASP C 546 -41.48 -12.77 31.95
C ASP C 546 -40.86 -12.68 30.56
N TYR C 547 -40.45 -13.83 30.01
CA TYR C 547 -39.92 -13.89 28.66
C TYR C 547 -41.04 -14.24 27.67
N GLN C 548 -41.12 -13.50 26.57
CA GLN C 548 -42.10 -13.76 25.51
C GLN C 548 -41.40 -14.34 24.29
N PRO C 549 -41.64 -15.63 23.98
CA PRO C 549 -41.06 -16.22 22.77
C PRO C 549 -41.72 -15.70 21.49
N GLN C 550 -40.98 -15.76 20.38
CA GLN C 550 -41.47 -15.26 19.10
C GLN C 550 -41.26 -16.26 17.98
N LYS C 551 -42.08 -16.18 16.94
CA LYS C 551 -41.96 -17.03 15.76
C LYS C 551 -40.92 -16.43 14.81
N ALA C 552 -40.72 -17.10 13.66
CA ALA C 552 -39.75 -16.65 12.67
C ALA C 552 -40.12 -15.29 12.05
N ASP C 553 -41.40 -15.09 11.79
CA ASP C 553 -41.88 -13.84 11.18
C ASP C 553 -41.89 -12.66 12.17
N GLY C 554 -41.88 -12.95 13.47
CA GLY C 554 -41.83 -11.91 14.50
C GLY C 554 -43.05 -11.89 15.42
N ALA C 555 -44.07 -12.67 15.09
CA ALA C 555 -45.29 -12.75 15.90
C ALA C 555 -45.03 -13.51 17.21
N LYS C 556 -45.87 -13.24 18.20
CA LYS C 556 -45.73 -13.87 19.53
C LYS C 556 -46.07 -15.36 19.49
N ASP C 557 -45.12 -16.20 19.89
CA ASP C 557 -45.30 -17.65 19.92
C ASP C 557 -45.88 -18.06 21.28
N GLY C 558 -47.20 -18.09 21.37
CA GLY C 558 -47.89 -18.44 22.62
C GLY C 558 -47.80 -17.35 23.66
N GLY C 559 -48.01 -17.72 24.92
CA GLY C 559 -47.92 -16.79 26.04
C GLY C 559 -46.50 -16.64 26.55
N PRO C 560 -46.29 -15.72 27.52
CA PRO C 560 -44.96 -15.49 28.07
C PRO C 560 -44.60 -16.51 29.15
N VAL C 561 -43.35 -16.99 29.12
CA VAL C 561 -42.88 -17.97 30.10
C VAL C 561 -42.46 -17.23 31.37
N LYS C 562 -43.02 -17.67 32.50
CA LYS C 562 -42.87 -16.96 33.77
C LYS C 562 -41.85 -17.61 34.70
N TYR C 563 -41.10 -16.76 35.41
CA TYR C 563 -40.28 -17.18 36.55
C TYR C 563 -40.53 -16.21 37.71
N GLY C 564 -41.07 -16.72 38.80
CA GLY C 564 -41.36 -15.91 39.99
C GLY C 564 -40.71 -16.51 41.23
N TRP C 565 -40.19 -15.64 42.10
CA TRP C 565 -39.53 -16.09 43.33
C TRP C 565 -39.54 -15.02 44.42
N ASN C 566 -39.96 -15.43 45.62
CA ASN C 566 -39.91 -14.57 46.79
C ASN C 566 -38.58 -14.82 47.53
N ILE C 567 -37.68 -13.85 47.48
CA ILE C 567 -36.34 -14.00 48.05
C ILE C 567 -36.39 -13.84 49.57
N ARG C 568 -37.27 -12.96 50.06
CA ARG C 568 -37.43 -12.73 51.50
C ARG C 568 -37.89 -13.98 52.22
N GLN C 569 -38.88 -14.67 51.66
CA GLN C 569 -39.44 -15.88 52.26
C GLN C 569 -38.83 -17.18 51.69
N ASN C 570 -38.05 -17.05 50.61
CA ASN C 570 -37.37 -18.18 49.98
C ASN C 570 -38.35 -19.23 49.45
N VAL C 571 -39.33 -18.77 48.67
CA VAL C 571 -40.35 -19.63 48.08
C VAL C 571 -40.73 -19.16 46.68
N GLN C 572 -41.53 -19.97 45.97
CA GLN C 572 -42.00 -19.63 44.64
C GLN C 572 -43.04 -18.51 44.69
N ALA C 573 -43.10 -17.72 43.63
CA ALA C 573 -44.05 -16.60 43.53
C ALA C 573 -44.52 -16.39 42.10
N ALA D 23 -31.34 -28.56 -59.03
CA ALA D 23 -30.57 -29.83 -58.85
C ALA D 23 -31.10 -30.61 -57.64
N PRO D 24 -30.76 -31.93 -57.56
CA PRO D 24 -31.14 -32.73 -56.39
C PRO D 24 -30.54 -32.24 -55.07
N ILE D 25 -29.35 -31.63 -55.14
CA ILE D 25 -28.66 -31.13 -53.94
C ILE D 25 -29.33 -29.87 -53.40
N ILE D 26 -29.96 -29.09 -54.28
CA ILE D 26 -30.64 -27.85 -53.88
C ILE D 26 -31.86 -28.17 -53.01
N LYS D 27 -32.62 -29.19 -53.40
CA LYS D 27 -33.80 -29.63 -52.63
C LYS D 27 -33.43 -30.26 -51.29
N LEU D 28 -32.28 -30.93 -51.24
CA LEU D 28 -31.84 -31.62 -50.03
C LEU D 28 -31.51 -30.64 -48.90
N ILE D 29 -30.83 -29.55 -49.23
CA ILE D 29 -30.49 -28.51 -48.25
C ILE D 29 -31.74 -27.75 -47.79
N ASN D 30 -32.65 -27.48 -48.72
CA ASN D 30 -33.91 -26.80 -48.40
C ASN D 30 -34.82 -27.66 -47.51
N ALA D 31 -34.85 -28.96 -47.79
CA ALA D 31 -35.63 -29.91 -47.00
C ALA D 31 -35.00 -30.13 -45.61
N MET D 32 -33.67 -30.07 -45.55
CA MET D 32 -32.93 -30.18 -44.30
C MET D 32 -33.21 -29.00 -43.38
N LEU D 33 -33.26 -27.79 -43.97
CA LEU D 33 -33.59 -26.57 -43.24
C LEU D 33 -35.05 -26.61 -42.73
N GLY D 34 -35.94 -27.19 -43.54
CA GLY D 34 -37.32 -27.40 -43.12
C GLY D 34 -37.44 -28.42 -42.00
N GLU D 35 -36.59 -29.45 -42.06
CA GLU D 35 -36.54 -30.47 -41.01
C GLU D 35 -35.91 -29.92 -39.73
N ALA D 36 -35.01 -28.95 -39.87
CA ALA D 36 -34.39 -28.28 -38.73
C ALA D 36 -35.40 -27.40 -37.99
N ILE D 37 -36.24 -26.71 -38.74
CA ILE D 37 -37.31 -25.87 -38.17
C ILE D 37 -38.43 -26.74 -37.60
N LYS D 38 -38.67 -27.89 -38.23
CA LYS D 38 -39.66 -28.87 -37.75
C LYS D 38 -39.31 -29.33 -36.33
N GLU D 39 -38.10 -29.84 -36.15
CA GLU D 39 -37.66 -30.37 -34.87
C GLU D 39 -37.33 -29.29 -33.84
N GLY D 40 -37.17 -28.04 -34.30
CA GLY D 40 -36.85 -26.92 -33.43
C GLY D 40 -35.37 -26.83 -33.15
N ALA D 41 -34.56 -26.97 -34.20
CA ALA D 41 -33.11 -26.94 -34.08
C ALA D 41 -32.59 -25.51 -34.08
N SER D 42 -31.56 -25.26 -33.27
CA SER D 42 -30.89 -23.96 -33.23
C SER D 42 -29.76 -23.93 -34.25
N ASP D 43 -28.89 -24.94 -34.18
CA ASP D 43 -27.74 -25.06 -35.08
C ASP D 43 -27.88 -26.30 -35.98
N ILE D 44 -27.26 -26.24 -37.15
CA ILE D 44 -27.11 -27.40 -38.03
C ILE D 44 -25.62 -27.63 -38.26
N HIS D 45 -25.16 -28.86 -38.02
CA HIS D 45 -23.74 -29.19 -38.09
C HIS D 45 -23.44 -30.18 -39.20
N ILE D 46 -22.88 -29.69 -40.31
CA ILE D 46 -22.41 -30.54 -41.41
C ILE D 46 -20.90 -30.74 -41.21
N GLU D 47 -20.50 -32.00 -40.99
CA GLU D 47 -19.10 -32.32 -40.70
C GLU D 47 -18.62 -33.50 -41.53
N THR D 48 -17.47 -33.32 -42.19
CA THR D 48 -16.91 -34.32 -43.08
C THR D 48 -15.70 -35.00 -42.44
N PHE D 49 -15.75 -36.33 -42.35
CA PHE D 49 -14.62 -37.13 -41.84
C PHE D 49 -13.97 -37.89 -43.00
N GLU D 50 -13.03 -38.77 -42.69
CA GLU D 50 -12.33 -39.54 -43.71
C GLU D 50 -13.26 -40.52 -44.42
N LYS D 51 -13.99 -41.30 -43.65
CA LYS D 51 -14.88 -42.35 -44.19
C LYS D 51 -16.33 -41.90 -44.32
N THR D 52 -16.84 -41.19 -43.30
CA THR D 52 -18.27 -40.86 -43.23
C THR D 52 -18.54 -39.35 -43.27
N LEU D 53 -19.72 -39.01 -43.77
CA LEU D 53 -20.24 -37.63 -43.72
C LEU D 53 -21.42 -37.62 -42.76
N SER D 54 -21.41 -36.69 -41.80
CA SER D 54 -22.40 -36.66 -40.74
C SER D 54 -23.15 -35.32 -40.67
N ILE D 55 -24.46 -35.41 -40.46
CA ILE D 55 -25.31 -34.24 -40.23
C ILE D 55 -25.85 -34.32 -38.80
N ARG D 56 -25.84 -33.19 -38.10
CA ARG D 56 -26.32 -33.13 -36.72
C ARG D 56 -27.01 -31.80 -36.40
N PHE D 57 -28.15 -31.88 -35.71
CA PHE D 57 -28.84 -30.69 -35.20
C PHE D 57 -28.67 -30.60 -33.69
N ARG D 58 -28.41 -29.39 -33.19
CA ARG D 58 -28.38 -29.14 -31.75
C ARG D 58 -29.76 -28.66 -31.29
N VAL D 59 -30.68 -29.60 -31.15
CA VAL D 59 -32.05 -29.28 -30.75
C VAL D 59 -32.11 -29.07 -29.23
N ASP D 60 -32.29 -27.82 -28.82
CA ASP D 60 -32.36 -27.44 -27.41
C ASP D 60 -31.09 -27.80 -26.63
N GLY D 61 -29.94 -27.39 -27.18
CA GLY D 61 -28.64 -27.60 -26.53
C GLY D 61 -28.19 -29.04 -26.42
N VAL D 62 -28.68 -29.90 -27.33
CA VAL D 62 -28.32 -31.32 -27.35
C VAL D 62 -28.13 -31.77 -28.80
N LEU D 63 -26.90 -32.11 -29.15
CA LEU D 63 -26.57 -32.57 -30.50
C LEU D 63 -27.22 -33.93 -30.77
N ARG D 64 -27.62 -34.14 -32.03
CA ARG D 64 -28.46 -35.28 -32.40
C ARG D 64 -28.11 -35.80 -33.80
N GLU D 65 -27.91 -37.11 -33.90
CA GLU D 65 -27.64 -37.75 -35.19
C GLU D 65 -28.92 -37.86 -36.00
N VAL D 66 -28.97 -37.19 -37.15
CA VAL D 66 -30.16 -37.15 -38.00
C VAL D 66 -30.01 -37.94 -39.30
N LEU D 67 -28.82 -37.88 -39.90
CA LEU D 67 -28.56 -38.54 -41.18
C LEU D 67 -27.06 -38.66 -41.42
N ALA D 68 -26.67 -39.78 -42.03
CA ALA D 68 -25.28 -40.00 -42.47
C ALA D 68 -25.28 -40.35 -43.96
N PRO D 69 -25.27 -39.31 -44.82
CA PRO D 69 -25.29 -39.56 -46.28
C PRO D 69 -23.95 -40.09 -46.80
N SER D 70 -23.85 -40.22 -48.12
CA SER D 70 -22.62 -40.66 -48.76
C SER D 70 -21.52 -39.61 -48.57
N ARG D 71 -20.28 -40.09 -48.43
CA ARG D 71 -19.13 -39.20 -48.21
C ARG D 71 -18.85 -38.34 -49.44
N LYS D 72 -19.18 -38.87 -50.63
CA LYS D 72 -18.97 -38.17 -51.90
C LYS D 72 -19.70 -36.82 -51.97
N LEU D 73 -20.83 -36.71 -51.28
CA LEU D 73 -21.65 -35.50 -51.30
C LEU D 73 -21.05 -34.32 -50.53
N SER D 74 -20.05 -34.60 -49.68
CA SER D 74 -19.42 -33.59 -48.82
C SER D 74 -19.14 -32.26 -49.53
N SER D 75 -18.51 -32.33 -50.70
CA SER D 75 -18.14 -31.14 -51.47
C SER D 75 -19.35 -30.39 -52.02
N LEU D 76 -20.40 -31.13 -52.39
CA LEU D 76 -21.61 -30.55 -52.98
C LEU D 76 -22.47 -29.83 -51.93
N LEU D 77 -22.55 -30.41 -50.73
CA LEU D 77 -23.30 -29.80 -49.63
C LEU D 77 -22.64 -28.52 -49.15
N VAL D 78 -21.31 -28.51 -49.12
CA VAL D 78 -20.54 -27.31 -48.75
C VAL D 78 -20.70 -26.24 -49.84
N SER D 79 -20.70 -26.66 -51.10
CA SER D 79 -20.84 -25.73 -52.23
C SER D 79 -22.22 -25.06 -52.28
N ARG D 80 -23.26 -25.83 -52.00
CA ARG D 80 -24.64 -25.32 -52.04
C ARG D 80 -24.91 -24.29 -50.93
N VAL D 81 -24.45 -24.59 -49.72
CA VAL D 81 -24.67 -23.71 -48.57
C VAL D 81 -23.85 -22.41 -48.71
N LYS D 82 -22.71 -22.49 -49.41
CA LYS D 82 -21.88 -21.32 -49.69
C LYS D 82 -22.58 -20.32 -50.60
N VAL D 83 -23.08 -20.81 -51.75
CA VAL D 83 -23.72 -19.94 -52.75
C VAL D 83 -25.04 -19.32 -52.26
N MET D 84 -25.71 -20.00 -51.32
CA MET D 84 -26.90 -19.44 -50.69
C MET D 84 -26.55 -18.26 -49.79
N ALA D 85 -25.37 -18.32 -49.15
CA ALA D 85 -24.90 -17.25 -48.28
C ALA D 85 -23.93 -16.29 -48.97
N LYS D 86 -23.81 -16.41 -50.30
CA LYS D 86 -22.98 -15.51 -51.12
C LYS D 86 -21.50 -15.55 -50.70
N LEU D 87 -20.97 -16.76 -50.55
CA LEU D 87 -19.57 -16.97 -50.15
C LEU D 87 -18.76 -17.53 -51.32
N ASP D 88 -17.44 -17.57 -51.14
CA ASP D 88 -16.53 -18.05 -52.17
C ASP D 88 -16.60 -19.58 -52.27
N ILE D 89 -16.76 -20.08 -53.49
CA ILE D 89 -16.90 -21.52 -53.73
C ILE D 89 -15.53 -22.19 -53.77
N ALA D 90 -14.62 -21.64 -54.58
CA ALA D 90 -13.31 -22.24 -54.82
C ALA D 90 -12.36 -22.14 -53.63
N GLU D 91 -12.54 -21.12 -52.80
CA GLU D 91 -11.69 -20.91 -51.63
C GLU D 91 -12.05 -21.89 -50.52
N LYS D 92 -11.16 -22.85 -50.27
CA LYS D 92 -11.36 -23.87 -49.24
C LYS D 92 -10.23 -23.85 -48.20
N ARG D 93 -9.52 -22.72 -48.10
CA ARG D 93 -8.35 -22.60 -47.23
C ARG D 93 -8.56 -21.66 -46.03
N VAL D 94 -9.59 -20.83 -46.07
CA VAL D 94 -9.87 -19.87 -44.99
C VAL D 94 -11.31 -19.97 -44.51
N PRO D 95 -11.59 -19.49 -43.27
CA PRO D 95 -12.96 -19.47 -42.77
C PRO D 95 -13.79 -18.36 -43.44
N GLN D 96 -15.06 -18.68 -43.76
CA GLN D 96 -15.96 -17.72 -44.40
C GLN D 96 -17.30 -17.68 -43.68
N ASP D 97 -17.75 -16.48 -43.31
CA ASP D 97 -19.03 -16.28 -42.63
C ASP D 97 -19.97 -15.47 -43.53
N GLY D 98 -21.23 -15.92 -43.63
CA GLY D 98 -22.23 -15.27 -44.47
C GLY D 98 -23.62 -15.26 -43.84
N ARG D 99 -24.60 -14.80 -44.60
CA ARG D 99 -25.98 -14.71 -44.12
C ARG D 99 -27.00 -15.11 -45.20
N ILE D 100 -28.15 -15.63 -44.75
CA ILE D 100 -29.26 -15.97 -45.62
C ILE D 100 -30.58 -15.58 -44.96
N SER D 101 -31.54 -15.14 -45.77
CA SER D 101 -32.87 -14.76 -45.27
C SER D 101 -33.95 -15.62 -45.93
N LEU D 102 -34.50 -16.56 -45.16
CA LEU D 102 -35.53 -17.48 -45.66
C LEU D 102 -36.86 -17.21 -44.98
N ALA D 108 -39.85 -16.55 -41.63
CA ALA D 108 -38.82 -15.53 -41.41
C ALA D 108 -37.67 -16.07 -40.57
N VAL D 109 -36.81 -16.86 -41.21
CA VAL D 109 -35.67 -17.49 -40.54
C VAL D 109 -34.35 -16.91 -41.06
N ASP D 110 -33.61 -16.25 -40.18
CA ASP D 110 -32.31 -15.67 -40.51
C ASP D 110 -31.19 -16.58 -40.03
N VAL D 111 -30.41 -17.12 -40.97
CA VAL D 111 -29.33 -18.05 -40.65
C VAL D 111 -27.96 -17.39 -40.80
N ARG D 112 -26.99 -17.82 -40.00
CA ARG D 112 -25.62 -17.35 -40.10
C ARG D 112 -24.67 -18.54 -40.30
N VAL D 113 -24.32 -18.80 -41.55
CA VAL D 113 -23.39 -19.88 -41.89
C VAL D 113 -21.97 -19.53 -41.46
N SER D 114 -21.20 -20.55 -41.10
CA SER D 114 -19.79 -20.38 -40.74
C SER D 114 -18.98 -21.59 -41.19
N THR D 115 -18.25 -21.46 -42.30
CA THR D 115 -17.38 -22.52 -42.80
C THR D 115 -15.98 -22.37 -42.21
N MET D 116 -15.25 -23.48 -42.16
CA MET D 116 -13.89 -23.50 -41.62
C MET D 116 -13.09 -24.65 -42.23
N PRO D 117 -11.79 -24.44 -42.49
CA PRO D 117 -10.97 -25.52 -43.05
C PRO D 117 -10.66 -26.62 -42.03
N SER D 118 -10.47 -27.85 -42.51
CA SER D 118 -10.11 -28.98 -41.66
C SER D 118 -9.32 -30.02 -42.46
N SER D 119 -9.08 -31.17 -41.85
CA SER D 119 -8.30 -32.23 -42.48
C SER D 119 -8.99 -32.85 -43.69
N HIS D 120 -10.30 -33.11 -43.56
CA HIS D 120 -11.07 -33.77 -44.61
C HIS D 120 -12.08 -32.80 -45.23
N GLY D 121 -11.59 -31.67 -45.73
CA GLY D 121 -12.43 -30.65 -46.33
C GLY D 121 -12.95 -29.66 -45.30
N GLU D 122 -13.97 -28.90 -45.68
CA GLU D 122 -14.54 -27.86 -44.81
C GLU D 122 -15.64 -28.40 -43.91
N ARG D 123 -15.88 -27.69 -42.80
CA ARG D 123 -16.90 -28.05 -41.83
C ARG D 123 -17.88 -26.88 -41.69
N VAL D 124 -19.15 -27.13 -42.03
CA VAL D 124 -20.16 -26.06 -42.09
C VAL D 124 -21.07 -26.08 -40.87
N VAL D 125 -21.35 -24.89 -40.33
CA VAL D 125 -22.31 -24.72 -39.24
C VAL D 125 -23.14 -23.46 -39.48
N MET D 126 -24.47 -23.60 -39.45
CA MET D 126 -25.38 -22.48 -39.70
C MET D 126 -26.39 -22.34 -38.57
N ARG D 127 -26.32 -21.20 -37.87
CA ARG D 127 -27.15 -20.92 -36.70
C ARG D 127 -28.50 -20.36 -37.11
N LEU D 128 -29.58 -21.10 -36.81
CA LEU D 128 -30.93 -20.68 -37.16
C LEU D 128 -31.49 -19.72 -36.10
N LEU D 129 -31.76 -18.48 -36.52
CA LEU D 129 -32.35 -17.47 -35.65
C LEU D 129 -33.59 -16.88 -36.30
N ASP D 130 -34.69 -16.83 -35.55
CA ASP D 130 -35.95 -16.28 -36.05
C ASP D 130 -35.88 -14.75 -36.11
N LYS D 131 -36.72 -14.15 -36.96
CA LYS D 131 -36.83 -12.70 -37.08
C LYS D 131 -38.21 -12.25 -36.60
N ASP D 137 -44.32 -14.39 -20.91
CA ASP D 137 -44.35 -14.29 -19.47
C ASP D 137 -43.05 -14.80 -18.87
N LEU D 138 -42.51 -14.08 -17.89
CA LEU D 138 -41.23 -14.41 -17.28
C LEU D 138 -41.34 -15.59 -16.32
N HIS D 139 -42.48 -15.70 -15.65
CA HIS D 139 -42.77 -16.83 -14.76
C HIS D 139 -42.95 -18.14 -15.54
N SER D 140 -43.58 -18.05 -16.71
CA SER D 140 -43.79 -19.20 -17.58
C SER D 140 -42.48 -19.75 -18.13
N LEU D 141 -41.51 -18.86 -18.38
CA LEU D 141 -40.20 -19.25 -18.88
C LEU D 141 -39.38 -20.04 -17.86
N GLY D 142 -39.51 -19.68 -16.58
CA GLY D 142 -38.79 -20.39 -15.53
C GLY D 142 -38.67 -19.70 -14.17
N MET D 143 -38.58 -18.37 -14.18
CA MET D 143 -38.37 -17.60 -12.95
C MET D 143 -39.42 -17.91 -11.88
N THR D 144 -38.97 -17.99 -10.63
CA THR D 144 -39.87 -18.19 -9.49
C THR D 144 -40.56 -16.87 -9.16
N ALA D 145 -41.54 -16.94 -8.25
CA ALA D 145 -42.30 -15.76 -7.83
C ALA D 145 -41.41 -14.69 -7.19
N HIS D 146 -40.43 -15.14 -6.41
CA HIS D 146 -39.51 -14.24 -5.72
C HIS D 146 -38.48 -13.64 -6.70
N ASN D 147 -38.02 -14.45 -7.65
CA ASN D 147 -37.08 -13.99 -8.67
C ASN D 147 -37.68 -12.96 -9.63
N HIS D 148 -38.96 -13.14 -9.96
CA HIS D 148 -39.66 -12.21 -10.86
C HIS D 148 -39.85 -10.86 -10.16
N ASP D 149 -40.37 -10.89 -8.93
CA ASP D 149 -40.59 -9.67 -8.15
C ASP D 149 -39.30 -8.89 -7.92
N ASN D 150 -38.21 -9.59 -7.67
CA ASN D 150 -36.89 -8.97 -7.51
C ASN D 150 -36.38 -8.38 -8.83
N PHE D 151 -36.62 -9.07 -9.93
CA PHE D 151 -36.23 -8.59 -11.25
C PHE D 151 -37.14 -7.44 -11.70
N ARG D 152 -38.44 -7.54 -11.40
CA ARG D 152 -39.41 -6.47 -11.65
C ARG D 152 -38.93 -5.14 -11.07
N ARG D 153 -38.66 -5.15 -9.76
CA ARG D 153 -38.24 -3.95 -9.04
C ARG D 153 -36.92 -3.38 -9.58
N LEU D 154 -36.04 -4.27 -10.05
CA LEU D 154 -34.72 -3.86 -10.54
C LEU D 154 -34.83 -3.16 -11.90
N ILE D 155 -35.57 -3.78 -12.83
CA ILE D 155 -35.78 -3.19 -14.16
C ILE D 155 -36.74 -1.99 -14.16
N LYS D 156 -37.41 -1.76 -13.03
CA LYS D 156 -38.28 -0.59 -12.89
C LYS D 156 -37.62 0.55 -12.10
N ARG D 157 -36.32 0.44 -11.84
CA ARG D 157 -35.56 1.54 -11.23
C ARG D 157 -35.36 2.66 -12.26
N PRO D 158 -35.18 3.91 -11.80
CA PRO D 158 -35.00 5.01 -12.73
C PRO D 158 -33.69 4.99 -13.52
N HIS D 159 -32.67 4.31 -12.99
CA HIS D 159 -31.36 4.27 -13.62
C HIS D 159 -30.49 3.12 -13.09
N GLY D 160 -29.46 2.77 -13.84
CA GLY D 160 -28.52 1.72 -13.46
C GLY D 160 -28.40 0.63 -14.51
N ILE D 161 -27.35 -0.19 -14.41
CA ILE D 161 -27.13 -1.28 -15.36
C ILE D 161 -27.60 -2.61 -14.78
N ILE D 162 -28.32 -3.38 -15.59
CA ILE D 162 -28.75 -4.73 -15.23
C ILE D 162 -28.28 -5.69 -16.32
N LEU D 163 -27.41 -6.63 -15.94
CA LEU D 163 -26.83 -7.56 -16.90
C LEU D 163 -27.40 -8.97 -16.75
N VAL D 164 -27.49 -9.68 -17.87
CA VAL D 164 -27.93 -11.08 -17.89
C VAL D 164 -26.79 -11.91 -18.49
N THR D 165 -26.24 -12.82 -17.70
CA THR D 165 -25.04 -13.56 -18.09
C THR D 165 -25.24 -15.08 -18.15
N GLY D 166 -24.25 -15.76 -18.72
CA GLY D 166 -24.32 -17.20 -19.00
C GLY D 166 -23.65 -17.52 -20.33
N PRO D 167 -23.67 -18.80 -20.74
CA PRO D 167 -23.07 -19.22 -22.00
C PRO D 167 -24.02 -19.04 -23.19
N THR D 168 -23.58 -19.46 -24.38
CA THR D 168 -24.38 -19.34 -25.60
C THR D 168 -25.57 -20.31 -25.55
N GLY D 169 -26.74 -19.83 -25.96
CA GLY D 169 -27.96 -20.63 -25.95
C GLY D 169 -28.53 -20.81 -24.55
N SER D 170 -28.44 -19.77 -23.72
CA SER D 170 -28.94 -19.79 -22.35
C SER D 170 -30.22 -18.97 -22.19
N GLY D 171 -30.74 -18.44 -23.30
CA GLY D 171 -32.01 -17.69 -23.29
C GLY D 171 -31.92 -16.35 -22.61
N LYS D 172 -30.87 -15.59 -22.93
CA LYS D 172 -30.67 -14.25 -22.36
C LYS D 172 -31.61 -13.25 -23.02
N SER D 173 -31.60 -13.25 -24.35
CA SER D 173 -32.45 -12.35 -25.15
C SER D 173 -33.91 -12.51 -24.75
N THR D 174 -34.37 -13.75 -24.71
CA THR D 174 -35.75 -14.07 -24.30
C THR D 174 -36.11 -13.43 -22.95
N THR D 175 -35.14 -13.43 -22.02
CA THR D 175 -35.34 -12.83 -20.70
C THR D 175 -35.34 -11.29 -20.78
N LEU D 176 -34.45 -10.73 -21.60
CA LEU D 176 -34.42 -9.28 -21.82
C LEU D 176 -35.69 -8.80 -22.52
N TYR D 177 -36.06 -9.50 -23.59
CA TYR D 177 -37.30 -9.21 -24.33
C TYR D 177 -38.54 -9.23 -23.43
N ALA D 178 -38.58 -10.19 -22.50
CA ALA D 178 -39.66 -10.29 -21.53
C ALA D 178 -39.63 -9.11 -20.55
N GLY D 179 -38.43 -8.65 -20.20
CA GLY D 179 -38.27 -7.49 -19.32
C GLY D 179 -38.70 -6.19 -19.97
N LEU D 180 -38.37 -6.03 -21.25
CA LEU D 180 -38.76 -4.83 -22.00
C LEU D 180 -40.27 -4.80 -22.25
N GLN D 181 -40.85 -5.96 -22.55
CA GLN D 181 -42.30 -6.08 -22.74
C GLN D 181 -43.08 -5.75 -21.46
N GLU D 182 -42.50 -6.09 -20.30
CA GLU D 182 -43.10 -5.76 -19.01
C GLU D 182 -43.05 -4.24 -18.76
N LEU D 183 -41.93 -3.62 -19.13
CA LEU D 183 -41.78 -2.17 -19.03
C LEU D 183 -42.53 -1.41 -20.13
N ASN D 184 -42.81 -2.09 -21.24
CA ASN D 184 -43.45 -1.46 -22.40
C ASN D 184 -44.76 -0.75 -22.04
N SER D 185 -44.62 0.51 -21.64
CA SER D 185 -45.75 1.35 -21.25
C SER D 185 -45.73 2.65 -22.05
N SER D 186 -46.82 3.39 -21.99
CA SER D 186 -46.92 4.68 -22.65
C SER D 186 -46.18 5.79 -21.90
N GLU D 187 -45.78 5.51 -20.65
CA GLU D 187 -45.09 6.48 -19.81
C GLU D 187 -43.56 6.44 -19.91
N ARG D 188 -43.01 5.56 -20.75
CA ARG D 188 -41.57 5.44 -20.93
C ARG D 188 -41.15 5.35 -22.39
N ASN D 189 -39.94 5.85 -22.67
CA ASN D 189 -39.34 5.77 -24.01
C ASN D 189 -38.23 4.72 -24.01
N ILE D 190 -38.52 3.57 -24.60
CA ILE D 190 -37.59 2.44 -24.62
C ILE D 190 -37.01 2.27 -26.04
N LEU D 191 -35.69 2.21 -26.13
CA LEU D 191 -34.99 2.02 -27.40
C LEU D 191 -33.90 0.95 -27.24
N THR D 192 -33.57 0.25 -28.32
CA THR D 192 -32.59 -0.84 -28.27
C THR D 192 -31.63 -0.86 -29.45
N VAL D 193 -30.40 -1.30 -29.20
CA VAL D 193 -29.42 -1.61 -30.24
C VAL D 193 -29.15 -3.10 -30.19
N GLU D 194 -29.35 -3.79 -31.31
CA GLU D 194 -29.23 -5.26 -31.37
C GLU D 194 -28.45 -5.72 -32.59
N ASP D 195 -27.86 -6.92 -32.49
CA ASP D 195 -27.05 -7.49 -33.56
C ASP D 195 -27.22 -9.01 -33.63
N PRO D 196 -28.28 -9.49 -34.31
CA PRO D 196 -29.37 -8.75 -34.94
C PRO D 196 -30.57 -8.61 -34.02
N ILE D 197 -31.65 -8.02 -34.54
CA ILE D 197 -32.90 -7.91 -33.80
C ILE D 197 -33.59 -9.28 -33.83
N GLU D 198 -33.83 -9.86 -32.66
CA GLU D 198 -34.38 -11.22 -32.56
C GLU D 198 -35.82 -11.26 -33.07
N PHE D 199 -36.66 -10.37 -32.55
CA PHE D 199 -37.99 -10.13 -33.10
C PHE D 199 -38.48 -8.73 -32.75
N ASP D 200 -39.62 -8.34 -33.30
CA ASP D 200 -40.13 -6.98 -33.14
C ASP D 200 -41.10 -6.85 -31.96
N ILE D 201 -40.76 -5.98 -31.01
CA ILE D 201 -41.69 -5.59 -29.95
C ILE D 201 -42.42 -4.33 -30.44
N ASP D 202 -43.73 -4.43 -30.60
CA ASP D 202 -44.54 -3.29 -31.01
C ASP D 202 -44.71 -2.31 -29.85
N GLY D 203 -44.30 -1.07 -30.05
CA GLY D 203 -44.31 -0.04 -29.00
C GLY D 203 -42.92 0.34 -28.51
N ILE D 204 -41.90 -0.40 -28.98
CA ILE D 204 -40.51 -0.15 -28.59
C ILE D 204 -39.64 0.01 -29.84
N GLY D 205 -38.80 1.04 -29.84
CA GLY D 205 -37.86 1.28 -30.94
C GLY D 205 -36.71 0.29 -30.90
N GLN D 206 -36.31 -0.20 -32.07
CA GLN D 206 -35.26 -1.22 -32.16
C GLN D 206 -34.36 -1.00 -33.38
N THR D 207 -33.18 -0.45 -33.13
CA THR D 207 -32.18 -0.23 -34.17
C THR D 207 -31.28 -1.46 -34.31
N GLN D 208 -30.82 -1.71 -35.53
CA GLN D 208 -29.97 -2.88 -35.82
C GLN D 208 -28.54 -2.44 -36.14
N VAL D 209 -27.56 -3.23 -35.69
CA VAL D 209 -26.14 -2.97 -35.95
C VAL D 209 -25.83 -3.22 -37.43
N ASN D 210 -25.62 -2.15 -38.18
CA ASN D 210 -25.37 -2.22 -39.62
C ASN D 210 -23.89 -1.96 -39.93
N PRO D 211 -23.18 -2.98 -40.45
CA PRO D 211 -21.76 -2.80 -40.79
C PRO D 211 -21.52 -2.10 -42.13
N ARG D 212 -22.57 -1.98 -42.96
CA ARG D 212 -22.45 -1.32 -44.27
C ARG D 212 -22.26 0.18 -44.16
N VAL D 213 -22.80 0.78 -43.10
CA VAL D 213 -22.65 2.21 -42.83
C VAL D 213 -21.80 2.48 -41.58
N ASP D 214 -21.09 1.44 -41.12
CA ASP D 214 -20.25 1.52 -39.91
C ASP D 214 -21.06 1.88 -38.65
N MET D 215 -22.30 1.39 -38.60
CA MET D 215 -23.16 1.59 -37.43
C MET D 215 -22.92 0.45 -36.45
N THR D 216 -22.09 0.72 -35.44
CA THR D 216 -21.70 -0.28 -34.43
C THR D 216 -22.55 -0.19 -33.18
N PHE D 217 -22.31 -1.06 -32.21
CA PHE D 217 -22.95 -1.00 -30.89
C PHE D 217 -22.64 0.32 -30.19
N ALA D 218 -21.38 0.74 -30.23
CA ALA D 218 -20.95 1.97 -29.59
C ALA D 218 -21.58 3.20 -30.23
N ARG D 219 -21.50 3.27 -31.56
CA ARG D 219 -22.09 4.38 -32.31
C ARG D 219 -23.63 4.37 -32.23
N GLY D 220 -24.21 3.17 -32.23
CA GLY D 220 -25.65 3.00 -32.10
C GLY D 220 -26.16 3.40 -30.72
N LEU D 221 -25.42 2.99 -29.68
CA LEU D 221 -25.75 3.36 -28.31
C LEU D 221 -25.53 4.86 -28.07
N ARG D 222 -24.49 5.41 -28.69
CA ARG D 222 -24.20 6.85 -28.61
C ARG D 222 -25.28 7.69 -29.30
N ALA D 223 -25.92 7.11 -30.33
CA ALA D 223 -27.01 7.76 -31.05
C ALA D 223 -28.33 7.69 -30.29
N ILE D 224 -28.60 6.53 -29.68
CA ILE D 224 -29.83 6.33 -28.89
C ILE D 224 -29.93 7.31 -27.72
N LEU D 225 -28.81 7.62 -27.10
CA LEU D 225 -28.78 8.54 -25.95
C LEU D 225 -29.19 9.97 -26.30
N ARG D 226 -29.15 10.32 -27.59
CA ARG D 226 -29.61 11.64 -28.05
C ARG D 226 -31.09 11.65 -28.45
N GLN D 227 -31.80 10.55 -28.20
CA GLN D 227 -33.24 10.45 -28.48
C GLN D 227 -34.10 10.69 -27.22
N ASP D 228 -33.45 11.10 -26.12
CA ASP D 228 -34.11 11.28 -24.83
C ASP D 228 -34.79 9.98 -24.37
N PRO D 229 -34.02 8.92 -24.12
CA PRO D 229 -34.58 7.66 -23.66
C PRO D 229 -34.71 7.58 -22.14
N ASP D 230 -35.63 6.76 -21.67
CA ASP D 230 -35.77 6.47 -20.24
C ASP D 230 -35.06 5.15 -19.91
N VAL D 231 -35.24 4.16 -20.77
CA VAL D 231 -34.57 2.86 -20.66
C VAL D 231 -33.88 2.51 -21.97
N VAL D 232 -32.72 1.87 -21.88
CA VAL D 232 -31.96 1.46 -23.07
C VAL D 232 -31.55 -0.01 -22.93
N MET D 233 -31.64 -0.75 -24.04
CA MET D 233 -31.21 -2.16 -24.06
C MET D 233 -30.16 -2.37 -25.15
N VAL D 234 -28.92 -2.63 -24.73
CA VAL D 234 -27.83 -2.91 -25.65
C VAL D 234 -27.72 -4.42 -25.82
N GLY D 235 -27.59 -4.86 -27.07
CA GLY D 235 -27.47 -6.30 -27.38
C GLY D 235 -26.48 -6.99 -26.46
N GLU D 236 -25.24 -6.51 -26.50
CA GLU D 236 -24.20 -6.94 -25.56
C GLU D 236 -23.02 -5.97 -25.57
N ILE D 237 -22.35 -5.84 -24.43
CA ILE D 237 -21.20 -4.95 -24.29
C ILE D 237 -19.90 -5.74 -24.45
N ARG D 238 -19.47 -5.90 -25.70
CA ARG D 238 -18.33 -6.75 -26.04
C ARG D 238 -16.99 -6.10 -25.73
N ASP D 239 -16.90 -4.79 -25.92
CA ASP D 239 -15.63 -4.05 -25.77
C ASP D 239 -15.74 -2.93 -24.73
N LEU D 240 -14.60 -2.28 -24.47
CA LEU D 240 -14.53 -1.20 -23.47
C LEU D 240 -15.33 0.04 -23.88
N GLU D 241 -15.19 0.44 -25.15
CA GLU D 241 -15.86 1.66 -25.66
C GLU D 241 -17.37 1.61 -25.46
N THR D 242 -17.98 0.47 -25.73
CA THR D 242 -19.42 0.28 -25.57
C THR D 242 -19.82 0.29 -24.10
N ALA D 243 -18.96 -0.30 -23.24
CA ALA D 243 -19.20 -0.33 -21.81
C ALA D 243 -19.06 1.06 -21.18
N GLN D 244 -18.06 1.82 -21.62
CA GLN D 244 -17.85 3.19 -21.16
C GLN D 244 -19.08 4.07 -21.37
N ILE D 245 -19.74 3.91 -22.52
CA ILE D 245 -20.94 4.67 -22.85
C ILE D 245 -22.13 4.19 -22.00
N ALA D 246 -22.21 2.88 -21.79
CA ALA D 246 -23.28 2.29 -20.97
C ALA D 246 -23.15 2.68 -19.51
N VAL D 247 -21.92 2.80 -19.01
CA VAL D 247 -21.66 3.25 -17.64
C VAL D 247 -22.02 4.72 -17.48
N GLN D 248 -21.65 5.54 -18.47
CA GLN D 248 -22.03 6.95 -18.49
C GLN D 248 -23.55 7.10 -18.60
N ALA D 249 -24.16 6.26 -19.44
CA ALA D 249 -25.61 6.26 -19.61
C ALA D 249 -26.34 5.99 -18.30
N SER D 250 -25.85 5.00 -17.56
CA SER D 250 -26.45 4.61 -16.28
C SER D 250 -26.33 5.71 -15.22
N LEU D 251 -25.19 6.38 -15.19
CA LEU D 251 -24.96 7.49 -14.25
C LEU D 251 -25.78 8.73 -14.63
N THR D 252 -26.05 8.90 -15.93
CA THR D 252 -26.76 10.09 -16.43
C THR D 252 -28.28 9.86 -16.58
N GLY D 253 -28.88 9.21 -15.60
CA GLY D 253 -30.35 9.12 -15.50
C GLY D 253 -31.05 8.12 -16.39
N HIS D 254 -30.30 7.23 -17.03
CA HIS D 254 -30.89 6.19 -17.89
C HIS D 254 -30.75 4.82 -17.24
N LEU D 255 -31.76 3.98 -17.41
CA LEU D 255 -31.67 2.57 -17.01
C LEU D 255 -31.12 1.78 -18.20
N VAL D 256 -29.97 1.14 -18.01
CA VAL D 256 -29.32 0.40 -19.09
C VAL D 256 -29.50 -1.11 -18.88
N MET D 257 -29.63 -1.84 -19.99
CA MET D 257 -29.76 -3.29 -19.97
C MET D 257 -28.85 -3.91 -21.03
N SER D 258 -28.15 -4.97 -20.67
CA SER D 258 -27.22 -5.63 -21.60
C SER D 258 -26.91 -7.06 -21.16
N THR D 259 -25.98 -7.70 -21.87
CA THR D 259 -25.55 -9.07 -21.55
C THR D 259 -24.04 -9.22 -21.65
N LEU D 260 -23.52 -10.26 -20.99
CA LEU D 260 -22.10 -10.61 -21.05
C LEU D 260 -21.94 -12.12 -20.98
N HIS D 261 -21.07 -12.66 -21.82
CA HIS D 261 -20.84 -14.11 -21.84
C HIS D 261 -19.89 -14.51 -20.72
N THR D 262 -20.43 -14.59 -19.50
CA THR D 262 -19.66 -15.01 -18.32
C THR D 262 -20.41 -16.15 -17.62
N ASN D 263 -19.64 -17.06 -17.02
CA ASN D 263 -20.20 -18.30 -16.47
C ASN D 263 -20.90 -18.12 -15.13
N THR D 264 -20.61 -17.03 -14.43
CA THR D 264 -21.21 -16.77 -13.12
C THR D 264 -21.73 -15.34 -13.02
N ALA D 265 -22.53 -15.07 -12.00
CA ALA D 265 -23.04 -13.72 -11.73
C ALA D 265 -21.90 -12.79 -11.30
N VAL D 266 -20.90 -13.35 -10.62
CA VAL D 266 -19.70 -12.60 -10.24
C VAL D 266 -18.82 -12.39 -11.48
N GLY D 267 -18.93 -13.33 -12.43
CA GLY D 267 -18.24 -13.23 -13.72
C GLY D 267 -18.57 -11.98 -14.53
N ALA D 268 -19.77 -11.44 -14.33
CA ALA D 268 -20.18 -10.20 -15.02
C ALA D 268 -19.47 -8.99 -14.43
N VAL D 269 -19.47 -8.88 -13.11
CA VAL D 269 -18.74 -7.81 -12.40
C VAL D 269 -17.25 -7.95 -12.72
N THR D 270 -16.76 -9.17 -12.63
CA THR D 270 -15.43 -9.57 -13.13
C THR D 270 -15.16 -8.97 -14.50
N ARG D 271 -16.00 -9.31 -15.47
CA ARG D 271 -15.78 -8.97 -16.88
C ARG D 271 -15.69 -7.45 -17.14
N LEU D 272 -16.45 -6.66 -16.38
CA LEU D 272 -16.38 -5.20 -16.49
C LEU D 272 -15.05 -4.67 -15.98
N ARG D 273 -14.51 -5.31 -14.94
CA ARG D 273 -13.21 -4.95 -14.38
C ARG D 273 -12.08 -5.32 -15.35
N ASP D 274 -12.30 -6.34 -16.16
CA ASP D 274 -11.29 -6.84 -17.11
C ASP D 274 -11.13 -5.90 -18.30
N MET D 275 -12.25 -5.49 -18.89
CA MET D 275 -12.23 -4.60 -20.07
C MET D 275 -11.53 -3.27 -19.80
N GLY D 276 -11.66 -2.78 -18.58
CA GLY D 276 -11.01 -1.53 -18.16
C GLY D 276 -11.94 -0.48 -17.58
N ILE D 277 -13.06 -0.91 -16.99
CA ILE D 277 -13.96 -0.02 -16.28
C ILE D 277 -13.41 0.14 -14.87
N GLU D 278 -13.16 1.38 -14.45
CA GLU D 278 -12.63 1.65 -13.11
C GLU D 278 -13.47 0.94 -12.05
N PRO D 279 -12.82 0.18 -11.15
CA PRO D 279 -13.52 -0.62 -10.13
C PRO D 279 -14.68 0.11 -9.47
N PHE D 280 -14.51 1.41 -9.20
CA PHE D 280 -15.58 2.21 -8.63
C PHE D 280 -16.84 2.20 -9.50
N LEU D 281 -16.67 2.60 -10.76
CA LEU D 281 -17.79 2.86 -11.67
C LEU D 281 -18.82 1.73 -11.73
N ILE D 282 -18.35 0.50 -11.46
CA ILE D 282 -19.22 -0.67 -11.42
C ILE D 282 -20.12 -0.63 -10.17
N SER D 283 -19.55 -0.24 -9.03
CA SER D 283 -20.31 -0.18 -7.77
C SER D 283 -21.44 0.84 -7.80
N SER D 284 -21.17 2.00 -8.40
CA SER D 284 -22.16 3.08 -8.47
C SER D 284 -23.31 2.78 -9.42
N SER D 285 -22.98 2.21 -10.58
CA SER D 285 -23.96 2.01 -11.65
C SER D 285 -24.72 0.69 -11.56
N LEU D 286 -24.00 -0.39 -11.28
CA LEU D 286 -24.57 -1.75 -11.34
C LEU D 286 -25.67 -1.97 -10.30
N LEU D 287 -26.85 -2.36 -10.79
CA LEU D 287 -27.97 -2.72 -9.93
C LEU D 287 -27.93 -4.20 -9.58
N GLY D 288 -27.67 -5.03 -10.57
CA GLY D 288 -27.62 -6.48 -10.37
C GLY D 288 -27.24 -7.28 -11.59
N VAL D 289 -26.98 -8.58 -11.38
CA VAL D 289 -26.62 -9.51 -12.45
C VAL D 289 -27.54 -10.73 -12.38
N LEU D 290 -27.90 -11.25 -13.55
CA LEU D 290 -28.77 -12.43 -13.65
C LEU D 290 -28.08 -13.57 -14.41
N ALA D 291 -27.42 -14.45 -13.66
CA ALA D 291 -26.79 -15.64 -14.24
C ALA D 291 -27.88 -16.66 -14.58
N GLN D 292 -28.03 -16.98 -15.87
CA GLN D 292 -29.13 -17.80 -16.35
C GLN D 292 -28.68 -19.00 -17.18
N ARG D 293 -29.33 -20.14 -16.94
CA ARG D 293 -29.16 -21.36 -17.73
C ARG D 293 -30.53 -21.92 -18.10
N LEU D 294 -30.59 -22.67 -19.20
CA LEU D 294 -31.79 -23.41 -19.58
C LEU D 294 -31.61 -24.89 -19.27
N VAL D 295 -32.69 -25.53 -18.83
CA VAL D 295 -32.69 -26.96 -18.54
C VAL D 295 -33.90 -27.63 -19.21
N ARG D 296 -33.66 -28.76 -19.87
CA ARG D 296 -34.72 -29.52 -20.53
C ARG D 296 -35.74 -30.05 -19.53
N THR D 297 -37.02 -29.92 -19.88
CA THR D 297 -38.12 -30.34 -19.00
C THR D 297 -38.49 -31.79 -19.24
N LEU D 298 -38.47 -32.59 -18.17
CA LEU D 298 -38.91 -33.98 -18.24
C LEU D 298 -40.36 -34.05 -18.70
N CYS D 299 -40.62 -34.90 -19.70
CA CYS D 299 -41.97 -35.08 -20.21
C CYS D 299 -42.85 -35.71 -19.13
N PRO D 300 -44.01 -35.11 -18.84
CA PRO D 300 -44.82 -35.59 -17.70
C PRO D 300 -45.49 -36.94 -17.96
N ASP D 301 -45.65 -37.30 -19.23
CA ASP D 301 -46.25 -38.58 -19.60
C ASP D 301 -45.33 -39.76 -19.31
N CYS D 302 -44.03 -39.59 -19.53
CA CYS D 302 -43.08 -40.66 -19.27
C CYS D 302 -41.76 -40.24 -18.61
N LYS D 303 -41.82 -40.16 -17.28
CA LYS D 303 -40.66 -39.94 -16.40
C LYS D 303 -40.70 -40.99 -15.29
N GLU D 304 -39.54 -41.47 -14.87
CA GLU D 304 -39.45 -42.57 -13.90
C GLU D 304 -39.13 -42.07 -12.49
N PRO D 305 -40.00 -42.36 -11.51
CA PRO D 305 -39.68 -42.00 -10.12
C PRO D 305 -38.59 -42.90 -9.52
N TYR D 306 -37.67 -42.30 -8.79
CA TYR D 306 -36.62 -43.06 -8.09
C TYR D 306 -36.13 -42.35 -6.83
N GLU D 307 -35.84 -43.12 -5.78
CA GLU D 307 -35.28 -42.57 -4.55
C GLU D 307 -33.79 -42.28 -4.75
N ALA D 308 -33.36 -41.10 -4.32
CA ALA D 308 -31.97 -40.66 -4.50
C ALA D 308 -31.02 -41.41 -3.57
N ASP D 309 -29.78 -41.57 -4.02
CA ASP D 309 -28.74 -42.21 -3.21
C ASP D 309 -28.08 -41.19 -2.28
N LYS D 310 -27.10 -41.65 -1.49
CA LYS D 310 -26.43 -40.79 -0.50
C LYS D 310 -25.71 -39.59 -1.13
N GLU D 311 -24.94 -39.83 -2.19
CA GLU D 311 -24.22 -38.75 -2.87
C GLU D 311 -25.18 -37.77 -3.54
N GLN D 312 -26.32 -38.27 -3.99
CA GLN D 312 -27.37 -37.43 -4.56
C GLN D 312 -28.13 -36.66 -3.48
N ARG D 313 -28.44 -37.33 -2.37
CA ARG D 313 -29.11 -36.68 -1.23
C ARG D 313 -28.24 -35.60 -0.57
N LYS D 314 -26.91 -35.75 -0.67
CA LYS D 314 -25.98 -34.75 -0.14
C LYS D 314 -26.00 -33.43 -0.92
N LEU D 315 -26.41 -33.48 -2.18
CA LEU D 315 -26.53 -32.27 -3.00
C LEU D 315 -27.65 -31.35 -2.50
N PHE D 316 -28.78 -31.95 -2.13
CA PHE D 316 -29.95 -31.20 -1.66
C PHE D 316 -29.77 -30.78 -0.21
N GLU D 322 -38.78 -40.21 5.45
CA GLU D 322 -38.32 -39.16 4.54
C GLU D 322 -37.91 -39.74 3.18
N PRO D 323 -38.90 -40.12 2.35
CA PRO D 323 -38.63 -40.68 1.02
C PRO D 323 -38.50 -39.57 -0.03
N LEU D 324 -37.27 -39.19 -0.36
CA LEU D 324 -37.00 -38.15 -1.34
C LEU D 324 -36.92 -38.75 -2.75
N ILE D 325 -38.01 -38.63 -3.51
CA ILE D 325 -38.09 -39.18 -4.85
C ILE D 325 -37.75 -38.12 -5.90
N LEU D 326 -36.77 -38.43 -6.75
CA LEU D 326 -36.45 -37.60 -7.92
C LEU D 326 -37.00 -38.30 -9.16
N TYR D 327 -36.76 -37.74 -10.35
CA TYR D 327 -37.28 -38.29 -11.59
C TYR D 327 -36.21 -38.45 -12.68
N ARG D 328 -36.34 -39.52 -13.47
CA ARG D 328 -35.34 -39.89 -14.48
C ARG D 328 -35.86 -39.65 -15.91
N ALA D 329 -34.93 -39.65 -16.86
CA ALA D 329 -35.23 -39.34 -18.28
C ALA D 329 -36.18 -40.32 -18.96
N THR D 330 -35.72 -41.55 -19.18
CA THR D 330 -36.46 -42.58 -19.95
C THR D 330 -36.60 -42.17 -21.43
N GLY D 331 -37.65 -42.65 -22.11
CA GLY D 331 -37.84 -42.38 -23.54
C GLY D 331 -39.04 -43.13 -24.10
N CYS D 332 -39.78 -42.48 -25.02
CA CYS D 332 -41.13 -42.94 -25.40
C CYS D 332 -41.76 -42.16 -26.59
N PRO D 333 -43.03 -42.48 -26.99
CA PRO D 333 -43.47 -41.96 -28.30
C PRO D 333 -43.77 -40.46 -28.37
N LYS D 334 -44.25 -39.87 -27.27
CA LYS D 334 -44.34 -38.41 -27.16
C LYS D 334 -42.98 -37.92 -26.71
N CYS D 335 -42.42 -38.65 -25.74
CA CYS D 335 -41.03 -38.53 -25.31
C CYS D 335 -40.06 -38.54 -26.52
N ASN D 336 -40.47 -39.24 -27.58
CA ASN D 336 -39.88 -39.23 -28.94
C ASN D 336 -38.40 -38.83 -29.15
N HIS D 337 -37.46 -39.70 -28.83
CA HIS D 337 -37.66 -40.83 -27.92
C HIS D 337 -36.69 -40.59 -26.75
N LYS D 338 -36.44 -39.31 -26.49
CA LYS D 338 -35.55 -38.85 -25.44
C LYS D 338 -36.38 -38.67 -24.17
N GLY D 339 -35.74 -38.28 -23.07
CA GLY D 339 -36.43 -38.11 -21.81
C GLY D 339 -37.09 -36.76 -21.59
N TYR D 340 -37.05 -35.88 -22.60
CA TYR D 340 -37.50 -34.50 -22.44
C TYR D 340 -38.26 -33.97 -23.65
N ARG D 341 -39.14 -32.99 -23.41
CA ARG D 341 -39.74 -32.17 -24.46
C ARG D 341 -39.97 -30.76 -23.90
N GLY D 342 -39.34 -29.77 -24.54
CA GLY D 342 -39.44 -28.38 -24.09
C GLY D 342 -38.32 -28.00 -23.16
N ARG D 343 -38.41 -26.81 -22.57
CA ARG D 343 -37.35 -26.26 -21.73
C ARG D 343 -37.89 -25.31 -20.65
N THR D 344 -37.03 -24.98 -19.70
CA THR D 344 -37.32 -23.96 -18.69
C THR D 344 -36.02 -23.34 -18.16
N GLY D 345 -36.11 -22.10 -17.69
CA GLY D 345 -34.93 -21.36 -17.22
C GLY D 345 -34.67 -21.51 -15.74
N ILE D 346 -33.39 -21.61 -15.38
CA ILE D 346 -32.95 -21.59 -13.98
C ILE D 346 -32.05 -20.37 -13.78
N HIS D 347 -32.19 -19.71 -12.62
CA HIS D 347 -31.62 -18.38 -12.44
C HIS D 347 -30.85 -18.19 -11.14
N GLU D 348 -30.09 -17.09 -11.09
CA GLU D 348 -29.34 -16.68 -9.90
C GLU D 348 -29.19 -15.16 -9.95
N LEU D 349 -30.10 -14.46 -9.27
CA LEU D 349 -30.17 -13.00 -9.35
C LEU D 349 -29.29 -12.33 -8.30
N LEU D 350 -28.10 -11.89 -8.71
CA LEU D 350 -27.22 -11.10 -7.86
C LEU D 350 -27.78 -9.67 -7.78
N LEU D 351 -28.04 -9.21 -6.56
CA LEU D 351 -28.63 -7.89 -6.33
C LEU D 351 -27.65 -7.00 -5.57
N VAL D 352 -27.13 -5.97 -6.23
CA VAL D 352 -26.09 -5.12 -5.64
C VAL D 352 -26.68 -4.22 -4.54
N ASP D 353 -26.34 -4.53 -3.30
CA ASP D 353 -26.77 -3.75 -2.13
C ASP D 353 -25.59 -2.99 -1.55
N ASP D 354 -25.78 -2.39 -0.36
CA ASP D 354 -24.74 -1.58 0.28
C ASP D 354 -23.45 -2.35 0.55
N ALA D 355 -23.58 -3.61 0.95
CA ALA D 355 -22.42 -4.46 1.24
C ALA D 355 -21.63 -4.79 -0.03
N LEU D 356 -22.35 -5.10 -1.11
CA LEU D 356 -21.71 -5.42 -2.40
C LEU D 356 -21.10 -4.20 -3.08
N GLN D 357 -21.62 -3.00 -2.78
CA GLN D 357 -21.06 -1.76 -3.30
C GLN D 357 -19.65 -1.48 -2.75
N GLU D 358 -19.37 -1.97 -1.55
CA GLU D 358 -18.04 -1.83 -0.94
C GLU D 358 -17.07 -2.83 -1.57
N LEU D 359 -17.50 -4.08 -1.67
CA LEU D 359 -16.65 -5.16 -2.17
C LEU D 359 -16.19 -4.93 -3.60
N ILE D 360 -17.02 -4.26 -4.40
CA ILE D 360 -16.65 -3.86 -5.75
C ILE D 360 -15.66 -2.69 -5.73
N HIS D 361 -15.88 -1.75 -4.82
CA HIS D 361 -15.04 -0.55 -4.71
C HIS D 361 -13.62 -0.89 -4.26
N SER D 362 -13.52 -1.57 -3.11
CA SER D 362 -12.22 -1.88 -2.49
C SER D 362 -11.52 -3.10 -3.10
N GLU D 363 -12.16 -3.75 -4.07
CA GLU D 363 -11.61 -4.95 -4.72
C GLU D 363 -11.30 -6.05 -3.71
N ALA D 364 -12.36 -6.63 -3.14
CA ALA D 364 -12.23 -7.76 -2.23
C ALA D 364 -11.81 -9.00 -3.01
N GLY D 365 -12.54 -9.28 -4.09
CA GLY D 365 -12.19 -10.35 -5.03
C GLY D 365 -13.32 -11.35 -5.24
N GLU D 366 -13.21 -12.14 -6.30
CA GLU D 366 -14.23 -13.15 -6.62
C GLU D 366 -14.60 -14.00 -5.42
N GLN D 367 -13.59 -14.56 -4.75
CA GLN D 367 -13.82 -15.46 -3.62
C GLN D 367 -14.51 -14.78 -2.45
N ALA D 368 -13.93 -13.68 -1.97
CA ALA D 368 -14.52 -12.90 -0.89
C ALA D 368 -15.94 -12.46 -1.27
N MET D 369 -16.10 -12.00 -2.50
CA MET D 369 -17.39 -11.56 -3.01
C MET D 369 -18.36 -12.74 -3.18
N GLU D 370 -17.84 -13.91 -3.58
CA GLU D 370 -18.66 -15.13 -3.68
C GLU D 370 -19.16 -15.60 -2.31
N LYS D 371 -18.37 -15.35 -1.27
CA LYS D 371 -18.73 -15.74 0.09
C LYS D 371 -19.90 -14.91 0.63
N HIS D 372 -19.87 -13.61 0.37
CA HIS D 372 -20.96 -12.71 0.77
C HIS D 372 -22.22 -12.94 -0.08
N ILE D 373 -22.02 -13.33 -1.34
CA ILE D 373 -23.12 -13.59 -2.27
C ILE D 373 -23.93 -14.83 -1.86
N ARG D 374 -23.24 -15.87 -1.40
CA ARG D 374 -23.90 -17.10 -0.94
C ARG D 374 -24.68 -16.93 0.36
N ALA D 375 -24.32 -15.91 1.14
CA ALA D 375 -25.03 -15.59 2.37
C ALA D 375 -26.43 -15.05 2.10
N THR D 376 -26.57 -14.27 1.02
CA THR D 376 -27.83 -13.63 0.68
C THR D 376 -28.58 -14.36 -0.44
N THR D 377 -28.01 -14.33 -1.64
CA THR D 377 -28.69 -14.86 -2.84
C THR D 377 -28.50 -16.38 -2.98
N PRO D 378 -29.58 -17.12 -3.31
CA PRO D 378 -29.44 -18.52 -3.70
C PRO D 378 -28.64 -18.71 -4.98
N SER D 379 -27.99 -19.86 -5.12
CA SER D 379 -27.11 -20.14 -6.26
C SER D 379 -27.89 -20.51 -7.52
N ILE D 380 -27.16 -20.80 -8.60
CA ILE D 380 -27.77 -21.26 -9.85
C ILE D 380 -28.22 -22.71 -9.67
N ARG D 381 -27.40 -23.49 -8.96
CA ARG D 381 -27.67 -24.90 -8.72
C ARG D 381 -28.87 -25.11 -7.80
N ASP D 382 -28.96 -24.31 -6.75
CA ASP D 382 -30.08 -24.41 -5.79
C ASP D 382 -31.44 -24.14 -6.45
N ASP D 383 -31.48 -23.19 -7.38
CA ASP D 383 -32.70 -22.91 -8.14
C ASP D 383 -33.06 -24.09 -9.05
N GLY D 384 -32.04 -24.76 -9.58
CA GLY D 384 -32.23 -25.96 -10.39
C GLY D 384 -32.70 -27.14 -9.56
N LEU D 385 -32.10 -27.33 -8.39
CA LEU D 385 -32.45 -28.44 -7.49
C LEU D 385 -33.88 -28.34 -6.96
N ASP D 386 -34.40 -27.12 -6.83
CA ASP D 386 -35.79 -26.91 -6.44
C ASP D 386 -36.74 -27.42 -7.51
N LYS D 387 -36.38 -27.24 -8.78
CA LYS D 387 -37.17 -27.74 -9.90
C LYS D 387 -37.08 -29.27 -10.03
N VAL D 388 -35.98 -29.86 -9.55
CA VAL D 388 -35.83 -31.31 -9.51
C VAL D 388 -36.76 -31.91 -8.45
N ARG D 389 -36.86 -31.22 -7.31
CA ARG D 389 -37.80 -31.60 -6.25
C ARG D 389 -39.25 -31.49 -6.73
N GLN D 390 -39.56 -30.41 -7.46
CA GLN D 390 -40.89 -30.19 -8.02
C GLN D 390 -41.25 -31.21 -9.10
N GLY D 391 -40.24 -31.72 -9.81
CA GLY D 391 -40.42 -32.73 -10.85
C GLY D 391 -40.57 -32.12 -12.23
N ILE D 392 -39.72 -31.13 -12.53
CA ILE D 392 -39.72 -30.47 -13.83
C ILE D 392 -38.56 -30.99 -14.68
N THR D 393 -37.35 -30.94 -14.11
CA THR D 393 -36.14 -31.40 -14.81
C THR D 393 -35.40 -32.45 -13.98
N SER D 394 -34.49 -33.17 -14.62
CA SER D 394 -33.71 -34.22 -13.97
C SER D 394 -32.48 -33.64 -13.27
N LEU D 395 -31.87 -34.44 -12.40
CA LEU D 395 -30.63 -34.06 -11.73
C LEU D 395 -29.45 -34.10 -12.70
N GLU D 396 -29.57 -34.92 -13.74
CA GLU D 396 -28.55 -34.99 -14.79
C GLU D 396 -28.48 -33.68 -15.59
N GLU D 397 -29.63 -33.03 -15.76
CA GLU D 397 -29.72 -31.82 -16.57
C GLU D 397 -29.21 -30.58 -15.82
N VAL D 398 -29.47 -30.52 -14.52
CA VAL D 398 -29.02 -29.41 -13.68
C VAL D 398 -27.49 -29.41 -13.57
N MET D 399 -26.90 -30.60 -13.43
CA MET D 399 -25.46 -30.73 -13.23
C MET D 399 -24.62 -30.42 -14.47
N ARG D 400 -25.14 -30.74 -15.67
CA ARG D 400 -24.39 -30.52 -16.91
C ARG D 400 -24.24 -29.04 -17.24
N VAL D 401 -25.32 -28.27 -17.06
CA VAL D 401 -25.29 -26.83 -17.31
C VAL D 401 -24.63 -26.06 -16.16
N THR D 402 -24.58 -26.68 -14.98
CA THR D 402 -23.87 -26.12 -13.84
C THR D 402 -22.36 -26.19 -14.08
N ALA D 413 -16.83 -23.55 11.70
CA ALA D 413 -17.24 -23.37 13.10
C ALA D 413 -18.15 -24.52 13.53
N VAL D 414 -17.82 -25.13 14.67
CA VAL D 414 -18.60 -26.26 15.19
C VAL D 414 -19.95 -25.82 15.75
N ASP D 415 -21.00 -26.59 15.44
CA ASP D 415 -22.34 -26.34 15.95
C ASP D 415 -22.50 -27.03 17.30
N MET D 416 -23.03 -26.30 18.28
CA MET D 416 -23.11 -26.79 19.65
C MET D 416 -24.51 -26.61 20.23
N PHE D 417 -25.07 -27.70 20.78
CA PHE D 417 -26.41 -27.69 21.36
C PHE D 417 -26.42 -28.39 22.71
N ILE D 418 -27.41 -28.07 23.55
CA ILE D 418 -27.58 -28.72 24.85
C ILE D 418 -29.06 -28.89 25.19
N LYS D 419 -29.41 -30.06 25.71
CA LYS D 419 -30.79 -30.38 26.06
C LYS D 419 -30.89 -30.74 27.55
N ILE D 420 -31.39 -29.80 28.35
CA ILE D 420 -31.49 -29.98 29.80
C ILE D 420 -32.87 -30.52 30.17
N GLY D 421 -32.95 -31.83 30.41
CA GLY D 421 -34.20 -32.48 30.78
C GLY D 421 -35.24 -32.43 29.66
N ASP D 422 -36.38 -31.81 29.94
CA ASP D 422 -37.41 -31.58 28.94
C ASP D 422 -37.69 -30.08 28.77
N VAL D 423 -36.68 -29.26 29.04
CA VAL D 423 -36.80 -27.80 28.90
C VAL D 423 -36.51 -27.43 27.45
N LYS D 424 -37.47 -26.76 26.82
CA LYS D 424 -37.37 -26.41 25.39
C LYS D 424 -36.69 -25.05 25.22
N GLY D 425 -35.78 -24.97 24.26
CA GLY D 425 -35.10 -23.71 23.92
C GLY D 425 -35.66 -23.12 22.64
N GLU D 426 -34.79 -22.51 21.84
CA GLU D 426 -35.18 -21.91 20.56
C GLU D 426 -34.14 -22.18 19.48
N SER D 427 -33.82 -23.46 19.27
CA SER D 427 -32.89 -23.87 18.22
C SER D 427 -33.65 -24.10 16.92
N LYS D 428 -33.11 -23.54 15.83
CA LYS D 428 -33.70 -23.73 14.50
C LYS D 428 -33.09 -24.93 13.76
N ASP D 429 -32.25 -25.70 14.45
CA ASP D 429 -31.60 -26.86 13.87
C ASP D 429 -32.62 -27.96 13.53
N LYS D 430 -32.37 -28.70 12.46
CA LYS D 430 -33.28 -29.72 11.97
C LYS D 430 -33.33 -30.93 12.89
N THR D 431 -32.17 -31.42 13.30
CA THR D 431 -32.08 -32.56 14.22
C THR D 431 -32.29 -32.14 15.66
N HIS D 432 -31.53 -31.13 16.10
CA HIS D 432 -31.63 -30.61 17.47
C HIS D 432 -32.62 -29.46 17.54
N ALA D 433 -33.89 -29.77 17.28
CA ALA D 433 -34.96 -28.77 17.28
C ALA D 433 -35.47 -28.52 18.70
N GLU D 434 -35.79 -27.26 18.99
CA GLU D 434 -36.29 -26.84 20.31
C GLU D 434 -35.33 -27.18 21.45
N GLU D 435 -34.04 -27.06 21.20
CA GLU D 435 -33.02 -27.19 22.23
C GLU D 435 -32.33 -25.84 22.45
N ILE D 436 -31.39 -25.79 23.40
CA ILE D 436 -30.67 -24.55 23.70
C ILE D 436 -29.41 -24.46 22.84
N ASP D 437 -29.29 -23.37 22.09
CA ASP D 437 -28.10 -23.12 21.27
C ASP D 437 -26.93 -22.68 22.15
N VAL D 438 -25.85 -23.45 22.13
CA VAL D 438 -24.66 -23.15 22.92
C VAL D 438 -23.68 -22.32 22.09
N LEU D 439 -23.27 -21.17 22.64
CA LEU D 439 -22.31 -20.29 21.99
C LEU D 439 -20.87 -20.63 22.40
N ALA D 440 -20.71 -21.02 23.66
CA ALA D 440 -19.41 -21.43 24.19
C ALA D 440 -19.59 -22.30 25.43
N TRP D 441 -18.52 -22.97 25.85
CA TRP D 441 -18.55 -23.80 27.05
C TRP D 441 -17.15 -24.04 27.63
N SER D 442 -17.12 -24.41 28.90
CA SER D 442 -15.87 -24.71 29.60
C SER D 442 -16.11 -25.68 30.74
N TRP D 443 -15.23 -26.68 30.87
CA TRP D 443 -15.36 -27.71 31.91
C TRP D 443 -14.00 -28.35 32.17
N GLY D 444 -13.75 -28.73 33.43
CA GLY D 444 -12.47 -29.33 33.79
C GLY D 444 -12.50 -30.20 35.04
N MET D 445 -11.34 -30.76 35.36
CA MET D 445 -11.18 -31.63 36.53
C MET D 445 -9.72 -31.58 37.01
N SER D 446 -9.50 -31.92 38.28
CA SER D 446 -8.16 -31.87 38.87
C SER D 446 -7.94 -33.02 39.85
N GLN D 447 -6.75 -33.63 39.80
CA GLN D 447 -6.37 -34.74 40.65
C GLN D 447 -5.39 -34.27 41.71
N SER D 448 -5.74 -34.50 42.98
CA SER D 448 -4.92 -34.05 44.12
C SER D 448 -3.73 -34.98 44.40
N GLY D 449 -3.77 -36.20 43.87
CA GLY D 449 -2.70 -37.17 44.07
C GLY D 449 -1.37 -36.75 43.48
N SER D 450 -0.27 -37.21 44.08
CA SER D 450 1.07 -36.83 43.64
C SER D 450 1.98 -38.06 43.53
N MET D 451 2.98 -37.95 42.65
CA MET D 451 3.95 -39.03 42.43
C MET D 451 5.27 -38.77 43.15
N HIS D 452 5.36 -37.64 43.87
CA HIS D 452 6.57 -37.28 44.60
C HIS D 452 6.67 -38.00 45.95
N MET D 453 5.55 -38.57 46.40
CA MET D 453 5.53 -39.37 47.63
C MET D 453 5.94 -40.82 47.33
N ALA D 459 -2.57 -41.56 48.22
CA ALA D 459 -3.34 -41.22 47.03
C ALA D 459 -4.19 -39.97 47.26
N GLY D 460 -4.79 -39.47 46.18
CA GLY D 460 -5.61 -38.27 46.23
C GLY D 460 -7.05 -38.52 45.82
N LYS D 461 -7.69 -37.50 45.25
CA LYS D 461 -9.08 -37.59 44.81
C LYS D 461 -9.36 -36.58 43.70
N VAL D 462 -10.26 -36.96 42.78
CA VAL D 462 -10.63 -36.08 41.67
C VAL D 462 -11.63 -35.01 42.13
N ASN D 463 -11.52 -33.83 41.52
CA ASN D 463 -12.44 -32.72 41.80
C ASN D 463 -13.04 -32.20 40.50
N VAL D 464 -14.20 -32.75 40.13
CA VAL D 464 -14.86 -32.41 38.87
C VAL D 464 -15.57 -31.06 39.00
N GLN D 465 -15.27 -30.16 38.07
CA GLN D 465 -15.85 -28.81 38.08
C GLN D 465 -17.27 -28.81 37.48
N ASP D 466 -17.99 -27.71 37.67
CA ASP D 466 -19.32 -27.54 37.09
C ASP D 466 -19.19 -27.10 35.64
N LEU D 467 -20.00 -27.71 34.76
CA LEU D 467 -19.94 -27.43 33.33
C LEU D 467 -20.62 -26.10 33.00
N SER D 468 -19.83 -25.09 32.66
CA SER D 468 -20.33 -23.77 32.28
C SER D 468 -20.61 -23.74 30.78
N PHE D 469 -21.62 -22.98 30.37
CA PHE D 469 -21.91 -22.78 28.95
C PHE D 469 -22.68 -21.48 28.70
N THR D 470 -22.38 -20.83 27.57
CA THR D 470 -23.03 -19.59 27.18
C THR D 470 -24.24 -19.88 26.30
N LYS D 471 -25.26 -19.02 26.39
CA LYS D 471 -26.48 -19.19 25.60
C LYS D 471 -27.21 -17.86 25.42
N TYR D 472 -28.05 -17.77 24.39
CA TYR D 472 -28.91 -16.60 24.18
C TYR D 472 -30.04 -16.62 25.20
N ILE D 473 -30.59 -15.44 25.49
CA ILE D 473 -31.76 -15.33 26.35
C ILE D 473 -32.99 -15.80 25.58
N ASP D 474 -33.42 -17.02 25.84
CA ASP D 474 -34.51 -17.66 25.11
C ASP D 474 -35.64 -18.09 26.06
N LYS D 475 -36.59 -18.90 25.57
CA LYS D 475 -37.74 -19.33 26.37
C LYS D 475 -37.38 -20.26 27.54
N SER D 476 -36.17 -20.81 27.54
CA SER D 476 -35.70 -21.67 28.63
C SER D 476 -35.13 -20.87 29.80
N THR D 477 -34.88 -19.57 29.61
CA THR D 477 -34.25 -18.72 30.63
C THR D 477 -34.99 -18.72 31.97
N PRO D 478 -36.34 -18.55 31.95
CA PRO D 478 -37.08 -18.58 33.21
C PRO D 478 -37.09 -19.96 33.89
N ASN D 479 -37.15 -21.02 33.09
CA ASN D 479 -37.15 -22.39 33.61
C ASN D 479 -35.83 -22.76 34.32
N LEU D 480 -34.72 -22.28 33.77
CA LEU D 480 -33.40 -22.50 34.39
C LEU D 480 -33.24 -21.69 35.67
N MET D 481 -33.82 -20.48 35.69
CA MET D 481 -33.83 -19.64 36.90
C MET D 481 -34.69 -20.27 37.99
N MET D 482 -35.80 -20.91 37.60
CA MET D 482 -36.68 -21.61 38.54
C MET D 482 -35.99 -22.84 39.12
N ALA D 483 -35.29 -23.58 38.27
CA ALA D 483 -34.54 -24.77 38.69
C ALA D 483 -33.39 -24.41 39.63
N CYS D 484 -32.73 -23.28 39.36
CA CYS D 484 -31.65 -22.79 40.21
C CYS D 484 -32.18 -22.30 41.57
N SER D 485 -33.34 -21.65 41.55
CA SER D 485 -33.94 -21.10 42.76
C SER D 485 -34.54 -22.19 43.65
N SER D 486 -35.36 -23.05 43.05
CA SER D 486 -36.00 -24.16 43.78
C SER D 486 -34.99 -25.23 44.19
N GLY D 487 -33.93 -25.40 43.39
CA GLY D 487 -32.92 -26.42 43.66
C GLY D 487 -33.37 -27.82 43.25
N LYS D 488 -34.24 -27.89 42.24
CA LYS D 488 -34.74 -29.16 41.72
C LYS D 488 -33.88 -29.59 40.53
N HIS D 489 -33.44 -30.85 40.57
CA HIS D 489 -32.52 -31.38 39.56
C HIS D 489 -33.25 -32.09 38.41
N TYR D 490 -32.64 -32.04 37.22
CA TYR D 490 -33.17 -32.74 36.06
C TYR D 490 -32.60 -34.16 35.99
N PRO D 491 -33.34 -35.10 35.39
CA PRO D 491 -32.82 -36.47 35.24
C PRO D 491 -31.57 -36.58 34.36
N GLN D 492 -31.52 -35.81 33.28
CA GLN D 492 -30.42 -35.89 32.33
C GLN D 492 -30.20 -34.58 31.57
N ALA D 493 -28.94 -34.28 31.25
CA ALA D 493 -28.57 -33.15 30.41
C ALA D 493 -27.47 -33.58 29.44
N LYS D 494 -27.65 -33.27 28.15
CA LYS D 494 -26.74 -33.74 27.11
C LYS D 494 -26.21 -32.61 26.24
N LEU D 495 -24.94 -32.25 26.44
CA LEU D 495 -24.24 -31.30 25.57
C LEU D 495 -23.80 -32.04 24.31
N THR D 496 -24.08 -31.47 23.15
CA THR D 496 -23.74 -32.09 21.86
C THR D 496 -22.92 -31.14 21.00
N ILE D 497 -21.69 -31.55 20.68
CA ILE D 497 -20.83 -30.80 19.76
C ILE D 497 -20.86 -31.49 18.40
N ARG D 498 -20.77 -30.72 17.33
CA ARG D 498 -20.88 -31.24 15.97
C ARG D 498 -20.00 -30.45 15.01
N LYS D 499 -19.41 -31.14 14.03
CA LYS D 499 -18.53 -30.49 13.05
C LYS D 499 -19.30 -29.55 12.13
N ALA D 500 -18.56 -28.65 11.47
CA ALA D 500 -19.16 -27.65 10.59
C ALA D 500 -19.65 -28.28 9.29
N GLY D 501 -20.88 -27.92 8.89
CA GLY D 501 -21.47 -28.44 7.66
C GLY D 501 -22.99 -28.42 7.72
N GLY D 502 -23.54 -29.10 8.72
CA GLY D 502 -25.00 -29.20 8.88
C GLY D 502 -25.42 -30.32 9.82
N GLU D 503 -26.66 -30.78 9.65
CA GLU D 503 -27.24 -31.83 10.49
C GLU D 503 -26.63 -33.22 10.24
N ASN D 504 -26.19 -33.46 9.00
CA ASN D 504 -25.65 -34.77 8.61
C ASN D 504 -24.20 -34.99 9.01
N GLN D 505 -23.54 -33.97 9.57
CA GLN D 505 -22.15 -34.09 10.01
C GLN D 505 -22.05 -34.91 11.30
N VAL D 506 -20.83 -35.32 11.63
CA VAL D 506 -20.59 -36.20 12.77
C VAL D 506 -20.61 -35.43 14.08
N GLU D 507 -21.43 -35.90 15.03
CA GLU D 507 -21.45 -35.37 16.39
C GLU D 507 -20.24 -35.93 17.13
N TYR D 508 -19.10 -35.24 17.00
CA TYR D 508 -17.80 -35.78 17.44
C TYR D 508 -17.53 -35.71 18.94
N LEU D 509 -18.37 -35.01 19.69
CA LEU D 509 -18.23 -34.95 21.15
C LEU D 509 -19.58 -34.74 21.83
N ILE D 510 -20.00 -35.72 22.62
CA ILE D 510 -21.27 -35.68 23.34
C ILE D 510 -21.03 -35.91 24.84
N ILE D 511 -21.27 -34.87 25.63
CA ILE D 511 -21.11 -34.94 27.08
C ILE D 511 -22.48 -35.11 27.74
N THR D 512 -22.77 -36.32 28.22
CA THR D 512 -24.03 -36.62 28.88
C THR D 512 -23.89 -36.49 30.40
N LEU D 513 -24.79 -35.73 31.01
CA LEU D 513 -24.80 -35.50 32.46
C LEU D 513 -26.08 -36.09 33.04
N LYS D 514 -26.00 -36.62 34.27
CA LYS D 514 -27.16 -37.19 34.95
C LYS D 514 -27.33 -36.57 36.33
N GLU D 515 -28.60 -36.45 36.76
CA GLU D 515 -28.95 -35.81 38.04
C GLU D 515 -28.35 -34.40 38.08
N VAL D 516 -28.88 -33.53 37.23
CA VAL D 516 -28.25 -32.23 36.96
C VAL D 516 -28.98 -31.06 37.62
N LEU D 517 -28.26 -30.32 38.47
CA LEU D 517 -28.75 -29.06 39.03
C LEU D 517 -28.28 -27.89 38.18
N VAL D 518 -28.98 -26.76 38.30
CA VAL D 518 -28.53 -25.49 37.70
C VAL D 518 -27.83 -24.70 38.80
N SER D 519 -26.50 -24.82 38.86
CA SER D 519 -25.72 -24.23 39.96
C SER D 519 -25.70 -22.70 39.95
N SER D 520 -25.73 -22.09 38.77
CA SER D 520 -25.82 -20.63 38.68
C SER D 520 -26.30 -20.15 37.32
N VAL D 521 -26.87 -18.95 37.29
CA VAL D 521 -27.30 -18.29 36.06
C VAL D 521 -26.82 -16.84 36.09
N SER D 522 -26.09 -16.43 35.07
CA SER D 522 -25.57 -15.06 34.97
C SER D 522 -26.02 -14.43 33.65
N THR D 523 -26.95 -13.48 33.74
CA THR D 523 -27.53 -12.84 32.55
C THR D 523 -27.30 -11.33 32.55
N GLY D 524 -27.65 -10.68 31.44
CA GLY D 524 -27.48 -9.23 31.30
C GLY D 524 -27.58 -8.80 29.85
N GLY D 525 -26.97 -7.64 29.55
CA GLY D 525 -26.98 -7.12 28.18
C GLY D 525 -26.48 -5.69 28.09
N SER D 526 -26.15 -5.27 26.86
CA SER D 526 -25.69 -3.91 26.59
C SER D 526 -26.60 -3.24 25.57
N GLY D 527 -26.37 -1.95 25.35
CA GLY D 527 -27.17 -1.16 24.41
C GLY D 527 -26.84 -1.40 22.94
N GLY D 528 -25.70 -2.03 22.67
CA GLY D 528 -25.26 -2.31 21.31
C GLY D 528 -25.61 -3.70 20.80
N GLU D 529 -25.86 -4.63 21.72
CA GLU D 529 -26.13 -6.03 21.35
C GLU D 529 -27.53 -6.21 20.77
N ASP D 530 -27.62 -6.96 19.68
CA ASP D 530 -28.90 -7.29 19.05
C ASP D 530 -29.55 -8.51 19.72
N ARG D 531 -28.72 -9.49 20.10
CA ARG D 531 -29.18 -10.67 20.84
C ARG D 531 -28.39 -10.78 22.14
N LEU D 532 -29.10 -10.70 23.26
CA LEU D 532 -28.48 -10.76 24.59
C LEU D 532 -28.11 -12.20 24.95
N THR D 533 -27.00 -12.35 25.66
CA THR D 533 -26.50 -13.67 26.05
C THR D 533 -26.43 -13.82 27.56
N GLU D 534 -26.23 -15.06 28.02
CA GLU D 534 -26.13 -15.36 29.45
C GLU D 534 -25.36 -16.66 29.69
N ASN D 535 -24.67 -16.72 30.83
CA ASN D 535 -23.87 -17.89 31.21
C ASN D 535 -24.61 -18.75 32.23
N VAL D 536 -24.59 -20.06 32.03
CA VAL D 536 -25.26 -21.01 32.93
C VAL D 536 -24.31 -22.15 33.28
N THR D 537 -24.19 -22.43 34.58
CA THR D 537 -23.36 -23.52 35.08
C THR D 537 -24.23 -24.70 35.53
N LEU D 538 -23.69 -25.91 35.43
CA LEU D 538 -24.44 -27.13 35.75
C LEU D 538 -23.66 -28.06 36.66
N ASN D 539 -24.22 -28.31 37.85
CA ASN D 539 -23.69 -29.32 38.77
C ASN D 539 -24.38 -30.66 38.50
N PHE D 540 -23.64 -31.75 38.62
CA PHE D 540 -24.17 -33.09 38.29
C PHE D 540 -23.51 -34.21 39.09
N ALA D 541 -24.25 -35.30 39.26
CA ALA D 541 -23.78 -36.46 40.02
C ALA D 541 -22.88 -37.37 39.18
N GLN D 542 -23.28 -37.61 37.93
CA GLN D 542 -22.50 -38.43 37.00
C GLN D 542 -22.19 -37.68 35.72
N VAL D 543 -21.25 -38.21 34.94
CA VAL D 543 -20.85 -37.60 33.67
C VAL D 543 -20.35 -38.69 32.69
N GLN D 544 -20.66 -38.51 31.42
CA GLN D 544 -20.24 -39.44 30.36
C GLN D 544 -19.83 -38.66 29.11
N VAL D 545 -18.56 -38.77 28.74
CA VAL D 545 -18.01 -38.09 27.56
C VAL D 545 -17.74 -39.10 26.45
N ASP D 546 -18.42 -38.93 25.31
CA ASP D 546 -18.27 -39.83 24.16
C ASP D 546 -17.67 -39.08 22.98
N TYR D 547 -16.38 -39.31 22.71
CA TYR D 547 -15.71 -38.73 21.55
C TYR D 547 -15.73 -39.73 20.39
N GLN D 548 -16.08 -39.25 19.21
CA GLN D 548 -16.09 -40.07 17.99
C GLN D 548 -14.93 -39.64 17.09
N PRO D 549 -13.91 -40.51 16.93
CA PRO D 549 -12.82 -40.21 15.99
C PRO D 549 -13.25 -40.30 14.53
N GLN D 550 -12.56 -39.57 13.66
CA GLN D 550 -12.88 -39.54 12.24
C GLN D 550 -11.65 -39.77 11.38
N LYS D 551 -11.87 -40.28 10.16
CA LYS D 551 -10.80 -40.50 9.19
C LYS D 551 -10.53 -39.19 8.43
N ALA D 552 -9.58 -39.25 7.49
CA ALA D 552 -9.21 -38.08 6.69
C ALA D 552 -10.36 -37.58 5.81
N ASP D 553 -11.11 -38.51 5.21
CA ASP D 553 -12.22 -38.15 4.33
C ASP D 553 -13.44 -37.63 5.08
N GLY D 554 -13.54 -37.94 6.38
CA GLY D 554 -14.65 -37.47 7.22
C GLY D 554 -15.51 -38.58 7.80
N ALA D 555 -15.28 -39.81 7.37
CA ALA D 555 -16.03 -40.98 7.86
C ALA D 555 -15.62 -41.32 9.29
N LYS D 556 -16.50 -42.01 10.01
CA LYS D 556 -16.25 -42.40 11.40
C LYS D 556 -15.19 -43.49 11.50
N ASP D 557 -14.13 -43.19 12.24
CA ASP D 557 -13.03 -44.14 12.45
C ASP D 557 -13.31 -45.01 13.67
N GLY D 558 -13.99 -46.14 13.44
CA GLY D 558 -14.36 -47.06 14.52
C GLY D 558 -15.49 -46.52 15.37
N GLY D 559 -15.61 -47.06 16.59
CA GLY D 559 -16.63 -46.62 17.54
C GLY D 559 -16.16 -45.43 18.35
N PRO D 560 -17.07 -44.87 19.19
CA PRO D 560 -16.74 -43.71 20.02
C PRO D 560 -15.98 -44.11 21.29
N VAL D 561 -14.95 -43.32 21.63
CA VAL D 561 -14.15 -43.57 22.83
C VAL D 561 -14.89 -43.00 24.04
N LYS D 562 -15.11 -43.84 25.06
CA LYS D 562 -15.95 -43.49 26.20
C LYS D 562 -15.13 -43.10 27.43
N TYR D 563 -15.61 -42.09 28.15
CA TYR D 563 -15.16 -41.78 29.50
C TYR D 563 -16.39 -41.59 30.39
N GLY D 564 -16.48 -42.38 31.45
CA GLY D 564 -17.59 -42.29 32.41
C GLY D 564 -17.08 -42.19 33.83
N TRP D 565 -17.81 -41.47 34.68
CA TRP D 565 -17.42 -41.32 36.09
C TRP D 565 -18.59 -40.89 36.97
N ASN D 566 -18.85 -41.68 38.02
CA ASN D 566 -19.82 -41.31 39.04
C ASN D 566 -19.11 -40.46 40.10
N ILE D 567 -19.45 -39.17 40.14
CA ILE D 567 -18.79 -38.22 41.03
C ILE D 567 -19.34 -38.35 42.46
N ARG D 568 -20.62 -38.69 42.57
CA ARG D 568 -21.27 -38.86 43.87
C ARG D 568 -20.65 -40.02 44.66
N GLN D 569 -20.43 -41.14 44.00
CA GLN D 569 -19.86 -42.34 44.62
C GLN D 569 -18.34 -42.44 44.43
N ASN D 570 -17.77 -41.54 43.63
CA ASN D 570 -16.33 -41.51 43.35
C ASN D 570 -15.83 -42.80 42.69
N VAL D 571 -16.52 -43.22 41.63
CA VAL D 571 -16.16 -44.42 40.87
C VAL D 571 -16.40 -44.20 39.38
N GLN D 572 -15.92 -45.14 38.57
CA GLN D 572 -16.13 -45.11 37.12
C GLN D 572 -17.59 -45.48 36.79
N ALA D 573 -18.06 -45.04 35.62
CA ALA D 573 -19.42 -45.32 35.17
C ALA D 573 -19.49 -45.38 33.64
N ALA E 23 23.63 -41.39 -55.13
CA ALA E 23 24.99 -41.38 -54.50
C ALA E 23 25.01 -42.26 -53.24
N PRO E 24 26.21 -42.64 -52.77
CA PRO E 24 26.34 -43.39 -51.51
C PRO E 24 25.81 -42.65 -50.28
N ILE E 25 25.91 -41.32 -50.29
CA ILE E 25 25.49 -40.50 -49.16
C ILE E 25 23.95 -40.42 -49.07
N ILE E 26 23.28 -40.53 -50.21
CA ILE E 26 21.81 -40.49 -50.25
C ILE E 26 21.22 -41.71 -49.55
N LYS E 27 21.81 -42.89 -49.79
CA LYS E 27 21.36 -44.13 -49.15
C LYS E 27 21.66 -44.16 -47.65
N LEU E 28 22.76 -43.53 -47.24
CA LEU E 28 23.19 -43.54 -45.84
C LEU E 28 22.22 -42.78 -44.95
N ILE E 29 21.74 -41.62 -45.42
CA ILE E 29 20.77 -40.82 -44.68
C ILE E 29 19.40 -41.49 -44.64
N ASN E 30 19.01 -42.11 -45.74
CA ASN E 30 17.73 -42.84 -45.81
C ASN E 30 17.73 -44.08 -44.92
N ALA E 31 18.86 -44.79 -44.88
CA ALA E 31 19.02 -45.96 -44.01
C ALA E 31 19.10 -45.55 -42.54
N MET E 32 19.69 -44.38 -42.27
CA MET E 32 19.76 -43.84 -40.91
C MET E 32 18.38 -43.49 -40.38
N LEU E 33 17.55 -42.89 -41.24
CA LEU E 33 16.17 -42.56 -40.89
C LEU E 33 15.33 -43.82 -40.66
N GLY E 34 15.60 -44.87 -41.43
CA GLY E 34 14.98 -46.17 -41.23
C GLY E 34 15.42 -46.83 -39.93
N GLU E 35 16.69 -46.65 -39.58
CA GLU E 35 17.24 -47.14 -38.31
C GLU E 35 16.72 -46.34 -37.12
N ALA E 36 16.42 -45.06 -37.34
CA ALA E 36 15.83 -44.20 -36.32
C ALA E 36 14.40 -44.63 -36.00
N ILE E 37 13.64 -44.98 -37.03
CA ILE E 37 12.27 -45.47 -36.88
C ILE E 37 12.26 -46.89 -36.31
N LYS E 38 13.27 -47.68 -36.65
CA LYS E 38 13.44 -49.04 -36.12
C LYS E 38 13.56 -49.01 -34.60
N GLU E 39 14.53 -48.24 -34.10
CA GLU E 39 14.81 -48.16 -32.66
C GLU E 39 13.77 -47.33 -31.90
N GLY E 40 12.97 -46.54 -32.62
CA GLY E 40 11.94 -45.70 -32.00
C GLY E 40 12.52 -44.39 -31.51
N ALA E 41 13.34 -43.76 -32.35
CA ALA E 41 14.00 -42.51 -32.01
C ALA E 41 13.07 -41.32 -32.26
N SER E 42 13.13 -40.33 -31.37
CA SER E 42 12.39 -39.09 -31.54
C SER E 42 13.22 -38.08 -32.31
N ASP E 43 14.43 -37.84 -31.82
CA ASP E 43 15.37 -36.90 -32.46
C ASP E 43 16.59 -37.63 -33.00
N ILE E 44 17.17 -37.08 -34.07
CA ILE E 44 18.46 -37.54 -34.59
C ILE E 44 19.44 -36.37 -34.48
N HIS E 45 20.63 -36.64 -33.95
CA HIS E 45 21.62 -35.59 -33.68
C HIS E 45 22.92 -35.82 -34.45
N ILE E 46 23.11 -35.07 -35.53
CA ILE E 46 24.36 -35.08 -36.28
C ILE E 46 25.20 -33.90 -35.80
N GLU E 47 26.36 -34.21 -35.20
CA GLU E 47 27.22 -33.19 -34.61
C GLU E 47 28.68 -33.38 -35.05
N THR E 48 29.30 -32.29 -35.50
CA THR E 48 30.67 -32.32 -36.01
C THR E 48 31.62 -31.65 -35.02
N PHE E 49 32.64 -32.38 -34.61
CA PHE E 49 33.70 -31.86 -33.74
C PHE E 49 34.99 -31.67 -34.56
N GLU E 50 36.08 -31.32 -33.88
CA GLU E 50 37.37 -31.09 -34.55
C GLU E 50 37.92 -32.38 -35.15
N LYS E 51 37.97 -33.44 -34.34
CA LYS E 51 38.55 -34.72 -34.76
C LYS E 51 37.51 -35.73 -35.24
N THR E 52 36.38 -35.80 -34.52
CA THR E 52 35.37 -36.85 -34.78
C THR E 52 34.02 -36.30 -35.24
N LEU E 53 33.30 -37.13 -36.00
CA LEU E 53 31.92 -36.86 -36.40
C LEU E 53 31.04 -37.87 -35.68
N SER E 54 30.01 -37.39 -34.98
CA SER E 54 29.19 -38.25 -34.13
C SER E 54 27.71 -38.20 -34.53
N ILE E 55 27.07 -39.38 -34.57
CA ILE E 55 25.63 -39.49 -34.77
C ILE E 55 25.01 -40.01 -33.47
N ARG E 56 23.88 -39.45 -33.08
CA ARG E 56 23.20 -39.85 -31.85
C ARG E 56 21.68 -39.75 -31.99
N PHE E 57 20.97 -40.76 -31.49
CA PHE E 57 19.51 -40.72 -31.39
C PHE E 57 19.08 -40.52 -29.95
N ARG E 58 18.02 -39.75 -29.75
CA ARG E 58 17.40 -39.61 -28.43
C ARG E 58 16.21 -40.57 -28.36
N VAL E 59 16.51 -41.85 -28.18
CA VAL E 59 15.48 -42.89 -28.12
C VAL E 59 14.81 -42.86 -26.75
N ASP E 60 13.58 -42.36 -26.72
CA ASP E 60 12.79 -42.24 -25.49
C ASP E 60 13.48 -41.37 -24.43
N GLY E 61 13.90 -40.17 -24.84
CA GLY E 61 14.48 -39.19 -23.93
C GLY E 61 15.88 -39.51 -23.39
N VAL E 62 16.55 -40.49 -24.02
CA VAL E 62 17.89 -40.89 -23.61
C VAL E 62 18.81 -40.87 -24.82
N LEU E 63 19.84 -40.02 -24.77
CA LEU E 63 20.83 -39.92 -25.85
C LEU E 63 21.65 -41.20 -25.95
N ARG E 64 21.99 -41.59 -27.18
CA ARG E 64 22.61 -42.88 -27.45
C ARG E 64 23.61 -42.79 -28.59
N GLU E 65 24.80 -43.35 -28.38
CA GLU E 65 25.82 -43.42 -29.43
C GLU E 65 25.46 -44.54 -30.40
N VAL E 66 25.34 -44.20 -31.69
CA VAL E 66 24.94 -45.17 -32.72
C VAL E 66 26.03 -45.42 -33.75
N LEU E 67 26.76 -44.37 -34.14
CA LEU E 67 27.82 -44.48 -35.14
C LEU E 67 28.74 -43.27 -35.09
N ALA E 68 30.02 -43.51 -35.34
CA ALA E 68 31.02 -42.44 -35.45
C ALA E 68 31.74 -42.57 -36.79
N PRO E 69 31.14 -42.02 -37.87
CA PRO E 69 31.77 -42.13 -39.19
C PRO E 69 33.00 -41.23 -39.35
N SER E 70 33.55 -41.20 -40.56
CA SER E 70 34.71 -40.36 -40.86
C SER E 70 34.34 -38.88 -40.74
N ARG E 71 35.29 -38.08 -40.28
CA ARG E 71 35.07 -36.63 -40.09
C ARG E 71 34.88 -35.92 -41.43
N LYS E 72 35.51 -36.46 -42.48
CA LYS E 72 35.41 -35.89 -43.83
C LYS E 72 33.97 -35.82 -44.37
N LEU E 73 33.13 -36.75 -43.92
CA LEU E 73 31.74 -36.83 -44.39
C LEU E 73 30.84 -35.71 -43.83
N SER E 74 31.30 -35.03 -42.78
CA SER E 74 30.53 -33.97 -42.10
C SER E 74 29.78 -33.04 -43.06
N SER E 75 30.50 -32.50 -44.04
CA SER E 75 29.92 -31.56 -44.99
C SER E 75 28.88 -32.20 -45.92
N LEU E 76 29.09 -33.46 -46.27
CA LEU E 76 28.19 -34.18 -47.17
C LEU E 76 26.88 -34.57 -46.50
N LEU E 77 26.95 -34.96 -45.22
CA LEU E 77 25.75 -35.31 -44.45
C LEU E 77 24.88 -34.09 -44.19
N VAL E 78 25.52 -32.94 -43.96
CA VAL E 78 24.81 -31.67 -43.76
C VAL E 78 24.18 -31.22 -45.08
N SER E 79 24.89 -31.42 -46.19
CA SER E 79 24.40 -31.02 -47.52
C SER E 79 23.21 -31.86 -47.96
N ARG E 80 23.24 -33.16 -47.69
CA ARG E 80 22.15 -34.07 -48.09
C ARG E 80 20.86 -33.79 -47.32
N VAL E 81 20.98 -33.58 -46.01
CA VAL E 81 19.82 -33.32 -45.16
C VAL E 81 19.20 -31.95 -45.46
N LYS E 82 20.02 -31.01 -45.94
CA LYS E 82 19.54 -29.69 -46.35
C LYS E 82 18.64 -29.75 -47.59
N VAL E 83 19.14 -30.41 -48.65
CA VAL E 83 18.41 -30.49 -49.91
C VAL E 83 17.11 -31.31 -49.82
N MET E 84 17.05 -32.25 -48.87
CA MET E 84 15.82 -33.00 -48.60
C MET E 84 14.76 -32.09 -47.98
N ALA E 85 15.20 -31.15 -47.14
CA ALA E 85 14.31 -30.20 -46.49
C ALA E 85 14.18 -28.87 -47.25
N LYS E 86 14.78 -28.80 -48.45
CA LYS E 86 14.69 -27.62 -49.32
C LYS E 86 15.30 -26.38 -48.67
N LEU E 87 16.51 -26.53 -48.14
CA LEU E 87 17.23 -25.44 -47.48
C LEU E 87 18.44 -25.01 -48.31
N ASP E 88 19.07 -23.91 -47.91
CA ASP E 88 20.23 -23.36 -48.62
C ASP E 88 21.47 -24.21 -48.35
N ILE E 89 22.16 -24.59 -49.42
CA ILE E 89 23.34 -25.46 -49.33
C ILE E 89 24.58 -24.65 -48.97
N ALA E 90 24.82 -23.58 -49.72
CA ALA E 90 26.04 -22.77 -49.57
C ALA E 90 26.06 -21.92 -48.30
N GLU E 91 24.89 -21.55 -47.79
CA GLU E 91 24.79 -20.74 -46.58
C GLU E 91 25.07 -21.58 -45.33
N LYS E 92 26.22 -21.33 -44.70
CA LYS E 92 26.64 -22.06 -43.50
C LYS E 92 26.88 -21.10 -42.32
N ARG E 93 26.26 -19.92 -42.37
CA ARG E 93 26.50 -18.88 -41.36
C ARG E 93 25.27 -18.54 -40.52
N VAL E 94 24.10 -19.05 -40.90
CA VAL E 94 22.84 -18.78 -40.17
C VAL E 94 22.05 -20.07 -39.93
N PRO E 95 21.16 -20.07 -38.91
CA PRO E 95 20.30 -21.24 -38.68
C PRO E 95 19.20 -21.37 -39.74
N GLN E 96 18.93 -22.60 -40.17
CA GLN E 96 17.90 -22.87 -41.18
C GLN E 96 17.00 -24.01 -40.73
N ASP E 97 15.68 -23.78 -40.74
CA ASP E 97 14.70 -24.79 -40.37
C ASP E 97 13.84 -25.16 -41.58
N GLY E 98 13.63 -26.46 -41.79
CA GLY E 98 12.86 -26.97 -42.92
C GLY E 98 11.98 -28.15 -42.55
N ARG E 99 11.34 -28.74 -43.56
CA ARG E 99 10.43 -29.88 -43.36
C ARG E 99 10.59 -30.94 -44.46
N ILE E 100 10.32 -32.20 -44.09
CA ILE E 100 10.31 -33.31 -45.04
C ILE E 100 9.14 -34.25 -44.73
N SER E 101 8.57 -34.85 -45.76
CA SER E 101 7.47 -35.80 -45.61
C SER E 101 7.83 -37.16 -46.21
N LEU E 102 8.11 -38.13 -45.35
CA LEU E 102 8.51 -39.48 -45.78
C LEU E 102 7.43 -40.49 -45.41
N ALA E 108 4.37 -42.73 -42.91
CA ALA E 108 4.01 -41.33 -42.73
C ALA E 108 4.80 -40.71 -41.58
N VAL E 109 6.01 -40.24 -41.89
CA VAL E 109 6.90 -39.64 -40.89
C VAL E 109 7.24 -38.20 -41.29
N ASP E 110 6.75 -37.24 -40.49
CA ASP E 110 7.01 -35.83 -40.73
C ASP E 110 8.18 -35.36 -39.86
N VAL E 111 9.28 -34.99 -40.50
CA VAL E 111 10.48 -34.55 -39.78
C VAL E 111 10.66 -33.04 -39.86
N ARG E 112 11.27 -32.46 -38.83
CA ARG E 112 11.58 -31.03 -38.79
C ARG E 112 13.08 -30.82 -38.55
N VAL E 113 13.83 -30.62 -39.62
CA VAL E 113 15.27 -30.38 -39.53
C VAL E 113 15.55 -29.00 -38.94
N SER E 114 16.66 -28.88 -38.21
CA SER E 114 17.10 -27.61 -37.66
C SER E 114 18.63 -27.54 -37.65
N THR E 115 19.19 -26.79 -38.60
CA THR E 115 20.64 -26.59 -38.68
C THR E 115 21.04 -25.32 -37.92
N MET E 116 22.32 -25.27 -37.51
CA MET E 116 22.85 -24.11 -36.80
C MET E 116 24.37 -24.05 -36.96
N PRO E 117 24.93 -22.84 -37.09
CA PRO E 117 26.40 -22.71 -37.19
C PRO E 117 27.12 -23.06 -35.90
N SER E 118 28.37 -23.49 -36.02
CA SER E 118 29.22 -23.80 -34.87
C SER E 118 30.70 -23.63 -35.23
N SER E 119 31.59 -24.04 -34.33
CA SER E 119 33.03 -23.90 -34.54
C SER E 119 33.54 -24.80 -35.67
N HIS E 120 33.09 -26.06 -35.68
CA HIS E 120 33.53 -27.04 -36.67
C HIS E 120 32.42 -27.36 -37.67
N GLY E 121 31.90 -26.31 -38.32
CA GLY E 121 30.84 -26.45 -39.30
C GLY E 121 29.46 -26.34 -38.67
N GLU E 122 28.46 -26.95 -39.31
CA GLU E 122 27.08 -26.89 -38.83
C GLU E 122 26.70 -28.13 -38.03
N ARG E 123 25.65 -27.99 -37.21
CA ARG E 123 25.15 -29.08 -36.37
C ARG E 123 23.68 -29.31 -36.70
N VAL E 124 23.35 -30.53 -37.17
CA VAL E 124 22.02 -30.84 -37.66
C VAL E 124 21.22 -31.66 -36.65
N VAL E 125 19.94 -31.30 -36.48
CA VAL E 125 19.00 -32.05 -35.64
C VAL E 125 17.65 -32.11 -36.34
N MET E 126 17.09 -33.32 -36.46
CA MET E 126 15.79 -33.51 -37.13
C MET E 126 14.83 -34.31 -36.25
N ARG E 127 13.74 -33.67 -35.83
CA ARG E 127 12.76 -34.26 -34.93
C ARG E 127 11.75 -35.11 -35.70
N LEU E 128 11.70 -36.41 -35.41
CA LEU E 128 10.79 -37.33 -36.08
C LEU E 128 9.42 -37.33 -35.41
N LEU E 129 8.39 -36.94 -36.16
CA LEU E 129 7.01 -36.91 -35.67
C LEU E 129 6.09 -37.65 -36.62
N ASP E 130 5.27 -38.56 -36.08
CA ASP E 130 4.34 -39.35 -36.88
C ASP E 130 3.09 -38.54 -37.20
N LYS E 131 2.59 -38.69 -38.43
CA LYS E 131 1.35 -38.04 -38.86
C LYS E 131 0.16 -38.98 -38.66
N ASP E 137 -6.15 -45.69 -23.60
CA ASP E 137 -6.62 -45.63 -22.23
C ASP E 137 -5.65 -44.81 -21.37
N LEU E 138 -6.21 -43.94 -20.52
CA LEU E 138 -5.41 -43.04 -19.70
C LEU E 138 -4.76 -43.76 -18.52
N HIS E 139 -5.46 -44.77 -17.99
CA HIS E 139 -4.94 -45.61 -16.91
C HIS E 139 -3.79 -46.49 -17.39
N SER E 140 -3.90 -47.00 -18.61
CA SER E 140 -2.85 -47.83 -19.22
C SER E 140 -1.56 -47.04 -19.46
N LEU E 141 -1.71 -45.75 -19.78
CA LEU E 141 -0.54 -44.88 -20.02
C LEU E 141 0.25 -44.62 -18.74
N GLY E 142 -0.43 -44.49 -17.61
CA GLY E 142 0.26 -44.27 -16.33
C GLY E 142 -0.59 -43.76 -15.18
N MET E 143 -1.61 -42.95 -15.47
CA MET E 143 -2.44 -42.33 -14.44
C MET E 143 -3.02 -43.34 -13.47
N THR E 144 -3.04 -42.99 -12.19
CA THR E 144 -3.66 -43.81 -11.15
C THR E 144 -5.18 -43.66 -11.21
N ALA E 145 -5.88 -44.50 -10.44
CA ALA E 145 -7.35 -44.47 -10.41
C ALA E 145 -7.88 -43.13 -9.91
N HIS E 146 -7.21 -42.54 -8.92
CA HIS E 146 -7.62 -41.25 -8.36
C HIS E 146 -7.30 -40.09 -9.32
N ASN E 147 -6.15 -40.18 -9.99
CA ASN E 147 -5.75 -39.15 -10.96
C ASN E 147 -6.64 -39.12 -12.20
N HIS E 148 -7.10 -40.29 -12.64
CA HIS E 148 -8.00 -40.39 -13.80
C HIS E 148 -9.36 -39.79 -13.46
N ASP E 149 -9.93 -40.21 -12.33
CA ASP E 149 -11.24 -39.70 -11.88
C ASP E 149 -11.24 -38.18 -11.68
N ASN E 150 -10.14 -37.66 -11.13
CA ASN E 150 -9.99 -36.21 -10.97
C ASN E 150 -9.84 -35.49 -12.30
N PHE E 151 -9.12 -36.10 -13.25
CA PHE E 151 -8.96 -35.54 -14.59
C PHE E 151 -10.27 -35.67 -15.38
N ARG E 152 -10.95 -36.80 -15.23
CA ARG E 152 -12.26 -37.02 -15.84
C ARG E 152 -13.23 -35.89 -15.53
N ARG E 153 -13.41 -35.64 -14.23
CA ARG E 153 -14.34 -34.61 -13.75
C ARG E 153 -13.95 -33.21 -14.24
N LEU E 154 -12.64 -32.97 -14.38
CA LEU E 154 -12.14 -31.66 -14.78
C LEU E 154 -12.41 -31.40 -16.26
N ILE E 155 -12.06 -32.37 -17.11
CA ILE E 155 -12.30 -32.25 -18.56
C ILE E 155 -13.78 -32.39 -18.95
N LYS E 156 -14.62 -32.79 -18.00
CA LYS E 156 -16.06 -32.88 -18.24
C LYS E 156 -16.83 -31.68 -17.65
N ARG E 157 -16.11 -30.65 -17.22
CA ARG E 157 -16.74 -29.40 -16.79
C ARG E 157 -17.26 -28.64 -18.01
N PRO E 158 -18.29 -27.80 -17.81
CA PRO E 158 -18.84 -27.05 -18.95
C PRO E 158 -17.91 -25.99 -19.55
N HIS E 159 -16.96 -25.51 -18.75
CA HIS E 159 -16.06 -24.43 -19.18
C HIS E 159 -14.82 -24.34 -18.30
N GLY E 160 -13.78 -23.68 -18.82
CA GLY E 160 -12.52 -23.48 -18.08
C GLY E 160 -11.32 -23.99 -18.86
N ILE E 161 -10.13 -23.57 -18.43
CA ILE E 161 -8.87 -24.00 -19.07
C ILE E 161 -8.22 -25.11 -18.26
N ILE E 162 -7.78 -26.16 -18.97
CA ILE E 162 -7.02 -27.26 -18.36
C ILE E 162 -5.71 -27.42 -19.14
N LEU E 163 -4.59 -27.19 -18.45
CA LEU E 163 -3.28 -27.24 -19.09
C LEU E 163 -2.49 -28.49 -18.70
N VAL E 164 -1.68 -28.98 -19.62
CA VAL E 164 -0.79 -30.11 -19.38
C VAL E 164 0.64 -29.64 -19.63
N THR E 165 1.47 -29.67 -18.58
CA THR E 165 2.81 -29.07 -18.65
C THR E 165 3.94 -30.08 -18.39
N GLY E 166 5.17 -29.64 -18.64
CA GLY E 166 6.35 -30.51 -18.61
C GLY E 166 7.32 -30.15 -19.73
N PRO E 167 8.44 -30.88 -19.84
CA PRO E 167 9.43 -30.64 -20.89
C PRO E 167 9.08 -31.35 -22.20
N THR E 168 9.96 -31.25 -23.19
CA THR E 168 9.75 -31.88 -24.50
C THR E 168 9.87 -33.40 -24.38
N GLY E 169 8.97 -34.12 -25.03
CA GLY E 169 8.94 -35.58 -24.98
C GLY E 169 8.44 -36.12 -23.67
N SER E 170 7.43 -35.46 -23.11
CA SER E 170 6.83 -35.87 -21.83
C SER E 170 5.43 -36.48 -22.02
N GLY E 171 5.02 -36.64 -23.28
CA GLY E 171 3.74 -37.29 -23.60
C GLY E 171 2.52 -36.46 -23.24
N LYS E 172 2.56 -35.17 -23.58
CA LYS E 172 1.44 -34.26 -23.32
C LYS E 172 0.31 -34.50 -24.30
N SER E 173 0.66 -34.51 -25.58
CA SER E 173 -0.31 -34.75 -26.65
C SER E 173 -1.07 -36.05 -26.43
N THR E 174 -0.33 -37.12 -26.16
CA THR E 174 -0.92 -38.43 -25.86
C THR E 174 -1.97 -38.36 -24.75
N THR E 175 -1.70 -37.53 -23.74
CA THR E 175 -2.63 -37.32 -22.63
C THR E 175 -3.84 -36.49 -23.05
N LEU E 176 -3.61 -35.46 -23.86
CA LEU E 176 -4.70 -34.63 -24.40
C LEU E 176 -5.58 -35.45 -25.34
N TYR E 177 -4.94 -36.17 -26.26
CA TYR E 177 -5.65 -37.06 -27.20
C TYR E 177 -6.52 -38.08 -26.47
N ALA E 178 -6.01 -38.62 -25.37
CA ALA E 178 -6.78 -39.55 -24.54
C ALA E 178 -7.96 -38.86 -23.85
N GLY E 179 -7.77 -37.60 -23.47
CA GLY E 179 -8.84 -36.81 -22.88
C GLY E 179 -9.95 -36.46 -23.85
N LEU E 180 -9.57 -36.12 -25.08
CA LEU E 180 -10.54 -35.82 -26.13
C LEU E 180 -11.32 -37.05 -26.57
N GLN E 181 -10.63 -38.19 -26.66
CA GLN E 181 -11.26 -39.47 -26.99
C GLN E 181 -12.27 -39.91 -25.94
N GLU E 182 -11.99 -39.59 -24.68
CA GLU E 182 -12.92 -39.88 -23.58
C GLU E 182 -14.17 -38.99 -23.68
N LEU E 183 -13.97 -37.73 -24.03
CA LEU E 183 -15.08 -36.80 -24.24
C LEU E 183 -15.80 -37.03 -25.58
N ASN E 184 -15.13 -37.68 -26.53
CA ASN E 184 -15.67 -37.88 -27.87
C ASN E 184 -17.03 -38.57 -27.85
N SER E 185 -18.08 -37.75 -27.74
CA SER E 185 -19.46 -38.23 -27.69
C SER E 185 -20.28 -37.50 -28.75
N SER E 186 -21.48 -38.01 -29.00
CA SER E 186 -22.40 -37.40 -29.95
C SER E 186 -23.09 -36.15 -29.38
N GLU E 187 -22.96 -35.94 -28.07
CA GLU E 187 -23.60 -34.81 -27.38
C GLU E 187 -22.72 -33.55 -27.28
N ARG E 188 -21.50 -33.61 -27.83
CA ARG E 188 -20.58 -32.47 -27.78
C ARG E 188 -19.91 -32.20 -29.13
N ASN E 189 -19.59 -30.94 -29.36
CA ASN E 189 -18.86 -30.50 -30.56
C ASN E 189 -17.42 -30.15 -30.18
N ILE E 190 -16.49 -31.03 -30.52
CA ILE E 190 -15.08 -30.89 -30.18
C ILE E 190 -14.27 -30.53 -31.43
N LEU E 191 -13.49 -29.45 -31.34
CA LEU E 191 -12.62 -29.00 -32.43
C LEU E 191 -11.24 -28.68 -31.89
N THR E 192 -10.21 -28.82 -32.74
CA THR E 192 -8.82 -28.60 -32.31
C THR E 192 -7.98 -27.83 -33.34
N VAL E 193 -7.04 -27.04 -32.83
CA VAL E 193 -6.00 -26.41 -33.65
C VAL E 193 -4.66 -27.02 -33.22
N GLU E 194 -3.92 -27.58 -34.18
CA GLU E 194 -2.67 -28.29 -33.88
C GLU E 194 -1.56 -27.92 -34.86
N ASP E 195 -0.31 -28.09 -34.41
CA ASP E 195 0.86 -27.75 -35.22
C ASP E 195 2.01 -28.74 -34.96
N PRO E 196 2.00 -29.90 -35.64
CA PRO E 196 0.99 -30.40 -36.56
C PRO E 196 -0.01 -31.32 -35.86
N ILE E 197 -0.92 -31.91 -36.62
CA ILE E 197 -1.88 -32.88 -36.10
C ILE E 197 -1.13 -34.19 -35.90
N GLU E 198 -1.11 -34.69 -34.66
CA GLU E 198 -0.34 -35.90 -34.32
C GLU E 198 -0.95 -37.12 -34.98
N PHE E 199 -2.25 -37.33 -34.79
CA PHE E 199 -3.00 -38.33 -35.54
C PHE E 199 -4.49 -37.95 -35.58
N ASP E 200 -5.27 -38.70 -36.35
CA ASP E 200 -6.68 -38.37 -36.57
C ASP E 200 -7.61 -39.09 -35.59
N ILE E 201 -8.36 -38.30 -34.82
CA ILE E 201 -9.45 -38.83 -34.00
C ILE E 201 -10.73 -38.76 -34.85
N ASP E 202 -11.32 -39.93 -35.14
CA ASP E 202 -12.56 -39.98 -35.91
C ASP E 202 -13.73 -39.56 -35.02
N GLY E 203 -14.46 -38.52 -35.47
CA GLY E 203 -15.56 -37.95 -34.68
C GLY E 203 -15.24 -36.58 -34.11
N ILE E 204 -13.99 -36.14 -34.27
CA ILE E 204 -13.54 -34.84 -33.79
C ILE E 204 -12.88 -34.05 -34.92
N GLY E 205 -13.25 -32.77 -35.04
CA GLY E 205 -12.66 -31.89 -36.03
C GLY E 205 -11.27 -31.47 -35.63
N GLN E 206 -10.35 -31.44 -36.60
CA GLN E 206 -8.94 -31.12 -36.33
C GLN E 206 -8.32 -30.27 -37.44
N THR E 207 -8.19 -28.98 -37.17
CA THR E 207 -7.56 -28.04 -38.11
C THR E 207 -6.06 -27.98 -37.85
N GLN E 208 -5.28 -27.76 -38.91
CA GLN E 208 -3.82 -27.70 -38.81
C GLN E 208 -3.32 -26.27 -39.05
N VAL E 209 -2.28 -25.88 -38.31
CA VAL E 209 -1.67 -24.55 -38.44
C VAL E 209 -0.91 -24.47 -39.76
N ASN E 210 -1.46 -23.71 -40.72
CA ASN E 210 -0.90 -23.58 -42.06
C ASN E 210 -0.23 -22.21 -42.24
N PRO E 211 1.11 -22.18 -42.42
CA PRO E 211 1.82 -20.91 -42.61
C PRO E 211 1.73 -20.36 -44.03
N ARG E 212 1.28 -21.17 -44.99
CA ARG E 212 1.16 -20.74 -46.39
C ARG E 212 0.02 -19.76 -46.59
N VAL E 213 -1.03 -19.86 -45.78
CA VAL E 213 -2.17 -18.93 -45.83
C VAL E 213 -2.24 -18.05 -44.57
N ASP E 214 -1.16 -18.02 -43.80
CA ASP E 214 -1.08 -17.26 -42.56
C ASP E 214 -2.13 -17.71 -41.52
N MET E 215 -2.41 -19.01 -41.51
CA MET E 215 -3.33 -19.59 -40.54
C MET E 215 -2.55 -20.00 -39.29
N THR E 216 -2.58 -19.14 -38.28
CA THR E 216 -1.83 -19.34 -37.04
C THR E 216 -2.69 -19.97 -35.95
N PHE E 217 -2.10 -20.22 -34.79
CA PHE E 217 -2.84 -20.70 -33.61
C PHE E 217 -3.92 -19.70 -33.19
N ALA E 218 -3.56 -18.42 -33.17
CA ALA E 218 -4.48 -17.36 -32.77
C ALA E 218 -5.66 -17.24 -33.76
N ARG E 219 -5.33 -17.16 -35.04
CA ARG E 219 -6.33 -17.06 -36.10
C ARG E 219 -7.17 -18.34 -36.21
N GLY E 220 -6.51 -19.49 -36.01
CA GLY E 220 -7.19 -20.78 -36.02
C GLY E 220 -8.14 -20.94 -34.84
N LEU E 221 -7.69 -20.54 -33.66
CA LEU E 221 -8.52 -20.57 -32.46
C LEU E 221 -9.66 -19.56 -32.54
N ARG E 222 -9.39 -18.41 -33.15
CA ARG E 222 -10.41 -17.37 -33.34
C ARG E 222 -11.48 -17.83 -34.34
N ALA E 223 -11.09 -18.70 -35.28
CA ALA E 223 -12.02 -19.26 -36.27
C ALA E 223 -12.86 -20.39 -35.68
N ILE E 224 -12.24 -21.24 -34.87
CA ILE E 224 -12.94 -22.37 -34.21
C ILE E 224 -14.09 -21.89 -33.31
N LEU E 225 -13.89 -20.75 -32.64
CA LEU E 225 -14.91 -20.21 -31.74
C LEU E 225 -16.19 -19.77 -32.46
N ARG E 226 -16.12 -19.57 -33.77
CA ARG E 226 -17.29 -19.24 -34.58
C ARG E 226 -18.00 -20.48 -35.15
N GLN E 227 -17.56 -21.67 -34.75
CA GLN E 227 -18.19 -22.93 -35.18
C GLN E 227 -19.16 -23.49 -34.12
N ASP E 228 -19.42 -22.69 -33.08
CA ASP E 228 -20.25 -23.12 -31.95
C ASP E 228 -19.70 -24.40 -31.29
N PRO E 229 -18.49 -24.32 -30.72
CA PRO E 229 -17.90 -25.49 -30.06
C PRO E 229 -18.32 -25.60 -28.60
N ASP E 230 -18.26 -26.82 -28.06
CA ASP E 230 -18.47 -27.05 -26.63
C ASP E 230 -17.12 -27.18 -25.92
N VAL E 231 -16.21 -27.90 -26.56
CA VAL E 231 -14.83 -28.05 -26.06
C VAL E 231 -13.85 -27.70 -27.17
N VAL E 232 -12.72 -27.09 -26.79
CA VAL E 232 -11.67 -26.70 -27.74
C VAL E 232 -10.31 -27.16 -27.22
N MET E 233 -9.47 -27.67 -28.14
CA MET E 233 -8.11 -28.08 -27.79
C MET E 233 -7.09 -27.35 -28.66
N VAL E 234 -6.33 -26.45 -28.04
CA VAL E 234 -5.28 -25.71 -28.73
C VAL E 234 -3.97 -26.45 -28.54
N GLY E 235 -3.22 -26.62 -29.62
CA GLY E 235 -1.92 -27.31 -29.57
C GLY E 235 -1.08 -26.84 -28.41
N GLU E 236 -0.78 -25.55 -28.39
CA GLU E 236 -0.12 -24.90 -27.26
C GLU E 236 -0.26 -23.38 -27.34
N ILE E 237 -0.31 -22.72 -26.18
CA ILE E 237 -0.44 -21.26 -26.12
C ILE E 237 0.94 -20.62 -25.92
N ARG E 238 1.62 -20.37 -27.04
CA ARG E 238 3.00 -19.91 -27.03
C ARG E 238 3.12 -18.42 -26.72
N ASP E 239 2.16 -17.62 -27.19
CA ASP E 239 2.21 -16.16 -27.05
C ASP E 239 0.98 -15.60 -26.31
N LEU E 240 1.00 -14.29 -26.07
CA LEU E 240 -0.08 -13.62 -25.34
C LEU E 240 -1.40 -13.61 -26.12
N GLU E 241 -1.33 -13.31 -27.42
CA GLU E 241 -2.52 -13.21 -28.27
C GLU E 241 -3.36 -14.49 -28.27
N THR E 242 -2.68 -15.63 -28.33
CA THR E 242 -3.35 -16.93 -28.32
C THR E 242 -3.96 -17.23 -26.94
N ALA E 243 -3.24 -16.82 -25.89
CA ALA E 243 -3.71 -17.01 -24.51
C ALA E 243 -4.92 -16.10 -24.20
N GLN E 244 -4.88 -14.87 -24.70
CA GLN E 244 -5.99 -13.93 -24.52
C GLN E 244 -7.31 -14.48 -25.09
N ILE E 245 -7.23 -15.13 -26.24
CA ILE E 245 -8.40 -15.73 -26.88
C ILE E 245 -8.87 -16.96 -26.11
N ALA E 246 -7.91 -17.75 -25.61
CA ALA E 246 -8.22 -18.94 -24.82
C ALA E 246 -8.86 -18.59 -23.47
N VAL E 247 -8.42 -17.49 -22.88
CA VAL E 247 -9.00 -17.00 -21.62
C VAL E 247 -10.42 -16.47 -21.84
N GLN E 248 -10.61 -15.74 -22.94
CA GLN E 248 -11.94 -15.29 -23.32
C GLN E 248 -12.85 -16.48 -23.67
N ALA E 249 -12.29 -17.47 -24.36
CA ALA E 249 -13.03 -18.68 -24.70
C ALA E 249 -13.53 -19.41 -23.46
N SER E 250 -12.67 -19.54 -22.46
CA SER E 250 -13.01 -20.21 -21.21
C SER E 250 -14.10 -19.48 -20.42
N LEU E 251 -14.04 -18.16 -20.40
CA LEU E 251 -15.05 -17.34 -19.72
C LEU E 251 -16.39 -17.35 -20.48
N THR E 252 -16.33 -17.52 -21.81
CA THR E 252 -17.53 -17.46 -22.65
C THR E 252 -18.13 -18.85 -22.93
N GLY E 253 -18.19 -19.70 -21.90
CA GLY E 253 -18.93 -20.96 -21.98
C GLY E 253 -18.26 -22.13 -22.70
N HIS E 254 -16.98 -22.00 -23.03
CA HIS E 254 -16.24 -23.09 -23.68
C HIS E 254 -15.23 -23.70 -22.73
N LEU E 255 -15.06 -25.02 -22.82
CA LEU E 255 -13.98 -25.71 -22.11
C LEU E 255 -12.75 -25.72 -23.01
N VAL E 256 -11.67 -25.11 -22.54
CA VAL E 256 -10.44 -25.00 -23.33
C VAL E 256 -9.38 -25.97 -22.80
N MET E 257 -8.58 -26.51 -23.72
CA MET E 257 -7.49 -27.41 -23.39
C MET E 257 -6.23 -27.01 -24.16
N SER E 258 -5.09 -27.02 -23.49
CA SER E 258 -3.82 -26.61 -24.11
C SER E 258 -2.61 -27.13 -23.33
N THR E 259 -1.41 -26.72 -23.75
CA THR E 259 -0.18 -27.11 -23.08
C THR E 259 0.78 -25.93 -22.94
N LEU E 260 1.71 -26.05 -22.00
CA LEU E 260 2.78 -25.06 -21.81
C LEU E 260 4.06 -25.76 -21.37
N HIS E 261 5.18 -25.36 -21.96
CA HIS E 261 6.47 -25.95 -21.61
C HIS E 261 7.02 -25.36 -20.32
N THR E 262 6.47 -25.83 -19.20
CA THR E 262 6.92 -25.40 -17.87
C THR E 262 7.25 -26.63 -17.02
N ASN E 263 8.24 -26.48 -16.14
CA ASN E 263 8.79 -27.62 -15.40
C ASN E 263 7.93 -28.08 -14.23
N THR E 264 7.02 -27.22 -13.76
CA THR E 264 6.15 -27.55 -12.63
C THR E 264 4.70 -27.19 -12.94
N ALA E 265 3.80 -27.69 -12.09
CA ALA E 265 2.37 -27.36 -12.22
C ALA E 265 2.10 -25.90 -11.87
N VAL E 266 2.92 -25.35 -10.95
CA VAL E 266 2.86 -23.93 -10.62
C VAL E 266 3.49 -23.11 -11.76
N GLY E 267 4.44 -23.72 -12.47
CA GLY E 267 5.06 -23.13 -13.65
C GLY E 267 4.09 -22.74 -14.76
N ALA E 268 2.95 -23.43 -14.84
CA ALA E 268 1.93 -23.11 -15.84
C ALA E 268 1.18 -21.83 -15.45
N VAL E 269 0.74 -21.74 -14.20
CA VAL E 269 0.09 -20.53 -13.68
C VAL E 269 1.08 -19.37 -13.76
N THR E 270 2.31 -19.65 -13.34
CA THR E 270 3.46 -18.77 -13.56
C THR E 270 3.49 -18.23 -14.99
N ARG E 271 3.57 -19.14 -15.95
CA ARG E 271 3.77 -18.80 -17.37
C ARG E 271 2.68 -17.89 -17.94
N LEU E 272 1.44 -18.08 -17.50
CA LEU E 272 0.34 -17.22 -17.93
C LEU E 272 0.48 -15.80 -17.38
N ARG E 273 1.02 -15.68 -16.17
CA ARG E 273 1.28 -14.39 -15.55
C ARG E 273 2.43 -13.67 -16.25
N ASP E 274 3.35 -14.44 -16.83
CA ASP E 274 4.53 -13.89 -17.51
C ASP E 274 4.18 -13.25 -18.85
N MET E 275 3.40 -13.98 -19.66
CA MET E 275 3.00 -13.51 -21.00
C MET E 275 2.24 -12.18 -20.95
N GLY E 276 1.46 -11.99 -19.89
CA GLY E 276 0.69 -10.75 -19.70
C GLY E 276 -0.80 -10.94 -19.50
N ILE E 277 -1.21 -12.10 -18.97
CA ILE E 277 -2.60 -12.34 -18.60
C ILE E 277 -2.78 -11.76 -17.20
N GLU E 278 -3.76 -10.87 -17.05
CA GLU E 278 -4.04 -10.24 -15.75
C GLU E 278 -4.19 -11.32 -14.67
N PRO E 279 -3.47 -11.16 -13.54
CA PRO E 279 -3.46 -12.17 -12.48
C PRO E 279 -4.84 -12.72 -12.14
N PHE E 280 -5.86 -11.87 -12.16
CA PHE E 280 -7.24 -12.31 -11.92
C PHE E 280 -7.67 -13.38 -12.92
N LEU E 281 -7.57 -13.04 -14.21
CA LEU E 281 -8.16 -13.86 -15.28
C LEU E 281 -7.78 -15.34 -15.20
N ILE E 282 -6.62 -15.62 -14.62
CA ILE E 282 -6.15 -16.98 -14.41
C ILE E 282 -6.98 -17.68 -13.33
N SER E 283 -7.29 -16.97 -12.24
CA SER E 283 -8.07 -17.55 -11.14
C SER E 283 -9.49 -17.92 -11.55
N SER E 284 -10.13 -17.08 -12.35
CA SER E 284 -11.50 -17.30 -12.79
C SER E 284 -11.63 -18.46 -13.78
N SER E 285 -10.71 -18.52 -14.73
CA SER E 285 -10.79 -19.48 -15.85
C SER E 285 -10.15 -20.83 -15.54
N LEU E 286 -8.97 -20.81 -14.94
CA LEU E 286 -8.17 -22.03 -14.76
C LEU E 286 -8.85 -23.05 -13.84
N LEU E 287 -9.05 -24.26 -14.37
CA LEU E 287 -9.59 -25.39 -13.60
C LEU E 287 -8.46 -26.16 -12.92
N GLY E 288 -7.40 -26.43 -13.66
CA GLY E 288 -6.26 -27.17 -13.12
C GLY E 288 -5.09 -27.31 -14.07
N VAL E 289 -3.97 -27.81 -13.54
CA VAL E 289 -2.77 -28.05 -14.32
C VAL E 289 -2.28 -29.48 -14.10
N LEU E 290 -1.75 -30.11 -15.16
CA LEU E 290 -1.26 -31.48 -15.08
C LEU E 290 0.23 -31.53 -15.47
N ALA E 291 1.10 -31.46 -14.46
CA ALA E 291 2.54 -31.62 -14.68
C ALA E 291 2.86 -33.08 -14.91
N GLN E 292 3.38 -33.40 -16.10
CA GLN E 292 3.56 -34.79 -16.52
C GLN E 292 4.99 -35.10 -16.98
N ARG E 293 5.49 -36.25 -16.57
CA ARG E 293 6.76 -36.80 -17.04
C ARG E 293 6.57 -38.26 -17.44
N LEU E 294 7.43 -38.75 -18.34
CA LEU E 294 7.48 -40.17 -18.69
C LEU E 294 8.69 -40.83 -18.03
N VAL E 295 8.51 -42.08 -17.59
CA VAL E 295 9.58 -42.86 -16.99
C VAL E 295 9.64 -44.24 -17.64
N ARG E 296 10.86 -44.69 -17.99
CA ARG E 296 11.05 -46.00 -18.59
C ARG E 296 10.68 -47.12 -17.63
N THR E 297 9.98 -48.13 -18.15
CA THR E 297 9.50 -49.25 -17.34
C THR E 297 10.53 -50.36 -17.29
N LEU E 298 10.90 -50.77 -16.08
CA LEU E 298 11.80 -51.90 -15.87
C LEU E 298 11.21 -53.17 -16.49
N CYS E 299 12.00 -53.87 -17.29
CA CYS E 299 11.56 -55.10 -17.91
C CYS E 299 11.32 -56.16 -16.83
N PRO E 300 10.13 -56.80 -16.83
CA PRO E 300 9.79 -57.70 -15.73
C PRO E 300 10.58 -59.02 -15.76
N ASP E 301 11.12 -59.38 -16.92
CA ASP E 301 11.91 -60.60 -17.06
C ASP E 301 13.28 -60.46 -16.40
N CYS E 302 13.89 -59.28 -16.49
CA CYS E 302 15.20 -59.08 -15.87
C CYS E 302 15.39 -57.72 -15.16
N LYS E 303 14.95 -57.70 -13.90
CA LYS E 303 15.16 -56.60 -12.97
C LYS E 303 15.70 -57.20 -11.66
N GLU E 304 16.60 -56.47 -10.99
CA GLU E 304 17.28 -56.99 -9.80
C GLU E 304 16.69 -56.41 -8.51
N PRO E 305 16.20 -57.28 -7.60
CA PRO E 305 15.72 -56.79 -6.31
C PRO E 305 16.87 -56.36 -5.39
N TYR E 306 16.70 -55.24 -4.69
CA TYR E 306 17.70 -54.78 -3.72
C TYR E 306 17.06 -53.94 -2.61
N GLU E 307 17.56 -54.11 -1.38
CA GLU E 307 17.10 -53.30 -0.24
C GLU E 307 17.72 -51.91 -0.31
N ALA E 308 16.89 -50.88 -0.12
CA ALA E 308 17.33 -49.50 -0.22
C ALA E 308 18.19 -49.08 0.97
N ASP E 309 19.11 -48.16 0.73
CA ASP E 309 19.98 -47.62 1.79
C ASP E 309 19.27 -46.48 2.55
N LYS E 310 19.96 -45.90 3.53
CA LYS E 310 19.37 -44.85 4.36
C LYS E 310 18.95 -43.60 3.58
N GLU E 311 19.84 -43.12 2.71
CA GLU E 311 19.55 -41.94 1.89
C GLU E 311 18.40 -42.21 0.90
N GLN E 312 18.32 -43.46 0.44
CA GLN E 312 17.22 -43.88 -0.44
C GLN E 312 15.91 -44.06 0.33
N ARG E 313 16.00 -44.66 1.53
CA ARG E 313 14.82 -44.84 2.40
C ARG E 313 14.25 -43.51 2.89
N LYS E 314 15.11 -42.49 3.00
CA LYS E 314 14.67 -41.15 3.40
C LYS E 314 13.80 -40.45 2.35
N LEU E 315 13.95 -40.85 1.09
CA LEU E 315 13.12 -40.30 0.00
C LEU E 315 11.66 -40.72 0.14
N PHE E 316 11.44 -41.99 0.49
CA PHE E 316 10.09 -42.53 0.62
C PHE E 316 9.46 -42.12 1.95
N GLU E 322 10.74 -54.71 8.42
CA GLU E 322 10.38 -53.77 7.37
C GLU E 322 11.41 -53.78 6.24
N PRO E 323 11.40 -54.83 5.40
CA PRO E 323 12.33 -54.94 4.29
C PRO E 323 11.80 -54.26 3.03
N LEU E 324 12.24 -53.02 2.79
CA LEU E 324 11.80 -52.25 1.63
C LEU E 324 12.69 -52.53 0.42
N ILE E 325 12.20 -53.39 -0.47
CA ILE E 325 12.95 -53.79 -1.67
C ILE E 325 12.55 -52.95 -2.88
N LEU E 326 13.54 -52.31 -3.50
CA LEU E 326 13.35 -51.63 -4.78
C LEU E 326 13.95 -52.49 -5.89
N TYR E 327 13.92 -52.01 -7.13
CA TYR E 327 14.42 -52.78 -8.27
C TYR E 327 15.40 -51.99 -9.14
N ARG E 328 16.39 -52.71 -9.70
CA ARG E 328 17.49 -52.10 -10.45
C ARG E 328 17.39 -52.43 -11.94
N ALA E 329 18.13 -51.67 -12.76
CA ALA E 329 18.08 -51.78 -14.23
C ALA E 329 18.55 -53.13 -14.78
N THR E 330 19.83 -53.43 -14.66
CA THR E 330 20.47 -54.63 -15.26
C THR E 330 20.46 -54.55 -16.80
N GLY E 331 20.45 -55.70 -17.47
CA GLY E 331 20.50 -55.76 -18.95
C GLY E 331 20.60 -57.18 -19.47
N CYS E 332 19.92 -57.45 -20.59
CA CYS E 332 19.67 -58.84 -21.03
C CYS E 332 19.01 -58.97 -22.43
N PRO E 333 18.69 -60.20 -22.90
CA PRO E 333 18.38 -60.32 -24.34
C PRO E 333 17.03 -59.74 -24.79
N LYS E 334 16.01 -59.80 -23.93
CA LYS E 334 14.76 -59.07 -24.15
C LYS E 334 14.98 -57.64 -23.67
N CYS E 335 15.62 -57.56 -22.51
CA CYS E 335 16.15 -56.32 -21.93
C CYS E 335 17.00 -55.55 -22.97
N ASN E 336 17.62 -56.30 -23.89
CA ASN E 336 18.28 -55.83 -25.14
C ASN E 336 18.79 -54.39 -25.25
N HIS E 337 19.92 -54.07 -24.61
CA HIS E 337 20.49 -54.84 -23.50
C HIS E 337 20.50 -53.87 -22.31
N LYS E 338 19.53 -52.96 -22.32
CA LYS E 338 19.38 -51.94 -21.29
C LYS E 338 18.46 -52.50 -20.22
N GLY E 339 18.21 -51.73 -19.17
CA GLY E 339 17.37 -52.18 -18.07
C GLY E 339 15.87 -51.99 -18.25
N TYR E 340 15.46 -51.48 -19.41
CA TYR E 340 14.06 -51.10 -19.64
C TYR E 340 13.54 -51.47 -21.02
N ARG E 341 12.22 -51.66 -21.11
CA ARG E 341 11.51 -51.73 -22.39
C ARG E 341 10.12 -51.13 -22.22
N GLY E 342 9.82 -50.08 -22.97
CA GLY E 342 8.54 -49.39 -22.87
C GLY E 342 8.60 -48.22 -21.90
N ARG E 343 7.44 -47.63 -21.63
CA ARG E 343 7.34 -46.42 -20.80
C ARG E 343 6.02 -46.33 -20.05
N THR E 344 5.96 -45.41 -19.10
CA THR E 344 4.73 -45.06 -18.39
C THR E 344 4.79 -43.63 -17.86
N GLY E 345 3.62 -43.01 -17.70
CA GLY E 345 3.54 -41.62 -17.27
C GLY E 345 3.42 -41.45 -15.77
N ILE E 346 4.09 -40.42 -15.24
CA ILE E 346 3.95 -40.01 -13.84
C ILE E 346 3.40 -38.59 -13.80
N HIS E 347 2.49 -38.32 -12.87
CA HIS E 347 1.68 -37.10 -12.92
C HIS E 347 1.61 -36.32 -11.60
N GLU E 348 1.12 -35.09 -11.72
CA GLU E 348 0.88 -34.21 -10.58
C GLU E 348 -0.25 -33.25 -10.95
N LEU E 349 -1.46 -33.60 -10.56
CA LEU E 349 -2.66 -32.86 -10.98
C LEU E 349 -3.00 -31.74 -10.00
N LEU E 350 -2.61 -30.52 -10.36
CA LEU E 350 -2.99 -29.32 -9.60
C LEU E 350 -4.46 -29.01 -9.92
N LEU E 351 -5.28 -28.94 -8.88
CA LEU E 351 -6.72 -28.69 -9.04
C LEU E 351 -7.11 -27.38 -8.37
N VAL E 352 -7.48 -26.39 -9.18
CA VAL E 352 -7.77 -25.05 -8.68
C VAL E 352 -9.08 -25.03 -7.90
N ASP E 353 -8.97 -24.88 -6.58
CA ASP E 353 -10.14 -24.79 -5.69
C ASP E 353 -10.27 -23.36 -5.15
N ASP E 354 -11.15 -23.16 -4.17
CA ASP E 354 -11.42 -21.84 -3.60
C ASP E 354 -10.18 -21.18 -3.00
N ALA E 355 -9.34 -21.97 -2.34
CA ALA E 355 -8.10 -21.47 -1.72
C ALA E 355 -7.09 -21.02 -2.77
N LEU E 356 -6.94 -21.81 -3.84
CA LEU E 356 -6.01 -21.49 -4.93
C LEU E 356 -6.49 -20.31 -5.79
N GLN E 357 -7.80 -20.08 -5.84
CA GLN E 357 -8.37 -18.94 -6.55
C GLN E 357 -7.97 -17.60 -5.91
N GLU E 358 -7.75 -17.61 -4.61
CA GLU E 358 -7.30 -16.41 -3.88
C GLU E 358 -5.82 -16.16 -4.14
N LEU E 359 -5.01 -17.21 -4.01
CA LEU E 359 -3.56 -17.12 -4.13
C LEU E 359 -3.12 -16.62 -5.52
N ILE E 360 -3.90 -16.97 -6.54
CA ILE E 360 -3.68 -16.48 -7.90
C ILE E 360 -4.09 -15.00 -8.02
N HIS E 361 -5.20 -14.65 -7.38
CA HIS E 361 -5.74 -13.29 -7.44
C HIS E 361 -4.82 -12.29 -6.74
N SER E 362 -4.53 -12.55 -5.47
CA SER E 362 -3.74 -11.62 -4.64
C SER E 362 -2.23 -11.71 -4.86
N GLU E 363 -1.79 -12.62 -5.73
CA GLU E 363 -0.37 -12.85 -6.02
C GLU E 363 0.42 -13.17 -4.75
N ALA E 364 0.17 -14.36 -4.21
CA ALA E 364 0.92 -14.85 -3.05
C ALA E 364 2.34 -15.20 -3.47
N GLY E 365 2.45 -15.99 -4.54
CA GLY E 365 3.73 -16.32 -5.15
C GLY E 365 4.00 -17.80 -5.27
N GLU E 366 4.96 -18.17 -6.10
CA GLU E 366 5.31 -19.58 -6.32
C GLU E 366 5.48 -20.34 -5.00
N GLN E 367 6.29 -19.79 -4.11
CA GLN E 367 6.61 -20.45 -2.84
C GLN E 367 5.38 -20.62 -1.96
N ALA E 368 4.68 -19.53 -1.66
CA ALA E 368 3.46 -19.57 -0.87
C ALA E 368 2.44 -20.51 -1.51
N MET E 369 2.31 -20.42 -2.83
CA MET E 369 1.40 -21.28 -3.59
C MET E 369 1.87 -22.74 -3.61
N GLU E 370 3.18 -22.95 -3.66
CA GLU E 370 3.76 -24.31 -3.58
C GLU E 370 3.51 -24.95 -2.21
N LYS E 371 3.47 -24.14 -1.16
CA LYS E 371 3.24 -24.61 0.21
C LYS E 371 1.80 -25.13 0.39
N HIS E 372 0.84 -24.40 -0.16
CA HIS E 372 -0.57 -24.81 -0.11
C HIS E 372 -0.85 -25.99 -1.04
N ILE E 373 -0.09 -26.07 -2.15
CA ILE E 373 -0.24 -27.16 -3.12
C ILE E 373 0.22 -28.51 -2.54
N ARG E 374 1.30 -28.48 -1.77
CA ARG E 374 1.82 -29.71 -1.14
C ARG E 374 0.92 -30.23 -0.02
N ALA E 375 0.09 -29.36 0.55
CA ALA E 375 -0.86 -29.75 1.58
C ALA E 375 -1.99 -30.63 1.02
N THR E 376 -2.40 -30.33 -0.22
CA THR E 376 -3.51 -31.04 -0.86
C THR E 376 -3.02 -32.10 -1.87
N THR E 377 -2.43 -31.64 -2.96
CA THR E 377 -2.06 -32.52 -4.07
C THR E 377 -0.70 -33.18 -3.84
N PRO E 378 -0.60 -34.51 -4.13
CA PRO E 378 0.70 -35.18 -4.17
C PRO E 378 1.62 -34.64 -5.27
N SER E 379 2.93 -34.74 -5.05
CA SER E 379 3.92 -34.17 -5.98
C SER E 379 4.12 -35.06 -7.22
N ILE E 380 5.02 -34.63 -8.11
CA ILE E 380 5.39 -35.43 -9.28
C ILE E 380 6.26 -36.59 -8.82
N ARG E 381 7.14 -36.32 -7.87
CA ARG E 381 8.08 -37.32 -7.34
C ARG E 381 7.37 -38.42 -6.57
N ASP E 382 6.40 -38.03 -5.73
CA ASP E 382 5.63 -38.98 -4.94
C ASP E 382 4.86 -40.00 -5.80
N ASP E 383 4.32 -39.53 -6.92
CA ASP E 383 3.62 -40.41 -7.87
C ASP E 383 4.62 -41.38 -8.51
N GLY E 384 5.84 -40.91 -8.75
CA GLY E 384 6.90 -41.74 -9.28
C GLY E 384 7.40 -42.77 -8.28
N LEU E 385 7.56 -42.34 -7.02
CA LEU E 385 8.03 -43.23 -5.95
C LEU E 385 7.05 -44.36 -5.64
N ASP E 386 5.76 -44.10 -5.86
CA ASP E 386 4.73 -45.14 -5.70
C ASP E 386 4.91 -46.25 -6.74
N LYS E 387 5.30 -45.87 -7.96
CA LYS E 387 5.57 -46.83 -9.03
C LYS E 387 6.88 -47.60 -8.79
N VAL E 388 7.81 -47.00 -8.06
CA VAL E 388 9.05 -47.67 -7.67
C VAL E 388 8.75 -48.75 -6.62
N ARG E 389 7.84 -48.44 -5.69
CA ARG E 389 7.38 -49.41 -4.71
C ARG E 389 6.64 -50.57 -5.37
N GLN E 390 5.80 -50.24 -6.35
CA GLN E 390 5.05 -51.25 -7.11
C GLN E 390 5.96 -52.13 -7.97
N GLY E 391 7.09 -51.57 -8.40
CA GLY E 391 8.07 -52.31 -9.21
C GLY E 391 7.86 -52.13 -10.70
N ILE E 392 7.60 -50.89 -11.11
CA ILE E 392 7.41 -50.55 -12.52
C ILE E 392 8.67 -49.89 -13.07
N THR E 393 9.13 -48.84 -12.39
CA THR E 393 10.32 -48.09 -12.80
C THR E 393 11.35 -48.04 -11.67
N SER E 394 12.58 -47.69 -12.01
CA SER E 394 13.67 -47.60 -11.04
C SER E 394 13.69 -46.25 -10.35
N LEU E 395 14.43 -46.16 -9.25
CA LEU E 395 14.62 -44.90 -8.53
C LEU E 395 15.54 -43.95 -9.31
N GLU E 396 16.40 -44.52 -10.16
CA GLU E 396 17.28 -43.73 -11.02
C GLU E 396 16.48 -42.97 -12.08
N GLU E 397 15.38 -43.57 -12.53
CA GLU E 397 14.56 -43.01 -13.60
C GLU E 397 13.65 -41.88 -13.10
N VAL E 398 13.12 -42.04 -11.88
CA VAL E 398 12.26 -41.03 -11.27
C VAL E 398 13.05 -39.75 -10.97
N MET E 399 14.28 -39.91 -10.50
CA MET E 399 15.11 -38.78 -10.09
C MET E 399 15.64 -37.94 -11.26
N ARG E 400 15.92 -38.58 -12.40
CA ARG E 400 16.47 -37.86 -13.56
C ARG E 400 15.45 -36.92 -14.21
N VAL E 401 14.21 -37.39 -14.33
CA VAL E 401 13.13 -36.58 -14.90
C VAL E 401 12.57 -35.58 -13.89
N THR E 402 12.79 -35.85 -12.60
CA THR E 402 12.42 -34.92 -11.53
C THR E 402 13.35 -33.71 -11.55
N ALA E 413 8.11 -22.81 12.16
CA ALA E 413 7.57 -23.09 13.48
C ALA E 413 7.90 -24.52 13.89
N VAL E 414 8.27 -24.71 15.16
CA VAL E 414 8.68 -26.01 15.67
C VAL E 414 7.48 -26.98 15.81
N ASP E 415 7.68 -28.22 15.39
CA ASP E 415 6.67 -29.27 15.52
C ASP E 415 6.81 -29.92 16.90
N MET E 416 5.68 -30.09 17.60
CA MET E 416 5.69 -30.60 18.97
C MET E 416 4.69 -31.74 19.14
N PHE E 417 5.17 -32.86 19.70
CA PHE E 417 4.34 -34.05 19.92
C PHE E 417 4.57 -34.60 21.33
N ILE E 418 3.60 -35.35 21.83
CA ILE E 418 3.73 -36.00 23.14
C ILE E 418 3.03 -37.37 23.13
N LYS E 419 3.69 -38.36 23.72
CA LYS E 419 3.19 -39.74 23.78
C LYS E 419 3.07 -40.19 25.23
N ILE E 420 1.84 -40.23 25.74
CA ILE E 420 1.58 -40.59 27.14
C ILE E 420 1.22 -42.06 27.25
N GLY E 421 2.20 -42.89 27.62
CA GLY E 421 1.99 -44.32 27.78
C GLY E 421 1.72 -45.02 26.46
N ASP E 422 0.56 -45.65 26.34
CA ASP E 422 0.11 -46.27 25.09
C ASP E 422 -1.23 -45.67 24.64
N VAL E 423 -1.47 -44.42 25.03
CA VAL E 423 -2.68 -43.70 24.63
C VAL E 423 -2.47 -43.08 23.26
N LYS E 424 -3.34 -43.42 22.31
CA LYS E 424 -3.21 -42.97 20.93
C LYS E 424 -3.96 -41.65 20.71
N GLY E 425 -3.32 -40.72 20.00
CA GLY E 425 -3.93 -39.44 19.65
C GLY E 425 -4.39 -39.44 18.20
N GLU E 426 -4.25 -38.28 17.54
CA GLU E 426 -4.62 -38.14 16.13
C GLU E 426 -3.60 -37.29 15.36
N SER E 427 -2.32 -37.65 15.50
CA SER E 427 -1.25 -36.97 14.77
C SER E 427 -1.12 -37.55 13.37
N LYS E 428 -1.01 -36.67 12.37
CA LYS E 428 -0.81 -37.08 10.98
C LYS E 428 0.68 -37.12 10.62
N ASP E 429 1.56 -36.95 11.61
CA ASP E 429 3.00 -36.97 11.37
C ASP E 429 3.47 -38.36 10.96
N LYS E 430 4.49 -38.41 10.11
CA LYS E 430 5.00 -39.67 9.56
C LYS E 430 5.74 -40.49 10.62
N THR E 431 6.63 -39.83 11.37
CA THR E 431 7.38 -40.50 12.43
C THR E 431 6.54 -40.63 13.70
N HIS E 432 5.99 -39.51 14.17
CA HIS E 432 5.17 -39.48 15.37
C HIS E 432 3.69 -39.70 15.02
N ALA E 433 3.38 -40.89 14.50
CA ALA E 433 2.02 -41.23 14.10
C ALA E 433 1.19 -41.70 15.30
N GLU E 434 -0.08 -41.31 15.31
CA GLU E 434 -1.02 -41.66 16.39
C GLU E 434 -0.53 -41.22 17.78
N GLU E 435 0.07 -40.03 17.83
CA GLU E 435 0.42 -39.38 19.10
C GLU E 435 -0.40 -38.11 19.26
N ILE E 436 -0.23 -37.43 20.39
CA ILE E 436 -0.97 -36.20 20.66
C ILE E 436 -0.21 -34.98 20.14
N ASP E 437 -0.86 -34.19 19.29
CA ASP E 437 -0.27 -32.97 18.75
C ASP E 437 -0.27 -31.87 19.82
N VAL E 438 0.91 -31.37 20.15
CA VAL E 438 1.06 -30.31 21.15
C VAL E 438 1.08 -28.95 20.49
N LEU E 439 0.18 -28.05 20.92
CA LEU E 439 0.12 -26.69 20.39
C LEU E 439 1.01 -25.74 21.20
N ALA E 440 1.09 -25.97 22.51
CA ALA E 440 1.95 -25.19 23.39
C ALA E 440 2.25 -25.95 24.66
N TRP E 441 3.23 -25.48 25.43
CA TRP E 441 3.59 -26.11 26.70
C TRP E 441 4.35 -25.15 27.62
N SER E 442 4.35 -25.49 28.91
CA SER E 442 5.05 -24.70 29.92
C SER E 442 5.43 -25.57 31.12
N TRP E 443 6.66 -25.41 31.59
CA TRP E 443 7.18 -26.19 32.71
C TRP E 443 8.32 -25.44 33.40
N GLY E 444 8.42 -25.58 34.72
CA GLY E 444 9.45 -24.88 35.48
C GLY E 444 9.85 -25.55 36.79
N MET E 445 10.81 -24.92 37.46
CA MET E 445 11.32 -25.41 38.75
C MET E 445 11.90 -24.24 39.56
N SER E 446 11.95 -24.40 40.87
CA SER E 446 12.45 -23.34 41.76
C SER E 446 13.24 -23.91 42.93
N GLN E 447 14.36 -23.24 43.25
CA GLN E 447 15.26 -23.65 44.32
C GLN E 447 15.11 -22.70 45.52
N SER E 448 14.79 -23.26 46.68
CA SER E 448 14.55 -22.47 47.90
C SER E 448 15.84 -22.03 48.60
N GLY E 449 16.96 -22.66 48.24
CA GLY E 449 18.25 -22.33 48.84
C GLY E 449 18.72 -20.92 48.53
N SER E 450 19.49 -20.34 49.44
CA SER E 450 19.96 -18.95 49.31
C SER E 450 21.45 -18.84 49.62
N MET E 451 22.11 -17.88 48.97
CA MET E 451 23.54 -17.63 49.17
C MET E 451 23.79 -16.49 50.16
N HIS E 452 22.72 -15.88 50.66
CA HIS E 452 22.83 -14.75 51.59
C HIS E 452 23.12 -15.22 53.03
N MET E 453 22.92 -16.51 53.30
CA MET E 453 23.24 -17.08 54.61
C MET E 453 24.73 -17.39 54.70
N ALA E 459 20.83 -25.29 53.59
CA ALA E 459 20.50 -25.50 52.18
C ALA E 459 18.98 -25.61 52.00
N GLY E 460 18.54 -25.52 50.74
CA GLY E 460 17.12 -25.58 50.40
C GLY E 460 16.73 -26.86 49.70
N LYS E 461 15.71 -26.78 48.85
CA LYS E 461 15.20 -27.93 48.10
C LYS E 461 14.51 -27.48 46.81
N VAL E 462 14.62 -28.31 45.77
CA VAL E 462 14.01 -28.00 44.47
C VAL E 462 12.51 -28.33 44.50
N ASN E 463 11.73 -27.52 43.77
CA ASN E 463 10.28 -27.73 43.65
C ASN E 463 9.88 -27.80 42.17
N VAL E 464 9.85 -29.02 41.64
CA VAL E 464 9.56 -29.23 40.21
C VAL E 464 8.05 -29.12 39.96
N GLN E 465 7.68 -28.26 39.02
CA GLN E 465 6.27 -28.02 38.69
C GLN E 465 5.73 -29.10 37.76
N ASP E 466 4.40 -29.13 37.60
CA ASP E 466 3.75 -30.06 36.68
C ASP E 466 3.85 -29.53 35.25
N LEU E 467 4.14 -30.43 34.31
CA LEU E 467 4.31 -30.05 32.91
C LEU E 467 2.96 -29.85 32.23
N SER E 468 2.61 -28.59 31.95
CA SER E 468 1.37 -28.25 31.27
C SER E 468 1.59 -28.27 29.76
N PHE E 469 0.55 -28.65 29.01
CA PHE E 469 0.60 -28.60 27.55
C PHE E 469 -0.80 -28.51 26.92
N THR E 470 -0.90 -27.76 25.83
CA THR E 470 -2.16 -27.58 25.12
C THR E 470 -2.30 -28.62 24.01
N LYS E 471 -3.54 -29.01 23.71
CA LYS E 471 -3.80 -30.01 22.68
C LYS E 471 -5.23 -29.88 22.13
N TYR E 472 -5.44 -30.40 20.93
CA TYR E 472 -6.79 -30.48 20.34
C TYR E 472 -7.60 -31.55 21.05
N ILE E 473 -8.93 -31.41 21.02
CA ILE E 473 -9.82 -32.43 21.56
C ILE E 473 -9.86 -33.61 20.59
N ASP E 474 -9.12 -34.67 20.92
CA ASP E 474 -8.96 -35.82 20.03
C ASP E 474 -9.42 -37.11 20.74
N LYS E 475 -9.10 -38.27 20.16
CA LYS E 475 -9.52 -39.56 20.71
C LYS E 475 -8.86 -39.93 22.05
N SER E 476 -7.80 -39.21 22.42
CA SER E 476 -7.13 -39.42 23.71
C SER E 476 -7.80 -38.66 24.87
N THR E 477 -8.70 -37.73 24.53
CA THR E 477 -9.35 -36.87 25.54
C THR E 477 -10.06 -37.65 26.66
N PRO E 478 -10.86 -38.68 26.29
CA PRO E 478 -11.55 -39.46 27.33
C PRO E 478 -10.59 -40.30 28.18
N ASN E 479 -9.53 -40.83 27.56
CA ASN E 479 -8.55 -41.65 28.27
C ASN E 479 -7.76 -40.85 29.30
N LEU E 480 -7.45 -39.59 28.98
CA LEU E 480 -6.77 -38.69 29.92
C LEU E 480 -7.69 -38.26 31.06
N MET E 481 -8.98 -38.09 30.76
CA MET E 481 -9.98 -37.80 31.79
C MET E 481 -10.17 -38.99 32.73
N MET E 482 -10.09 -40.20 32.17
CA MET E 482 -10.19 -41.43 32.96
C MET E 482 -8.99 -41.59 33.89
N ALA E 483 -7.79 -41.31 33.36
CA ALA E 483 -6.56 -41.38 34.14
C ALA E 483 -6.52 -40.34 35.25
N CYS E 484 -7.05 -39.15 34.96
CA CYS E 484 -7.14 -38.07 35.95
C CYS E 484 -8.15 -38.40 37.05
N SER E 485 -9.28 -39.00 36.65
CA SER E 485 -10.33 -39.35 37.59
C SER E 485 -9.95 -40.53 38.48
N SER E 486 -9.46 -41.59 37.86
CA SER E 486 -9.06 -42.80 38.58
C SER E 486 -7.77 -42.60 39.40
N GLY E 487 -6.84 -41.82 38.85
CA GLY E 487 -5.56 -41.57 39.49
C GLY E 487 -4.55 -42.68 39.23
N LYS E 488 -4.62 -43.26 38.03
CA LYS E 488 -3.72 -44.35 37.63
C LYS E 488 -2.65 -43.77 36.71
N HIS E 489 -1.39 -43.86 37.13
CA HIS E 489 -0.28 -43.26 36.38
C HIS E 489 0.26 -44.17 35.28
N TYR E 490 0.80 -43.56 34.24
CA TYR E 490 1.41 -44.30 33.12
C TYR E 490 2.88 -44.57 33.43
N PRO E 491 3.46 -45.61 32.80
CA PRO E 491 4.89 -45.89 32.99
C PRO E 491 5.81 -44.79 32.47
N GLN E 492 5.47 -44.20 31.33
CA GLN E 492 6.32 -43.18 30.70
C GLN E 492 5.52 -42.20 29.83
N ALA E 493 5.99 -40.96 29.78
CA ALA E 493 5.43 -39.93 28.89
C ALA E 493 6.57 -39.08 28.31
N LYS E 494 6.63 -39.00 26.98
CA LYS E 494 7.74 -38.35 26.29
C LYS E 494 7.26 -37.18 25.42
N LEU E 495 7.59 -35.96 25.85
CA LEU E 495 7.35 -34.76 25.05
C LEU E 495 8.51 -34.59 24.07
N THR E 496 8.19 -34.38 22.80
CA THR E 496 9.21 -34.27 21.74
C THR E 496 9.05 -32.96 20.97
N ILE E 497 10.09 -32.12 21.01
CA ILE E 497 10.13 -30.88 20.23
C ILE E 497 11.07 -31.08 19.04
N ARG E 498 10.70 -30.50 17.90
CA ARG E 498 11.44 -30.71 16.65
C ARG E 498 11.47 -29.43 15.82
N LYS E 499 12.58 -29.19 15.12
CA LYS E 499 12.74 -27.99 14.30
C LYS E 499 11.81 -28.00 13.08
N ALA E 500 11.60 -26.81 12.52
CA ALA E 500 10.71 -26.63 11.37
C ALA E 500 11.33 -27.21 10.09
N GLY E 501 10.53 -28.00 9.36
CA GLY E 501 10.98 -28.61 8.12
C GLY E 501 10.22 -29.89 7.79
N GLY E 502 10.23 -30.83 8.72
CA GLY E 502 9.54 -32.11 8.54
C GLY E 502 10.00 -33.18 9.50
N GLU E 503 9.81 -34.44 9.11
CA GLU E 503 10.16 -35.60 9.94
C GLU E 503 11.68 -35.84 10.04
N ASN E 504 12.41 -35.43 9.01
CA ASN E 504 13.86 -35.65 8.95
C ASN E 504 14.68 -34.61 9.72
N GLN E 505 14.02 -33.59 10.26
CA GLN E 505 14.70 -32.55 11.04
C GLN E 505 15.09 -33.08 12.42
N VAL E 506 15.95 -32.32 13.11
CA VAL E 506 16.51 -32.75 14.39
C VAL E 506 15.53 -32.51 15.53
N GLU E 507 15.25 -33.56 16.30
CA GLU E 507 14.46 -33.45 17.53
C GLU E 507 15.35 -32.84 18.61
N TYR E 508 15.37 -31.50 18.66
CA TYR E 508 16.35 -30.76 19.46
C TYR E 508 16.05 -30.68 20.96
N LEU E 509 14.88 -31.14 21.38
CA LEU E 509 14.52 -31.14 22.80
C LEU E 509 13.49 -32.24 23.10
N ILE E 510 13.90 -33.23 23.88
CA ILE E 510 13.04 -34.35 24.26
C ILE E 510 12.96 -34.45 25.79
N ILE E 511 11.77 -34.21 26.33
CA ILE E 511 11.55 -34.29 27.78
C ILE E 511 10.81 -35.59 28.10
N THR E 512 11.53 -36.56 28.67
CA THR E 512 10.96 -37.84 29.06
C THR E 512 10.54 -37.82 30.53
N LEU E 513 9.34 -38.30 30.79
CA LEU E 513 8.78 -38.35 32.14
C LEU E 513 8.41 -39.79 32.49
N LYS E 514 8.64 -40.18 33.74
CA LYS E 514 8.35 -41.54 34.20
C LYS E 514 7.39 -41.52 35.39
N GLU E 515 6.53 -42.54 35.47
CA GLU E 515 5.49 -42.63 36.51
C GLU E 515 4.61 -41.39 36.49
N VAL E 516 3.88 -41.21 35.40
CA VAL E 516 3.20 -39.95 35.09
C VAL E 516 1.70 -39.99 35.35
N LEU E 517 1.23 -39.14 36.27
CA LEU E 517 -0.20 -38.93 36.49
C LEU E 517 -0.72 -37.82 35.59
N VAL E 518 -2.04 -37.78 35.39
CA VAL E 518 -2.71 -36.67 34.74
C VAL E 518 -3.30 -35.79 35.83
N SER E 519 -2.56 -34.75 36.22
CA SER E 519 -2.93 -33.92 37.38
C SER E 519 -4.18 -33.07 37.15
N SER E 520 -4.40 -32.64 35.91
CA SER E 520 -5.63 -31.89 35.57
C SER E 520 -5.92 -31.89 34.07
N VAL E 521 -7.19 -31.71 33.73
CA VAL E 521 -7.63 -31.57 32.34
C VAL E 521 -8.63 -30.41 32.25
N SER E 522 -8.29 -29.40 31.46
CA SER E 522 -9.15 -28.23 31.28
C SER E 522 -9.56 -28.09 29.82
N THR E 523 -10.83 -28.38 29.53
CA THR E 523 -11.35 -28.34 28.16
C THR E 523 -12.47 -27.32 28.00
N GLY E 524 -12.91 -27.13 26.76
CA GLY E 524 -13.98 -26.17 26.45
C GLY E 524 -14.05 -25.85 24.97
N GLY E 525 -14.58 -24.68 24.65
CA GLY E 525 -14.70 -24.24 23.26
C GLY E 525 -15.59 -23.03 23.07
N SER E 526 -15.49 -22.41 21.89
CA SER E 526 -16.30 -21.26 21.54
C SER E 526 -17.05 -21.51 20.23
N GLY E 527 -17.95 -20.59 19.87
CA GLY E 527 -18.75 -20.71 18.65
C GLY E 527 -18.00 -20.40 17.38
N GLY E 528 -16.86 -19.71 17.49
CA GLY E 528 -16.06 -19.33 16.34
C GLY E 528 -14.96 -20.31 15.97
N GLU E 529 -14.53 -21.13 16.93
CA GLU E 529 -13.43 -22.07 16.72
C GLU E 529 -13.84 -23.25 15.85
N ASP E 530 -12.97 -23.62 14.92
CA ASP E 530 -13.18 -24.79 14.06
C ASP E 530 -12.66 -26.07 14.71
N ARG E 531 -11.54 -25.96 15.42
CA ARG E 531 -10.98 -27.07 16.19
C ARG E 531 -10.82 -26.65 17.65
N LEU E 532 -11.53 -27.33 18.55
CA LEU E 532 -11.52 -27.00 19.97
C LEU E 532 -10.24 -27.52 20.62
N THR E 533 -9.73 -26.77 21.59
CA THR E 533 -8.48 -27.11 22.29
C THR E 533 -8.72 -27.33 23.78
N GLU E 534 -7.70 -27.89 24.45
CA GLU E 534 -7.77 -28.15 25.88
C GLU E 534 -6.38 -28.24 26.51
N ASN E 535 -6.26 -27.84 27.76
CA ASN E 535 -5.00 -27.87 28.49
C ASN E 535 -4.93 -29.08 29.42
N VAL E 536 -3.77 -29.74 29.44
CA VAL E 536 -3.55 -30.92 30.28
C VAL E 536 -2.23 -30.78 31.03
N THR E 537 -2.28 -31.01 32.34
CA THR E 537 -1.08 -30.96 33.19
C THR E 537 -0.66 -32.38 33.57
N LEU E 538 0.64 -32.58 33.79
CA LEU E 538 1.18 -33.90 34.10
C LEU E 538 2.13 -33.87 35.30
N ASN E 539 1.74 -34.59 36.35
CA ASN E 539 2.60 -34.83 37.52
C ASN E 539 3.43 -36.09 37.29
N PHE E 540 4.67 -36.09 37.76
CA PHE E 540 5.58 -37.21 37.53
C PHE E 540 6.64 -37.38 38.62
N ALA E 541 7.15 -38.60 38.75
CA ALA E 541 8.15 -38.93 39.76
C ALA E 541 9.55 -38.57 39.31
N GLN E 542 9.88 -38.88 38.06
CA GLN E 542 11.19 -38.57 37.48
C GLN E 542 11.04 -37.75 36.20
N VAL E 543 12.16 -37.15 35.77
CA VAL E 543 12.19 -36.33 34.55
C VAL E 543 13.57 -36.38 33.91
N GLN E 544 13.60 -36.40 32.58
CA GLN E 544 14.85 -36.42 31.82
C GLN E 544 14.74 -35.52 30.60
N VAL E 545 15.54 -34.45 30.57
CA VAL E 545 15.55 -33.50 29.47
C VAL E 545 16.83 -33.67 28.63
N ASP E 546 16.65 -33.97 27.35
CA ASP E 546 17.77 -34.18 26.43
C ASP E 546 17.76 -33.15 25.31
N TYR E 547 18.63 -32.15 25.42
CA TYR E 547 18.79 -31.14 24.37
C TYR E 547 19.90 -31.54 23.41
N GLN E 548 19.64 -31.43 22.11
CA GLN E 548 20.62 -31.74 21.07
C GLN E 548 21.09 -30.45 20.40
N PRO E 549 22.36 -30.04 20.64
CA PRO E 549 22.89 -28.85 19.96
C PRO E 549 23.14 -29.09 18.47
N GLN E 550 23.11 -28.01 17.68
CA GLN E 550 23.30 -28.09 16.24
C GLN E 550 24.33 -27.08 15.75
N LYS E 551 24.93 -27.38 14.60
CA LYS E 551 25.88 -26.47 13.96
C LYS E 551 25.13 -25.45 13.10
N ALA E 552 25.88 -24.56 12.45
CA ALA E 552 25.29 -23.52 11.61
C ALA E 552 24.53 -24.09 10.41
N ASP E 553 25.09 -25.14 9.79
CA ASP E 553 24.47 -25.77 8.63
C ASP E 553 23.21 -26.58 8.99
N GLY E 554 23.10 -27.02 10.23
CA GLY E 554 21.94 -27.79 10.71
C GLY E 554 22.28 -29.17 11.23
N ALA E 555 23.52 -29.62 11.03
CA ALA E 555 23.97 -30.93 11.50
C ALA E 555 24.12 -30.95 13.03
N LYS E 556 24.05 -32.14 13.60
CA LYS E 556 24.14 -32.32 15.06
C LYS E 556 25.56 -32.03 15.56
N ASP E 557 25.67 -31.11 16.51
CA ASP E 557 26.94 -30.73 17.11
C ASP E 557 27.21 -31.60 18.34
N GLY E 558 27.85 -32.75 18.13
CA GLY E 558 28.16 -33.69 19.21
C GLY E 558 26.92 -34.44 19.69
N GLY E 559 27.00 -34.97 20.90
CA GLY E 559 25.88 -35.69 21.51
C GLY E 559 24.93 -34.75 22.22
N PRO E 560 23.80 -35.30 22.72
CA PRO E 560 22.81 -34.49 23.42
C PRO E 560 23.18 -34.22 24.88
N VAL E 561 22.96 -33.00 25.34
CA VAL E 561 23.24 -32.62 26.72
C VAL E 561 22.09 -33.08 27.62
N LYS E 562 22.43 -33.84 28.66
CA LYS E 562 21.43 -34.50 29.51
C LYS E 562 21.20 -33.78 30.84
N TYR E 563 19.93 -33.72 31.25
CA TYR E 563 19.55 -33.36 32.61
C TYR E 563 18.55 -34.40 33.12
N GLY E 564 18.93 -35.10 34.19
CA GLY E 564 18.07 -36.11 34.80
C GLY E 564 17.91 -35.87 36.29
N TRP E 565 16.71 -36.11 36.81
CA TRP E 565 16.42 -35.88 38.23
C TRP E 565 15.26 -36.72 38.73
N ASN E 566 15.47 -37.42 39.84
CA ASN E 566 14.42 -38.15 40.54
C ASN E 566 13.80 -37.23 41.58
N ILE E 567 12.55 -36.82 41.36
CA ILE E 567 11.87 -35.87 42.24
C ILE E 567 11.34 -36.57 43.48
N ARG E 568 10.93 -37.83 43.33
CA ARG E 568 10.42 -38.64 44.44
C ARG E 568 11.49 -38.86 45.51
N GLN E 569 12.69 -39.20 45.08
CA GLN E 569 13.82 -39.46 45.99
C GLN E 569 14.72 -38.24 46.20
N ASN E 570 14.51 -37.20 45.38
CA ASN E 570 15.28 -35.95 45.47
C ASN E 570 16.78 -36.17 45.22
N VAL E 571 17.10 -36.85 44.11
CA VAL E 571 18.48 -37.15 43.73
C VAL E 571 18.65 -37.08 42.21
N GLN E 572 19.90 -37.14 41.76
CA GLN E 572 20.22 -37.12 40.34
C GLN E 572 19.81 -38.43 39.66
N ALA E 573 19.48 -38.35 38.37
CA ALA E 573 19.06 -39.52 37.60
C ALA E 573 19.57 -39.42 36.16
N ALA F 23 60.97 -2.23 -39.91
CA ALA F 23 61.44 -1.09 -39.08
C ALA F 23 61.76 -1.54 -37.65
N PRO F 24 62.54 -0.74 -36.90
CA PRO F 24 62.82 -1.05 -35.49
C PRO F 24 61.59 -1.07 -34.59
N ILE F 25 60.58 -0.26 -34.92
CA ILE F 25 59.35 -0.18 -34.13
C ILE F 25 58.47 -1.42 -34.31
N ILE F 26 58.57 -2.05 -35.49
CA ILE F 26 57.79 -3.26 -35.79
C ILE F 26 58.25 -4.43 -34.90
N LYS F 27 59.57 -4.56 -34.73
CA LYS F 27 60.14 -5.61 -33.87
C LYS F 27 59.85 -5.38 -32.39
N LEU F 28 59.79 -4.12 -31.97
CA LEU F 28 59.58 -3.76 -30.58
C LEU F 28 58.19 -4.17 -30.08
N ILE F 29 57.17 -3.96 -30.91
CA ILE F 29 55.79 -4.34 -30.57
C ILE F 29 55.63 -5.86 -30.58
N ASN F 30 56.27 -6.53 -31.55
CA ASN F 30 56.23 -7.99 -31.63
C ASN F 30 56.95 -8.66 -30.47
N ALA F 31 58.07 -8.07 -30.05
CA ALA F 31 58.83 -8.57 -28.89
C ALA F 31 58.10 -8.29 -27.58
N MET F 32 57.38 -7.17 -27.53
CA MET F 32 56.56 -6.81 -26.36
C MET F 32 55.39 -7.78 -26.19
N LEU F 33 54.77 -8.15 -27.30
CA LEU F 33 53.69 -9.15 -27.30
C LEU F 33 54.20 -10.53 -26.89
N GLY F 34 55.42 -10.86 -27.30
CA GLY F 34 56.08 -12.09 -26.87
C GLY F 34 56.42 -12.07 -25.39
N GLU F 35 56.82 -10.90 -24.90
CA GLU F 35 57.10 -10.71 -23.48
C GLU F 35 55.83 -10.72 -22.64
N ALA F 36 54.71 -10.29 -23.24
CA ALA F 36 53.41 -10.32 -22.58
C ALA F 36 52.91 -11.75 -22.40
N ILE F 37 53.13 -12.60 -23.41
CA ILE F 37 52.77 -14.01 -23.36
C ILE F 37 53.72 -14.78 -22.45
N LYS F 38 54.99 -14.35 -22.41
CA LYS F 38 55.99 -14.93 -21.51
C LYS F 38 55.56 -14.81 -20.04
N GLU F 39 55.29 -13.58 -19.62
CA GLU F 39 54.93 -13.30 -18.22
C GLU F 39 53.49 -13.72 -17.89
N GLY F 40 52.68 -13.98 -18.91
CA GLY F 40 51.29 -14.38 -18.72
C GLY F 40 50.38 -13.19 -18.50
N ALA F 41 50.57 -12.16 -19.33
CA ALA F 41 49.80 -10.93 -19.23
C ALA F 41 48.45 -11.05 -19.93
N SER F 42 47.42 -10.46 -19.35
CA SER F 42 46.09 -10.43 -19.94
C SER F 42 45.94 -9.16 -20.79
N ASP F 43 46.24 -8.01 -20.19
CA ASP F 43 46.14 -6.71 -20.85
C ASP F 43 47.52 -6.06 -20.96
N ILE F 44 47.73 -5.32 -22.05
CA ILE F 44 48.93 -4.50 -22.22
C ILE F 44 48.49 -3.03 -22.30
N HIS F 45 49.06 -2.19 -21.44
CA HIS F 45 48.67 -0.79 -21.34
C HIS F 45 49.77 0.15 -21.83
N ILE F 46 49.57 0.75 -23.00
CA ILE F 46 50.45 1.79 -23.52
C ILE F 46 49.81 3.14 -23.23
N GLU F 47 50.43 3.92 -22.33
CA GLU F 47 49.88 5.20 -21.90
C GLU F 47 50.91 6.31 -22.01
N THR F 48 50.51 7.43 -22.61
CA THR F 48 51.40 8.56 -22.86
C THR F 48 51.04 9.73 -21.94
N PHE F 49 52.03 10.20 -21.19
CA PHE F 49 51.88 11.38 -20.33
C PHE F 49 52.64 12.55 -20.95
N GLU F 50 52.70 13.67 -20.22
CA GLU F 50 53.39 14.88 -20.71
C GLU F 50 54.90 14.65 -20.86
N LYS F 51 55.52 14.14 -19.81
CA LYS F 51 56.98 13.94 -19.77
C LYS F 51 57.40 12.51 -20.15
N THR F 52 56.68 11.52 -19.63
CA THR F 52 57.08 10.12 -19.77
C THR F 52 56.08 9.27 -20.57
N LEU F 53 56.61 8.23 -21.20
CA LEU F 53 55.80 7.21 -21.87
C LEU F 53 55.94 5.91 -21.07
N SER F 54 54.81 5.32 -20.68
CA SER F 54 54.81 4.16 -19.80
C SER F 54 54.14 2.94 -20.42
N ILE F 55 54.78 1.79 -20.28
CA ILE F 55 54.20 0.50 -20.68
C ILE F 55 53.91 -0.30 -19.41
N ARG F 56 52.73 -0.92 -19.34
CA ARG F 56 52.33 -1.72 -18.18
C ARG F 56 51.51 -2.94 -18.58
N PHE F 57 51.89 -4.11 -18.05
CA PHE F 57 51.09 -5.33 -18.22
C PHE F 57 50.25 -5.57 -16.97
N ARG F 58 49.00 -5.96 -17.17
CA ARG F 58 48.14 -6.41 -16.07
C ARG F 58 48.19 -7.93 -16.02
N VAL F 59 49.20 -8.45 -15.33
CA VAL F 59 49.43 -9.90 -15.24
C VAL F 59 48.39 -10.54 -14.33
N ASP F 60 47.36 -11.12 -14.94
CA ASP F 60 46.28 -11.83 -14.24
C ASP F 60 45.32 -10.92 -13.43
N GLY F 61 45.62 -9.62 -13.39
CA GLY F 61 44.83 -8.67 -12.57
C GLY F 61 45.68 -7.58 -11.96
N VAL F 62 46.87 -7.94 -11.49
CA VAL F 62 47.79 -7.00 -10.87
C VAL F 62 48.59 -6.25 -11.93
N LEU F 63 48.60 -4.92 -11.86
CA LEU F 63 49.37 -4.09 -12.79
C LEU F 63 50.86 -4.12 -12.45
N ARG F 64 51.69 -3.79 -13.44
CA ARG F 64 53.13 -3.95 -13.31
C ARG F 64 53.89 -3.02 -14.26
N GLU F 65 54.90 -2.33 -13.74
CA GLU F 65 55.77 -1.48 -14.56
C GLU F 65 56.82 -2.35 -15.25
N VAL F 66 56.84 -2.31 -16.58
CA VAL F 66 57.74 -3.16 -17.37
C VAL F 66 58.84 -2.36 -18.09
N LEU F 67 58.48 -1.19 -18.61
CA LEU F 67 59.41 -0.35 -19.37
C LEU F 67 58.89 1.07 -19.49
N ALA F 68 59.81 2.04 -19.46
CA ALA F 68 59.49 3.45 -19.67
C ALA F 68 60.37 4.00 -20.80
N PRO F 69 59.98 3.78 -22.07
CA PRO F 69 60.79 4.25 -23.19
C PRO F 69 60.76 5.77 -23.37
N SER F 70 61.39 6.26 -24.44
CA SER F 70 61.40 7.68 -24.74
C SER F 70 59.98 8.17 -25.08
N ARG F 71 59.69 9.40 -24.70
CA ARG F 71 58.36 10.00 -24.93
C ARG F 71 58.11 10.21 -26.43
N LYS F 72 59.19 10.45 -27.19
CA LYS F 72 59.11 10.67 -28.64
C LYS F 72 58.47 9.50 -29.40
N LEU F 73 58.65 8.28 -28.88
CA LEU F 73 58.13 7.07 -29.52
C LEU F 73 56.61 6.90 -29.42
N SER F 74 55.97 7.68 -28.54
CA SER F 74 54.53 7.57 -28.29
C SER F 74 53.68 7.46 -29.56
N SER F 75 53.92 8.35 -30.53
CA SER F 75 53.15 8.37 -31.77
C SER F 75 53.41 7.16 -32.65
N LEU F 76 54.65 6.65 -32.63
CA LEU F 76 55.05 5.50 -33.45
C LEU F 76 54.47 4.19 -32.92
N LEU F 77 54.43 4.04 -31.59
CA LEU F 77 53.86 2.84 -30.96
C LEU F 77 52.35 2.78 -31.18
N VAL F 78 51.69 3.93 -31.13
CA VAL F 78 50.25 4.02 -31.40
C VAL F 78 49.97 3.72 -32.88
N SER F 79 50.84 4.20 -33.76
CA SER F 79 50.69 3.99 -35.20
C SER F 79 50.87 2.53 -35.61
N ARG F 80 51.84 1.86 -35.00
CA ARG F 80 52.13 0.45 -35.32
C ARG F 80 51.01 -0.48 -34.88
N VAL F 81 50.49 -0.28 -33.68
CA VAL F 81 49.42 -1.13 -33.15
C VAL F 81 48.09 -0.90 -33.90
N LYS F 82 47.92 0.31 -34.44
CA LYS F 82 46.74 0.62 -35.26
C LYS F 82 46.73 -0.15 -36.57
N VAL F 83 47.84 -0.10 -37.31
CA VAL F 83 47.93 -0.76 -38.63
C VAL F 83 47.90 -2.29 -38.52
N MET F 84 48.35 -2.83 -37.38
CA MET F 84 48.22 -4.27 -37.13
C MET F 84 46.76 -4.66 -36.91
N ALA F 85 46.01 -3.78 -36.24
CA ALA F 85 44.58 -4.00 -35.99
C ALA F 85 43.68 -3.42 -37.09
N LYS F 86 44.30 -2.91 -38.16
CA LYS F 86 43.57 -2.43 -39.33
C LYS F 86 42.66 -1.24 -39.00
N LEU F 87 43.22 -0.27 -38.28
CA LEU F 87 42.50 0.93 -37.86
C LEU F 87 43.02 2.17 -38.56
N ASP F 88 42.34 3.30 -38.36
CA ASP F 88 42.72 4.57 -38.98
C ASP F 88 43.95 5.15 -38.29
N ILE F 89 44.94 5.56 -39.09
CA ILE F 89 46.20 6.08 -38.57
C ILE F 89 46.08 7.57 -38.22
N ALA F 90 45.57 8.35 -39.17
CA ALA F 90 45.49 9.80 -39.02
C ALA F 90 44.44 10.27 -38.02
N GLU F 91 43.41 9.47 -37.80
CA GLU F 91 42.34 9.81 -36.85
C GLU F 91 42.82 9.61 -35.42
N LYS F 92 43.06 10.71 -34.72
CA LYS F 92 43.52 10.68 -33.33
C LYS F 92 42.53 11.37 -32.38
N ARG F 93 41.27 11.47 -32.81
CA ARG F 93 40.25 12.22 -32.07
C ARG F 93 39.12 11.36 -31.50
N VAL F 94 38.95 10.14 -32.02
CA VAL F 94 37.87 9.26 -31.58
C VAL F 94 38.41 7.88 -31.17
N PRO F 95 37.66 7.14 -30.34
CA PRO F 95 38.08 5.78 -29.97
C PRO F 95 37.92 4.79 -31.12
N GLN F 96 38.91 3.92 -31.30
CA GLN F 96 38.90 2.92 -32.37
C GLN F 96 39.22 1.53 -31.81
N ASP F 97 38.32 0.57 -32.07
CA ASP F 97 38.49 -0.81 -31.62
C ASP F 97 38.72 -1.73 -32.82
N GLY F 98 39.70 -2.61 -32.72
CA GLY F 98 40.05 -3.54 -33.80
C GLY F 98 40.44 -4.92 -33.29
N ARG F 99 40.92 -5.76 -34.20
CA ARG F 99 41.33 -7.13 -33.88
C ARG F 99 42.60 -7.57 -34.61
N ILE F 100 43.35 -8.47 -33.98
CA ILE F 100 44.54 -9.07 -34.59
C ILE F 100 44.58 -10.56 -34.25
N SER F 101 45.08 -11.37 -35.17
CA SER F 101 45.22 -12.82 -34.97
C SER F 101 46.68 -13.24 -35.13
N LEU F 102 47.34 -13.52 -34.01
CA LEU F 102 48.74 -13.92 -34.00
C LEU F 102 48.89 -15.37 -33.58
N ALA F 108 48.38 -19.13 -31.16
CA ALA F 108 47.00 -18.71 -31.38
C ALA F 108 46.55 -17.71 -30.32
N VAL F 109 46.93 -16.45 -30.52
CA VAL F 109 46.59 -15.38 -29.57
C VAL F 109 45.74 -14.31 -30.27
N ASP F 110 44.48 -14.21 -29.85
CA ASP F 110 43.54 -13.22 -30.39
C ASP F 110 43.52 -11.98 -29.49
N VAL F 111 43.95 -10.84 -30.02
CA VAL F 111 43.99 -9.60 -29.25
C VAL F 111 42.92 -8.61 -29.71
N ARG F 112 42.44 -7.79 -28.78
CA ARG F 112 41.45 -6.75 -29.07
C ARG F 112 41.97 -5.38 -28.61
N VAL F 113 42.52 -4.62 -29.55
CA VAL F 113 43.02 -3.27 -29.25
C VAL F 113 41.86 -2.32 -28.99
N SER F 114 42.09 -1.32 -28.13
CA SER F 114 41.09 -0.29 -27.84
C SER F 114 41.76 1.06 -27.57
N THR F 115 41.96 1.83 -28.64
CA THR F 115 42.53 3.17 -28.52
C THR F 115 41.49 4.16 -27.99
N MET F 116 41.98 5.25 -27.39
CA MET F 116 41.10 6.29 -26.85
C MET F 116 41.83 7.64 -26.81
N PRO F 117 41.12 8.73 -27.11
CA PRO F 117 41.76 10.05 -27.07
C PRO F 117 42.02 10.54 -25.64
N SER F 118 43.05 11.37 -25.49
CA SER F 118 43.39 11.96 -24.19
C SER F 118 44.15 13.27 -24.38
N SER F 119 44.63 13.84 -23.27
CA SER F 119 45.33 15.13 -23.30
C SER F 119 46.68 15.05 -24.02
N HIS F 120 47.46 14.01 -23.71
CA HIS F 120 48.81 13.85 -24.26
C HIS F 120 48.85 12.71 -25.29
N GLY F 121 47.98 12.79 -26.29
CA GLY F 121 47.89 11.76 -27.33
C GLY F 121 46.98 10.62 -26.94
N GLU F 122 46.96 9.58 -27.75
CA GLU F 122 46.06 8.43 -27.54
C GLU F 122 46.60 7.44 -26.50
N ARG F 123 45.69 6.67 -25.91
CA ARG F 123 46.04 5.65 -24.92
C ARG F 123 45.58 4.29 -25.43
N VAL F 124 46.54 3.38 -25.65
CA VAL F 124 46.26 2.08 -26.27
C VAL F 124 46.20 0.96 -25.23
N VAL F 125 45.20 0.08 -25.35
CA VAL F 125 45.08 -1.11 -24.53
C VAL F 125 44.63 -2.29 -25.39
N MET F 126 45.39 -3.39 -25.33
CA MET F 126 45.08 -4.58 -26.13
C MET F 126 44.95 -5.82 -25.25
N ARG F 127 43.74 -6.39 -25.20
CA ARG F 127 43.43 -7.53 -24.35
C ARG F 127 43.83 -8.84 -25.01
N LEU F 128 44.78 -9.55 -24.41
CA LEU F 128 45.27 -10.82 -24.96
C LEU F 128 44.34 -11.97 -24.54
N LEU F 129 43.72 -12.63 -25.52
CA LEU F 129 42.84 -13.77 -25.28
C LEU F 129 43.24 -14.94 -26.17
N ASP F 130 43.38 -16.12 -25.56
CA ASP F 130 43.73 -17.34 -26.31
C ASP F 130 42.52 -17.86 -27.08
N LYS F 131 42.79 -18.61 -28.15
CA LYS F 131 41.74 -19.25 -28.94
C LYS F 131 41.74 -20.75 -28.72
N ASP F 137 40.59 -29.37 -13.45
CA ASP F 137 39.94 -29.77 -12.20
C ASP F 137 39.50 -28.55 -11.41
N LEU F 138 38.29 -28.60 -10.87
CA LEU F 138 37.70 -27.46 -10.15
C LEU F 138 38.30 -27.31 -8.75
N HIS F 139 38.66 -28.43 -8.13
CA HIS F 139 39.33 -28.43 -6.82
C HIS F 139 40.75 -27.88 -6.92
N SER F 140 41.45 -28.20 -8.01
CA SER F 140 42.80 -27.70 -8.25
C SER F 140 42.84 -26.18 -8.47
N LEU F 141 41.77 -25.65 -9.07
CA LEU F 141 41.67 -24.21 -9.32
C LEU F 141 41.50 -23.41 -8.03
N GLY F 142 40.77 -23.96 -7.07
CA GLY F 142 40.58 -23.28 -5.78
C GLY F 142 39.42 -23.77 -4.90
N MET F 143 38.34 -24.23 -5.53
CA MET F 143 37.15 -24.66 -4.78
C MET F 143 37.46 -25.70 -3.71
N THR F 144 36.81 -25.56 -2.56
CA THR F 144 36.92 -26.53 -1.48
C THR F 144 36.08 -27.77 -1.79
N ALA F 145 36.23 -28.81 -0.98
CA ALA F 145 35.49 -30.06 -1.18
C ALA F 145 33.98 -29.86 -1.07
N HIS F 146 33.56 -29.00 -0.15
CA HIS F 146 32.14 -28.71 0.05
C HIS F 146 31.57 -27.82 -1.07
N ASN F 147 32.38 -26.86 -1.53
CA ASN F 147 31.98 -25.98 -2.62
C ASN F 147 31.84 -26.71 -3.96
N HIS F 148 32.72 -27.69 -4.20
CA HIS F 148 32.67 -28.48 -5.44
C HIS F 148 31.43 -29.36 -5.45
N ASP F 149 31.19 -30.09 -4.35
CA ASP F 149 30.02 -30.97 -4.23
C ASP F 149 28.71 -30.20 -4.36
N ASN F 150 28.65 -29.00 -3.79
CA ASN F 150 27.48 -28.14 -3.92
C ASN F 150 27.29 -27.62 -5.34
N PHE F 151 28.40 -27.29 -6.00
CA PHE F 151 28.36 -26.84 -7.40
C PHE F 151 28.06 -28.02 -8.34
N ARG F 152 28.63 -29.18 -8.04
CA ARG F 152 28.34 -30.42 -8.79
C ARG F 152 26.84 -30.67 -8.88
N ARG F 153 26.20 -30.74 -7.71
CA ARG F 153 24.77 -31.02 -7.62
C ARG F 153 23.92 -29.97 -8.33
N LEU F 154 24.39 -28.72 -8.31
CA LEU F 154 23.64 -27.61 -8.92
C LEU F 154 23.70 -27.68 -10.45
N ILE F 155 24.90 -27.85 -11.00
CA ILE F 155 25.07 -27.97 -12.46
C ILE F 155 24.57 -29.30 -13.02
N LYS F 156 24.25 -30.26 -12.14
CA LYS F 156 23.69 -31.54 -12.57
C LYS F 156 22.16 -31.61 -12.39
N ARG F 157 21.53 -30.46 -12.08
CA ARG F 157 20.07 -30.40 -12.04
C ARG F 157 19.51 -30.43 -13.46
N PRO F 158 18.25 -30.89 -13.62
CA PRO F 158 17.67 -30.98 -14.96
C PRO F 158 17.39 -29.61 -15.63
N HIS F 159 17.24 -28.56 -14.82
CA HIS F 159 16.89 -27.24 -15.33
C HIS F 159 17.18 -26.13 -14.31
N GLY F 160 17.28 -24.90 -14.80
CA GLY F 160 17.51 -23.73 -13.96
C GLY F 160 18.73 -22.93 -14.39
N ILE F 161 18.84 -21.71 -13.90
CA ILE F 161 19.98 -20.83 -14.23
C ILE F 161 21.01 -20.85 -13.11
N ILE F 162 22.28 -20.97 -13.49
CA ILE F 162 23.40 -20.89 -12.55
C ILE F 162 24.38 -19.83 -13.06
N LEU F 163 24.55 -18.77 -12.28
CA LEU F 163 25.39 -17.65 -12.70
C LEU F 163 26.71 -17.61 -11.92
N VAL F 164 27.76 -17.14 -12.59
CA VAL F 164 29.07 -16.94 -11.97
C VAL F 164 29.44 -15.47 -12.09
N THR F 165 29.58 -14.79 -10.95
CA THR F 165 29.76 -13.34 -10.94
C THR F 165 31.07 -12.88 -10.30
N GLY F 166 31.36 -11.59 -10.46
CA GLY F 166 32.65 -11.01 -10.06
C GLY F 166 33.12 -9.97 -11.07
N PRO F 167 34.29 -9.38 -10.84
CA PRO F 167 34.86 -8.38 -11.76
C PRO F 167 35.63 -9.02 -12.92
N THR F 168 36.23 -8.19 -13.76
CA THR F 168 37.00 -8.66 -14.92
C THR F 168 38.30 -9.32 -14.45
N GLY F 169 38.63 -10.45 -15.06
CA GLY F 169 39.83 -11.22 -14.70
C GLY F 169 39.68 -11.95 -13.38
N SER F 170 38.49 -12.50 -13.14
CA SER F 170 38.20 -13.25 -11.92
C SER F 170 38.09 -14.76 -12.18
N GLY F 171 38.36 -15.18 -13.42
CA GLY F 171 38.37 -16.59 -13.78
C GLY F 171 36.98 -17.23 -13.79
N LYS F 172 36.02 -16.53 -14.40
CA LYS F 172 34.65 -17.05 -14.51
C LYS F 172 34.56 -18.12 -15.58
N SER F 173 35.09 -17.80 -16.77
CA SER F 173 35.10 -18.73 -17.89
C SER F 173 35.75 -20.05 -17.50
N THR F 174 36.94 -19.97 -16.90
CA THR F 174 37.66 -21.14 -16.42
C THR F 174 36.79 -22.03 -15.52
N THR F 175 35.97 -21.41 -14.69
CA THR F 175 35.06 -22.13 -13.80
C THR F 175 33.89 -22.74 -14.58
N LEU F 176 33.34 -21.99 -15.54
CA LEU F 176 32.28 -22.51 -16.41
C LEU F 176 32.78 -23.66 -17.27
N TYR F 177 33.94 -23.46 -17.91
CA TYR F 177 34.58 -24.49 -18.73
C TYR F 177 34.82 -25.78 -17.94
N ALA F 178 35.22 -25.64 -16.68
CA ALA F 178 35.42 -26.79 -15.79
C ALA F 178 34.09 -27.47 -15.46
N GLY F 179 33.03 -26.67 -15.34
CA GLY F 179 31.68 -27.21 -15.09
C GLY F 179 31.12 -27.97 -16.28
N LEU F 180 31.34 -27.44 -17.48
CA LEU F 180 30.90 -28.10 -18.71
C LEU F 180 31.68 -29.40 -18.97
N GLN F 181 32.98 -29.36 -18.71
CA GLN F 181 33.84 -30.56 -18.85
C GLN F 181 33.43 -31.67 -17.89
N GLU F 182 32.95 -31.29 -16.70
CA GLU F 182 32.46 -32.26 -15.72
C GLU F 182 31.15 -32.89 -16.19
N LEU F 183 30.28 -32.08 -16.78
CA LEU F 183 29.02 -32.57 -17.37
C LEU F 183 29.22 -33.26 -18.71
N ASN F 184 30.34 -32.99 -19.38
CA ASN F 184 30.61 -33.53 -20.71
C ASN F 184 30.51 -35.06 -20.74
N SER F 185 29.29 -35.55 -20.97
CA SER F 185 29.01 -36.98 -21.04
C SER F 185 28.30 -37.30 -22.34
N SER F 186 28.20 -38.60 -22.65
CA SER F 186 27.50 -39.05 -23.85
C SER F 186 25.97 -39.01 -23.67
N GLU F 187 25.50 -38.84 -22.43
CA GLU F 187 24.07 -38.83 -22.12
C GLU F 187 23.43 -37.43 -22.15
N ARG F 188 24.21 -36.41 -22.49
CA ARG F 188 23.69 -35.03 -22.56
C ARG F 188 24.15 -34.28 -23.81
N ASN F 189 23.31 -33.36 -24.27
CA ASN F 189 23.62 -32.49 -25.39
C ASN F 189 23.92 -31.08 -24.89
N ILE F 190 25.20 -30.72 -24.89
CA ILE F 190 25.66 -29.44 -24.37
C ILE F 190 26.10 -28.52 -25.53
N LEU F 191 25.55 -27.31 -25.56
CA LEU F 191 25.88 -26.32 -26.59
C LEU F 191 26.15 -24.96 -25.93
N THR F 192 26.98 -24.13 -26.55
CA THR F 192 27.36 -22.84 -25.98
C THR F 192 27.39 -21.70 -27.01
N VAL F 193 27.05 -20.50 -26.55
CA VAL F 193 27.25 -19.26 -27.32
C VAL F 193 28.29 -18.43 -26.58
N GLU F 194 29.37 -18.06 -27.27
CA GLU F 194 30.49 -17.35 -26.63
C GLU F 194 30.97 -16.18 -27.48
N ASP F 195 31.60 -15.21 -26.83
CA ASP F 195 32.10 -14.00 -27.51
C ASP F 195 33.40 -13.52 -26.86
N PRO F 196 34.55 -14.10 -27.26
CA PRO F 196 34.74 -15.21 -28.20
C PRO F 196 34.82 -16.55 -27.47
N ILE F 197 35.07 -17.62 -28.22
CA ILE F 197 35.28 -18.94 -27.63
C ILE F 197 36.69 -18.97 -27.04
N GLU F 198 36.79 -19.23 -25.74
CA GLU F 198 38.08 -19.19 -25.03
C GLU F 198 38.98 -20.32 -25.49
N PHE F 199 38.47 -21.54 -25.46
CA PHE F 199 39.14 -22.68 -26.10
C PHE F 199 38.12 -23.78 -26.43
N ASP F 200 38.57 -24.81 -27.13
CA ASP F 200 37.67 -25.86 -27.62
C ASP F 200 37.56 -27.04 -26.66
N ILE F 201 36.34 -27.31 -26.20
CA ILE F 201 36.03 -28.54 -25.47
C ILE F 201 35.58 -29.58 -26.50
N ASP F 202 36.34 -30.67 -26.61
CA ASP F 202 35.99 -31.75 -27.52
C ASP F 202 34.83 -32.57 -26.94
N GLY F 203 33.74 -32.66 -27.70
CA GLY F 203 32.52 -33.34 -27.24
C GLY F 203 31.38 -32.37 -26.95
N ILE F 204 31.66 -31.08 -27.01
CA ILE F 204 30.67 -30.04 -26.75
C ILE F 204 30.62 -29.05 -27.91
N GLY F 205 29.42 -28.72 -28.37
CA GLY F 205 29.22 -27.73 -29.44
C GLY F 205 29.45 -26.33 -28.92
N GLN F 206 30.12 -25.50 -29.72
CA GLN F 206 30.47 -24.14 -29.32
C GLN F 206 30.36 -23.15 -30.48
N THR F 207 29.26 -22.38 -30.49
CA THR F 207 29.04 -21.35 -31.50
C THR F 207 29.64 -20.03 -31.03
N GLN F 208 30.11 -19.23 -31.99
CA GLN F 208 30.74 -17.93 -31.69
C GLN F 208 29.86 -16.78 -32.16
N VAL F 209 29.84 -15.70 -31.37
CA VAL F 209 29.07 -14.50 -31.69
C VAL F 209 29.71 -13.77 -32.87
N ASN F 210 29.07 -13.84 -34.04
CA ASN F 210 29.58 -13.27 -35.27
C ASN F 210 28.82 -11.99 -35.64
N PRO F 211 29.48 -10.82 -35.62
CA PRO F 211 28.81 -9.57 -35.98
C PRO F 211 28.69 -9.33 -37.48
N ARG F 212 29.40 -10.11 -38.29
CA ARG F 212 29.37 -9.97 -39.75
C ARG F 212 28.04 -10.44 -40.35
N VAL F 213 27.40 -11.42 -39.69
CA VAL F 213 26.09 -11.92 -40.12
C VAL F 213 24.98 -11.57 -39.11
N ASP F 214 25.29 -10.64 -38.21
CA ASP F 214 24.35 -10.20 -37.17
C ASP F 214 23.95 -11.36 -36.22
N MET F 215 24.88 -12.27 -35.97
CA MET F 215 24.68 -13.38 -35.05
C MET F 215 25.07 -12.93 -33.64
N THR F 216 24.06 -12.54 -32.86
CA THR F 216 24.26 -12.02 -31.51
C THR F 216 24.09 -13.11 -30.45
N PHE F 217 24.27 -12.75 -29.18
CA PHE F 217 24.00 -13.65 -28.06
C PHE F 217 22.53 -14.09 -28.03
N ALA F 218 21.63 -13.13 -28.23
CA ALA F 218 20.19 -13.41 -28.23
C ALA F 218 19.79 -14.32 -29.38
N ARG F 219 20.23 -13.98 -30.59
CA ARG F 219 19.93 -14.77 -31.78
C ARG F 219 20.63 -16.13 -31.73
N GLY F 220 21.84 -16.15 -31.19
CA GLY F 220 22.60 -17.39 -31.03
C GLY F 220 21.97 -18.32 -29.99
N LEU F 221 21.53 -17.75 -28.88
CA LEU F 221 20.85 -18.51 -27.83
C LEU F 221 19.47 -18.98 -28.30
N ARG F 222 18.80 -18.15 -29.10
CA ARG F 222 17.50 -18.50 -29.67
C ARG F 222 17.62 -19.63 -30.70
N ALA F 223 18.78 -19.71 -31.35
CA ALA F 223 19.06 -20.78 -32.33
C ALA F 223 19.44 -22.09 -31.63
N ILE F 224 20.24 -22.01 -30.57
CA ILE F 224 20.67 -23.19 -29.80
C ILE F 224 19.48 -23.95 -29.22
N LEU F 225 18.45 -23.22 -28.78
CA LEU F 225 17.26 -23.84 -28.18
C LEU F 225 16.46 -24.71 -29.17
N ARG F 226 16.68 -24.52 -30.47
CA ARG F 226 16.05 -25.35 -31.50
C ARG F 226 16.90 -26.58 -31.89
N GLN F 227 17.99 -26.82 -31.18
CA GLN F 227 18.85 -27.99 -31.41
C GLN F 227 18.56 -29.13 -30.41
N ASP F 228 17.50 -28.98 -29.62
CA ASP F 228 17.15 -29.92 -28.56
C ASP F 228 18.31 -30.12 -27.56
N PRO F 229 18.68 -29.04 -26.84
CA PRO F 229 19.76 -29.13 -25.86
C PRO F 229 19.27 -29.58 -24.49
N ASP F 230 20.16 -30.16 -23.70
CA ASP F 230 19.88 -30.49 -22.30
C ASP F 230 20.46 -29.41 -21.39
N VAL F 231 21.67 -28.97 -21.71
CA VAL F 231 22.33 -27.87 -20.98
C VAL F 231 22.81 -26.82 -21.98
N VAL F 232 22.74 -25.55 -21.58
CA VAL F 232 23.18 -24.43 -22.42
C VAL F 232 24.08 -23.49 -21.62
N MET F 233 25.15 -23.02 -22.25
CA MET F 233 26.06 -22.06 -21.62
C MET F 233 26.17 -20.79 -22.47
N VAL F 234 25.63 -19.70 -21.96
CA VAL F 234 25.70 -18.40 -22.62
C VAL F 234 26.91 -17.64 -22.08
N GLY F 235 27.70 -17.06 -22.96
CA GLY F 235 28.89 -16.29 -22.58
C GLY F 235 28.61 -15.35 -21.43
N GLU F 236 27.66 -14.44 -21.66
CA GLU F 236 27.14 -13.57 -20.60
C GLU F 236 25.82 -12.92 -21.04
N ILE F 237 24.95 -12.65 -20.07
CA ILE F 237 23.65 -12.03 -20.34
C ILE F 237 23.73 -10.52 -20.09
N ARG F 238 24.15 -9.79 -21.12
CA ARG F 238 24.42 -8.35 -21.01
C ARG F 238 23.15 -7.51 -21.00
N ASP F 239 22.15 -7.92 -21.78
CA ASP F 239 20.92 -7.15 -21.96
C ASP F 239 19.67 -7.93 -21.56
N LEU F 240 18.52 -7.26 -21.60
CA LEU F 240 17.24 -7.86 -21.22
C LEU F 240 16.80 -8.98 -22.16
N GLU F 241 16.92 -8.73 -23.47
CA GLU F 241 16.49 -9.69 -24.49
C GLU F 241 17.15 -11.06 -24.34
N THR F 242 18.45 -11.06 -24.06
CA THR F 242 19.21 -12.30 -23.85
C THR F 242 18.80 -13.00 -22.55
N ALA F 243 18.52 -12.20 -21.51
CA ALA F 243 18.08 -12.73 -20.22
C ALA F 243 16.67 -13.31 -20.30
N GLN F 244 15.78 -12.64 -21.04
CA GLN F 244 14.41 -13.13 -21.25
C GLN F 244 14.39 -14.52 -21.87
N ILE F 245 15.28 -14.77 -22.83
CA ILE F 245 15.38 -16.07 -23.49
C ILE F 245 15.98 -17.12 -22.55
N ALA F 246 16.96 -16.70 -21.75
CA ALA F 246 17.60 -17.59 -20.78
C ALA F 246 16.64 -17.99 -19.65
N VAL F 247 15.78 -17.06 -19.25
CA VAL F 247 14.76 -17.34 -18.24
C VAL F 247 13.70 -18.29 -18.78
N GLN F 248 13.27 -18.06 -20.03
CA GLN F 248 12.36 -18.98 -20.71
C GLN F 248 13.00 -20.34 -20.90
N ALA F 249 14.28 -20.35 -21.27
CA ALA F 249 15.03 -21.59 -21.46
C ALA F 249 15.06 -22.43 -20.18
N SER F 250 15.31 -21.76 -19.04
CA SER F 250 15.38 -22.43 -17.74
C SER F 250 14.05 -23.03 -17.32
N LEU F 251 12.96 -22.30 -17.58
CA LEU F 251 11.61 -22.77 -17.26
C LEU F 251 11.17 -23.90 -18.19
N THR F 252 11.68 -23.92 -19.42
CA THR F 252 11.29 -24.91 -20.43
C THR F 252 12.23 -26.11 -20.49
N GLY F 253 12.63 -26.63 -19.32
CA GLY F 253 13.35 -27.90 -19.23
C GLY F 253 14.83 -27.90 -19.56
N HIS F 254 15.43 -26.72 -19.71
CA HIS F 254 16.88 -26.62 -20.00
C HIS F 254 17.63 -26.09 -18.79
N LEU F 255 18.84 -26.60 -18.56
CA LEU F 255 19.74 -26.04 -17.56
C LEU F 255 20.58 -24.96 -18.24
N VAL F 256 20.47 -23.72 -17.76
CA VAL F 256 21.18 -22.60 -18.35
C VAL F 256 22.36 -22.19 -17.48
N MET F 257 23.45 -21.74 -18.12
CA MET F 257 24.64 -21.27 -17.44
C MET F 257 25.12 -19.97 -18.08
N SER F 258 25.49 -19.00 -17.26
CA SER F 258 25.94 -17.70 -17.76
C SER F 258 26.74 -16.93 -16.70
N THR F 259 27.10 -15.69 -17.02
CA THR F 259 27.84 -14.83 -16.09
C THR F 259 27.28 -13.40 -16.08
N LEU F 260 27.59 -12.67 -15.00
CA LEU F 260 27.23 -11.26 -14.87
C LEU F 260 28.31 -10.53 -14.11
N HIS F 261 28.68 -9.34 -14.58
CA HIS F 261 29.72 -8.53 -13.93
C HIS F 261 29.13 -7.80 -12.73
N THR F 262 28.96 -8.52 -11.63
CA THR F 262 28.47 -7.95 -10.37
C THR F 262 29.43 -8.31 -9.23
N ASN F 263 29.55 -7.39 -8.27
CA ASN F 263 30.56 -7.51 -7.22
C ASN F 263 30.23 -8.51 -6.13
N THR F 264 28.95 -8.87 -6.00
CA THR F 264 28.49 -9.81 -4.97
C THR F 264 27.58 -10.87 -5.56
N ALA F 265 27.33 -11.92 -4.79
CA ALA F 265 26.40 -12.98 -5.18
C ALA F 265 24.96 -12.47 -5.21
N VAL F 266 24.66 -11.52 -4.33
CA VAL F 266 23.35 -10.84 -4.32
C VAL F 266 23.27 -9.88 -5.50
N GLY F 267 24.44 -9.36 -5.91
CA GLY F 267 24.57 -8.49 -7.08
C GLY F 267 24.06 -9.10 -8.39
N ALA F 268 24.10 -10.43 -8.49
CA ALA F 268 23.59 -11.13 -9.67
C ALA F 268 22.07 -11.14 -9.70
N VAL F 269 21.45 -11.49 -8.57
CA VAL F 269 19.99 -11.45 -8.43
C VAL F 269 19.53 -10.01 -8.62
N THR F 270 20.24 -9.10 -7.96
CA THR F 270 20.12 -7.66 -8.19
C THR F 270 20.06 -7.33 -9.68
N ARG F 271 21.12 -7.72 -10.40
CA ARG F 271 21.30 -7.33 -11.80
C ARG F 271 20.18 -7.80 -12.73
N LEU F 272 19.61 -8.97 -12.45
CA LEU F 272 18.48 -9.48 -13.21
C LEU F 272 17.22 -8.65 -12.98
N ARG F 273 17.06 -8.15 -11.74
CA ARG F 273 15.94 -7.27 -11.39
C ARG F 273 16.08 -5.90 -12.06
N ASP F 274 17.32 -5.50 -12.31
CA ASP F 274 17.62 -4.19 -12.90
C ASP F 274 17.27 -4.14 -14.40
N MET F 275 17.71 -5.16 -15.13
CA MET F 275 17.48 -5.23 -16.57
C MET F 275 15.99 -5.22 -16.94
N GLY F 276 15.18 -5.82 -16.08
CA GLY F 276 13.72 -5.87 -16.28
C GLY F 276 13.10 -7.25 -16.27
N ILE F 277 13.73 -8.19 -15.57
CA ILE F 277 13.16 -9.52 -15.38
C ILE F 277 12.22 -9.42 -14.18
N GLU F 278 10.96 -9.81 -14.38
CA GLU F 278 9.96 -9.77 -13.31
C GLU F 278 10.50 -10.45 -12.06
N PRO F 279 10.42 -9.79 -10.89
CA PRO F 279 10.98 -10.31 -9.63
C PRO F 279 10.69 -11.79 -9.40
N PHE F 280 9.48 -12.22 -9.76
CA PHE F 280 9.12 -13.64 -9.64
C PHE F 280 10.07 -14.53 -10.45
N LEU F 281 10.18 -14.26 -11.74
CA LEU F 281 10.86 -15.15 -12.69
C LEU F 281 12.26 -15.57 -12.23
N ILE F 282 12.90 -14.73 -11.43
CA ILE F 282 14.20 -15.02 -10.85
C ILE F 282 14.11 -16.12 -9.79
N SER F 283 13.07 -16.05 -8.95
CA SER F 283 12.88 -17.03 -7.87
C SER F 283 12.62 -18.44 -8.40
N SER F 284 11.82 -18.54 -9.46
CA SER F 284 11.45 -19.83 -10.04
C SER F 284 12.62 -20.52 -10.77
N SER F 285 13.37 -19.72 -11.53
CA SER F 285 14.42 -20.26 -12.40
C SER F 285 15.78 -20.40 -11.72
N LEU F 286 16.18 -19.38 -10.96
CA LEU F 286 17.53 -19.32 -10.40
C LEU F 286 17.82 -20.44 -9.40
N LEU F 287 18.87 -21.21 -9.67
CA LEU F 287 19.33 -22.26 -8.76
C LEU F 287 20.34 -21.71 -7.77
N GLY F 288 21.29 -20.90 -8.27
CA GLY F 288 22.30 -20.31 -7.41
C GLY F 288 23.25 -19.35 -8.12
N VAL F 289 24.05 -18.65 -7.33
CA VAL F 289 25.05 -17.71 -7.84
C VAL F 289 26.42 -18.03 -7.24
N LEU F 290 27.47 -17.86 -8.04
CA LEU F 290 28.84 -18.13 -7.60
C LEU F 290 29.70 -16.88 -7.73
N ALA F 291 29.80 -16.10 -6.65
CA ALA F 291 30.68 -14.94 -6.61
C ALA F 291 32.12 -15.40 -6.46
N GLN F 292 32.96 -15.09 -7.45
CA GLN F 292 34.32 -15.63 -7.52
C GLN F 292 35.38 -14.54 -7.68
N ARG F 293 36.48 -14.71 -6.96
CA ARG F 293 37.68 -13.87 -7.10
C ARG F 293 38.91 -14.77 -7.20
N LEU F 294 39.98 -14.26 -7.83
CA LEU F 294 41.27 -14.94 -7.85
C LEU F 294 42.24 -14.24 -6.89
N VAL F 295 43.07 -15.04 -6.22
CA VAL F 295 44.08 -14.52 -5.31
C VAL F 295 45.45 -15.15 -5.61
N ARG F 296 46.48 -14.32 -5.68
CA ARG F 296 47.84 -14.80 -5.93
C ARG F 296 48.34 -15.71 -4.82
N THR F 297 48.98 -16.81 -5.21
CA THR F 297 49.47 -17.81 -4.26
C THR F 297 50.88 -17.49 -3.81
N LEU F 298 51.08 -17.40 -2.49
CA LEU F 298 52.41 -17.21 -1.91
C LEU F 298 53.33 -18.35 -2.32
N CYS F 299 54.52 -18.00 -2.81
CA CYS F 299 55.50 -19.00 -3.22
C CYS F 299 55.98 -19.77 -1.97
N PRO F 300 55.93 -21.11 -2.02
CA PRO F 300 56.23 -21.89 -0.82
C PRO F 300 57.71 -21.87 -0.43
N ASP F 301 58.59 -21.56 -1.39
CA ASP F 301 60.02 -21.50 -1.13
C ASP F 301 60.40 -20.26 -0.33
N CYS F 302 59.73 -19.13 -0.57
CA CYS F 302 60.04 -17.91 0.18
C CYS F 302 58.81 -17.07 0.58
N LYS F 303 58.24 -17.47 1.73
CA LYS F 303 57.18 -16.75 2.43
C LYS F 303 57.59 -16.61 3.90
N GLU F 304 57.25 -15.48 4.52
CA GLU F 304 57.69 -15.18 5.89
C GLU F 304 56.58 -15.43 6.92
N PRO F 305 56.83 -16.31 7.90
CA PRO F 305 55.83 -16.50 8.98
C PRO F 305 55.80 -15.31 9.94
N TYR F 306 54.59 -14.90 10.34
CA TYR F 306 54.43 -13.83 11.32
C TYR F 306 53.13 -13.98 12.12
N GLU F 307 53.18 -13.67 13.41
CA GLU F 307 51.99 -13.67 14.26
C GLU F 307 51.14 -12.43 13.98
N ALA F 308 49.84 -12.64 13.82
CA ALA F 308 48.92 -11.55 13.49
C ALA F 308 48.68 -10.62 14.68
N ASP F 309 48.41 -9.35 14.39
CA ASP F 309 48.10 -8.36 15.42
C ASP F 309 46.61 -8.40 15.78
N LYS F 310 46.20 -7.54 16.72
CA LYS F 310 44.81 -7.53 17.20
C LYS F 310 43.78 -7.24 16.11
N GLU F 311 44.04 -6.22 15.29
CA GLU F 311 43.13 -5.86 14.20
C GLU F 311 43.07 -6.95 13.14
N GLN F 312 44.18 -7.65 12.95
CA GLN F 312 44.24 -8.79 12.03
C GLN F 312 43.55 -10.02 12.62
N ARG F 313 43.78 -10.27 13.91
CA ARG F 313 43.13 -11.40 14.61
C ARG F 313 41.61 -11.23 14.71
N LYS F 314 41.15 -9.98 14.72
CA LYS F 314 39.71 -9.68 14.75
C LYS F 314 38.99 -10.06 13.45
N LEU F 315 39.73 -10.12 12.34
CA LEU F 315 39.15 -10.52 11.05
C LEU F 315 38.76 -12.00 11.05
N PHE F 316 39.62 -12.84 11.63
CA PHE F 316 39.39 -14.28 11.68
C PHE F 316 38.39 -14.64 12.77
N GLU F 322 47.79 -20.05 21.96
CA GLU F 322 47.11 -19.87 20.69
C GLU F 322 47.91 -18.95 19.75
N PRO F 323 49.02 -19.48 19.18
CA PRO F 323 49.85 -18.70 18.26
C PRO F 323 49.35 -18.79 16.81
N LEU F 324 48.60 -17.78 16.39
CA LEU F 324 48.04 -17.75 15.03
C LEU F 324 49.03 -17.10 14.06
N ILE F 325 49.76 -17.93 13.31
CA ILE F 325 50.77 -17.47 12.37
C ILE F 325 50.20 -17.35 10.96
N LEU F 326 50.31 -16.17 10.36
CA LEU F 326 49.98 -15.95 8.96
C LEU F 326 51.29 -15.87 8.17
N TYR F 327 51.20 -15.61 6.86
CA TYR F 327 52.39 -15.55 6.01
C TYR F 327 52.44 -14.29 5.14
N ARG F 328 53.66 -13.78 4.91
CA ARG F 328 53.88 -12.51 4.22
C ARG F 328 54.50 -12.73 2.84
N ALA F 329 54.45 -11.69 1.99
CA ALA F 329 54.91 -11.76 0.60
C ALA F 329 56.41 -12.04 0.42
N THR F 330 57.25 -11.08 0.81
CA THR F 330 58.70 -11.13 0.58
C THR F 330 59.05 -11.07 -0.92
N GLY F 331 60.18 -11.65 -1.32
CA GLY F 331 60.63 -11.60 -2.71
C GLY F 331 62.01 -12.23 -2.90
N CYS F 332 62.21 -12.92 -4.01
CA CYS F 332 63.36 -13.83 -4.18
C CYS F 332 63.53 -14.44 -5.60
N PRO F 333 64.52 -15.33 -5.82
CA PRO F 333 64.85 -15.63 -7.23
C PRO F 333 63.84 -16.49 -8.00
N LYS F 334 63.16 -17.42 -7.31
CA LYS F 334 62.00 -18.11 -7.89
C LYS F 334 60.79 -17.21 -7.69
N CYS F 335 60.73 -16.65 -6.49
CA CYS F 335 59.80 -15.58 -6.12
C CYS F 335 59.84 -14.43 -7.18
N ASN F 336 61.02 -14.26 -7.80
CA ASN F 336 61.26 -13.42 -9.01
C ASN F 336 60.34 -12.24 -9.35
N HIS F 337 60.46 -11.13 -8.63
CA HIS F 337 61.08 -11.06 -7.31
C HIS F 337 59.97 -10.56 -6.37
N LYS F 338 58.74 -10.95 -6.73
CA LYS F 338 57.54 -10.58 -5.98
C LYS F 338 57.28 -11.69 -4.96
N GLY F 339 56.23 -11.52 -4.15
CA GLY F 339 55.91 -12.50 -3.12
C GLY F 339 55.07 -13.69 -3.57
N TYR F 340 54.76 -13.77 -4.87
CA TYR F 340 53.82 -14.78 -5.37
C TYR F 340 54.26 -15.38 -6.71
N ARG F 341 53.79 -16.61 -6.95
CA ARG F 341 53.85 -17.23 -8.28
C ARG F 341 52.64 -18.13 -8.45
N GLY F 342 51.81 -17.84 -9.45
CA GLY F 342 50.58 -18.60 -9.70
C GLY F 342 49.38 -17.98 -9.01
N ARG F 343 48.26 -18.69 -9.06
CA ARG F 343 46.99 -18.18 -8.54
C ARG F 343 46.06 -19.29 -8.03
N THR F 344 45.01 -18.89 -7.33
CA THR F 344 43.95 -19.79 -6.91
C THR F 344 42.64 -19.02 -6.71
N GLY F 345 41.53 -19.72 -6.86
CA GLY F 345 40.20 -19.09 -6.77
C GLY F 345 39.60 -19.14 -5.37
N ILE F 346 38.93 -18.05 -4.98
CA ILE F 346 38.15 -18.00 -3.74
C ILE F 346 36.68 -17.74 -4.11
N HIS F 347 35.77 -18.40 -3.40
CA HIS F 347 34.37 -18.49 -3.84
C HIS F 347 33.35 -18.19 -2.75
N GLU F 348 32.11 -17.98 -3.20
CA GLU F 348 30.96 -17.76 -2.33
C GLU F 348 29.72 -18.24 -3.07
N LEU F 349 29.31 -19.49 -2.81
CA LEU F 349 28.23 -20.13 -3.55
C LEU F 349 26.87 -19.87 -2.91
N LEU F 350 26.14 -18.91 -3.46
CA LEU F 350 24.75 -18.65 -3.05
C LEU F 350 23.87 -19.75 -3.64
N LEU F 351 23.14 -20.45 -2.78
CA LEU F 351 22.27 -21.55 -3.20
C LEU F 351 20.82 -21.24 -2.90
N VAL F 352 20.03 -21.04 -3.96
CA VAL F 352 18.63 -20.62 -3.82
C VAL F 352 17.76 -21.76 -3.27
N ASP F 353 17.35 -21.62 -2.01
CA ASP F 353 16.47 -22.59 -1.35
C ASP F 353 15.07 -21.99 -1.16
N ASP F 354 14.23 -22.68 -0.39
CA ASP F 354 12.85 -22.25 -0.18
C ASP F 354 12.74 -20.86 0.44
N ALA F 355 13.62 -20.55 1.38
CA ALA F 355 13.64 -19.24 2.05
C ALA F 355 14.03 -18.12 1.09
N LEU F 356 15.05 -18.37 0.26
CA LEU F 356 15.52 -17.38 -0.72
C LEU F 356 14.54 -17.18 -1.87
N GLN F 357 13.73 -18.20 -2.17
CA GLN F 357 12.68 -18.08 -3.19
C GLN F 357 11.59 -17.08 -2.81
N GLU F 358 11.36 -16.92 -1.51
CA GLU F 358 10.39 -15.94 -1.00
C GLU F 358 10.96 -14.53 -1.09
N LEU F 359 12.19 -14.38 -0.61
CA LEU F 359 12.85 -13.07 -0.53
C LEU F 359 13.02 -12.42 -1.90
N ILE F 360 13.20 -13.24 -2.94
CA ILE F 360 13.26 -12.77 -4.32
C ILE F 360 11.86 -12.38 -4.82
N HIS F 361 10.85 -13.16 -4.45
CA HIS F 361 9.47 -12.94 -4.89
C HIS F 361 8.89 -11.66 -4.29
N SER F 362 8.92 -11.56 -2.97
CA SER F 362 8.32 -10.43 -2.25
C SER F 362 9.18 -9.17 -2.22
N GLU F 363 10.38 -9.24 -2.79
CA GLU F 363 11.33 -8.11 -2.80
C GLU F 363 11.65 -7.62 -1.38
N ALA F 364 12.37 -8.46 -0.64
CA ALA F 364 12.84 -8.09 0.70
C ALA F 364 13.92 -7.03 0.58
N GLY F 365 14.92 -7.32 -0.26
CA GLY F 365 15.97 -6.35 -0.58
C GLY F 365 17.37 -6.89 -0.33
N GLU F 366 18.37 -6.22 -0.91
CA GLU F 366 19.77 -6.64 -0.75
C GLU F 366 20.13 -6.90 0.71
N GLN F 367 19.83 -5.93 1.57
CA GLN F 367 20.20 -6.02 2.99
C GLN F 367 19.53 -7.19 3.69
N ALA F 368 18.19 -7.23 3.63
CA ALA F 368 17.42 -8.33 4.21
C ALA F 368 17.88 -9.67 3.65
N MET F 369 18.10 -9.71 2.34
CA MET F 369 18.57 -10.91 1.65
C MET F 369 20.02 -11.25 2.02
N GLU F 370 20.85 -10.22 2.22
CA GLU F 370 22.23 -10.41 2.69
C GLU F 370 22.30 -10.98 4.11
N LYS F 371 21.31 -10.63 4.94
CA LYS F 371 21.24 -11.10 6.32
C LYS F 371 20.93 -12.60 6.39
N HIS F 372 20.00 -13.05 5.55
CA HIS F 372 19.65 -14.47 5.47
C HIS F 372 20.75 -15.30 4.80
N ILE F 373 21.46 -14.67 3.87
CA ILE F 373 22.57 -15.31 3.14
C ILE F 373 23.75 -15.62 4.06
N ARG F 374 24.05 -14.69 4.97
CA ARG F 374 25.16 -14.87 5.92
C ARG F 374 24.86 -15.93 6.98
N ALA F 375 23.58 -16.21 7.22
CA ALA F 375 23.17 -17.26 8.15
C ALA F 375 23.51 -18.66 7.63
N THR F 376 23.40 -18.84 6.31
CA THR F 376 23.62 -20.14 5.68
C THR F 376 25.00 -20.24 5.01
N THR F 377 25.20 -19.48 3.94
CA THR F 377 26.41 -19.58 3.12
C THR F 377 27.56 -18.75 3.70
N PRO F 378 28.77 -19.32 3.72
CA PRO F 378 29.99 -18.55 4.03
C PRO F 378 30.26 -17.46 2.99
N SER F 379 30.92 -16.38 3.42
CA SER F 379 31.18 -15.23 2.56
C SER F 379 32.34 -15.48 1.58
N ILE F 380 32.66 -14.46 0.77
CA ILE F 380 33.81 -14.52 -0.14
C ILE F 380 35.09 -14.38 0.69
N ARG F 381 35.03 -13.49 1.69
CA ARG F 381 36.18 -13.20 2.55
C ARG F 381 36.54 -14.40 3.44
N ASP F 382 35.53 -15.05 4.01
CA ASP F 382 35.75 -16.22 4.87
C ASP F 382 36.44 -17.37 4.14
N ASP F 383 36.09 -17.58 2.88
CA ASP F 383 36.74 -18.59 2.06
C ASP F 383 38.20 -18.23 1.79
N GLY F 384 38.46 -16.93 1.64
CA GLY F 384 39.81 -16.42 1.48
C GLY F 384 40.64 -16.53 2.75
N LEU F 385 40.03 -16.20 3.88
CA LEU F 385 40.71 -16.26 5.18
C LEU F 385 41.10 -17.69 5.58
N ASP F 386 40.32 -18.68 5.12
CA ASP F 386 40.66 -20.09 5.34
C ASP F 386 41.94 -20.48 4.61
N LYS F 387 42.13 -19.92 3.41
CA LYS F 387 43.35 -20.16 2.64
C LYS F 387 44.55 -19.42 3.23
N VAL F 388 44.31 -18.33 3.94
CA VAL F 388 45.37 -17.61 4.65
C VAL F 388 45.85 -18.43 5.86
N ARG F 389 44.91 -19.07 6.54
CA ARG F 389 45.23 -19.99 7.64
C ARG F 389 46.01 -21.21 7.13
N GLN F 390 45.59 -21.74 5.98
CA GLN F 390 46.27 -22.88 5.36
C GLN F 390 47.68 -22.52 4.86
N GLY F 391 47.88 -21.26 4.50
CA GLY F 391 49.17 -20.77 4.04
C GLY F 391 49.32 -20.83 2.53
N ILE F 392 48.27 -20.42 1.83
CA ILE F 392 48.25 -20.38 0.36
C ILE F 392 48.47 -18.95 -0.12
N THR F 393 47.63 -18.03 0.37
CA THR F 393 47.70 -16.62 -0.01
C THR F 393 47.85 -15.73 1.23
N SER F 394 48.26 -14.48 1.00
CA SER F 394 48.45 -13.52 2.09
C SER F 394 47.13 -12.82 2.47
N LEU F 395 47.13 -12.17 3.62
CA LEU F 395 45.97 -11.38 4.06
C LEU F 395 45.84 -10.09 3.24
N GLU F 396 46.95 -9.62 2.69
CA GLU F 396 46.95 -8.45 1.80
C GLU F 396 46.22 -8.73 0.49
N GLU F 397 46.30 -9.98 0.03
CA GLU F 397 45.72 -10.38 -1.25
C GLU F 397 44.21 -10.60 -1.15
N VAL F 398 43.77 -11.16 -0.02
CA VAL F 398 42.34 -11.40 0.22
C VAL F 398 41.57 -10.08 0.34
N MET F 399 42.18 -9.11 1.03
CA MET F 399 41.52 -7.83 1.29
C MET F 399 41.40 -6.92 0.06
N ARG F 400 42.36 -6.98 -0.86
CA ARG F 400 42.33 -6.11 -2.05
C ARG F 400 41.23 -6.50 -3.03
N VAL F 401 41.05 -7.81 -3.23
CA VAL F 401 40.02 -8.32 -4.13
C VAL F 401 38.63 -8.32 -3.45
N THR F 402 38.62 -8.30 -2.12
CA THR F 402 37.39 -8.17 -1.34
C THR F 402 36.84 -6.75 -1.49
N ALA F 413 19.84 -1.45 18.87
CA ALA F 413 19.50 -2.33 19.99
C ALA F 413 20.77 -2.86 20.66
N VAL F 414 20.81 -2.80 21.99
CA VAL F 414 21.98 -3.23 22.76
C VAL F 414 22.14 -4.76 22.76
N ASP F 415 23.36 -5.23 22.55
CA ASP F 415 23.67 -6.65 22.59
C ASP F 415 23.95 -7.06 24.04
N MET F 416 23.36 -8.18 24.46
CA MET F 416 23.43 -8.62 25.85
C MET F 416 23.82 -10.10 25.94
N PHE F 417 24.86 -10.38 26.74
CA PHE F 417 25.36 -11.74 26.94
C PHE F 417 25.56 -12.02 28.43
N ILE F 418 25.55 -13.30 28.80
CA ILE F 418 25.82 -13.70 30.18
C ILE F 418 26.61 -15.02 30.22
N LYS F 419 27.63 -15.07 31.07
CA LYS F 419 28.49 -16.24 31.23
C LYS F 419 28.39 -16.76 32.66
N ILE F 420 27.77 -17.93 32.84
CA ILE F 420 27.56 -18.51 34.16
C ILE F 420 28.56 -19.63 34.43
N GLY F 421 29.62 -19.29 35.15
CA GLY F 421 30.66 -20.27 35.49
C GLY F 421 31.46 -20.70 34.27
N ASP F 422 31.41 -22.00 33.98
CA ASP F 422 32.03 -22.56 32.78
C ASP F 422 31.00 -23.27 31.91
N VAL F 423 29.73 -22.85 32.03
CA VAL F 423 28.64 -23.42 31.24
C VAL F 423 28.60 -22.73 29.88
N LYS F 424 28.66 -23.51 28.81
CA LYS F 424 28.70 -22.97 27.45
C LYS F 424 27.30 -22.86 26.86
N GLY F 425 27.01 -21.73 26.22
CA GLY F 425 25.74 -21.51 25.52
C GLY F 425 25.90 -21.69 24.02
N GLU F 426 25.18 -20.88 23.25
CA GLU F 426 25.25 -20.92 21.78
C GLU F 426 25.27 -19.52 21.17
N SER F 427 26.16 -18.66 21.68
CA SER F 427 26.32 -17.32 21.14
C SER F 427 27.23 -17.33 19.91
N LYS F 428 26.80 -16.66 18.85
CA LYS F 428 27.60 -16.54 17.63
C LYS F 428 28.49 -15.29 17.65
N ASP F 429 28.51 -14.57 18.77
CA ASP F 429 29.31 -13.36 18.89
C ASP F 429 30.80 -13.68 18.82
N LYS F 430 31.58 -12.75 18.25
CA LYS F 430 33.01 -12.95 18.05
C LYS F 430 33.79 -12.91 19.35
N THR F 431 33.51 -11.92 20.19
CA THR F 431 34.15 -11.78 21.49
C THR F 431 33.52 -12.70 22.54
N HIS F 432 32.19 -12.60 22.66
CA HIS F 432 31.45 -13.42 23.61
C HIS F 432 30.97 -14.73 22.96
N ALA F 433 31.93 -15.56 22.57
CA ALA F 433 31.63 -16.83 21.90
C ALA F 433 31.27 -17.92 22.92
N GLU F 434 30.32 -18.76 22.55
CA GLU F 434 29.86 -19.88 23.39
C GLU F 434 29.29 -19.45 24.74
N GLU F 435 28.74 -18.24 24.82
CA GLU F 435 28.04 -17.76 26.01
C GLU F 435 26.53 -17.81 25.77
N ILE F 436 25.77 -17.43 26.80
CA ILE F 436 24.30 -17.42 26.70
C ILE F 436 23.81 -16.06 26.21
N ASP F 437 23.05 -16.07 25.10
CA ASP F 437 22.47 -14.84 24.55
C ASP F 437 21.29 -14.40 25.40
N VAL F 438 21.38 -13.17 25.95
CA VAL F 438 20.32 -12.61 26.79
C VAL F 438 19.38 -11.77 25.93
N LEU F 439 18.08 -12.09 26.01
CA LEU F 439 17.05 -11.34 25.28
C LEU F 439 16.51 -10.19 26.13
N ALA F 440 16.41 -10.40 27.43
CA ALA F 440 15.96 -9.37 28.37
C ALA F 440 16.43 -9.70 29.78
N TRP F 441 16.33 -8.72 30.68
CA TRP F 441 16.69 -8.92 32.09
C TRP F 441 16.04 -7.89 33.00
N SER F 442 16.00 -8.22 34.29
CA SER F 442 15.43 -7.33 35.31
C SER F 442 16.02 -7.64 36.68
N TRP F 443 16.39 -6.59 37.41
CA TRP F 443 17.01 -6.72 38.72
C TRP F 443 16.80 -5.46 39.55
N GLY F 444 16.63 -5.61 40.86
CA GLY F 444 16.36 -4.47 41.74
C GLY F 444 16.79 -4.67 43.18
N MET F 445 16.57 -3.63 43.98
CA MET F 445 16.90 -3.62 45.39
C MET F 445 16.04 -2.60 46.14
N SER F 446 15.82 -2.83 47.43
CA SER F 446 14.97 -1.95 48.24
C SER F 446 15.53 -1.72 49.64
N GLN F 447 15.45 -0.48 50.11
CA GLN F 447 15.95 -0.07 51.43
C GLN F 447 14.78 0.13 52.37
N SER F 448 14.80 -0.57 53.51
CA SER F 448 13.71 -0.50 54.48
C SER F 448 13.81 0.71 55.42
N GLY F 449 14.96 1.37 55.45
CA GLY F 449 15.17 2.55 56.29
C GLY F 449 14.32 3.73 55.87
N SER F 450 14.03 4.61 56.83
CA SER F 450 13.16 5.77 56.59
C SER F 450 13.74 7.04 57.21
N MET F 451 13.43 8.18 56.60
CA MET F 451 13.88 9.49 57.08
C MET F 451 12.83 10.16 57.96
N HIS F 452 11.66 9.54 58.11
CA HIS F 452 10.56 10.11 58.89
C HIS F 452 10.75 9.91 60.39
N MET F 453 11.65 9.01 60.78
CA MET F 453 11.97 8.79 62.20
C MET F 453 13.00 9.81 62.66
N ALA F 459 17.38 2.63 61.83
CA ALA F 459 17.84 2.36 60.47
C ALA F 459 17.21 1.08 59.92
N GLY F 460 17.45 0.81 58.64
CA GLY F 460 16.90 -0.38 57.97
C GLY F 460 17.97 -1.27 57.39
N LYS F 461 17.61 -2.00 56.32
CA LYS F 461 18.52 -2.93 55.66
C LYS F 461 18.14 -3.11 54.19
N VAL F 462 19.14 -3.32 53.34
CA VAL F 462 18.91 -3.52 51.90
C VAL F 462 18.41 -4.94 51.62
N ASN F 463 17.53 -5.06 50.63
CA ASN F 463 17.00 -6.35 50.19
C ASN F 463 17.23 -6.54 48.69
N VAL F 464 18.36 -7.15 48.34
CA VAL F 464 18.74 -7.34 46.95
C VAL F 464 17.96 -8.48 46.31
N GLN F 465 17.31 -8.21 45.20
CA GLN F 465 16.50 -9.20 44.48
C GLN F 465 17.37 -10.12 43.64
N ASP F 466 16.78 -11.22 43.17
CA ASP F 466 17.46 -12.16 42.29
C ASP F 466 17.44 -11.62 40.85
N LEU F 467 18.56 -11.75 40.14
CA LEU F 467 18.69 -11.22 38.79
C LEU F 467 18.03 -12.16 37.78
N SER F 468 16.88 -11.73 37.25
CA SER F 468 16.15 -12.50 36.23
C SER F 468 16.67 -12.14 34.85
N PHE F 469 16.67 -13.11 33.94
CA PHE F 469 17.04 -12.87 32.55
C PHE F 469 16.42 -13.90 31.60
N THR F 470 16.04 -13.45 30.41
CA THR F 470 15.45 -14.31 29.39
C THR F 470 16.53 -14.84 28.45
N LYS F 471 16.31 -16.04 27.94
CA LYS F 471 17.26 -16.69 27.02
C LYS F 471 16.57 -17.72 26.13
N TYR F 472 17.20 -18.04 25.01
CA TYR F 472 16.72 -19.12 24.14
C TYR F 472 17.03 -20.47 24.78
N ILE F 473 16.26 -21.49 24.39
CA ILE F 473 16.52 -22.86 24.85
C ILE F 473 17.73 -23.39 24.08
N ASP F 474 18.88 -23.40 24.73
CA ASP F 474 20.16 -23.77 24.11
C ASP F 474 20.81 -24.95 24.87
N LYS F 475 22.07 -25.23 24.57
CA LYS F 475 22.79 -26.36 25.19
C LYS F 475 23.07 -26.18 26.69
N SER F 476 22.92 -24.96 27.19
CA SER F 476 23.09 -24.68 28.62
C SER F 476 21.84 -24.95 29.45
N THR F 477 20.70 -25.16 28.79
CA THR F 477 19.41 -25.35 29.46
C THR F 477 19.43 -26.50 30.47
N PRO F 478 19.96 -27.68 30.08
CA PRO F 478 19.99 -28.80 31.03
C PRO F 478 20.96 -28.58 32.20
N ASN F 479 22.08 -27.92 31.94
CA ASN F 479 23.08 -27.62 32.98
C ASN F 479 22.54 -26.66 34.04
N LEU F 480 21.74 -25.69 33.61
CA LEU F 480 21.09 -24.75 34.54
C LEU F 480 19.99 -25.43 35.35
N MET F 481 19.29 -26.38 34.72
CA MET F 481 18.28 -27.19 35.42
C MET F 481 18.91 -28.10 36.46
N MET F 482 20.09 -28.64 36.13
CA MET F 482 20.85 -29.49 37.07
C MET F 482 21.36 -28.69 38.26
N ALA F 483 21.86 -27.48 37.99
CA ALA F 483 22.34 -26.58 39.04
C ALA F 483 21.21 -26.13 39.97
N CYS F 484 20.03 -25.90 39.39
CA CYS F 484 18.84 -25.53 40.16
C CYS F 484 18.34 -26.69 41.00
N SER F 485 18.40 -27.90 40.45
CA SER F 485 17.93 -29.10 41.14
C SER F 485 18.87 -29.54 42.25
N SER F 486 20.16 -29.65 41.92
CA SER F 486 21.18 -30.06 42.89
C SER F 486 21.46 -28.98 43.94
N GLY F 487 21.28 -27.72 43.55
CA GLY F 487 21.55 -26.60 44.45
C GLY F 487 23.02 -26.28 44.58
N LYS F 488 23.79 -26.58 43.54
CA LYS F 488 25.22 -26.31 43.51
C LYS F 488 25.48 -24.95 42.86
N HIS F 489 26.30 -24.13 43.51
CA HIS F 489 26.54 -22.75 43.06
C HIS F 489 27.79 -22.64 42.19
N TYR F 490 27.78 -21.68 41.27
CA TYR F 490 28.93 -21.39 40.42
C TYR F 490 29.84 -20.36 41.11
N PRO F 491 31.15 -20.39 40.82
CA PRO F 491 32.06 -19.39 41.40
C PRO F 491 31.76 -17.95 40.97
N GLN F 492 31.39 -17.75 39.70
CA GLN F 492 31.15 -16.42 39.16
C GLN F 492 30.18 -16.43 37.98
N ALA F 493 29.39 -15.37 37.88
CA ALA F 493 28.52 -15.13 36.72
C ALA F 493 28.64 -13.66 36.31
N LYS F 494 28.73 -13.40 35.00
CA LYS F 494 28.95 -12.04 34.49
C LYS F 494 27.98 -11.67 33.37
N LEU F 495 27.01 -10.81 33.69
CA LEU F 495 26.11 -10.24 32.69
C LEU F 495 26.81 -9.07 32.01
N THR F 496 26.85 -9.08 30.68
CA THR F 496 27.53 -8.04 29.91
C THR F 496 26.57 -7.37 28.93
N ILE F 497 26.36 -6.07 29.10
CA ILE F 497 25.57 -5.26 28.19
C ILE F 497 26.51 -4.45 27.30
N ARG F 498 26.12 -4.25 26.04
CA ARG F 498 26.98 -3.59 25.05
C ARG F 498 26.15 -2.81 24.05
N LYS F 499 26.66 -1.65 23.62
CA LYS F 499 25.96 -0.78 22.69
C LYS F 499 25.82 -1.41 21.29
N ALA F 500 24.89 -0.87 20.51
CA ALA F 500 24.61 -1.38 19.16
C ALA F 500 25.74 -1.03 18.20
N GLY F 501 26.16 -2.01 17.40
CA GLY F 501 27.23 -1.82 16.42
C GLY F 501 27.96 -3.11 16.11
N GLY F 502 28.53 -3.73 17.16
CA GLY F 502 29.29 -4.96 17.01
C GLY F 502 30.15 -5.27 18.22
N GLU F 503 31.19 -6.07 17.99
CA GLU F 503 32.11 -6.50 19.06
C GLU F 503 33.04 -5.38 19.55
N ASN F 504 33.34 -4.43 18.67
CA ASN F 504 34.26 -3.33 18.98
C ASN F 504 33.61 -2.18 19.76
N GLN F 505 32.30 -2.24 19.96
CA GLN F 505 31.58 -1.21 20.71
C GLN F 505 31.86 -1.32 22.21
N VAL F 506 31.49 -0.29 22.96
CA VAL F 506 31.79 -0.21 24.39
C VAL F 506 30.80 -1.05 25.20
N GLU F 507 31.34 -1.96 26.01
CA GLU F 507 30.54 -2.70 26.98
C GLU F 507 30.22 -1.77 28.15
N TYR F 508 29.13 -1.03 28.01
CA TYR F 508 28.83 0.09 28.91
C TYR F 508 28.29 -0.30 30.29
N LEU F 509 27.82 -1.54 30.43
CA LEU F 509 27.29 -2.03 31.71
C LEU F 509 27.61 -3.51 31.91
N ILE F 510 28.42 -3.80 32.93
CA ILE F 510 28.82 -5.17 33.25
C ILE F 510 28.48 -5.48 34.71
N ILE F 511 27.57 -6.44 34.91
CA ILE F 511 27.16 -6.85 36.26
C ILE F 511 27.78 -8.21 36.59
N THR F 512 28.79 -8.20 37.46
CA THR F 512 29.48 -9.42 37.89
C THR F 512 28.88 -9.94 39.19
N LEU F 513 28.59 -11.25 39.22
CA LEU F 513 28.01 -11.91 40.38
C LEU F 513 28.95 -13.01 40.85
N LYS F 514 29.04 -13.22 42.16
CA LYS F 514 29.91 -14.25 42.75
C LYS F 514 29.10 -15.18 43.65
N GLU F 515 29.51 -16.45 43.68
CA GLU F 515 28.81 -17.50 44.44
C GLU F 515 27.35 -17.56 44.00
N VAL F 516 27.12 -17.95 42.76
CA VAL F 516 25.82 -17.82 42.10
C VAL F 516 25.04 -19.13 42.03
N LEU F 517 23.84 -19.14 42.59
CA LEU F 517 22.90 -20.26 42.44
C LEU F 517 21.93 -19.97 41.29
N VAL F 518 21.28 -21.03 40.81
CA VAL F 518 20.19 -20.90 39.84
C VAL F 518 18.88 -21.06 40.62
N SER F 519 18.30 -19.94 41.01
CA SER F 519 17.13 -19.95 41.90
C SER F 519 15.85 -20.48 41.24
N SER F 520 15.69 -20.26 39.93
CA SER F 520 14.56 -20.83 39.19
C SER F 520 14.80 -20.87 37.69
N VAL F 521 14.11 -21.79 37.02
CA VAL F 521 14.17 -21.92 35.56
C VAL F 521 12.76 -22.15 35.02
N SER F 522 12.23 -21.17 34.29
CA SER F 522 10.89 -21.24 33.72
C SER F 522 10.96 -21.31 32.20
N THR F 523 10.60 -22.47 31.65
CA THR F 523 10.67 -22.72 30.20
C THR F 523 9.30 -23.07 29.62
N GLY F 524 9.24 -23.17 28.29
CA GLY F 524 8.01 -23.52 27.59
C GLY F 524 8.09 -23.23 26.11
N GLY F 525 6.94 -22.99 25.48
CA GLY F 525 6.89 -22.68 24.06
C GLY F 525 5.48 -22.73 23.49
N SER F 526 5.32 -22.15 22.30
CA SER F 526 4.04 -22.14 21.58
C SER F 526 4.21 -22.74 20.19
N GLY F 527 3.08 -22.94 19.50
CA GLY F 527 3.08 -23.52 18.16
C GLY F 527 3.49 -22.58 17.05
N GLY F 528 3.55 -21.29 17.34
CA GLY F 528 3.92 -20.26 16.36
C GLY F 528 5.37 -19.83 16.43
N GLU F 529 6.03 -20.06 17.56
CA GLU F 529 7.41 -19.63 17.78
C GLU F 529 8.41 -20.50 17.01
N ASP F 530 9.39 -19.85 16.39
CA ASP F 530 10.47 -20.54 15.68
C ASP F 530 11.62 -20.90 16.63
N ARG F 531 11.90 -20.00 17.58
CA ARG F 531 12.90 -20.23 18.62
C ARG F 531 12.25 -20.06 19.99
N LEU F 532 12.23 -21.13 20.78
CA LEU F 532 11.60 -21.12 22.10
C LEU F 532 12.50 -20.42 23.12
N THR F 533 11.88 -19.71 24.05
CA THR F 533 12.60 -18.94 25.08
C THR F 533 12.29 -19.44 26.48
N GLU F 534 13.08 -18.98 27.46
CA GLU F 534 12.89 -19.36 28.85
C GLU F 534 13.51 -18.34 29.80
N ASN F 535 12.89 -18.16 30.96
CA ASN F 535 13.37 -17.22 31.98
C ASN F 535 14.17 -17.93 33.06
N VAL F 536 15.29 -17.34 33.46
CA VAL F 536 16.17 -17.89 34.49
C VAL F 536 16.53 -16.83 35.52
N THR F 537 16.36 -17.15 36.80
CA THR F 537 16.71 -16.24 37.89
C THR F 537 17.99 -16.72 38.58
N LEU F 538 18.75 -15.78 39.12
CA LEU F 538 20.04 -16.08 39.75
C LEU F 538 20.17 -15.44 41.13
N ASN F 539 20.33 -16.28 42.16
CA ASN F 539 20.64 -15.83 43.52
C ASN F 539 22.16 -15.80 43.68
N PHE F 540 22.66 -14.82 44.43
CA PHE F 540 24.11 -14.64 44.59
C PHE F 540 24.49 -13.98 45.91
N ALA F 541 25.72 -14.25 46.37
CA ALA F 541 26.23 -13.73 47.63
C ALA F 541 26.75 -12.30 47.48
N GLN F 542 27.50 -12.04 46.40
CA GLN F 542 28.04 -10.71 46.12
C GLN F 542 27.61 -10.22 44.74
N VAL F 543 27.77 -8.93 44.51
CA VAL F 543 27.43 -8.30 43.22
C VAL F 543 28.34 -7.10 42.96
N GLN F 544 28.70 -6.91 41.69
CA GLN F 544 29.53 -5.79 41.27
C GLN F 544 29.05 -5.23 39.93
N VAL F 545 28.58 -3.98 39.94
CA VAL F 545 28.08 -3.31 38.75
C VAL F 545 29.09 -2.26 38.28
N ASP F 546 29.57 -2.41 37.05
CA ASP F 546 30.53 -1.48 36.46
C ASP F 546 29.92 -0.78 35.24
N TYR F 547 29.54 0.48 35.42
CA TYR F 547 29.04 1.30 34.31
C TYR F 547 30.19 2.12 33.72
N GLN F 548 30.30 2.12 32.39
CA GLN F 548 31.31 2.90 31.67
C GLN F 548 30.64 4.07 30.94
N PRO F 549 30.86 5.30 31.40
CA PRO F 549 30.32 6.47 30.70
C PRO F 549 31.02 6.73 29.37
N GLN F 550 30.32 7.39 28.45
CA GLN F 550 30.84 7.68 27.11
C GLN F 550 30.65 9.15 26.74
N LYS F 551 31.50 9.63 25.84
CA LYS F 551 31.40 10.99 25.32
C LYS F 551 30.39 11.05 24.17
N ALA F 552 30.21 12.23 23.59
CA ALA F 552 29.27 12.42 22.48
C ALA F 552 29.68 11.62 21.23
N ASP F 553 30.97 11.60 20.94
CA ASP F 553 31.48 10.87 19.77
C ASP F 553 31.45 9.35 19.92
N GLY F 554 31.42 8.87 21.17
CA GLY F 554 31.36 7.44 21.47
C GLY F 554 32.55 6.91 22.25
N ALA F 555 33.57 7.74 22.43
CA ALA F 555 34.76 7.34 23.19
C ALA F 555 34.47 7.26 24.69
N LYS F 556 35.27 6.48 25.40
CA LYS F 556 35.09 6.27 26.84
C LYS F 556 35.43 7.53 27.63
N ASP F 557 34.46 8.01 28.41
CA ASP F 557 34.64 9.20 29.24
C ASP F 557 35.16 8.79 30.62
N GLY F 558 36.49 8.75 30.76
CA GLY F 558 37.13 8.36 32.01
C GLY F 558 37.02 6.87 32.28
N GLY F 559 37.20 6.48 33.55
CA GLY F 559 37.10 5.09 33.96
C GLY F 559 35.66 4.69 34.25
N PRO F 560 35.43 3.40 34.54
CA PRO F 560 34.08 2.92 34.83
C PRO F 560 33.67 3.16 36.28
N VAL F 561 32.44 3.62 36.49
CA VAL F 561 31.91 3.89 37.83
C VAL F 561 31.48 2.57 38.46
N LYS F 562 31.97 2.31 39.67
CA LYS F 562 31.80 1.00 40.33
C LYS F 562 30.76 1.04 41.44
N TYR F 563 29.96 -0.02 41.52
CA TYR F 563 29.13 -0.31 42.69
C TYR F 563 29.32 -1.78 43.07
N GLY F 564 29.84 -2.01 44.28
CA GLY F 564 30.05 -3.36 44.79
C GLY F 564 29.38 -3.55 46.13
N TRP F 565 28.80 -4.73 46.36
CA TRP F 565 28.12 -5.03 47.61
C TRP F 565 28.12 -6.51 47.93
N ASN F 566 28.59 -6.86 49.13
CA ASN F 566 28.49 -8.22 49.66
C ASN F 566 27.16 -8.36 50.38
N ILE F 567 26.26 -9.14 49.81
CA ILE F 567 24.90 -9.30 50.36
C ILE F 567 24.90 -10.27 51.54
N ARG F 568 25.78 -11.27 51.49
CA ARG F 568 25.91 -12.26 52.57
C ARG F 568 26.35 -11.60 53.87
N GLN F 569 27.35 -10.72 53.79
CA GLN F 569 27.88 -10.01 54.94
C GLN F 569 27.28 -8.61 55.12
N ASN F 570 26.53 -8.14 54.12
CA ASN F 570 25.85 -6.83 54.17
C ASN F 570 26.84 -5.66 54.26
N VAL F 571 27.74 -5.58 53.27
CA VAL F 571 28.76 -4.52 53.21
C VAL F 571 29.18 -4.18 51.79
N GLN F 572 29.92 -3.09 51.66
CA GLN F 572 30.52 -2.67 50.40
C GLN F 572 31.63 -3.65 49.99
N ALA F 573 31.84 -3.79 48.68
CA ALA F 573 32.83 -4.72 48.14
C ALA F 573 33.42 -4.17 46.83
#